data_8RF0
#
_entry.id   8RF0
#
_cell.length_a   1.00
_cell.length_b   1.00
_cell.length_c   1.00
_cell.angle_alpha   90.00
_cell.angle_beta   90.00
_cell.angle_gamma   90.00
#
_symmetry.space_group_name_H-M   'P 1'
#
loop_
_entity.id
_entity.type
_entity.pdbx_description
1 polymer 'Cyclic beta-(1,2)-glucan synthase NdvB'
2 branched beta-D-glucopyranose-(1-2)-beta-D-glucopyranose-(1-2)-beta-D-glucopyranose-(1-2)-beta-D-glucopyranose-(1-2)-beta-D-glucopyranose-(1-2)-beta-D-glucopyranose-(1-2)-beta-D-glucopyranose-(1-2)-beta-D-glucopyranose-(1-2)-beta-D-glucopyranose
3 branched beta-D-glucopyranose-(1-2)-beta-D-glucopyranose-(1-2)-beta-D-glucopyranose-(1-2)-beta-D-glucopyranose-(1-2)-beta-D-glucopyranose-(1-3)-beta-D-glucopyranose-(1-2)-beta-D-glucopyranose-(1-2)-beta-D-glucopyranose-(1-3)-beta-D-glucopyranose
4 non-polymer "URIDINE-5'-DIPHOSPHATE-GLUCOSE"
#
_entity_poly.entity_id   1
_entity_poly.type   'polypeptide(L)'
_entity_poly.pdbx_seq_one_letter_code
;MSFHITPTAAARDSETKQIDHNDSIRASYMTIEELHDAGAALSRDGADSLPGFMEFDFFERHRENEKEILRVYRTTAVDA
ENGATITPAAEWLLDNHYVIEEAIQEVRRDFPRKFYRQLPTMTVGGVTIPRVMALGWLYVAHTHSTVSRENMTALVDGYQ
TSQTLQIGELWALPSIIRFVLIENLRRISIRVERSRRMRQKANEVVDEIIRLNDAEASAALLKQVDSLVDDPTFATQFLY
RLRNGSQTSGFAVAWLEERLHAAGTDAENVMMSEHNRLASGNVTMGNIVKSLREIDDTEWSVWFEEVSHIDKVLREETDY
EILDFGSRNTYRNTIELLARRSPRTEVEVARAAVEMARSDLPAGADENHRVNVGSVLVGQRRFELEKALGYRPLASQHIV
RSMRKFNWLAIAAPVLLITAVAMLAVGWFLAKAGMPWYVVTAFLLMFALPASEGATGLFNTLVTFFVKPFRLVGYEFKNG
IPEDARTLVAVPCMLTSRDSVDEMMRNIEVHYLANPHGEIYFSLVSDWRDAPYEQSDEDLEILDYAKRELAALNSRYAFD
GKTRFYLLHRRRIYNSAEECWMGWERKRGKLHELNMLLRGDKDTTFLGGSNIVPADVKYVMTLDADTRLMRDAVTKLVGK
MHHPINRPKIDPVSGRVVEGYGLLQPRVTPSLTTGKDASVFQRVFSINRGIDPYVFTVSDVYQDLTSEGTFTGKGLYDVD
AFEAALKGRIEENSILSHDLLEGSFARCALVTDVELVEDFPTRYEVEVSRQHRWARGDWQLLPFIIDRARGVTAIGRWKM
VDNLRRSLTPIAWFFASILGWYFMDPLGALIWQILLIFSLFVAPTLSLLSGLVPRSTDIVPQAHFFTIWSEIRATNAQVA
LRIVFIADAACMMTDAIVRSLYRLLVSHKLMLEWRTAASMQSSAQGSIVDYYRQMWHAPVVAMLGLLFAALPGDNAFLIG
IPFTLLWVLSPAVAWYVSQSAETEDRLFVSEHVSFELRKIARRTWRYYEAFVTPQENHLPPDNFQETPEPIVASRTSPTN
IGVYLLSVISARQFGWISFADTLERIENTIQTVEKMEKHRGHLYNWYHTDTLQTLGPRYVSAVDSGNLAGHLIAVSSACR
DWAEAPSAHLQGNLDGIGDVAGILRETLKALPDNRKTLRPLHRRLEERIIGFSNALASVKREHEFASIRVINLAVLARDI
QKLATNVDHEVKSAQSAEVTRWAQLLVESCEAHISDSAIDLTNMEPLRQRLASLRDRSRNLAFSMDFTFLYRKDRRLLSI
GYRVESKELDEACYDLLASECRLTSLFAIAKGDLPTEHWYRLGRQVVPIGAQGALVSWSGSMFEYLMPPLVMQERQGGIL
NQTNNLIVKEQMNHGRRLGTPWGISEAAFNARDHNMNYQYTNFGVPTLGLKRGLGQNAVIAPYASILASQYDPDGALENL
DKLRKLGALGQYGFHDAVDFTPTRVPDGKVCAVVYNYYAHHHGMSIAAVANVAFDGVLRELFHSDPVIEAAELLLQEKAP
REVPVMSAKYEPETPGKEQADLLRAEVRSIADPAVRDREVVFLSNGHYSTMLTSTGAGYSKWNGQAISRWKADPTDDRWG
TFIFLRDTTNGQWWSATAEPRVIEGEKTKTIFTDDKAEFHKTIGDLQSVVECIVATEHDAEGRRITLLNVGSEDRYIEVT
SYMEPVIASEDDDNAHPLFSRMFVQTEIGRRGDVIRAWRNRRSQNEPGTVIAHLAADNAGPSRPTEFETDRAKFIGRGRS
LREAAAFDAGATLSSSDGFTLDPILSLRRTVRVPAGKKVSVIFWTIAAPSREEVDKAIDRYRHPDAFAHELVHAWTRTQV
QMRHVGVTSQQAAAFQHLGRYLTYPDMHLRADSETLKTGLASQRALWPLAISGDFPIFSLRINDDMDMDIAREALSAHEY
LRSRGVIFDLVIVNERAASYAQDMQHALDHISETQRRINPADGGRPHVFSVRRDLMDEETWSALLAASRVVLHVRNGKIV
DQINRAVSLFAANRGPDGSSDAAQARLPVPAFPVAEPVEDAGDLDFWNGFGGFAKNGQEYVVRLNGGQSTPHPWINVISN
ENFGFHISAEGAGFSWSRNSRDYQLTPWTNDPVINRPGEAFYVADVETGKLYTPCAALSRDPEAMFETRHGLGYSILTGV
ADTLEVELTQTVDREKPVKFSQVIVRNKGSKSRRLKVYAYVEWVLGNNGQKSAPFILSRHDAGSNAIFASNPYSIDYSAR
TSFLTLDSEASGFTTSRREFIGRFGSAQAPQGIVAGAALSGTTEVDGDPCAALMQEIHLKPGEERHMTFILGDADNAEEA
EALVKDVRQADFLSVLEESKKFWTGFTGQLQVSTPDAGFNHMVNNWLPYQALACRILARTAFYQSSGAFGFRDQLQDTLA
FLLYQPDLARTQILRAAGRQFPEGDVQHWWLPLTGAGVRTTISDDVVWLAYAINQYVSATGDAAILDESIPFLKGPALMP
GQHDAFFQPETSERSATLYEHAALALDLAIHRTGENGLPLILGGDWNDGMNRVGVGGKGTSVWLGWFLAGALRDFIEIAE
KRGDTDRVGKWASHREKLRHVLETAGWDGSYYRRGYFDDGTPLGSASSEECQIDSLGQSWSVLSGEGEEGRSRQAMDAVM
EHLVDEKTGIIRLFTPPFSRASHDPGYIKGYPPGVRENGGQYTHAATWVVLALAKQGRAQEAWNCFKLLNPVNHALDAAS
SETYRVEPYVVTADVYGEGAYAGRGGWSWYTGSAGWLYRAAVEGILGITRTDGKLHVSPSLPEDWSGFSIRITLDGKARD
IAVSRKAGTADVSVSVDG
;
_entity_poly.pdbx_strand_id   A
#
loop_
_chem_comp.id
_chem_comp.type
_chem_comp.name
_chem_comp.formula
BGC D-saccharide, beta linking beta-D-glucopyranose 'C6 H12 O6'
UPG non-polymer URIDINE-5'-DIPHOSPHATE-GLUCOSE 'C15 H24 N2 O17 P2'
#
# COMPACT_ATOMS: atom_id res chain seq x y z
N ASP A 20 28.56 -22.78 1.69
CA ASP A 20 28.36 -22.01 0.46
C ASP A 20 28.93 -22.76 -0.74
N HIS A 21 28.14 -23.68 -1.30
CA HIS A 21 28.58 -24.47 -2.43
C HIS A 21 27.84 -24.10 -3.71
N ASN A 22 26.50 -24.19 -3.71
CA ASN A 22 25.68 -24.00 -4.91
C ASN A 22 26.29 -24.82 -6.04
N ASP A 23 26.49 -24.26 -7.22
CA ASP A 23 27.30 -24.89 -8.26
C ASP A 23 28.18 -23.86 -8.95
N SER A 24 28.36 -22.69 -8.35
CA SER A 24 29.06 -21.58 -8.97
C SER A 24 30.58 -21.82 -8.92
N ILE A 25 31.34 -20.79 -9.29
CA ILE A 25 32.79 -20.89 -9.39
C ILE A 25 33.38 -19.94 -8.36
N ARG A 26 33.76 -20.47 -7.20
CA ARG A 26 34.38 -19.69 -6.14
C ARG A 26 35.65 -20.40 -5.69
N ALA A 27 36.74 -19.64 -5.54
CA ALA A 27 38.05 -20.21 -5.28
C ALA A 27 38.79 -19.43 -4.20
N SER A 28 38.13 -19.18 -3.07
CA SER A 28 38.78 -18.62 -1.89
C SER A 28 39.37 -17.24 -2.19
N TYR A 29 38.47 -16.27 -2.38
CA TYR A 29 38.78 -14.89 -2.73
C TYR A 29 40.06 -14.40 -2.05
N MET A 30 40.99 -13.86 -2.84
CA MET A 30 42.35 -13.60 -2.38
C MET A 30 42.76 -12.12 -2.45
N THR A 31 41.97 -11.26 -3.07
CA THR A 31 42.21 -9.82 -3.12
C THR A 31 43.50 -9.46 -3.86
N ILE A 32 43.84 -8.17 -3.86
CA ILE A 32 44.98 -7.68 -4.62
C ILE A 32 46.28 -8.19 -4.01
N GLU A 33 47.33 -8.21 -4.83
CA GLU A 33 48.69 -8.66 -4.56
C GLU A 33 48.79 -10.19 -4.53
N GLU A 34 47.68 -10.91 -4.59
CA GLU A 34 47.68 -12.35 -4.80
C GLU A 34 47.35 -12.72 -6.23
N LEU A 35 46.51 -11.94 -6.90
CA LEU A 35 46.26 -12.15 -8.31
C LEU A 35 47.53 -11.96 -9.13
N HIS A 36 48.37 -10.99 -8.73
CA HIS A 36 49.64 -10.76 -9.40
C HIS A 36 50.51 -12.00 -9.37
N ASP A 37 50.69 -12.58 -8.18
CA ASP A 37 51.52 -13.77 -8.05
C ASP A 37 50.89 -14.97 -8.74
N ALA A 38 49.56 -15.07 -8.69
CA ALA A 38 48.88 -16.18 -9.37
C ALA A 38 49.11 -16.11 -10.88
N GLY A 39 48.99 -14.91 -11.46
CA GLY A 39 49.27 -14.76 -12.88
C GLY A 39 50.71 -15.03 -13.22
N ALA A 40 51.63 -14.56 -12.36
CA ALA A 40 53.05 -14.80 -12.61
C ALA A 40 53.35 -16.30 -12.61
N ALA A 41 52.77 -17.04 -11.66
CA ALA A 41 52.94 -18.49 -11.65
C ALA A 41 52.30 -19.13 -12.87
N LEU A 42 51.13 -18.62 -13.29
CA LEU A 42 50.47 -19.16 -14.47
C LEU A 42 51.30 -18.95 -15.72
N SER A 43 52.11 -17.89 -15.75
CA SER A 43 52.92 -17.61 -16.94
C SER A 43 53.88 -18.75 -17.23
N ARG A 44 54.51 -19.32 -16.21
CA ARG A 44 55.50 -20.36 -16.42
C ARG A 44 54.90 -21.77 -16.35
N ASP A 45 54.11 -22.06 -15.30
CA ASP A 45 53.51 -23.38 -15.14
C ASP A 45 52.28 -23.20 -14.24
N GLY A 46 51.10 -23.26 -14.84
CA GLY A 46 49.87 -23.12 -14.07
C GLY A 46 48.74 -23.98 -14.56
N ALA A 47 47.51 -23.63 -14.18
CA ALA A 47 46.29 -24.31 -14.61
C ALA A 47 46.36 -25.77 -14.14
N ASP A 48 46.26 -26.76 -15.03
CA ASP A 48 46.25 -28.19 -14.72
C ASP A 48 44.97 -28.56 -13.96
N SER A 49 44.16 -27.55 -13.63
CA SER A 49 42.88 -27.70 -12.97
C SER A 49 42.26 -26.30 -12.84
N LEU A 50 40.96 -26.26 -12.63
CA LEU A 50 40.23 -25.03 -12.41
C LEU A 50 39.18 -25.26 -11.34
N PRO A 51 38.74 -24.21 -10.66
CA PRO A 51 37.67 -24.39 -9.66
C PRO A 51 36.43 -25.06 -10.21
N GLY A 52 36.05 -24.73 -11.45
CA GLY A 52 34.96 -25.41 -12.12
C GLY A 52 35.45 -26.25 -13.29
N PHE A 53 35.26 -25.72 -14.49
CA PHE A 53 35.79 -26.26 -15.74
C PHE A 53 35.09 -27.56 -16.15
N MET A 54 34.85 -27.70 -17.45
CA MET A 54 34.27 -28.89 -18.05
C MET A 54 34.41 -28.79 -19.55
N GLU A 55 34.64 -29.92 -20.22
CA GLU A 55 34.84 -29.91 -21.66
C GLU A 55 33.56 -29.52 -22.37
N PHE A 56 33.68 -28.62 -23.35
CA PHE A 56 32.51 -28.09 -24.03
C PHE A 56 32.96 -27.43 -25.33
N ASP A 57 31.99 -26.94 -26.09
CA ASP A 57 32.23 -26.19 -27.30
C ASP A 57 31.46 -24.88 -27.23
N PHE A 58 32.00 -23.84 -27.86
CA PHE A 58 31.55 -22.47 -27.61
C PHE A 58 30.09 -22.26 -28.04
N PHE A 59 29.81 -22.41 -29.33
CA PHE A 59 28.54 -21.95 -29.89
C PHE A 59 27.36 -22.73 -29.33
N GLU A 60 27.48 -24.06 -29.28
CA GLU A 60 26.37 -24.88 -28.77
C GLU A 60 26.12 -24.61 -27.30
N ARG A 61 27.19 -24.45 -26.51
CA ARG A 61 27.02 -24.14 -25.09
C ARG A 61 26.34 -22.78 -24.92
N HIS A 62 26.73 -21.80 -25.74
CA HIS A 62 26.10 -20.48 -25.64
C HIS A 62 24.62 -20.55 -25.99
N ARG A 63 24.26 -21.30 -27.03
CA ARG A 63 22.86 -21.43 -27.40
C ARG A 63 22.06 -22.13 -26.31
N GLU A 64 22.65 -23.19 -25.71
CA GLU A 64 21.97 -23.89 -24.62
C GLU A 64 21.80 -22.96 -23.42
N ASN A 65 22.81 -22.13 -23.14
CA ASN A 65 22.68 -21.13 -22.08
C ASN A 65 21.55 -20.17 -22.37
N GLU A 66 21.43 -19.70 -23.62
CA GLU A 66 20.32 -18.84 -23.98
C GLU A 66 18.98 -19.51 -23.72
N LYS A 67 18.84 -20.76 -24.16
CA LYS A 67 17.57 -21.46 -23.98
C LYS A 67 17.25 -21.63 -22.50
N GLU A 68 18.23 -22.03 -21.69
CA GLU A 68 17.99 -22.25 -20.28
C GLU A 68 17.68 -20.95 -19.55
N ILE A 69 18.33 -19.85 -19.94
CA ILE A 69 18.04 -18.57 -19.31
C ILE A 69 16.63 -18.11 -19.67
N LEU A 70 16.21 -18.32 -20.92
CA LEU A 70 14.86 -17.94 -21.31
C LEU A 70 13.82 -18.75 -20.54
N ARG A 71 14.03 -20.06 -20.42
CA ARG A 71 13.12 -20.91 -19.66
C ARG A 71 13.08 -20.47 -18.19
N VAL A 72 14.22 -20.53 -17.52
CA VAL A 72 14.25 -20.10 -16.13
C VAL A 72 14.22 -18.58 -16.16
N TYR A 73 13.00 -18.04 -16.16
CA TYR A 73 12.64 -16.66 -16.44
C TYR A 73 11.19 -16.66 -16.88
N ARG A 74 10.88 -17.34 -17.98
CA ARG A 74 9.47 -17.50 -18.35
C ARG A 74 8.71 -18.32 -17.30
N THR A 75 9.33 -19.37 -16.78
CA THR A 75 8.72 -20.14 -15.70
C THR A 75 8.53 -19.29 -14.45
N THR A 76 9.54 -18.50 -14.09
CA THR A 76 9.40 -17.65 -12.90
C THR A 76 8.37 -16.56 -13.11
N ALA A 77 8.18 -16.10 -14.34
CA ALA A 77 7.17 -15.08 -14.62
C ALA A 77 5.76 -15.67 -14.57
N VAL A 78 5.58 -16.88 -15.12
CA VAL A 78 4.26 -17.51 -15.03
C VAL A 78 3.96 -17.89 -13.58
N ASP A 79 5.00 -18.19 -12.79
CA ASP A 79 4.83 -18.33 -11.35
C ASP A 79 4.86 -16.95 -10.70
N ALA A 80 4.66 -16.93 -9.38
CA ALA A 80 4.66 -15.74 -8.54
C ALA A 80 3.49 -14.80 -8.83
N GLU A 81 2.67 -15.11 -9.82
CA GLU A 81 1.45 -14.35 -10.09
C GLU A 81 0.21 -15.04 -9.54
N ASN A 82 0.21 -16.38 -9.50
CA ASN A 82 -0.86 -17.14 -8.86
C ASN A 82 -0.78 -17.10 -7.35
N GLY A 83 0.30 -16.55 -6.79
CA GLY A 83 0.49 -16.49 -5.35
C GLY A 83 1.63 -17.36 -4.88
N ALA A 84 2.78 -16.75 -4.64
CA ALA A 84 3.96 -17.46 -4.18
C ALA A 84 4.96 -16.47 -3.61
N THR A 85 5.92 -16.99 -2.86
CA THR A 85 6.97 -16.19 -2.27
C THR A 85 8.21 -16.24 -3.16
N ILE A 86 8.78 -15.07 -3.47
CA ILE A 86 9.91 -14.96 -4.37
C ILE A 86 11.20 -14.84 -3.55
N THR A 87 12.19 -15.65 -3.89
CA THR A 87 13.46 -15.62 -3.18
C THR A 87 14.24 -14.37 -3.58
N PRO A 88 15.12 -13.88 -2.69
CA PRO A 88 15.95 -12.72 -3.06
C PRO A 88 16.84 -12.96 -4.27
N ALA A 89 17.29 -14.19 -4.50
CA ALA A 89 18.09 -14.48 -5.67
C ALA A 89 17.29 -14.27 -6.95
N ALA A 90 16.03 -14.70 -6.95
CA ALA A 90 15.18 -14.53 -8.12
C ALA A 90 14.76 -13.08 -8.34
N GLU A 91 14.99 -12.19 -7.37
CA GLU A 91 14.62 -10.79 -7.54
C GLU A 91 15.42 -10.16 -8.68
N TRP A 92 16.72 -10.42 -8.74
CA TRP A 92 17.56 -9.79 -9.75
C TRP A 92 17.21 -10.28 -11.14
N LEU A 93 16.94 -11.57 -11.30
CA LEU A 93 16.60 -12.12 -12.62
C LEU A 93 15.30 -11.52 -13.13
N LEU A 94 14.28 -11.41 -12.27
CA LEU A 94 13.01 -10.85 -12.69
C LEU A 94 13.13 -9.36 -12.97
N ASP A 95 13.83 -8.62 -12.10
CA ASP A 95 13.89 -7.18 -12.24
C ASP A 95 14.84 -6.73 -13.35
N ASN A 96 15.91 -7.46 -13.58
CA ASN A 96 16.97 -7.04 -14.50
C ASN A 96 17.24 -8.12 -15.54
N HIS A 97 16.17 -8.65 -16.15
CA HIS A 97 16.36 -9.62 -17.23
C HIS A 97 16.81 -8.94 -18.52
N TYR A 98 16.42 -7.68 -18.72
CA TYR A 98 16.77 -7.00 -19.97
C TYR A 98 18.27 -6.80 -20.10
N VAL A 99 18.93 -6.37 -19.02
CA VAL A 99 20.37 -6.16 -19.07
C VAL A 99 21.10 -7.49 -19.24
N ILE A 100 20.59 -8.56 -18.61
CA ILE A 100 21.19 -9.87 -18.79
C ILE A 100 21.07 -10.31 -20.24
N GLU A 101 20.11 -9.74 -20.97
CA GLU A 101 19.90 -10.16 -22.40
C GLU A 101 20.94 -9.59 -23.37
N GLU A 102 21.12 -8.29 -23.40
CA GLU A 102 22.03 -7.68 -24.39
C GLU A 102 23.48 -8.01 -24.05
N ALA A 103 23.72 -8.51 -22.85
CA ALA A 103 25.08 -8.96 -22.51
C ALA A 103 25.12 -10.36 -23.06
N ILE A 104 23.99 -11.04 -22.95
CA ILE A 104 24.07 -12.27 -23.74
C ILE A 104 24.30 -11.94 -25.21
N GLN A 105 23.72 -10.83 -25.69
CA GLN A 105 24.16 -10.28 -26.96
C GLN A 105 25.45 -9.51 -26.75
N GLU A 106 25.96 -8.91 -27.83
CA GLU A 106 27.24 -8.21 -27.85
C GLU A 106 28.37 -9.22 -27.76
N VAL A 107 28.03 -10.48 -27.53
CA VAL A 107 28.89 -11.63 -27.77
C VAL A 107 28.14 -12.51 -28.76
N ARG A 108 28.93 -13.19 -29.60
CA ARG A 108 28.43 -13.89 -30.80
C ARG A 108 28.65 -12.83 -31.88
N ARG A 109 28.26 -11.59 -31.60
CA ARG A 109 28.54 -10.49 -32.53
C ARG A 109 30.03 -10.22 -32.57
N ASP A 110 30.67 -10.17 -31.41
CA ASP A 110 32.10 -9.76 -31.36
C ASP A 110 33.03 -10.95 -31.47
N PHE A 111 32.49 -12.13 -31.75
CA PHE A 111 33.26 -13.36 -31.95
C PHE A 111 32.69 -14.13 -33.13
N PRO A 112 33.00 -13.74 -34.35
CA PRO A 112 32.73 -14.61 -35.50
C PRO A 112 33.61 -15.85 -35.43
N ARG A 113 33.15 -16.90 -36.12
CA ARG A 113 33.77 -18.21 -35.96
C ARG A 113 35.24 -18.21 -36.33
N LYS A 114 35.60 -17.55 -37.44
CA LYS A 114 37.01 -17.50 -37.84
C LYS A 114 37.84 -16.69 -36.85
N PHE A 115 37.28 -15.58 -36.34
CA PHE A 115 38.01 -14.75 -35.40
C PHE A 115 38.33 -15.51 -34.11
N TYR A 116 37.37 -16.28 -33.60
CA TYR A 116 37.59 -17.06 -32.39
C TYR A 116 38.60 -18.18 -32.61
N ARG A 117 38.81 -18.61 -33.85
CA ARG A 117 39.66 -19.77 -34.11
C ARG A 117 41.13 -19.46 -33.87
N GLN A 118 41.57 -18.23 -34.13
CA GLN A 118 43.00 -17.94 -34.12
C GLN A 118 43.58 -17.94 -32.71
N LEU A 119 42.76 -17.81 -31.68
CA LEU A 119 43.26 -17.68 -30.33
C LEU A 119 44.13 -18.89 -29.96
N PRO A 120 45.26 -18.69 -29.30
CA PRO A 120 46.20 -19.78 -29.08
C PRO A 120 45.67 -20.80 -28.10
N THR A 121 46.38 -21.92 -28.03
CA THR A 121 46.04 -23.02 -27.14
C THR A 121 46.80 -22.89 -25.82
N MET A 122 46.29 -23.58 -24.79
CA MET A 122 46.92 -23.54 -23.49
C MET A 122 47.13 -24.95 -22.94
N THR A 123 46.30 -25.89 -23.40
CA THR A 123 46.43 -27.32 -23.09
C THR A 123 46.42 -27.56 -21.57
N VAL A 124 45.26 -27.25 -20.98
CA VAL A 124 45.06 -27.47 -19.55
C VAL A 124 44.63 -28.91 -19.30
N GLY A 125 45.62 -29.79 -19.10
CA GLY A 125 45.33 -31.19 -18.82
C GLY A 125 44.63 -31.92 -19.94
N GLY A 126 45.31 -32.07 -21.08
CA GLY A 126 44.76 -32.83 -22.19
C GLY A 126 44.01 -31.99 -23.21
N VAL A 127 42.92 -31.37 -22.79
CA VAL A 127 42.11 -30.56 -23.70
C VAL A 127 42.79 -29.22 -23.94
N THR A 128 42.49 -28.63 -25.09
CA THR A 128 43.04 -27.34 -25.49
C THR A 128 42.01 -26.25 -25.26
N ILE A 129 42.47 -25.10 -24.75
CA ILE A 129 41.58 -24.01 -24.37
C ILE A 129 42.16 -22.70 -24.89
N PRO A 130 41.33 -21.76 -25.34
CA PRO A 130 41.85 -20.42 -25.67
C PRO A 130 42.46 -19.77 -24.45
N ARG A 131 43.60 -19.10 -24.66
CA ARG A 131 44.37 -18.57 -23.53
C ARG A 131 43.62 -17.44 -22.83
N VAL A 132 42.98 -16.57 -23.60
CA VAL A 132 42.31 -15.41 -22.99
C VAL A 132 41.09 -15.85 -22.18
N MET A 133 40.37 -16.86 -22.67
CA MET A 133 39.16 -17.30 -21.96
C MET A 133 39.51 -18.11 -20.72
N ALA A 134 40.66 -18.78 -20.70
CA ALA A 134 41.10 -19.49 -19.49
C ALA A 134 41.33 -18.53 -18.34
N LEU A 135 41.90 -17.35 -18.62
CA LEU A 135 42.06 -16.33 -17.58
C LEU A 135 40.72 -15.90 -17.01
N GLY A 136 39.65 -16.01 -17.80
CA GLY A 136 38.34 -15.67 -17.28
C GLY A 136 37.91 -16.57 -16.14
N TRP A 137 38.18 -17.86 -16.26
CA TRP A 137 37.84 -18.79 -15.19
C TRP A 137 38.65 -18.50 -13.94
N LEU A 138 39.93 -18.14 -14.09
CA LEU A 138 40.74 -17.83 -12.93
C LEU A 138 40.30 -16.55 -12.25
N TYR A 139 39.77 -15.59 -12.99
CA TYR A 139 39.19 -14.39 -12.39
C TYR A 139 37.71 -14.32 -12.74
N VAL A 140 36.94 -15.21 -12.12
CA VAL A 140 35.56 -15.00 -11.70
C VAL A 140 35.51 -15.65 -10.33
N ALA A 141 36.51 -16.48 -10.05
CA ALA A 141 36.53 -17.41 -8.93
C ALA A 141 37.21 -16.80 -7.70
N HIS A 142 38.38 -16.19 -7.87
CA HIS A 142 39.03 -15.55 -6.74
C HIS A 142 38.43 -14.18 -6.51
N THR A 143 37.11 -14.12 -6.50
CA THR A 143 36.29 -12.94 -6.26
C THR A 143 34.95 -13.41 -5.71
N HIS A 144 33.96 -12.53 -5.74
CA HIS A 144 32.58 -12.92 -5.50
C HIS A 144 31.76 -12.56 -6.73
N SER A 145 32.29 -12.91 -7.91
CA SER A 145 31.68 -12.56 -9.20
C SER A 145 31.64 -11.05 -9.39
N THR A 146 32.72 -10.38 -9.00
CA THR A 146 32.87 -8.93 -9.15
C THR A 146 34.06 -8.62 -10.06
N VAL A 147 33.88 -7.66 -10.95
CA VAL A 147 34.91 -7.24 -11.88
C VAL A 147 35.27 -5.80 -11.59
N SER A 148 36.55 -5.53 -11.36
CA SER A 148 37.06 -4.19 -11.12
C SER A 148 38.26 -3.93 -12.00
N ARG A 149 38.41 -2.67 -12.41
CA ARG A 149 39.45 -2.32 -13.38
C ARG A 149 40.84 -2.59 -12.83
N GLU A 150 41.08 -2.19 -11.57
CA GLU A 150 42.41 -2.36 -10.99
C GLU A 150 42.76 -3.83 -10.78
N ASN A 151 41.75 -4.66 -10.49
CA ASN A 151 42.02 -6.09 -10.33
C ASN A 151 42.51 -6.70 -11.64
N MET A 152 41.82 -6.41 -12.75
CA MET A 152 42.27 -6.91 -14.04
C MET A 152 43.62 -6.33 -14.42
N THR A 153 43.85 -5.05 -14.07
CA THR A 153 45.15 -4.45 -14.35
C THR A 153 46.26 -5.19 -13.63
N ALA A 154 46.05 -5.50 -12.34
CA ALA A 154 47.05 -6.24 -11.58
C ALA A 154 47.26 -7.63 -12.15
N LEU A 155 46.17 -8.31 -12.51
CA LEU A 155 46.29 -9.65 -13.05
C LEU A 155 47.05 -9.67 -14.37
N VAL A 156 46.76 -8.72 -15.26
CA VAL A 156 47.46 -8.69 -16.54
C VAL A 156 48.91 -8.26 -16.36
N ASP A 157 49.19 -7.38 -15.39
CA ASP A 157 50.58 -7.02 -15.11
C ASP A 157 51.36 -8.21 -14.60
N GLY A 158 50.76 -8.99 -13.70
CA GLY A 158 51.44 -10.18 -13.21
C GLY A 158 51.63 -11.24 -14.27
N TYR A 159 50.63 -11.41 -15.13
CA TYR A 159 50.70 -12.46 -16.15
C TYR A 159 51.75 -12.17 -17.20
N GLN A 160 51.93 -10.90 -17.56
CA GLN A 160 52.81 -10.52 -18.67
C GLN A 160 54.29 -10.57 -18.32
N THR A 161 54.69 -11.21 -17.22
CA THR A 161 56.10 -11.24 -16.85
C THR A 161 56.94 -11.95 -17.90
N SER A 162 56.44 -13.06 -18.44
CA SER A 162 57.18 -13.87 -19.40
C SER A 162 56.63 -13.79 -20.81
N GLN A 163 55.34 -14.05 -21.00
CA GLN A 163 54.70 -14.02 -22.31
C GLN A 163 53.70 -12.86 -22.33
N THR A 164 53.86 -11.98 -23.31
CA THR A 164 53.01 -10.79 -23.41
C THR A 164 51.71 -11.12 -24.11
N LEU A 165 50.74 -10.20 -23.97
CA LEU A 165 49.44 -10.31 -24.60
C LEU A 165 49.41 -9.43 -25.85
N GLN A 166 49.22 -10.05 -27.01
CA GLN A 166 49.22 -9.30 -28.26
C GLN A 166 47.92 -8.52 -28.42
N ILE A 167 47.91 -7.64 -29.42
CA ILE A 167 46.72 -6.85 -29.71
C ILE A 167 45.61 -7.77 -30.19
N GLY A 168 44.37 -7.42 -29.82
CA GLY A 168 43.23 -8.25 -30.13
C GLY A 168 42.87 -9.18 -28.99
N GLU A 169 43.84 -9.95 -28.50
CA GLU A 169 43.61 -10.74 -27.30
C GLU A 169 43.26 -9.84 -26.12
N LEU A 170 44.02 -8.75 -25.96
CA LEU A 170 43.69 -7.76 -24.93
C LEU A 170 42.41 -7.01 -25.27
N TRP A 171 41.98 -7.05 -26.54
CA TRP A 171 40.70 -6.49 -26.96
C TRP A 171 39.56 -7.47 -26.74
N ALA A 172 39.84 -8.68 -26.24
CA ALA A 172 38.82 -9.72 -26.12
C ALA A 172 38.41 -10.02 -24.69
N LEU A 173 39.18 -9.59 -23.69
CA LEU A 173 38.79 -9.84 -22.30
C LEU A 173 37.42 -9.25 -21.95
N PRO A 174 37.09 -8.00 -22.30
CA PRO A 174 35.72 -7.52 -22.01
C PRO A 174 34.65 -8.32 -22.72
N SER A 175 34.94 -8.88 -23.90
CA SER A 175 33.97 -9.66 -24.64
C SER A 175 33.98 -11.15 -24.29
N ILE A 176 34.93 -11.61 -23.48
CA ILE A 176 34.98 -13.00 -23.07
C ILE A 176 34.62 -13.19 -21.60
N ILE A 177 34.82 -12.18 -20.75
CA ILE A 177 34.42 -12.30 -19.36
C ILE A 177 32.92 -12.49 -19.24
N ARG A 178 32.14 -11.76 -20.05
CA ARG A 178 30.69 -11.87 -20.01
C ARG A 178 30.20 -13.27 -20.38
N PHE A 179 30.95 -14.00 -21.20
CA PHE A 179 30.58 -15.38 -21.50
C PHE A 179 30.70 -16.26 -20.26
N VAL A 180 31.78 -16.10 -19.49
CA VAL A 180 31.96 -16.89 -18.27
C VAL A 180 30.95 -16.49 -17.21
N LEU A 181 30.64 -15.19 -17.13
CA LEU A 181 29.74 -14.71 -16.09
C LEU A 181 28.35 -15.30 -16.23
N ILE A 182 27.82 -15.35 -17.46
CA ILE A 182 26.48 -15.86 -17.66
C ILE A 182 26.44 -17.36 -17.43
N GLU A 183 27.58 -18.05 -17.57
CA GLU A 183 27.63 -19.48 -17.28
C GLU A 183 27.37 -19.73 -15.80
N ASN A 184 27.98 -18.92 -14.93
CA ASN A 184 27.67 -18.99 -13.50
C ASN A 184 26.23 -18.62 -13.24
N LEU A 185 25.70 -17.63 -13.98
CA LEU A 185 24.29 -17.29 -13.82
C LEU A 185 23.41 -18.49 -14.11
N ARG A 186 23.71 -19.23 -15.17
CA ARG A 186 22.96 -20.45 -15.47
C ARG A 186 23.10 -21.47 -14.36
N ARG A 187 24.33 -21.69 -13.90
CA ARG A 187 24.55 -22.69 -12.86
C ARG A 187 23.83 -22.35 -11.55
N ILE A 188 23.59 -21.07 -11.27
CA ILE A 188 22.89 -20.70 -10.05
C ILE A 188 21.38 -20.70 -10.28
N SER A 189 20.95 -20.27 -11.47
CA SER A 189 19.52 -20.21 -11.74
C SER A 189 18.91 -21.60 -11.84
N ILE A 190 19.60 -22.54 -12.49
CA ILE A 190 19.08 -23.89 -12.60
C ILE A 190 18.93 -24.55 -11.23
N ARG A 191 19.74 -24.11 -10.26
CA ARG A 191 19.63 -24.67 -8.92
C ARG A 191 18.56 -23.97 -8.10
N VAL A 192 18.47 -22.64 -8.19
CA VAL A 192 17.48 -21.92 -7.41
C VAL A 192 16.07 -22.23 -7.88
N GLU A 193 15.88 -22.39 -9.20
CA GLU A 193 14.57 -22.79 -9.71
C GLU A 193 14.19 -24.18 -9.22
N ARG A 194 15.14 -25.12 -9.25
N ARG A 194 15.15 -25.11 -9.25
CA ARG A 194 14.87 -26.47 -8.77
CA ARG A 194 14.88 -26.47 -8.78
C ARG A 194 14.64 -26.47 -7.27
C ARG A 194 14.68 -26.50 -7.27
N SER A 195 15.36 -25.62 -6.52
CA SER A 195 15.24 -25.58 -5.07
C SER A 195 13.93 -24.97 -4.58
N ARG A 196 13.13 -24.38 -5.47
CA ARG A 196 11.88 -23.76 -5.02
C ARG A 196 10.69 -24.71 -5.15
N ARG A 197 10.49 -25.29 -6.34
CA ARG A 197 9.37 -26.20 -6.54
C ARG A 197 9.51 -27.45 -5.67
N MET A 198 10.72 -28.01 -5.61
CA MET A 198 10.93 -29.20 -4.79
C MET A 198 10.93 -28.88 -3.30
N ARG A 199 11.17 -27.61 -2.93
CA ARG A 199 10.94 -27.18 -1.56
C ARG A 199 9.47 -27.31 -1.19
N GLN A 200 8.58 -26.75 -2.02
CA GLN A 200 7.16 -26.83 -1.74
C GLN A 200 6.56 -28.19 -2.08
N LYS A 201 7.34 -29.08 -2.67
CA LYS A 201 6.90 -30.47 -2.82
C LYS A 201 6.54 -31.07 -1.47
N ALA A 202 7.31 -30.73 -0.42
CA ALA A 202 7.02 -31.24 0.91
C ALA A 202 5.77 -30.61 1.53
N ASN A 203 5.29 -29.49 0.97
CA ASN A 203 4.14 -28.82 1.55
C ASN A 203 2.88 -29.67 1.44
N GLU A 204 2.59 -30.17 0.24
CA GLU A 204 1.37 -30.97 0.06
C GLU A 204 1.53 -32.38 0.63
N VAL A 205 2.75 -32.91 0.64
CA VAL A 205 2.96 -34.25 1.19
C VAL A 205 2.68 -34.26 2.69
N VAL A 206 3.21 -33.26 3.41
CA VAL A 206 2.92 -33.18 4.84
C VAL A 206 1.46 -32.84 5.07
N ASP A 207 0.82 -32.12 4.15
CA ASP A 207 -0.61 -31.87 4.28
C ASP A 207 -1.41 -33.16 4.18
N GLU A 208 -1.05 -34.04 3.25
CA GLU A 208 -1.70 -35.35 3.18
C GLU A 208 -1.39 -36.19 4.40
N ILE A 209 -0.17 -36.07 4.93
CA ILE A 209 0.21 -36.82 6.12
C ILE A 209 -0.65 -36.40 7.32
N ILE A 210 -0.82 -35.09 7.51
CA ILE A 210 -1.63 -34.62 8.63
C ILE A 210 -3.12 -34.77 8.37
N ARG A 211 -3.54 -34.92 7.11
CA ARG A 211 -4.95 -35.11 6.82
C ARG A 211 -5.46 -36.42 7.42
N LEU A 212 -4.67 -37.47 7.33
CA LEU A 212 -5.06 -38.80 7.81
C LEU A 212 -4.26 -39.12 9.07
N ASN A 213 -4.96 -39.58 10.11
CA ASN A 213 -4.33 -39.98 11.35
C ASN A 213 -3.88 -41.44 11.33
N ASP A 214 -3.70 -42.01 10.14
CA ASP A 214 -3.32 -43.40 9.99
C ASP A 214 -1.84 -43.61 10.33
N ALA A 215 -1.47 -44.87 10.53
CA ALA A 215 -0.08 -45.25 10.75
C ALA A 215 0.36 -46.38 9.84
N GLU A 216 -0.49 -46.84 8.92
CA GLU A 216 -0.16 -47.90 7.98
C GLU A 216 0.11 -47.39 6.58
N ALA A 217 -0.84 -46.64 6.00
CA ALA A 217 -0.63 -46.07 4.68
C ALA A 217 0.44 -44.97 4.68
N SER A 218 0.81 -44.46 5.85
CA SER A 218 1.85 -43.46 5.92
C SER A 218 3.18 -44.02 5.44
N ALA A 219 3.48 -45.28 5.77
CA ALA A 219 4.69 -45.91 5.26
C ALA A 219 4.68 -45.98 3.74
N ALA A 220 3.54 -46.36 3.15
CA ALA A 220 3.45 -46.42 1.70
C ALA A 220 3.63 -45.04 1.09
N LEU A 221 3.04 -44.01 1.69
CA LEU A 221 3.17 -42.66 1.17
C LEU A 221 4.63 -42.18 1.25
N LEU A 222 5.30 -42.49 2.35
CA LEU A 222 6.67 -42.02 2.56
C LEU A 222 7.70 -42.85 1.81
N LYS A 223 7.33 -44.04 1.33
CA LYS A 223 8.30 -44.86 0.62
C LYS A 223 8.64 -44.27 -0.75
N GLN A 224 7.67 -43.63 -1.41
CA GLN A 224 7.92 -43.10 -2.75
C GLN A 224 8.93 -41.96 -2.73
N VAL A 225 8.92 -41.12 -1.70
CA VAL A 225 9.75 -39.92 -1.66
C VAL A 225 11.13 -40.26 -1.15
N ASP A 226 11.44 -41.56 -1.07
CA ASP A 226 12.77 -41.99 -0.64
C ASP A 226 13.88 -41.37 -1.48
N SER A 227 13.61 -41.10 -2.76
CA SER A 227 14.58 -40.43 -3.61
C SER A 227 14.65 -38.93 -3.36
N LEU A 228 13.70 -38.37 -2.60
CA LEU A 228 13.65 -36.94 -2.33
C LEU A 228 14.08 -36.60 -0.91
N VAL A 229 14.75 -37.51 -0.21
CA VAL A 229 15.21 -37.25 1.14
C VAL A 229 16.68 -36.84 1.19
N ASP A 230 17.48 -37.20 0.19
CA ASP A 230 18.90 -36.87 0.18
C ASP A 230 19.17 -35.45 -0.29
N ASP A 231 18.19 -34.78 -0.88
CA ASP A 231 18.38 -33.39 -1.29
C ASP A 231 18.40 -32.50 -0.06
N PRO A 232 19.43 -31.68 0.14
CA PRO A 232 19.56 -30.97 1.42
C PRO A 232 18.76 -29.68 1.49
N THR A 233 17.56 -29.69 0.93
CA THR A 233 16.58 -28.64 1.20
C THR A 233 15.17 -29.18 1.40
N PHE A 234 14.89 -30.44 1.03
CA PHE A 234 13.59 -31.03 1.30
C PHE A 234 13.35 -31.16 2.80
N ALA A 235 14.36 -31.60 3.54
CA ALA A 235 14.19 -31.81 4.98
C ALA A 235 14.03 -30.49 5.73
N THR A 236 14.57 -29.40 5.21
CA THR A 236 14.55 -28.13 5.93
C THR A 236 13.12 -27.64 6.14
N GLN A 237 12.28 -27.72 5.09
CA GLN A 237 10.90 -27.28 5.21
C GLN A 237 9.99 -28.38 5.75
N PHE A 238 10.30 -29.64 5.44
CA PHE A 238 9.50 -30.77 5.93
C PHE A 238 9.62 -30.91 7.44
N LEU A 239 10.85 -30.93 7.94
CA LEU A 239 11.07 -31.09 9.39
C LEU A 239 10.53 -29.90 10.16
N TYR A 240 10.69 -28.68 9.63
CA TYR A 240 10.16 -27.50 10.30
C TYR A 240 8.64 -27.55 10.38
N ARG A 241 7.99 -27.92 9.26
CA ARG A 241 6.54 -27.90 9.24
C ARG A 241 5.95 -29.04 10.06
N LEU A 242 6.72 -30.11 10.28
CA LEU A 242 6.23 -31.15 11.17
C LEU A 242 6.47 -30.80 12.63
N ARG A 243 7.74 -30.63 13.02
CA ARG A 243 8.06 -30.46 14.44
C ARG A 243 7.47 -29.17 14.99
N ASN A 244 7.60 -28.07 14.26
CA ASN A 244 7.13 -26.76 14.72
C ASN A 244 5.76 -26.39 14.17
N GLY A 245 5.11 -27.27 13.43
CA GLY A 245 3.84 -26.94 12.83
C GLY A 245 2.70 -26.80 13.83
N SER A 246 2.26 -27.93 14.38
CA SER A 246 1.16 -27.96 15.35
C SER A 246 0.90 -29.38 15.84
N GLN A 247 0.15 -30.15 15.04
CA GLN A 247 -0.26 -31.49 15.47
C GLN A 247 0.94 -32.42 15.64
N THR A 248 1.92 -32.32 14.74
CA THR A 248 3.11 -33.16 14.74
C THR A 248 2.76 -34.64 14.66
N SER A 249 3.76 -35.51 14.77
CA SER A 249 3.52 -36.94 14.76
C SER A 249 4.70 -37.65 15.41
N GLY A 250 4.46 -38.89 15.84
CA GLY A 250 5.51 -39.71 16.42
C GLY A 250 6.14 -40.65 15.41
N PHE A 251 5.48 -40.84 14.27
CA PHE A 251 5.99 -41.70 13.21
C PHE A 251 6.35 -40.94 11.95
N ALA A 252 5.75 -39.78 11.71
CA ALA A 252 6.12 -38.99 10.53
C ALA A 252 7.59 -38.61 10.58
N VAL A 253 8.04 -38.01 11.69
CA VAL A 253 9.47 -37.82 11.92
C VAL A 253 9.94 -39.04 12.69
N ALA A 254 10.11 -40.13 11.95
CA ALA A 254 10.76 -41.33 12.47
C ALA A 254 11.71 -41.98 11.48
N TRP A 255 11.54 -41.76 10.18
CA TRP A 255 12.45 -42.27 9.17
C TRP A 255 13.41 -41.21 8.66
N LEU A 256 13.04 -39.93 8.77
CA LEU A 256 13.90 -38.86 8.27
C LEU A 256 15.27 -38.91 8.93
N GLU A 257 15.31 -39.05 10.25
CA GLU A 257 16.59 -39.15 10.94
C GLU A 257 17.33 -40.44 10.55
N GLU A 258 16.62 -41.56 10.50
CA GLU A 258 17.27 -42.82 10.18
C GLU A 258 17.83 -42.83 8.76
N ARG A 259 17.04 -42.34 7.79
CA ARG A 259 17.55 -42.25 6.43
C ARG A 259 18.69 -41.24 6.33
N LEU A 260 18.57 -40.11 7.03
CA LEU A 260 19.63 -39.11 7.03
C LEU A 260 20.89 -39.60 7.71
N HIS A 261 20.80 -40.68 8.50
CA HIS A 261 21.99 -41.22 9.14
C HIS A 261 23.05 -41.66 8.14
N ALA A 262 22.66 -41.92 6.89
CA ALA A 262 23.65 -42.16 5.84
C ALA A 262 24.58 -40.98 5.72
N ALA A 263 25.89 -41.28 5.60
CA ALA A 263 26.99 -40.32 5.59
C ALA A 263 27.21 -39.65 6.95
N GLY A 264 26.38 -39.95 7.95
CA GLY A 264 26.58 -39.44 9.29
C GLY A 264 26.50 -37.93 9.43
N THR A 265 25.47 -37.33 8.84
CA THR A 265 25.26 -35.89 8.95
C THR A 265 24.41 -35.52 10.16
N ASP A 266 23.96 -36.50 10.93
CA ASP A 266 23.19 -36.30 12.17
C ASP A 266 21.90 -35.58 11.78
N ALA A 267 21.55 -34.46 12.43
CA ALA A 267 20.28 -33.79 12.12
C ALA A 267 20.48 -32.32 11.81
N GLU A 268 21.41 -31.66 12.49
CA GLU A 268 21.56 -30.20 12.38
C GLU A 268 22.57 -29.76 11.33
N ASN A 269 23.42 -30.67 10.85
CA ASN A 269 24.33 -30.30 9.77
C ASN A 269 23.57 -29.98 8.49
N VAL A 270 22.54 -30.77 8.17
CA VAL A 270 21.68 -30.46 7.03
C VAL A 270 20.88 -29.20 7.30
N MET A 271 20.48 -29.00 8.57
CA MET A 271 19.81 -27.76 8.96
C MET A 271 20.65 -26.54 8.60
N MET A 272 21.94 -26.58 8.95
CA MET A 272 22.82 -25.45 8.66
C MET A 272 23.22 -25.39 7.19
N SER A 273 23.22 -26.53 6.49
CA SER A 273 23.59 -26.53 5.07
C SER A 273 22.58 -25.74 4.25
N GLU A 274 21.31 -25.71 4.67
CA GLU A 274 20.33 -24.90 3.95
C GLU A 274 20.52 -23.42 4.22
N HIS A 275 21.12 -23.06 5.36
CA HIS A 275 21.51 -21.68 5.57
C HIS A 275 22.56 -21.26 4.54
N ASN A 276 23.51 -22.14 4.25
CA ASN A 276 24.38 -21.96 3.11
C ASN A 276 23.61 -22.24 1.82
N ARG A 277 24.28 -21.98 0.69
CA ARG A 277 23.71 -22.21 -0.64
C ARG A 277 22.52 -21.30 -0.91
N LEU A 278 22.17 -20.44 0.05
CA LEU A 278 21.10 -19.48 -0.13
C LEU A 278 21.61 -18.04 -0.08
N ALA A 279 22.27 -17.65 1.01
CA ALA A 279 22.85 -16.32 1.08
C ALA A 279 23.94 -16.14 0.03
N SER A 280 24.78 -17.17 -0.16
CA SER A 280 25.79 -17.11 -1.21
C SER A 280 25.15 -16.98 -2.58
N GLY A 281 24.06 -17.72 -2.81
CA GLY A 281 23.35 -17.59 -4.08
C GLY A 281 22.82 -16.19 -4.31
N ASN A 282 22.20 -15.60 -3.29
CA ASN A 282 21.69 -14.24 -3.41
C ASN A 282 22.81 -13.25 -3.69
N VAL A 283 23.90 -13.36 -2.94
CA VAL A 283 25.01 -12.42 -3.10
C VAL A 283 25.61 -12.54 -4.50
N THR A 284 25.83 -13.77 -4.97
CA THR A 284 26.44 -13.96 -6.28
C THR A 284 25.49 -13.51 -7.39
N MET A 285 24.19 -13.75 -7.23
CA MET A 285 23.23 -13.30 -8.23
C MET A 285 23.20 -11.78 -8.32
N GLY A 286 23.26 -11.10 -7.18
CA GLY A 286 23.36 -9.64 -7.22
C GLY A 286 24.66 -9.15 -7.82
N ASN A 287 25.77 -9.83 -7.49
CA ASN A 287 27.07 -9.42 -7.99
C ASN A 287 27.18 -9.62 -9.50
N ILE A 288 26.49 -10.62 -10.04
CA ILE A 288 26.50 -10.81 -11.50
C ILE A 288 25.94 -9.58 -12.20
N VAL A 289 24.78 -9.11 -11.74
CA VAL A 289 24.15 -7.94 -12.35
C VAL A 289 25.02 -6.70 -12.12
N LYS A 290 25.59 -6.57 -10.92
CA LYS A 290 26.45 -5.42 -10.65
C LYS A 290 27.67 -5.41 -11.56
N SER A 291 28.29 -6.57 -11.76
CA SER A 291 29.45 -6.66 -12.64
C SER A 291 29.08 -6.38 -14.08
N LEU A 292 27.92 -6.87 -14.53
CA LEU A 292 27.48 -6.58 -15.89
C LEU A 292 27.28 -5.08 -16.08
N ARG A 293 26.64 -4.42 -15.11
CA ARG A 293 26.47 -2.98 -15.20
C ARG A 293 27.80 -2.26 -15.21
N GLU A 294 28.73 -2.68 -14.37
CA GLU A 294 30.04 -2.03 -14.31
C GLU A 294 30.79 -2.18 -15.63
N ILE A 295 30.75 -3.39 -16.22
CA ILE A 295 31.42 -3.61 -17.50
C ILE A 295 30.78 -2.76 -18.58
N ASP A 296 29.45 -2.67 -18.59
CA ASP A 296 28.78 -1.86 -19.60
C ASP A 296 29.13 -0.39 -19.47
N ASP A 297 29.17 0.13 -18.24
CA ASP A 297 29.38 1.56 -18.05
C ASP A 297 30.83 1.96 -18.27
N THR A 298 31.78 1.10 -17.90
CA THR A 298 33.18 1.47 -17.95
C THR A 298 33.68 1.58 -19.39
N GLU A 299 34.77 2.34 -19.54
CA GLU A 299 35.42 2.50 -20.83
C GLU A 299 36.57 1.52 -20.96
N TRP A 300 36.68 0.88 -22.13
CA TRP A 300 37.71 -0.12 -22.38
C TRP A 300 38.85 0.36 -23.25
N SER A 301 38.62 1.38 -24.10
CA SER A 301 39.70 1.90 -24.93
C SER A 301 40.81 2.50 -24.07
N VAL A 302 40.44 3.28 -23.05
CA VAL A 302 41.43 3.88 -22.17
C VAL A 302 42.16 2.81 -21.37
N TRP A 303 41.41 1.83 -20.84
CA TRP A 303 42.04 0.74 -20.08
C TRP A 303 42.97 -0.07 -20.97
N PHE A 304 42.55 -0.36 -22.20
CA PHE A 304 43.40 -1.09 -23.12
C PHE A 304 44.67 -0.30 -23.42
N GLU A 305 44.53 1.02 -23.63
CA GLU A 305 45.69 1.86 -23.85
C GLU A 305 46.65 1.81 -22.66
N GLU A 306 46.11 1.86 -21.44
CA GLU A 306 46.96 1.83 -20.27
C GLU A 306 47.70 0.51 -20.13
N VAL A 307 46.98 -0.61 -20.22
CA VAL A 307 47.58 -1.92 -19.96
C VAL A 307 48.25 -2.52 -21.17
N SER A 308 48.18 -1.87 -22.32
CA SER A 308 48.82 -2.40 -23.52
C SER A 308 50.34 -2.40 -23.37
N HIS A 309 50.98 -3.39 -23.99
CA HIS A 309 52.44 -3.49 -23.99
C HIS A 309 53.08 -2.96 -25.25
N ILE A 310 52.46 -3.18 -26.41
CA ILE A 310 53.01 -2.68 -27.67
C ILE A 310 52.92 -1.16 -27.75
N ASP A 311 52.02 -0.54 -26.98
CA ASP A 311 51.89 0.91 -27.00
C ASP A 311 52.85 1.60 -26.05
N LYS A 312 53.50 0.86 -25.13
CA LYS A 312 54.52 1.46 -24.30
C LYS A 312 55.70 1.95 -25.15
N VAL A 313 56.09 1.16 -26.14
CA VAL A 313 57.16 1.58 -27.05
C VAL A 313 56.68 2.74 -27.91
N LEU A 314 55.43 2.70 -28.34
CA LEU A 314 54.88 3.70 -29.26
C LEU A 314 54.35 4.94 -28.55
N ARG A 315 54.78 5.20 -27.32
CA ARG A 315 54.44 6.45 -26.65
C ARG A 315 55.58 7.47 -26.71
N GLU A 316 56.83 7.01 -26.68
CA GLU A 316 57.98 7.88 -26.84
C GLU A 316 58.55 7.73 -28.25
N GLU A 317 59.26 8.76 -28.68
CA GLU A 317 59.90 8.86 -29.99
C GLU A 317 58.90 8.92 -31.14
N THR A 318 57.59 9.02 -30.87
CA THR A 318 56.60 9.13 -31.91
C THR A 318 55.42 9.94 -31.39
N ASP A 319 54.65 10.50 -32.32
CA ASP A 319 53.53 11.39 -32.00
C ASP A 319 52.20 10.65 -31.92
N TYR A 320 52.21 9.38 -31.49
CA TYR A 320 51.03 8.53 -31.48
C TYR A 320 49.93 9.05 -30.55
N GLU A 321 50.25 9.97 -29.63
CA GLU A 321 49.29 10.38 -28.63
C GLU A 321 48.17 11.26 -29.19
N ILE A 322 48.49 12.10 -30.17
CA ILE A 322 47.56 13.16 -30.61
C ILE A 322 47.12 12.94 -32.04
N LEU A 323 46.92 11.68 -32.44
CA LEU A 323 46.77 11.36 -33.86
C LEU A 323 45.47 10.66 -34.19
N ASP A 324 44.33 11.22 -33.77
CA ASP A 324 43.03 10.79 -34.29
C ASP A 324 42.75 9.32 -34.00
N PHE A 325 42.41 9.00 -32.75
CA PHE A 325 42.32 7.64 -32.22
C PHE A 325 41.87 6.60 -33.23
N GLY A 326 40.88 6.93 -34.07
CA GLY A 326 40.54 6.05 -35.18
C GLY A 326 41.72 5.80 -36.10
N SER A 327 42.45 6.85 -36.45
CA SER A 327 43.67 6.68 -37.25
C SER A 327 44.73 5.89 -36.48
N ARG A 328 44.78 6.06 -35.15
CA ARG A 328 45.68 5.24 -34.35
C ARG A 328 45.32 3.76 -34.47
N ASN A 329 44.01 3.46 -34.47
CA ASN A 329 43.57 2.10 -34.70
C ASN A 329 43.94 1.62 -36.10
N THR A 330 43.93 2.52 -37.09
CA THR A 330 44.38 2.14 -38.43
C THR A 330 45.86 1.77 -38.41
N TYR A 331 46.69 2.56 -37.71
CA TYR A 331 48.09 2.20 -37.52
C TYR A 331 48.22 0.82 -36.88
N ARG A 332 47.44 0.57 -35.82
CA ARG A 332 47.51 -0.71 -35.14
C ARG A 332 47.10 -1.86 -36.04
N ASN A 333 46.05 -1.66 -36.84
CA ASN A 333 45.60 -2.69 -37.76
C ASN A 333 46.65 -2.98 -38.82
N THR A 334 47.29 -1.93 -39.35
CA THR A 334 48.36 -2.15 -40.31
C THR A 334 49.53 -2.92 -39.69
N ILE A 335 49.89 -2.56 -38.46
CA ILE A 335 50.99 -3.25 -37.77
C ILE A 335 50.64 -4.72 -37.56
N GLU A 336 49.41 -4.98 -37.12
CA GLU A 336 48.98 -6.35 -36.88
C GLU A 336 48.94 -7.16 -38.18
N LEU A 337 48.47 -6.54 -39.27
CA LEU A 337 48.44 -7.24 -40.55
C LEU A 337 49.85 -7.54 -41.04
N LEU A 338 50.78 -6.61 -40.86
CA LEU A 338 52.16 -6.86 -41.26
C LEU A 338 52.78 -7.97 -40.43
N ALA A 339 52.51 -7.99 -39.12
CA ALA A 339 53.08 -9.01 -38.25
C ALA A 339 52.46 -10.38 -38.49
N ARG A 340 51.18 -10.43 -38.87
CA ARG A 340 50.47 -11.70 -38.97
C ARG A 340 51.01 -12.56 -40.10
N ARG A 341 51.18 -11.97 -41.29
CA ARG A 341 51.56 -12.72 -42.47
C ARG A 341 53.08 -12.87 -42.61
N SER A 342 53.85 -12.18 -41.78
CA SER A 342 55.30 -12.25 -41.83
C SER A 342 55.83 -13.09 -40.68
N PRO A 343 56.93 -13.82 -40.89
CA PRO A 343 57.52 -14.67 -39.85
C PRO A 343 58.28 -13.88 -38.77
N ARG A 344 57.63 -12.86 -38.22
CA ARG A 344 58.22 -12.04 -37.18
C ARG A 344 57.18 -11.77 -36.11
N THR A 345 57.64 -11.59 -34.87
CA THR A 345 56.75 -11.31 -33.77
C THR A 345 56.14 -9.91 -33.91
N GLU A 346 55.23 -9.59 -33.00
CA GLU A 346 54.47 -8.35 -33.09
C GLU A 346 55.18 -7.16 -32.45
N VAL A 347 56.02 -7.40 -31.44
CA VAL A 347 56.65 -6.29 -30.72
C VAL A 347 57.64 -5.55 -31.61
N GLU A 348 58.49 -6.28 -32.32
CA GLU A 348 59.52 -5.64 -33.14
C GLU A 348 58.97 -5.03 -34.42
N VAL A 349 57.73 -5.36 -34.82
CA VAL A 349 57.15 -4.74 -35.99
C VAL A 349 56.99 -3.24 -35.78
N ALA A 350 56.52 -2.85 -34.59
CA ALA A 350 56.42 -1.43 -34.24
C ALA A 350 57.76 -0.86 -33.78
N ARG A 351 58.78 -1.69 -33.60
CA ARG A 351 60.10 -1.26 -33.19
C ARG A 351 61.06 -1.12 -34.37
N ALA A 352 61.08 -2.11 -35.27
CA ALA A 352 61.96 -2.03 -36.43
C ALA A 352 61.54 -0.92 -37.38
N ALA A 353 60.23 -0.61 -37.43
CA ALA A 353 59.78 0.49 -38.27
C ALA A 353 60.32 1.83 -37.80
N VAL A 354 60.49 2.00 -36.49
CA VAL A 354 61.03 3.24 -35.95
C VAL A 354 62.47 3.44 -36.41
N GLU A 355 63.26 2.36 -36.39
CA GLU A 355 64.66 2.47 -36.78
C GLU A 355 64.80 2.89 -38.24
N MET A 356 63.99 2.31 -39.13
CA MET A 356 64.06 2.69 -40.53
C MET A 356 63.45 4.07 -40.76
N ALA A 357 62.48 4.47 -39.95
CA ALA A 357 61.92 5.82 -40.04
C ALA A 357 62.80 6.87 -39.39
N ARG A 358 63.85 6.46 -38.67
CA ARG A 358 64.75 7.43 -38.05
C ARG A 358 65.54 8.21 -39.10
N SER A 359 65.77 7.62 -40.26
CA SER A 359 66.50 8.26 -41.34
C SER A 359 65.60 9.07 -42.27
N ASP A 360 64.31 9.17 -41.97
CA ASP A 360 63.38 9.89 -42.83
C ASP A 360 63.59 11.41 -42.80
N LEU A 361 64.43 11.91 -41.88
CA LEU A 361 64.76 13.32 -41.71
C LEU A 361 63.57 14.09 -41.16
N PRO A 362 63.81 15.11 -40.31
CA PRO A 362 62.68 15.87 -39.73
C PRO A 362 61.65 16.33 -40.74
N ALA A 363 62.09 17.11 -41.73
CA ALA A 363 61.24 17.57 -42.84
C ALA A 363 59.98 18.27 -42.33
N GLY A 364 60.19 19.38 -41.64
CA GLY A 364 59.08 20.17 -41.16
C GLY A 364 59.55 21.21 -40.16
N ALA A 365 58.62 22.09 -39.79
CA ALA A 365 58.88 23.14 -38.81
C ALA A 365 58.65 22.63 -37.38
N ASP A 366 57.42 22.19 -37.09
CA ASP A 366 57.15 21.59 -35.79
C ASP A 366 57.92 20.30 -35.61
N GLU A 367 58.02 19.49 -36.66
CA GLU A 367 58.72 18.21 -36.61
C GLU A 367 60.22 18.45 -36.70
N ASN A 368 60.82 18.77 -35.57
CA ASN A 368 62.28 18.80 -35.42
C ASN A 368 62.79 17.66 -34.56
N HIS A 369 62.12 17.39 -33.44
CA HIS A 369 62.32 16.15 -32.69
C HIS A 369 61.35 15.11 -33.24
N ARG A 370 61.19 14.00 -32.52
CA ARG A 370 60.18 12.99 -32.80
C ARG A 370 60.51 12.24 -34.09
N VAL A 371 59.83 11.11 -34.32
CA VAL A 371 60.03 10.30 -35.51
C VAL A 371 58.68 10.07 -36.18
N ASN A 372 58.61 10.31 -37.49
CA ASN A 372 57.39 10.13 -38.26
C ASN A 372 57.31 8.66 -38.66
N VAL A 373 56.76 7.83 -37.77
CA VAL A 373 56.65 6.41 -38.06
C VAL A 373 55.60 6.15 -39.15
N GLY A 374 54.56 6.99 -39.22
CA GLY A 374 53.50 6.78 -40.18
C GLY A 374 53.90 6.94 -41.63
N SER A 375 55.03 7.61 -41.88
CA SER A 375 55.50 7.77 -43.25
C SER A 375 55.83 6.44 -43.92
N VAL A 376 56.16 5.42 -43.14
CA VAL A 376 56.45 4.10 -43.68
C VAL A 376 55.33 3.10 -43.42
N LEU A 377 54.42 3.38 -42.48
CA LEU A 377 53.30 2.49 -42.23
C LEU A 377 52.13 2.76 -43.16
N VAL A 378 51.69 4.01 -43.24
CA VAL A 378 50.60 4.40 -44.12
C VAL A 378 51.04 5.39 -45.19
N GLY A 379 52.23 5.98 -45.06
CA GLY A 379 52.68 7.02 -45.98
C GLY A 379 53.18 6.49 -47.30
N GLN A 380 54.14 7.21 -47.87
CA GLN A 380 54.61 6.90 -49.22
C GLN A 380 55.50 5.66 -49.25
N ARG A 381 56.18 5.35 -48.14
CA ARG A 381 57.19 4.31 -48.10
C ARG A 381 56.65 3.00 -47.51
N ARG A 382 55.38 2.70 -47.76
CA ARG A 382 54.82 1.44 -47.27
C ARG A 382 55.41 0.24 -47.99
N PHE A 383 55.61 0.34 -49.31
CA PHE A 383 56.11 -0.79 -50.07
C PHE A 383 57.53 -1.17 -49.64
N GLU A 384 58.38 -0.17 -49.42
CA GLU A 384 59.74 -0.46 -48.96
C GLU A 384 59.72 -1.13 -47.58
N LEU A 385 58.83 -0.68 -46.70
CA LEU A 385 58.70 -1.32 -45.39
C LEU A 385 58.27 -2.77 -45.53
N GLU A 386 57.28 -3.05 -46.38
CA GLU A 386 56.83 -4.42 -46.56
C GLU A 386 57.93 -5.30 -47.14
N LYS A 387 58.68 -4.78 -48.12
CA LYS A 387 59.76 -5.56 -48.72
C LYS A 387 60.88 -5.82 -47.71
N ALA A 388 61.23 -4.82 -46.90
CA ALA A 388 62.28 -4.99 -45.92
C ALA A 388 61.86 -5.99 -44.83
N LEU A 389 60.62 -5.91 -44.38
CA LEU A 389 60.14 -6.80 -43.33
C LEU A 389 59.86 -8.22 -43.83
N GLY A 390 59.89 -8.44 -45.14
CA GLY A 390 59.60 -9.76 -45.67
C GLY A 390 58.14 -10.12 -45.75
N TYR A 391 57.24 -9.17 -45.50
CA TYR A 391 55.82 -9.44 -45.56
C TYR A 391 55.40 -9.74 -47.00
N ARG A 392 54.67 -10.84 -47.18
CA ARG A 392 54.18 -11.21 -48.50
C ARG A 392 52.78 -10.68 -48.69
N PRO A 393 52.54 -9.81 -49.68
CA PRO A 393 51.21 -9.19 -49.81
C PRO A 393 50.12 -10.21 -50.09
N LEU A 394 48.94 -9.91 -49.58
CA LEU A 394 47.76 -10.74 -49.84
C LEU A 394 47.28 -10.52 -51.27
N ALA A 395 46.56 -11.52 -51.80
CA ALA A 395 46.10 -11.46 -53.18
C ALA A 395 45.25 -10.22 -53.44
N SER A 396 44.44 -9.82 -52.45
CA SER A 396 43.66 -8.59 -52.59
C SER A 396 44.58 -7.38 -52.72
N GLN A 397 45.63 -7.32 -51.91
CA GLN A 397 46.60 -6.24 -52.04
C GLN A 397 47.30 -6.30 -53.38
N HIS A 398 47.60 -7.52 -53.86
CA HIS A 398 48.24 -7.66 -55.17
C HIS A 398 47.38 -7.09 -56.29
N ILE A 399 46.09 -7.45 -56.30
CA ILE A 399 45.21 -6.96 -57.37
C ILE A 399 44.98 -5.46 -57.23
N VAL A 400 44.90 -4.96 -55.99
CA VAL A 400 44.73 -3.53 -55.78
C VAL A 400 45.95 -2.76 -56.31
N ARG A 401 47.15 -3.27 -56.04
CA ARG A 401 48.36 -2.61 -56.52
C ARG A 401 48.50 -2.70 -58.04
N SER A 402 48.08 -3.83 -58.63
CA SER A 402 48.07 -3.92 -60.09
C SER A 402 47.10 -2.91 -60.69
N MET A 403 45.93 -2.74 -60.07
CA MET A 403 44.99 -1.71 -60.45
C MET A 403 45.60 -0.31 -60.34
N ARG A 404 46.31 -0.03 -59.25
CA ARG A 404 46.92 1.28 -59.07
C ARG A 404 47.98 1.54 -60.13
N LYS A 405 48.81 0.53 -60.42
CA LYS A 405 49.85 0.68 -61.43
C LYS A 405 49.30 0.75 -62.84
N PHE A 406 48.08 0.24 -63.07
CA PHE A 406 47.47 0.37 -64.39
C PHE A 406 47.15 1.83 -64.69
N ASN A 407 46.23 2.41 -63.89
CA ASN A 407 45.76 3.81 -63.83
C ASN A 407 44.25 3.88 -63.97
N TRP A 408 43.74 5.00 -64.50
CA TRP A 408 42.31 5.19 -64.66
C TRP A 408 41.69 4.20 -65.63
N LEU A 409 42.49 3.62 -66.53
CA LEU A 409 41.93 2.70 -67.52
C LEU A 409 41.34 1.45 -66.87
N ALA A 410 41.87 1.04 -65.71
CA ALA A 410 41.34 -0.12 -65.02
C ALA A 410 39.91 0.11 -64.52
N ILE A 411 39.47 1.36 -64.48
CA ILE A 411 38.10 1.69 -64.08
C ILE A 411 37.18 1.82 -65.29
N ALA A 412 37.67 2.46 -66.36
CA ALA A 412 36.83 2.66 -67.54
C ALA A 412 36.66 1.37 -68.34
N ALA A 413 37.66 0.49 -68.32
CA ALA A 413 37.60 -0.70 -69.17
C ALA A 413 36.44 -1.63 -68.82
N PRO A 414 36.21 -2.00 -67.55
CA PRO A 414 35.09 -2.92 -67.28
C PRO A 414 33.73 -2.39 -67.71
N VAL A 415 33.48 -1.08 -67.51
CA VAL A 415 32.19 -0.51 -67.91
C VAL A 415 32.02 -0.61 -69.42
N LEU A 416 33.06 -0.26 -70.17
CA LEU A 416 32.98 -0.34 -71.62
C LEU A 416 32.81 -1.78 -72.09
N LEU A 417 33.46 -2.72 -71.41
CA LEU A 417 33.29 -4.14 -71.76
C LEU A 417 31.86 -4.60 -71.54
N ILE A 418 31.26 -4.21 -70.41
CA ILE A 418 29.88 -4.59 -70.14
C ILE A 418 28.94 -3.96 -71.17
N THR A 419 29.18 -2.69 -71.52
CA THR A 419 28.37 -2.06 -72.56
C THR A 419 28.52 -2.76 -73.90
N ALA A 420 29.74 -3.19 -74.24
CA ALA A 420 29.95 -3.93 -75.48
C ALA A 420 29.21 -5.26 -75.47
N VAL A 421 29.24 -5.96 -74.34
CA VAL A 421 28.53 -7.23 -74.24
C VAL A 421 27.03 -7.01 -74.40
N ALA A 422 26.48 -5.99 -73.74
CA ALA A 422 25.06 -5.69 -73.88
C ALA A 422 24.71 -5.32 -75.31
N MET A 423 25.56 -4.53 -75.96
CA MET A 423 25.33 -4.15 -77.35
C MET A 423 25.33 -5.38 -78.25
N LEU A 424 26.28 -6.29 -78.05
CA LEU A 424 26.33 -7.51 -78.86
C LEU A 424 25.07 -8.34 -78.64
N ALA A 425 24.64 -8.47 -77.39
CA ALA A 425 23.45 -9.27 -77.09
C ALA A 425 22.20 -8.67 -77.75
N VAL A 426 22.01 -7.36 -77.61
CA VAL A 426 20.82 -6.73 -78.17
C VAL A 426 20.86 -6.76 -79.70
N GLY A 427 22.05 -6.59 -80.29
CA GLY A 427 22.16 -6.70 -81.73
C GLY A 427 21.86 -8.09 -82.23
N TRP A 428 22.28 -9.12 -81.49
CA TRP A 428 21.95 -10.48 -81.85
C TRP A 428 20.45 -10.74 -81.74
N PHE A 429 19.81 -10.16 -80.72
CA PHE A 429 18.37 -10.35 -80.53
C PHE A 429 17.52 -9.50 -81.48
N LEU A 430 18.00 -8.32 -81.85
CA LEU A 430 17.22 -7.36 -82.61
C LEU A 430 17.47 -7.44 -84.11
N ALA A 431 18.02 -8.55 -84.61
CA ALA A 431 18.37 -8.69 -86.03
C ALA A 431 17.30 -9.40 -86.86
N LYS A 432 16.02 -9.24 -86.54
CA LYS A 432 14.97 -10.03 -87.18
C LYS A 432 13.94 -9.21 -87.94
N ALA A 433 14.17 -7.92 -88.15
CA ALA A 433 13.21 -7.05 -88.83
C ALA A 433 13.88 -6.19 -89.90
N GLY A 434 14.81 -6.78 -90.65
CA GLY A 434 15.46 -6.08 -91.76
C GLY A 434 16.68 -5.25 -91.40
N MET A 435 16.49 -4.03 -90.88
CA MET A 435 17.61 -3.16 -90.49
C MET A 435 18.65 -2.99 -91.60
N PRO A 436 18.40 -2.11 -92.59
CA PRO A 436 19.38 -1.93 -93.67
C PRO A 436 20.78 -1.54 -93.22
N TRP A 437 20.98 -1.43 -91.90
CA TRP A 437 22.26 -1.26 -91.19
C TRP A 437 22.76 0.18 -91.16
N TYR A 438 21.93 1.15 -91.55
CA TYR A 438 22.24 2.54 -91.30
C TYR A 438 21.46 3.11 -90.12
N VAL A 439 20.63 2.30 -89.47
CA VAL A 439 19.88 2.73 -88.30
C VAL A 439 20.29 1.97 -87.05
N VAL A 440 20.80 0.74 -87.19
CA VAL A 440 21.23 -0.04 -86.02
C VAL A 440 22.32 0.69 -85.26
N THR A 441 23.21 1.38 -85.97
CA THR A 441 24.25 2.15 -85.28
C THR A 441 23.62 3.22 -84.40
N ALA A 442 22.62 3.94 -84.91
CA ALA A 442 21.95 4.95 -84.11
C ALA A 442 21.25 4.34 -82.90
N PHE A 443 20.55 3.22 -83.10
CA PHE A 443 19.88 2.57 -81.98
C PHE A 443 20.87 2.10 -80.91
N LEU A 444 21.98 1.50 -81.34
CA LEU A 444 22.96 1.02 -80.36
C LEU A 444 23.61 2.18 -79.62
N LEU A 445 23.93 3.27 -80.33
CA LEU A 445 24.51 4.43 -79.67
C LEU A 445 23.52 5.03 -78.66
N MET A 446 22.25 5.09 -79.01
CA MET A 446 21.25 5.67 -78.12
C MET A 446 20.83 4.74 -77.00
N PHE A 447 21.11 3.44 -77.13
CA PHE A 447 20.75 2.49 -76.09
C PHE A 447 21.88 2.14 -75.15
N ALA A 448 23.14 2.29 -75.58
CA ALA A 448 24.28 1.90 -74.75
C ALA A 448 24.45 2.78 -73.51
N LEU A 449 23.77 3.91 -73.43
CA LEU A 449 23.97 4.80 -72.29
C LEU A 449 23.23 4.30 -71.06
N PRO A 450 21.97 3.83 -71.16
CA PRO A 450 21.40 3.08 -70.03
C PRO A 450 22.24 1.86 -69.67
N ALA A 451 22.80 1.18 -70.67
CA ALA A 451 23.71 0.08 -70.40
C ALA A 451 24.95 0.56 -69.66
N SER A 452 25.44 1.76 -70.01
CA SER A 452 26.58 2.33 -69.29
C SER A 452 26.23 2.61 -67.84
N GLU A 453 25.03 3.15 -67.60
CA GLU A 453 24.60 3.40 -66.23
C GLU A 453 24.51 2.11 -65.43
N GLY A 454 23.93 1.06 -66.04
CA GLY A 454 23.87 -0.23 -65.36
C GLY A 454 25.25 -0.79 -65.07
N ALA A 455 26.16 -0.68 -66.05
CA ALA A 455 27.52 -1.20 -65.87
C ALA A 455 28.25 -0.46 -64.76
N THR A 456 28.12 0.87 -64.71
CA THR A 456 28.82 1.62 -63.68
C THR A 456 28.19 1.39 -62.31
N GLY A 457 26.87 1.16 -62.24
CA GLY A 457 26.26 0.78 -60.98
C GLY A 457 26.76 -0.56 -60.47
N LEU A 458 26.83 -1.55 -61.38
CA LEU A 458 27.35 -2.86 -60.99
C LEU A 458 28.81 -2.76 -60.56
N PHE A 459 29.61 -1.96 -61.27
CA PHE A 459 31.01 -1.79 -60.90
C PHE A 459 31.14 -1.11 -59.54
N ASN A 460 30.31 -0.11 -59.27
CA ASN A 460 30.34 0.52 -57.95
C ASN A 460 29.98 -0.47 -56.86
N THR A 461 28.95 -1.30 -57.10
CA THR A 461 28.58 -2.30 -56.10
C THR A 461 29.71 -3.28 -55.84
N LEU A 462 30.36 -3.76 -56.90
CA LEU A 462 31.42 -4.75 -56.70
C LEU A 462 32.64 -4.15 -56.04
N VAL A 463 33.00 -2.90 -56.38
CA VAL A 463 34.17 -2.29 -55.73
C VAL A 463 33.86 -1.98 -54.28
N THR A 464 32.62 -1.61 -53.96
CA THR A 464 32.25 -1.45 -52.55
C THR A 464 32.34 -2.79 -51.82
N PHE A 465 31.96 -3.86 -52.49
CA PHE A 465 32.04 -5.19 -51.87
C PHE A 465 33.48 -5.60 -51.60
N PHE A 466 34.38 -5.36 -52.56
CA PHE A 466 35.71 -5.97 -52.53
C PHE A 466 36.85 -5.03 -52.17
N VAL A 467 36.59 -3.73 -52.01
CA VAL A 467 37.65 -2.77 -51.72
C VAL A 467 37.35 -2.08 -50.40
N LYS A 468 38.32 -2.09 -49.50
CA LYS A 468 38.18 -1.40 -48.22
C LYS A 468 38.18 0.12 -48.43
N PRO A 469 37.37 0.86 -47.67
CA PRO A 469 37.37 2.33 -47.81
C PRO A 469 38.70 2.97 -47.44
N PHE A 470 38.79 4.29 -47.63
CA PHE A 470 40.03 5.03 -47.46
C PHE A 470 39.86 6.04 -46.33
N ARG A 471 40.82 6.07 -45.41
CA ARG A 471 40.81 6.99 -44.27
C ARG A 471 42.10 7.78 -44.24
N LEU A 472 41.99 9.05 -43.85
CA LEU A 472 43.13 9.96 -43.79
C LEU A 472 43.48 10.26 -42.33
N VAL A 473 44.76 10.16 -42.01
CA VAL A 473 45.24 10.37 -40.65
C VAL A 473 45.37 11.86 -40.38
N GLY A 474 45.00 12.28 -39.16
CA GLY A 474 45.05 13.68 -38.80
C GLY A 474 45.44 13.87 -37.35
N TYR A 475 45.71 15.13 -37.00
CA TYR A 475 46.07 15.50 -35.63
C TYR A 475 44.82 15.64 -34.77
N GLU A 476 45.05 15.73 -33.45
CA GLU A 476 44.00 15.94 -32.47
C GLU A 476 44.20 17.31 -31.84
N PHE A 477 43.30 18.25 -32.15
CA PHE A 477 43.34 19.59 -31.58
C PHE A 477 42.32 19.66 -30.45
N LYS A 478 42.71 19.08 -29.31
CA LYS A 478 41.80 19.00 -28.17
C LYS A 478 41.51 20.38 -27.58
N ASN A 479 42.50 21.26 -27.57
CA ASN A 479 42.34 22.61 -27.06
C ASN A 479 41.97 23.62 -28.16
N GLY A 480 41.74 23.14 -29.37
CA GLY A 480 41.51 24.00 -30.51
C GLY A 480 42.70 24.01 -31.45
N ILE A 481 42.53 24.68 -32.58
CA ILE A 481 43.57 24.74 -33.60
C ILE A 481 44.66 25.69 -33.12
N PRO A 482 45.90 25.22 -32.96
CA PRO A 482 46.96 26.09 -32.44
C PRO A 482 47.61 26.93 -33.51
N GLU A 483 48.69 27.63 -33.15
CA GLU A 483 49.44 28.45 -34.09
C GLU A 483 49.99 27.58 -35.22
N ASP A 484 50.52 28.25 -36.25
CA ASP A 484 50.99 27.67 -37.50
C ASP A 484 49.87 27.10 -38.35
N ALA A 485 48.62 27.31 -37.94
CA ALA A 485 47.46 26.90 -38.73
C ALA A 485 46.33 27.88 -38.40
N ARG A 486 46.16 28.90 -39.23
CA ARG A 486 45.14 29.91 -39.03
C ARG A 486 44.12 29.79 -40.16
N THR A 487 42.85 29.64 -39.80
CA THR A 487 41.78 29.44 -40.77
C THR A 487 40.79 30.58 -40.70
N LEU A 488 40.53 31.20 -41.85
CA LEU A 488 39.52 32.23 -41.99
C LEU A 488 38.33 31.65 -42.74
N VAL A 489 37.16 31.64 -42.09
CA VAL A 489 35.97 31.06 -42.69
C VAL A 489 35.36 32.07 -43.64
N ALA A 490 35.75 31.99 -44.92
CA ALA A 490 35.23 32.89 -45.95
C ALA A 490 33.97 32.26 -46.54
N VAL A 491 32.82 32.81 -46.19
CA VAL A 491 31.53 32.28 -46.65
C VAL A 491 31.05 33.19 -47.78
N PRO A 492 31.22 32.74 -49.05
CA PRO A 492 30.86 33.57 -50.17
C PRO A 492 29.39 33.84 -49.89
N CYS A 493 28.94 35.04 -50.16
CA CYS A 493 27.57 35.40 -49.78
C CYS A 493 27.06 36.39 -50.80
N MET A 494 25.80 36.74 -50.71
CA MET A 494 25.22 37.65 -51.70
C MET A 494 24.76 38.86 -50.92
N LEU A 495 24.04 39.75 -51.58
CA LEU A 495 23.46 40.86 -50.81
C LEU A 495 22.30 41.46 -51.60
N THR A 496 21.15 40.80 -51.52
CA THR A 496 19.86 41.41 -51.86
C THR A 496 19.12 41.76 -50.56
N SER A 497 19.72 42.65 -49.78
CA SER A 497 19.34 42.82 -48.39
C SER A 497 18.39 44.00 -48.20
N ARG A 498 17.96 44.14 -46.93
CA ARG A 498 16.91 44.99 -46.37
C ARG A 498 16.55 44.36 -45.04
N ASP A 499 16.35 43.04 -45.08
CA ASP A 499 16.26 42.22 -43.88
C ASP A 499 17.09 40.95 -43.96
N SER A 500 17.50 40.52 -45.16
CA SER A 500 18.24 39.26 -45.29
C SER A 500 19.61 39.35 -44.62
N VAL A 501 20.16 40.55 -44.49
CA VAL A 501 21.45 40.70 -43.84
C VAL A 501 21.39 40.18 -42.41
N ASP A 502 20.22 40.29 -41.76
CA ASP A 502 20.08 39.78 -40.40
C ASP A 502 20.28 38.27 -40.36
N GLU A 503 19.66 37.54 -41.28
CA GLU A 503 19.86 36.10 -41.27
C GLU A 503 21.24 35.69 -41.80
N MET A 504 21.88 36.49 -42.65
CA MET A 504 23.27 36.20 -43.01
C MET A 504 24.18 36.32 -41.79
N MET A 505 24.01 37.38 -41.00
CA MET A 505 24.74 37.47 -39.74
C MET A 505 24.37 36.34 -38.80
N ARG A 506 23.12 35.88 -38.83
CA ARG A 506 22.73 34.73 -38.02
C ARG A 506 23.49 33.48 -38.45
N ASN A 507 23.64 33.27 -39.76
CA ASN A 507 24.41 32.14 -40.25
C ASN A 507 25.87 32.24 -39.80
N ILE A 508 26.45 33.44 -39.88
CA ILE A 508 27.82 33.62 -39.42
C ILE A 508 27.93 33.30 -37.93
N GLU A 509 26.98 33.78 -37.13
CA GLU A 509 27.01 33.55 -35.70
C GLU A 509 26.90 32.07 -35.37
N VAL A 510 25.99 31.35 -36.05
CA VAL A 510 25.83 29.92 -35.81
C VAL A 510 27.09 29.17 -36.23
N HIS A 511 27.70 29.56 -37.36
CA HIS A 511 28.93 28.92 -37.79
C HIS A 511 30.05 29.14 -36.79
N TYR A 512 30.15 30.35 -36.23
CA TYR A 512 31.14 30.61 -35.20
C TYR A 512 30.88 29.76 -33.96
N LEU A 513 29.61 29.65 -33.55
CA LEU A 513 29.27 28.83 -32.40
C LEU A 513 29.53 27.34 -32.66
N ALA A 514 29.54 26.91 -33.91
CA ALA A 514 29.79 25.51 -34.21
C ALA A 514 31.19 25.10 -33.78
N ASN A 515 32.20 25.94 -34.05
CA ASN A 515 33.58 25.66 -33.70
C ASN A 515 34.18 26.89 -33.03
N PRO A 516 33.86 27.14 -31.75
CA PRO A 516 34.40 28.30 -31.06
C PRO A 516 35.85 28.13 -30.64
N HIS A 517 36.26 26.89 -30.42
CA HIS A 517 37.62 26.61 -29.95
C HIS A 517 38.66 26.96 -31.00
N GLY A 518 39.85 27.30 -30.53
CA GLY A 518 40.99 27.51 -31.41
C GLY A 518 41.04 28.91 -31.98
N GLU A 519 42.16 29.19 -32.64
CA GLU A 519 42.42 30.48 -33.27
C GLU A 519 41.74 30.47 -34.65
N ILE A 520 40.44 30.73 -34.64
CA ILE A 520 39.61 30.68 -35.84
C ILE A 520 38.97 32.05 -36.05
N TYR A 521 39.03 32.55 -37.27
CA TYR A 521 38.41 33.81 -37.65
C TYR A 521 37.30 33.57 -38.66
N PHE A 522 36.34 34.50 -38.68
CA PHE A 522 35.18 34.38 -39.55
C PHE A 522 34.96 35.70 -40.28
N SER A 523 34.42 35.61 -41.49
CA SER A 523 34.15 36.79 -42.30
C SER A 523 33.13 36.43 -43.37
N LEU A 524 32.56 37.46 -43.98
CA LEU A 524 31.59 37.32 -45.05
C LEU A 524 32.12 38.01 -46.31
N VAL A 525 32.10 37.28 -47.42
CA VAL A 525 32.48 37.82 -48.72
C VAL A 525 31.26 37.82 -49.60
N SER A 526 30.87 38.98 -50.11
CA SER A 526 29.66 39.13 -50.90
C SER A 526 29.89 40.12 -52.02
N ASP A 527 28.82 40.44 -52.74
CA ASP A 527 28.91 41.28 -53.93
C ASP A 527 27.51 41.79 -54.24
N TRP A 528 27.39 43.10 -54.52
CA TRP A 528 26.09 43.72 -54.73
C TRP A 528 25.59 43.43 -56.14
N ARG A 529 25.21 42.16 -56.36
CA ARG A 529 24.61 41.72 -57.62
C ARG A 529 25.49 42.02 -58.82
N ASP A 530 24.87 42.10 -60.00
CA ASP A 530 25.57 42.40 -61.26
C ASP A 530 24.80 43.52 -61.95
N ALA A 531 25.28 44.75 -61.81
CA ALA A 531 24.63 45.92 -62.36
C ALA A 531 25.44 46.52 -63.50
N PRO A 532 24.80 47.15 -64.49
CA PRO A 532 25.55 47.78 -65.58
C PRO A 532 26.44 48.92 -65.13
N TYR A 533 26.21 49.48 -63.94
CA TYR A 533 27.02 50.55 -63.39
C TYR A 533 28.07 49.97 -62.45
N GLU A 534 29.22 50.64 -62.41
CA GLU A 534 30.30 50.19 -61.53
C GLU A 534 29.88 50.26 -60.06
N GLN A 535 29.22 51.36 -59.67
CA GLN A 535 28.75 51.53 -58.31
C GLN A 535 27.58 52.51 -58.35
N SER A 536 26.38 52.02 -58.02
CA SER A 536 25.20 52.87 -58.00
C SER A 536 25.24 53.90 -56.88
N ASP A 537 26.14 53.74 -55.92
CA ASP A 537 26.35 54.60 -54.76
C ASP A 537 25.21 54.53 -53.77
N GLU A 538 24.15 53.77 -54.06
CA GLU A 538 23.06 53.57 -53.11
C GLU A 538 23.31 52.38 -52.18
N ASP A 539 24.34 51.58 -52.46
CA ASP A 539 24.70 50.46 -51.58
C ASP A 539 25.35 50.93 -50.28
N LEU A 540 25.67 52.22 -50.16
CA LEU A 540 26.37 52.70 -48.96
C LEU A 540 25.52 52.50 -47.71
N GLU A 541 24.21 52.78 -47.80
CA GLU A 541 23.34 52.58 -46.65
C GLU A 541 23.27 51.12 -46.24
N ILE A 542 23.15 50.22 -47.22
CA ILE A 542 23.19 48.79 -46.92
C ILE A 542 24.55 48.39 -46.38
N LEU A 543 25.62 48.91 -47.00
CA LEU A 543 26.97 48.62 -46.53
C LEU A 543 27.18 49.15 -45.12
N ASP A 544 26.70 50.37 -44.84
CA ASP A 544 26.84 50.93 -43.50
C ASP A 544 26.05 50.11 -42.48
N TYR A 545 24.85 49.66 -42.84
CA TYR A 545 24.07 48.83 -41.94
C TYR A 545 24.78 47.52 -41.67
N ALA A 546 25.37 46.91 -42.70
CA ALA A 546 26.13 45.67 -42.51
C ALA A 546 27.33 45.88 -41.61
N LYS A 547 28.04 46.99 -41.79
CA LYS A 547 29.19 47.28 -40.94
C LYS A 547 28.76 47.51 -39.49
N ARG A 548 27.63 48.18 -39.29
CA ARG A 548 27.12 48.36 -37.94
C ARG A 548 26.73 47.04 -37.30
N GLU A 549 26.13 46.14 -38.08
CA GLU A 549 25.81 44.81 -37.57
C GLU A 549 27.08 44.06 -37.18
N LEU A 550 28.11 44.15 -38.01
CA LEU A 550 29.39 43.50 -37.69
C LEU A 550 29.98 44.07 -36.40
N ALA A 551 29.95 45.39 -36.25
CA ALA A 551 30.49 46.01 -35.04
C ALA A 551 29.70 45.58 -33.81
N ALA A 552 28.37 45.51 -33.92
CA ALA A 552 27.55 45.06 -32.81
C ALA A 552 27.85 43.60 -32.45
N LEU A 553 28.02 42.75 -33.45
CA LEU A 553 28.37 41.36 -33.20
C LEU A 553 29.78 41.21 -32.63
N ASN A 554 30.66 42.20 -32.86
CA ASN A 554 32.00 42.13 -32.30
C ASN A 554 31.99 42.34 -30.79
N SER A 555 31.12 43.22 -30.30
CA SER A 555 31.15 43.59 -28.89
C SER A 555 30.62 42.48 -27.99
N ARG A 556 29.60 41.75 -28.44
CA ARG A 556 28.97 40.75 -27.59
C ARG A 556 29.94 39.63 -27.22
N TYR A 557 30.76 39.20 -28.17
CA TYR A 557 31.76 38.14 -27.93
C TYR A 557 33.16 38.70 -27.81
N ALA A 558 33.31 39.86 -27.18
CA ALA A 558 34.62 40.49 -27.01
C ALA A 558 35.39 39.76 -25.92
N PHE A 559 35.92 38.59 -26.30
CA PHE A 559 36.75 37.78 -25.41
C PHE A 559 38.17 37.73 -25.94
N ASP A 560 39.14 37.91 -25.04
CA ASP A 560 40.56 37.87 -25.34
C ASP A 560 40.99 38.96 -26.32
N GLY A 561 40.16 39.98 -26.50
CA GLY A 561 40.47 41.05 -27.43
C GLY A 561 40.61 40.59 -28.86
N LYS A 562 39.79 39.62 -29.25
CA LYS A 562 39.88 39.02 -30.58
C LYS A 562 38.74 39.53 -31.45
N THR A 563 39.08 40.25 -32.52
CA THR A 563 38.10 40.71 -33.50
C THR A 563 37.88 39.58 -34.50
N ARG A 564 37.12 38.58 -34.06
CA ARG A 564 36.95 37.37 -34.86
C ARG A 564 36.23 37.66 -36.18
N PHE A 565 35.18 38.47 -36.13
CA PHE A 565 34.29 38.66 -37.27
C PHE A 565 34.76 39.83 -38.12
N TYR A 566 34.98 39.57 -39.41
CA TYR A 566 35.42 40.57 -40.38
C TYR A 566 34.35 40.76 -41.45
N LEU A 567 34.65 41.59 -42.44
CA LEU A 567 33.74 41.82 -43.54
C LEU A 567 34.55 42.28 -44.75
N LEU A 568 34.48 41.50 -45.84
CA LEU A 568 35.20 41.81 -47.07
C LEU A 568 34.22 41.85 -48.22
N HIS A 569 34.24 42.94 -48.99
CA HIS A 569 33.31 43.15 -50.08
C HIS A 569 34.06 43.64 -51.31
N ARG A 570 33.75 43.05 -52.47
CA ARG A 570 34.45 43.38 -53.71
C ARG A 570 33.74 44.51 -54.44
N ARG A 571 34.52 45.36 -55.10
CA ARG A 571 33.99 46.52 -55.81
C ARG A 571 33.63 46.23 -57.27
N ARG A 572 33.93 45.03 -57.77
CA ARG A 572 33.61 44.58 -59.12
C ARG A 572 34.38 45.35 -60.19
N ILE A 573 34.66 44.68 -61.32
CA ILE A 573 35.20 45.31 -62.51
C ILE A 573 34.37 44.86 -63.70
N TYR A 574 34.36 45.70 -64.74
CA TYR A 574 33.51 45.46 -65.90
C TYR A 574 34.06 44.31 -66.74
N ASN A 575 33.17 43.42 -67.16
CA ASN A 575 33.58 42.29 -67.98
C ASN A 575 34.13 42.77 -69.31
N SER A 576 35.12 42.03 -69.83
CA SER A 576 35.77 42.44 -71.07
C SER A 576 34.79 42.43 -72.24
N ALA A 577 33.94 41.41 -72.32
CA ALA A 577 33.05 41.29 -73.48
C ALA A 577 31.79 42.14 -73.32
N GLU A 578 30.96 41.83 -72.32
CA GLU A 578 29.66 42.47 -72.21
C GLU A 578 29.01 42.20 -70.86
N GLU A 579 27.70 42.48 -70.77
CA GLU A 579 26.87 42.35 -69.58
C GLU A 579 27.20 43.41 -68.54
N CYS A 580 27.37 42.99 -67.29
CA CYS A 580 27.42 43.91 -66.15
C CYS A 580 28.76 43.77 -65.43
N TRP A 581 28.99 44.68 -64.49
CA TRP A 581 30.20 44.64 -63.67
C TRP A 581 30.15 43.42 -62.78
N MET A 582 31.01 42.44 -63.08
CA MET A 582 30.96 41.12 -62.47
C MET A 582 32.29 40.72 -61.84
N GLY A 583 33.22 41.66 -61.71
CA GLY A 583 34.52 41.34 -61.16
C GLY A 583 35.39 40.61 -62.16
N TRP A 584 36.49 40.06 -61.66
CA TRP A 584 37.32 39.23 -62.52
C TRP A 584 36.66 37.88 -62.78
N GLU A 585 35.92 37.38 -61.79
CA GLU A 585 35.11 36.17 -61.94
C GLU A 585 34.10 36.17 -60.80
N ARG A 586 32.97 35.50 -61.12
CA ARG A 586 31.80 35.53 -60.20
C ARG A 586 32.21 34.83 -58.93
N LYS A 587 33.09 33.85 -59.03
CA LYS A 587 33.42 33.26 -57.73
C LYS A 587 34.91 33.04 -57.71
N ARG A 588 35.38 32.04 -58.45
CA ARG A 588 36.83 31.91 -58.53
C ARG A 588 37.51 33.27 -58.39
N GLY A 589 36.89 34.33 -58.89
CA GLY A 589 37.41 35.67 -58.70
C GLY A 589 37.54 36.00 -57.24
N LYS A 590 36.42 36.23 -56.56
CA LYS A 590 36.47 36.50 -55.10
C LYS A 590 37.53 35.59 -54.48
N LEU A 591 37.45 34.29 -54.69
CA LEU A 591 38.41 33.40 -54.04
C LEU A 591 39.85 33.84 -54.29
N HIS A 592 40.18 34.20 -55.54
CA HIS A 592 41.55 34.54 -55.88
C HIS A 592 41.96 35.88 -55.27
N GLU A 593 41.20 36.94 -55.54
CA GLU A 593 41.54 38.23 -54.94
C GLU A 593 41.40 38.21 -53.42
N LEU A 594 40.77 37.19 -52.84
CA LEU A 594 40.99 36.94 -51.42
C LEU A 594 42.35 36.29 -51.17
N ASN A 595 42.77 35.40 -52.07
CA ASN A 595 44.02 34.68 -51.87
C ASN A 595 45.22 35.63 -51.86
N MET A 596 45.28 36.56 -52.83
CA MET A 596 46.36 37.54 -52.76
C MET A 596 46.18 38.50 -51.58
N LEU A 597 44.95 38.74 -51.15
CA LEU A 597 44.72 39.65 -50.03
C LEU A 597 45.40 39.15 -48.76
N LEU A 598 45.33 37.84 -48.51
CA LEU A 598 45.99 37.26 -47.35
C LEU A 598 47.50 37.13 -47.51
N ARG A 599 48.02 37.31 -48.73
CA ARG A 599 49.45 37.18 -49.00
C ARG A 599 50.15 38.54 -49.09
N GLY A 600 49.69 39.52 -48.32
CA GLY A 600 50.33 40.82 -48.31
C GLY A 600 50.24 41.60 -49.60
N ASP A 601 49.06 41.60 -50.24
CA ASP A 601 48.82 42.36 -51.45
C ASP A 601 47.81 43.46 -51.17
N LYS A 602 48.07 44.65 -51.70
CA LYS A 602 47.28 45.83 -51.36
C LYS A 602 46.54 46.47 -52.53
N ASP A 603 46.79 46.05 -53.78
CA ASP A 603 46.12 46.66 -54.91
C ASP A 603 44.79 45.98 -55.25
N THR A 604 44.38 44.98 -54.47
CA THR A 604 43.09 44.33 -54.70
C THR A 604 41.97 45.34 -54.57
N THR A 605 41.08 45.35 -55.56
CA THR A 605 40.01 46.35 -55.63
C THR A 605 38.74 45.85 -54.95
N PHE A 606 38.87 45.54 -53.66
CA PHE A 606 37.67 45.21 -52.87
C PHE A 606 36.95 46.46 -52.40
N LEU A 607 37.60 47.26 -51.56
CA LEU A 607 36.99 48.44 -50.96
C LEU A 607 38.00 49.10 -50.02
N GLY A 608 37.85 50.39 -49.76
CA GLY A 608 38.66 51.07 -48.75
C GLY A 608 37.99 51.00 -47.39
N GLY A 609 38.81 50.77 -46.37
CA GLY A 609 38.32 50.65 -45.01
C GLY A 609 38.08 49.21 -44.59
N SER A 610 37.12 48.55 -45.24
CA SER A 610 36.80 47.16 -44.93
C SER A 610 37.67 46.20 -45.74
N ASN A 611 38.98 46.36 -45.62
CA ASN A 611 39.96 45.56 -46.35
C ASN A 611 41.04 45.07 -45.40
N ILE A 612 40.64 44.54 -44.26
CA ILE A 612 41.55 44.10 -43.20
C ILE A 612 41.48 42.58 -43.11
N VAL A 613 42.64 41.95 -42.99
CA VAL A 613 42.72 40.49 -42.84
C VAL A 613 43.67 40.17 -41.69
N PRO A 614 43.47 39.08 -40.97
CA PRO A 614 44.34 38.74 -39.83
C PRO A 614 45.62 38.02 -40.24
N ALA A 615 46.51 38.78 -40.89
CA ALA A 615 47.88 38.35 -41.16
C ALA A 615 47.97 37.08 -42.01
N ASP A 616 48.42 35.98 -41.39
CA ASP A 616 48.83 34.81 -42.16
C ASP A 616 47.64 34.10 -42.78
N VAL A 617 46.71 33.62 -41.93
CA VAL A 617 45.57 32.77 -42.30
C VAL A 617 45.94 31.82 -43.43
N LYS A 618 46.66 30.75 -43.09
CA LYS A 618 47.14 29.81 -44.10
C LYS A 618 45.98 29.11 -44.81
N TYR A 619 44.94 28.75 -44.07
CA TYR A 619 43.82 28.00 -44.61
C TYR A 619 42.56 28.85 -44.63
N VAL A 620 41.65 28.52 -45.54
CA VAL A 620 40.39 29.23 -45.71
C VAL A 620 39.27 28.21 -45.88
N MET A 621 38.22 28.34 -45.08
CA MET A 621 37.01 27.56 -45.29
C MET A 621 36.25 28.09 -46.49
N THR A 622 35.82 27.18 -47.37
CA THR A 622 35.00 27.60 -48.51
C THR A 622 33.54 27.76 -48.10
N LEU A 623 32.89 26.67 -47.70
CA LEU A 623 31.56 26.68 -47.11
C LEU A 623 30.54 27.38 -48.02
N ASP A 624 29.34 27.67 -47.52
CA ASP A 624 28.35 28.44 -48.34
C ASP A 624 27.36 29.19 -47.45
N ALA A 625 26.42 29.94 -48.04
CA ALA A 625 25.55 30.83 -47.24
C ALA A 625 24.44 30.08 -46.54
N ASP A 626 24.32 28.80 -46.77
CA ASP A 626 23.19 28.00 -46.29
C ASP A 626 23.61 26.71 -45.59
N THR A 627 24.68 26.06 -46.06
CA THR A 627 25.10 24.80 -45.46
C THR A 627 25.59 25.02 -44.04
N ARG A 628 25.27 24.07 -43.16
CA ARG A 628 25.65 24.13 -41.76
C ARG A 628 26.78 23.14 -41.48
N LEU A 629 27.49 23.40 -40.39
CA LEU A 629 28.72 22.68 -40.05
C LEU A 629 28.50 21.82 -38.81
N MET A 630 29.13 20.64 -38.81
CA MET A 630 29.15 19.82 -37.61
C MET A 630 29.95 20.51 -36.50
N ARG A 631 29.59 20.23 -35.26
CA ARG A 631 30.30 20.82 -34.13
C ARG A 631 31.73 20.30 -34.08
N ASP A 632 32.69 21.24 -33.99
CA ASP A 632 34.11 20.91 -33.94
C ASP A 632 34.55 20.09 -35.15
N ALA A 633 33.90 20.29 -36.30
CA ALA A 633 34.27 19.54 -37.50
C ALA A 633 35.55 20.08 -38.11
N VAL A 634 35.72 21.41 -38.12
CA VAL A 634 36.90 22.01 -38.73
C VAL A 634 38.17 21.58 -38.01
N THR A 635 38.07 21.28 -36.71
CA THR A 635 39.23 20.78 -35.98
C THR A 635 39.75 19.47 -36.54
N LYS A 636 38.93 18.74 -37.30
CA LYS A 636 39.37 17.49 -37.91
C LYS A 636 40.05 17.73 -39.26
N LEU A 637 39.41 18.52 -40.14
CA LEU A 637 39.98 18.78 -41.45
C LEU A 637 41.31 19.53 -41.33
N VAL A 638 41.37 20.52 -40.44
CA VAL A 638 42.59 21.30 -40.29
C VAL A 638 43.74 20.42 -39.83
N GLY A 639 43.49 19.55 -38.84
CA GLY A 639 44.53 18.63 -38.39
C GLY A 639 44.96 17.67 -39.48
N LYS A 640 43.99 17.14 -40.23
CA LYS A 640 44.33 16.20 -41.29
C LYS A 640 45.20 16.86 -42.36
N MET A 641 44.89 18.10 -42.74
CA MET A 641 45.69 18.76 -43.76
C MET A 641 47.02 19.27 -43.20
N HIS A 642 47.08 19.61 -41.92
CA HIS A 642 48.34 20.00 -41.30
C HIS A 642 49.25 18.81 -41.03
N HIS A 643 48.72 17.60 -41.05
CA HIS A 643 49.55 16.42 -40.96
C HIS A 643 50.60 16.45 -42.07
N PRO A 644 51.89 16.24 -41.75
CA PRO A 644 52.93 16.37 -42.77
C PRO A 644 52.75 15.44 -43.97
N ILE A 645 52.16 14.26 -43.77
CA ILE A 645 51.95 13.33 -44.88
C ILE A 645 50.99 13.92 -45.89
N ASN A 646 49.99 14.67 -45.42
CA ASN A 646 48.98 15.27 -46.28
C ASN A 646 49.38 16.62 -46.84
N ARG A 647 50.54 17.15 -46.45
CA ARG A 647 50.95 18.47 -46.91
C ARG A 647 51.35 18.39 -48.39
N PRO A 648 50.87 19.31 -49.23
CA PRO A 648 51.23 19.27 -50.65
C PRO A 648 52.71 19.52 -50.87
N LYS A 649 53.24 18.95 -51.95
CA LYS A 649 54.64 19.09 -52.32
C LYS A 649 54.85 20.02 -53.51
N ILE A 650 53.97 19.95 -54.52
CA ILE A 650 54.02 20.77 -55.73
C ILE A 650 55.22 20.38 -56.59
N ASP A 651 54.97 20.01 -57.84
CA ASP A 651 56.03 19.60 -58.75
C ASP A 651 56.71 20.83 -59.35
N PRO A 652 58.03 21.00 -59.17
CA PRO A 652 58.69 22.17 -59.75
C PRO A 652 58.62 22.24 -61.27
N VAL A 653 58.64 21.09 -61.95
CA VAL A 653 58.61 21.09 -63.41
C VAL A 653 57.30 21.69 -63.92
N SER A 654 56.19 21.28 -63.31
CA SER A 654 54.86 21.82 -63.65
C SER A 654 53.99 21.64 -62.42
N GLY A 655 53.54 22.74 -61.84
CA GLY A 655 52.80 22.67 -60.59
C GLY A 655 51.50 21.91 -60.68
N ARG A 656 51.49 20.69 -60.12
CA ARG A 656 50.29 19.88 -60.09
C ARG A 656 50.18 19.06 -58.81
N VAL A 657 51.11 19.22 -57.86
CA VAL A 657 51.13 18.49 -56.61
C VAL A 657 51.14 16.99 -56.89
N VAL A 658 52.31 16.46 -57.25
CA VAL A 658 52.43 15.04 -57.58
C VAL A 658 52.13 14.19 -56.35
N GLU A 659 52.69 14.56 -55.20
CA GLU A 659 52.52 13.82 -53.95
C GLU A 659 52.10 14.81 -52.87
N GLY A 660 50.78 14.95 -52.69
CA GLY A 660 50.24 15.84 -51.68
C GLY A 660 48.75 16.06 -51.88
N TYR A 661 48.06 16.56 -50.86
CA TYR A 661 46.61 16.76 -50.90
C TYR A 661 46.32 18.22 -50.60
N GLY A 662 46.31 19.04 -51.65
CA GLY A 662 45.97 20.45 -51.47
C GLY A 662 44.52 20.65 -51.10
N LEU A 663 43.62 19.86 -51.65
CA LEU A 663 42.18 19.98 -51.44
C LEU A 663 41.66 18.76 -50.69
N LEU A 664 40.91 19.00 -49.62
CA LEU A 664 40.20 17.96 -48.89
C LEU A 664 38.71 18.27 -48.92
N GLN A 665 37.92 17.30 -49.35
CA GLN A 665 36.48 17.49 -49.51
C GLN A 665 35.73 16.59 -48.54
N PRO A 666 34.80 17.14 -47.76
CA PRO A 666 34.06 16.32 -46.79
C PRO A 666 32.77 15.76 -47.37
N ARG A 667 32.43 14.56 -46.89
CA ARG A 667 31.21 13.91 -47.35
C ARG A 667 29.98 14.69 -46.89
N VAL A 668 28.94 14.68 -47.71
CA VAL A 668 27.77 15.52 -47.53
C VAL A 668 26.52 14.65 -47.56
N THR A 669 25.62 14.89 -46.61
CA THR A 669 24.32 14.22 -46.58
C THR A 669 23.22 15.26 -46.48
N PRO A 670 22.13 15.07 -47.22
CA PRO A 670 21.05 16.08 -47.20
C PRO A 670 20.30 16.09 -45.88
N SER A 671 19.60 17.20 -45.65
CA SER A 671 18.80 17.35 -44.45
C SER A 671 17.50 16.57 -44.55
N LEU A 672 16.87 16.36 -43.40
CA LEU A 672 15.64 15.57 -43.36
C LEU A 672 14.48 16.35 -43.99
N THR A 673 14.31 17.61 -43.61
CA THR A 673 13.18 18.41 -44.06
C THR A 673 13.58 19.86 -44.15
N THR A 674 13.16 20.52 -45.23
CA THR A 674 13.45 21.93 -45.45
C THR A 674 12.53 22.77 -44.57
N GLY A 675 12.91 22.88 -43.30
CA GLY A 675 12.11 23.64 -42.36
C GLY A 675 10.74 23.02 -42.19
N LYS A 676 9.71 23.87 -42.26
CA LYS A 676 8.33 23.41 -42.16
C LYS A 676 7.72 23.16 -43.54
N ASP A 677 8.38 22.33 -44.34
CA ASP A 677 7.90 22.02 -45.69
C ASP A 677 8.53 20.72 -46.14
N ALA A 678 7.69 19.71 -46.43
CA ALA A 678 8.17 18.41 -46.89
C ALA A 678 7.13 17.84 -47.84
N SER A 679 7.37 17.98 -49.13
CA SER A 679 6.47 17.44 -50.15
C SER A 679 6.85 16.01 -50.50
N VAL A 680 5.93 15.34 -51.22
CA VAL A 680 6.21 13.99 -51.68
C VAL A 680 7.37 13.97 -52.66
N PHE A 681 7.57 15.08 -53.38
CA PHE A 681 8.72 15.18 -54.28
C PHE A 681 10.03 15.07 -53.52
N GLN A 682 10.09 15.65 -52.32
CA GLN A 682 11.28 15.56 -51.49
C GLN A 682 11.59 14.12 -51.11
N ARG A 683 10.54 13.34 -50.80
CA ARG A 683 10.75 11.99 -50.28
C ARG A 683 11.21 11.03 -51.36
N VAL A 684 10.87 11.29 -52.61
CA VAL A 684 11.06 10.28 -53.66
C VAL A 684 12.40 10.44 -54.40
N PHE A 685 12.90 11.67 -54.55
CA PHE A 685 14.14 11.92 -55.26
C PHE A 685 15.31 12.18 -54.33
N SER A 686 15.23 11.75 -53.08
CA SER A 686 16.36 11.83 -52.15
C SER A 686 16.28 10.63 -51.22
N ILE A 687 16.99 9.56 -51.59
CA ILE A 687 16.95 8.33 -50.79
C ILE A 687 17.84 8.46 -49.57
N ASN A 688 19.06 8.95 -49.76
CA ASN A 688 20.02 9.09 -48.66
C ASN A 688 19.62 10.31 -47.83
N ARG A 689 19.00 10.07 -46.69
CA ARG A 689 18.63 11.14 -45.77
C ARG A 689 18.96 10.71 -44.35
N GLY A 690 19.14 11.69 -43.48
CA GLY A 690 19.41 11.45 -42.08
C GLY A 690 20.88 11.28 -41.78
N ILE A 691 21.18 11.27 -40.48
CA ILE A 691 22.54 11.12 -39.98
C ILE A 691 22.60 9.84 -39.15
N ASP A 692 23.49 8.93 -39.55
CA ASP A 692 23.60 7.62 -38.89
C ASP A 692 24.82 7.58 -38.01
N PRO A 693 24.67 7.49 -36.69
CA PRO A 693 25.82 7.53 -35.81
C PRO A 693 26.77 6.35 -36.03
N TYR A 694 26.24 5.15 -36.27
CA TYR A 694 27.10 3.94 -36.37
C TYR A 694 28.04 3.97 -37.57
N VAL A 695 27.57 4.46 -38.73
CA VAL A 695 28.44 4.34 -39.93
C VAL A 695 29.76 5.05 -39.65
N PHE A 696 30.87 4.39 -39.94
CA PHE A 696 32.18 5.00 -39.61
C PHE A 696 32.67 5.67 -40.88
N THR A 697 32.87 4.87 -41.91
CA THR A 697 33.38 5.39 -43.17
C THR A 697 32.56 4.84 -44.32
N VAL A 698 32.31 5.69 -45.32
CA VAL A 698 31.59 5.29 -46.52
C VAL A 698 32.59 5.04 -47.64
N SER A 699 32.28 4.08 -48.50
CA SER A 699 33.13 3.71 -49.61
C SER A 699 32.66 4.40 -50.89
N ASP A 700 33.62 4.78 -51.73
CA ASP A 700 33.31 5.43 -52.99
C ASP A 700 34.15 4.81 -54.09
N VAL A 701 33.61 4.80 -55.30
CA VAL A 701 34.31 4.19 -56.43
C VAL A 701 35.54 5.00 -56.83
N TYR A 702 35.46 6.33 -56.76
CA TYR A 702 36.54 7.17 -57.27
C TYR A 702 37.76 7.15 -56.34
N GLN A 703 37.53 7.28 -55.04
CA GLN A 703 38.65 7.42 -54.11
C GLN A 703 39.40 6.11 -53.91
N ASP A 704 38.70 4.98 -53.90
CA ASP A 704 39.33 3.68 -53.68
C ASP A 704 39.96 3.11 -54.94
N LEU A 705 39.82 3.79 -56.08
CA LEU A 705 40.39 3.31 -57.32
C LEU A 705 41.34 4.29 -57.98
N THR A 706 41.27 5.58 -57.66
CA THR A 706 42.16 6.58 -58.24
C THR A 706 42.85 7.46 -57.21
N SER A 707 42.35 7.55 -55.98
CA SER A 707 42.88 8.39 -54.90
C SER A 707 42.65 9.88 -55.16
N GLU A 708 41.63 10.23 -55.96
CA GLU A 708 41.16 11.60 -56.07
C GLU A 708 39.65 11.62 -55.92
N GLY A 709 39.15 12.70 -55.32
CA GLY A 709 37.73 12.85 -55.11
C GLY A 709 37.10 13.92 -55.98
N THR A 710 36.02 14.52 -55.51
CA THR A 710 35.32 15.57 -56.25
C THR A 710 35.09 16.75 -55.34
N PHE A 711 35.69 17.90 -55.68
CA PHE A 711 35.49 19.15 -54.95
C PHE A 711 34.24 19.82 -55.52
N THR A 712 33.09 19.35 -55.05
CA THR A 712 31.81 19.80 -55.59
C THR A 712 31.58 21.29 -55.35
N GLY A 713 31.37 21.69 -54.10
CA GLY A 713 31.22 23.10 -53.81
C GLY A 713 31.94 23.58 -52.57
N LYS A 714 32.43 22.64 -51.75
CA LYS A 714 32.97 22.98 -50.44
C LYS A 714 34.20 22.13 -50.16
N GLY A 715 35.10 22.69 -49.34
CA GLY A 715 36.32 21.99 -49.00
C GLY A 715 37.32 22.93 -48.36
N LEU A 716 38.57 22.49 -48.32
CA LEU A 716 39.65 23.27 -47.74
C LEU A 716 40.87 23.21 -48.67
N TYR A 717 41.57 24.34 -48.78
CA TYR A 717 42.72 24.44 -49.67
C TYR A 717 43.82 25.25 -49.00
N ASP A 718 45.06 24.98 -49.41
CA ASP A 718 46.19 25.84 -49.05
C ASP A 718 46.24 27.03 -49.98
N VAL A 719 46.49 28.21 -49.41
CA VAL A 719 46.47 29.43 -50.21
C VAL A 719 47.56 29.40 -51.28
N ASP A 720 48.77 28.99 -50.90
CA ASP A 720 49.89 29.00 -51.85
C ASP A 720 49.70 27.98 -52.96
N ALA A 721 49.36 26.74 -52.59
CA ALA A 721 49.20 25.69 -53.58
C ALA A 721 48.03 25.98 -54.51
N PHE A 722 46.90 26.43 -53.95
CA PHE A 722 45.75 26.77 -54.78
C PHE A 722 46.08 27.93 -55.72
N GLU A 723 46.78 28.96 -55.20
CA GLU A 723 47.17 30.09 -56.03
C GLU A 723 48.04 29.64 -57.19
N ALA A 724 49.06 28.83 -56.90
CA ALA A 724 49.95 28.36 -57.96
C ALA A 724 49.18 27.55 -58.99
N ALA A 725 48.41 26.56 -58.53
CA ALA A 725 47.73 25.66 -59.44
C ALA A 725 46.72 26.40 -60.31
N LEU A 726 46.01 27.38 -59.74
CA LEU A 726 45.01 28.11 -60.52
C LEU A 726 45.65 29.13 -61.44
N LYS A 727 46.37 30.11 -60.87
CA LYS A 727 46.94 31.17 -61.68
C LYS A 727 47.94 30.65 -62.71
N GLY A 728 48.45 29.43 -62.53
CA GLY A 728 49.35 28.88 -63.54
C GLY A 728 48.66 28.59 -64.86
N ARG A 729 47.39 28.17 -64.81
CA ARG A 729 46.74 27.66 -66.01
C ARG A 729 45.37 28.26 -66.27
N ILE A 730 44.73 28.82 -65.25
CA ILE A 730 43.36 29.29 -65.39
C ILE A 730 43.31 30.49 -66.33
N GLU A 731 42.14 30.70 -66.93
CA GLU A 731 41.91 31.79 -67.86
C GLU A 731 40.55 32.41 -67.59
N GLU A 732 40.32 33.59 -68.16
CA GLU A 732 39.08 34.31 -67.95
C GLU A 732 37.94 33.63 -68.71
N ASN A 733 36.71 34.08 -68.42
CA ASN A 733 35.50 33.63 -69.10
C ASN A 733 35.31 32.11 -68.97
N SER A 734 35.03 31.70 -67.74
CA SER A 734 34.68 30.31 -67.45
C SER A 734 33.48 30.28 -66.51
N ILE A 735 32.60 29.31 -66.72
CA ILE A 735 31.39 29.13 -65.93
C ILE A 735 31.73 28.48 -64.59
N LEU A 736 30.80 28.47 -63.64
CA LEU A 736 31.16 27.98 -62.27
C LEU A 736 31.86 26.61 -62.30
N SER A 737 31.76 25.87 -63.40
CA SER A 737 32.36 24.54 -63.48
C SER A 737 33.83 24.53 -63.04
N HIS A 738 34.32 25.66 -62.51
CA HIS A 738 35.69 25.72 -62.01
C HIS A 738 35.95 24.62 -60.98
N ASP A 739 34.93 24.20 -60.24
CA ASP A 739 35.11 23.26 -59.14
C ASP A 739 35.80 21.98 -59.61
N LEU A 740 35.34 21.41 -60.73
CA LEU A 740 35.99 20.22 -61.27
C LEU A 740 37.43 20.52 -61.67
N LEU A 741 37.63 21.64 -62.37
CA LEU A 741 38.98 22.02 -62.77
C LEU A 741 39.86 22.30 -61.55
N GLU A 742 39.33 23.01 -60.56
CA GLU A 742 40.11 23.33 -59.37
C GLU A 742 40.50 22.06 -58.62
N GLY A 743 39.58 21.10 -58.51
CA GLY A 743 39.92 19.83 -57.91
C GLY A 743 40.94 19.05 -58.72
N SER A 744 40.88 19.17 -60.05
CA SER A 744 41.81 18.43 -60.90
C SER A 744 43.20 19.06 -60.88
N PHE A 745 43.30 20.35 -60.57
CA PHE A 745 44.60 21.03 -60.63
C PHE A 745 45.61 20.44 -59.66
N ALA A 746 45.38 20.58 -58.36
CA ALA A 746 46.33 20.06 -57.39
C ALA A 746 46.06 18.59 -57.08
N ARG A 747 44.93 18.31 -56.43
CA ARG A 747 44.49 16.96 -56.09
C ARG A 747 43.17 17.10 -55.32
N CYS A 748 42.57 15.96 -55.02
CA CYS A 748 41.38 15.92 -54.17
C CYS A 748 41.40 14.63 -53.37
N ALA A 749 40.62 14.62 -52.28
CA ALA A 749 40.54 13.44 -51.43
C ALA A 749 39.25 13.52 -50.62
N LEU A 750 38.37 12.55 -50.83
CA LEU A 750 37.11 12.47 -50.08
C LEU A 750 37.42 11.92 -48.69
N VAL A 751 37.43 12.81 -47.70
CA VAL A 751 37.75 12.39 -46.34
C VAL A 751 36.66 11.49 -45.78
N THR A 752 35.40 11.78 -46.11
CA THR A 752 34.25 11.00 -45.68
C THR A 752 34.15 10.87 -44.16
N ASP A 753 34.72 11.81 -43.42
CA ASP A 753 34.62 11.81 -41.97
C ASP A 753 34.08 13.11 -41.39
N VAL A 754 33.82 14.10 -42.24
CA VAL A 754 33.22 15.37 -41.84
C VAL A 754 31.96 15.58 -42.66
N GLU A 755 30.89 15.99 -41.98
CA GLU A 755 29.59 16.14 -42.61
C GLU A 755 29.21 17.61 -42.73
N LEU A 756 28.52 17.94 -43.82
CA LEU A 756 28.02 19.30 -44.06
C LEU A 756 26.62 19.17 -44.63
N VAL A 757 25.60 19.52 -43.84
CA VAL A 757 24.23 19.35 -44.29
C VAL A 757 23.88 20.37 -45.37
N GLU A 758 22.88 20.03 -46.17
CA GLU A 758 22.31 20.94 -47.15
C GLU A 758 20.85 20.56 -47.36
N ASP A 759 20.18 21.22 -48.30
CA ASP A 759 18.75 21.03 -48.52
C ASP A 759 18.50 20.71 -49.99
N PHE A 760 17.24 20.36 -50.27
CA PHE A 760 16.79 20.01 -51.60
C PHE A 760 15.51 20.79 -51.90
N PRO A 761 15.43 21.49 -53.02
CA PRO A 761 14.23 22.28 -53.32
C PRO A 761 12.99 21.41 -53.42
N THR A 762 11.87 21.94 -52.95
CA THR A 762 10.63 21.19 -52.89
C THR A 762 9.67 21.49 -54.04
N ARG A 763 9.77 22.67 -54.65
CA ARG A 763 8.92 23.04 -55.76
C ARG A 763 9.62 22.70 -57.08
N TYR A 764 8.88 22.07 -57.99
CA TYR A 764 9.45 21.55 -59.23
C TYR A 764 9.68 22.68 -60.24
N GLU A 765 10.51 23.64 -59.85
CA GLU A 765 10.90 24.73 -60.73
C GLU A 765 12.41 24.90 -60.78
N VAL A 766 13.07 24.67 -59.65
CA VAL A 766 14.50 24.94 -59.54
C VAL A 766 15.36 23.72 -59.85
N GLU A 767 14.82 22.51 -59.71
CA GLU A 767 15.62 21.30 -59.93
C GLU A 767 16.13 21.22 -61.36
N VAL A 768 15.23 21.42 -62.34
CA VAL A 768 15.66 21.45 -63.73
C VAL A 768 16.60 22.62 -63.97
N SER A 769 16.42 23.72 -63.25
CA SER A 769 17.33 24.86 -63.40
C SER A 769 18.76 24.47 -63.06
N ARG A 770 18.98 23.93 -61.86
CA ARG A 770 20.33 23.56 -61.46
C ARG A 770 20.86 22.42 -62.32
N GLN A 771 19.99 21.48 -62.72
CA GLN A 771 20.44 20.37 -63.54
C GLN A 771 20.94 20.86 -64.90
N HIS A 772 20.21 21.77 -65.55
CA HIS A 772 20.66 22.19 -66.87
C HIS A 772 21.85 23.15 -66.75
N ARG A 773 21.96 23.89 -65.65
CA ARG A 773 23.17 24.68 -65.45
C ARG A 773 24.40 23.78 -65.31
N TRP A 774 24.28 22.70 -64.56
CA TRP A 774 25.50 21.87 -64.48
C TRP A 774 25.73 21.16 -65.81
N ALA A 775 24.67 20.73 -66.52
CA ALA A 775 24.90 20.14 -67.84
C ALA A 775 25.60 21.14 -68.77
N ARG A 776 25.20 22.41 -68.71
CA ARG A 776 25.84 23.44 -69.52
C ARG A 776 27.30 23.60 -69.14
N GLY A 777 27.61 23.56 -67.84
CA GLY A 777 29.00 23.61 -67.41
C GLY A 777 29.80 22.41 -67.91
N ASP A 778 29.24 21.21 -67.79
CA ASP A 778 29.92 20.02 -68.26
C ASP A 778 30.19 20.09 -69.76
N TRP A 779 29.22 20.59 -70.53
CA TRP A 779 29.44 20.76 -71.97
C TRP A 779 30.47 21.84 -72.24
N GLN A 780 30.51 22.89 -71.41
CA GLN A 780 31.53 23.92 -71.53
C GLN A 780 32.92 23.38 -71.24
N LEU A 781 33.01 22.28 -70.49
CA LEU A 781 34.31 21.65 -70.23
C LEU A 781 34.82 20.82 -71.41
N LEU A 782 34.05 20.69 -72.48
CA LEU A 782 34.47 19.88 -73.63
C LEU A 782 35.77 20.34 -74.28
N PRO A 783 36.02 21.65 -74.49
CA PRO A 783 37.31 22.02 -75.11
C PRO A 783 38.53 21.53 -74.35
N PHE A 784 38.45 21.47 -73.01
CA PHE A 784 39.56 20.90 -72.24
C PHE A 784 39.73 19.42 -72.52
N ILE A 785 38.61 18.70 -72.71
CA ILE A 785 38.69 17.28 -73.05
C ILE A 785 39.34 17.09 -74.41
N ILE A 786 38.94 17.90 -75.39
CA ILE A 786 39.40 17.69 -76.76
C ILE A 786 40.82 18.20 -76.99
N ASP A 787 41.34 19.05 -76.10
CA ASP A 787 42.66 19.66 -76.27
C ASP A 787 43.65 18.97 -75.36
N ARG A 788 44.74 18.46 -75.95
CA ARG A 788 45.84 17.92 -75.15
C ARG A 788 46.65 19.01 -74.47
N ALA A 789 46.53 20.25 -74.94
CA ALA A 789 47.27 21.38 -74.36
C ALA A 789 46.57 21.83 -73.08
N ARG A 790 46.97 23.00 -72.58
CA ARG A 790 46.44 23.61 -71.35
C ARG A 790 46.81 22.66 -70.20
N GLY A 791 45.86 22.22 -69.39
CA GLY A 791 46.17 21.31 -68.28
C GLY A 791 44.92 20.50 -67.96
N VAL A 792 44.98 19.20 -68.21
CA VAL A 792 43.87 18.30 -67.91
C VAL A 792 44.40 16.90 -67.69
N THR A 793 43.83 16.21 -66.72
CA THR A 793 44.22 14.84 -66.42
C THR A 793 43.36 13.85 -67.19
N ALA A 794 43.96 12.71 -67.54
CA ALA A 794 43.23 11.69 -68.29
C ALA A 794 42.04 11.16 -67.49
N ILE A 795 42.24 10.93 -66.19
CA ILE A 795 41.13 10.55 -65.33
C ILE A 795 40.09 11.66 -65.26
N GLY A 796 40.54 12.91 -65.16
CA GLY A 796 39.60 14.03 -65.17
C GLY A 796 38.88 14.14 -66.50
N ARG A 797 39.61 13.94 -67.61
CA ARG A 797 38.95 13.90 -68.91
C ARG A 797 37.89 12.82 -68.94
N TRP A 798 38.19 11.66 -68.37
CA TRP A 798 37.21 10.57 -68.33
C TRP A 798 36.00 10.96 -67.50
N LYS A 799 36.20 11.69 -66.40
CA LYS A 799 35.06 12.07 -65.57
C LYS A 799 34.19 13.12 -66.25
N MET A 800 34.79 14.05 -67.01
CA MET A 800 33.95 14.95 -67.79
C MET A 800 33.23 14.22 -68.91
N VAL A 801 33.88 13.21 -69.52
CA VAL A 801 33.19 12.41 -70.52
C VAL A 801 32.01 11.66 -69.90
N ASP A 802 32.19 11.16 -68.67
CA ASP A 802 31.10 10.50 -67.97
C ASP A 802 29.97 11.49 -67.67
N ASN A 803 30.32 12.73 -67.30
CA ASN A 803 29.29 13.75 -67.08
C ASN A 803 28.51 14.02 -68.36
N LEU A 804 29.21 14.11 -69.49
CA LEU A 804 28.54 14.30 -70.77
C LEU A 804 27.63 13.11 -71.10
N ARG A 805 28.10 11.89 -70.78
CA ARG A 805 27.28 10.70 -71.01
C ARG A 805 26.01 10.75 -70.17
N ARG A 806 26.13 11.12 -68.89
CA ARG A 806 24.96 11.26 -68.03
C ARG A 806 24.01 12.31 -68.58
N SER A 807 24.55 13.41 -69.10
CA SER A 807 23.72 14.43 -69.73
C SER A 807 23.00 13.87 -70.95
N LEU A 808 23.68 13.04 -71.73
CA LEU A 808 23.13 12.56 -73.00
C LEU A 808 22.17 11.38 -72.84
N THR A 809 22.15 10.72 -71.68
CA THR A 809 21.26 9.57 -71.50
C THR A 809 19.78 9.85 -71.81
N PRO A 810 19.16 10.93 -71.32
CA PRO A 810 17.71 11.08 -71.59
C PRO A 810 17.40 11.37 -73.05
N ILE A 811 18.23 12.16 -73.71
CA ILE A 811 18.01 12.45 -75.12
C ILE A 811 18.10 11.17 -75.93
N ALA A 812 19.13 10.36 -75.64
CA ALA A 812 19.29 9.08 -76.31
C ALA A 812 18.07 8.20 -76.10
N TRP A 813 17.60 8.10 -74.86
CA TRP A 813 16.43 7.28 -74.57
C TRP A 813 15.21 7.76 -75.36
N PHE A 814 14.94 9.07 -75.33
CA PHE A 814 13.73 9.61 -75.94
C PHE A 814 13.76 9.46 -77.45
N PHE A 815 14.85 9.88 -78.10
CA PHE A 815 14.92 9.75 -79.55
C PHE A 815 15.01 8.29 -79.99
N ALA A 816 15.65 7.43 -79.19
CA ALA A 816 15.66 6.01 -79.51
C ALA A 816 14.24 5.45 -79.51
N SER A 817 13.44 5.81 -78.51
CA SER A 817 12.05 5.35 -78.50
C SER A 817 11.28 5.90 -79.70
N ILE A 818 11.49 7.19 -80.01
CA ILE A 818 10.76 7.81 -81.12
C ILE A 818 11.06 7.08 -82.43
N LEU A 819 12.33 6.81 -82.69
CA LEU A 819 12.69 6.10 -83.92
C LEU A 819 12.30 4.63 -83.84
N GLY A 820 12.25 4.05 -82.64
CA GLY A 820 11.95 2.65 -82.51
C GLY A 820 10.50 2.33 -82.82
N TRP A 821 9.56 3.13 -82.31
CA TRP A 821 8.18 2.82 -82.65
C TRP A 821 7.84 3.15 -84.10
N TYR A 822 8.70 3.88 -84.81
CA TYR A 822 8.44 4.26 -86.19
C TYR A 822 9.09 3.33 -87.20
N PHE A 823 10.43 3.19 -87.15
CA PHE A 823 11.15 2.48 -88.19
C PHE A 823 10.81 1.00 -88.21
N MET A 824 10.89 0.34 -87.05
CA MET A 824 10.60 -1.08 -87.00
C MET A 824 9.10 -1.35 -87.06
N ASP A 825 8.37 -0.86 -86.07
CA ASP A 825 6.93 -1.07 -85.95
C ASP A 825 6.50 -2.52 -86.14
N PRO A 826 7.08 -3.46 -85.35
CA PRO A 826 6.64 -4.85 -85.45
C PRO A 826 5.51 -5.16 -84.48
N LEU A 827 5.05 -6.41 -84.46
CA LEU A 827 4.07 -6.82 -83.46
C LEU A 827 4.69 -7.13 -82.12
N GLY A 828 6.01 -7.29 -82.06
CA GLY A 828 6.71 -7.56 -80.82
C GLY A 828 7.44 -6.36 -80.26
N ALA A 829 6.98 -5.16 -80.64
CA ALA A 829 7.61 -3.92 -80.19
C ALA A 829 7.50 -3.70 -78.69
N LEU A 830 6.61 -4.44 -78.00
CA LEU A 830 6.46 -4.26 -76.56
C LEU A 830 7.73 -4.68 -75.82
N ILE A 831 8.46 -5.66 -76.34
CA ILE A 831 9.62 -6.19 -75.64
C ILE A 831 10.71 -5.14 -75.54
N TRP A 832 10.90 -4.34 -76.58
CA TRP A 832 11.98 -3.36 -76.58
C TRP A 832 11.77 -2.29 -75.52
N GLN A 833 10.54 -1.77 -75.41
CA GLN A 833 10.24 -0.82 -74.34
C GLN A 833 10.29 -1.49 -72.97
N ILE A 834 9.96 -2.78 -72.92
CA ILE A 834 10.10 -3.52 -71.67
C ILE A 834 11.55 -3.53 -71.21
N LEU A 835 12.48 -3.78 -72.14
CA LEU A 835 13.90 -3.71 -71.79
C LEU A 835 14.33 -2.29 -71.47
N LEU A 836 13.77 -1.30 -72.16
CA LEU A 836 14.11 0.09 -71.89
C LEU A 836 13.76 0.48 -70.46
N ILE A 837 12.57 0.07 -70.00
CA ILE A 837 12.21 0.34 -68.61
C ILE A 837 12.89 -0.62 -67.64
N PHE A 838 13.31 -1.80 -68.10
CA PHE A 838 14.06 -2.71 -67.26
C PHE A 838 15.43 -2.15 -66.91
N SER A 839 16.06 -1.44 -67.86
CA SER A 839 17.32 -0.79 -67.56
C SER A 839 17.17 0.24 -66.46
N LEU A 840 16.10 1.04 -66.51
CA LEU A 840 15.86 2.05 -65.48
C LEU A 840 15.47 1.42 -64.15
N PHE A 841 14.79 0.27 -64.18
CA PHE A 841 14.57 -0.48 -62.94
C PHE A 841 15.89 -0.97 -62.36
N VAL A 842 16.80 -1.45 -63.22
CA VAL A 842 18.04 -2.04 -62.76
C VAL A 842 18.97 -0.98 -62.17
N ALA A 843 18.98 0.22 -62.75
CA ALA A 843 19.97 1.23 -62.38
C ALA A 843 20.03 1.52 -60.88
N PRO A 844 18.92 1.75 -60.16
CA PRO A 844 19.05 2.04 -58.73
C PRO A 844 19.04 0.81 -57.83
N THR A 845 18.49 -0.31 -58.33
CA THR A 845 18.18 -1.43 -57.45
C THR A 845 19.42 -2.20 -56.99
N LEU A 846 20.54 -2.11 -57.73
CA LEU A 846 21.73 -2.83 -57.32
C LEU A 846 22.28 -2.32 -55.99
N SER A 847 22.27 -1.01 -55.79
CA SER A 847 22.69 -0.46 -54.50
C SER A 847 21.74 -0.86 -53.38
N LEU A 848 20.46 -1.07 -53.71
CA LEU A 848 19.49 -1.50 -52.70
C LEU A 848 19.81 -2.88 -52.17
N LEU A 849 20.25 -3.79 -53.05
CA LEU A 849 20.56 -5.15 -52.64
C LEU A 849 21.74 -5.22 -51.69
N SER A 850 22.54 -4.16 -51.60
CA SER A 850 23.73 -4.16 -50.76
C SER A 850 23.43 -4.20 -49.26
N GLY A 851 22.16 -4.24 -48.88
CA GLY A 851 21.81 -4.31 -47.47
C GLY A 851 21.48 -5.71 -47.00
N LEU A 852 20.99 -6.55 -47.91
CA LEU A 852 20.60 -7.91 -47.58
C LEU A 852 21.74 -8.91 -47.74
N VAL A 853 22.92 -8.46 -48.16
CA VAL A 853 24.05 -9.39 -48.33
C VAL A 853 24.60 -9.77 -46.97
N PRO A 854 24.70 -11.06 -46.64
CA PRO A 854 25.20 -11.48 -45.33
C PRO A 854 26.71 -11.61 -45.23
N ARG A 855 27.44 -11.28 -46.30
CA ARG A 855 28.90 -11.39 -46.34
C ARG A 855 29.36 -12.80 -45.97
N SER A 856 28.78 -13.79 -46.67
CA SER A 856 29.11 -15.20 -46.50
C SER A 856 28.80 -15.67 -45.07
N THR A 857 27.52 -15.58 -44.73
CA THR A 857 26.92 -16.11 -43.49
C THR A 857 27.84 -15.91 -42.27
N ASP A 858 28.06 -14.63 -41.95
CA ASP A 858 28.86 -14.25 -40.79
C ASP A 858 28.33 -14.87 -39.51
N ILE A 859 27.12 -14.46 -39.10
CA ILE A 859 26.49 -14.96 -37.89
C ILE A 859 25.00 -15.15 -38.15
N VAL A 860 24.37 -15.92 -37.27
CA VAL A 860 22.91 -16.09 -37.34
C VAL A 860 22.23 -14.80 -36.90
N PRO A 861 21.28 -14.27 -37.67
CA PRO A 861 20.65 -13.01 -37.30
C PRO A 861 19.55 -13.20 -36.26
N GLN A 862 19.23 -12.10 -35.59
CA GLN A 862 18.12 -12.04 -34.65
C GLN A 862 16.87 -11.59 -35.39
N ALA A 863 15.80 -11.29 -34.65
CA ALA A 863 14.65 -10.63 -35.25
C ALA A 863 15.02 -9.22 -35.67
N HIS A 864 14.82 -8.91 -36.95
CA HIS A 864 15.28 -7.65 -37.50
C HIS A 864 14.31 -6.97 -38.46
N PHE A 865 13.11 -7.53 -38.66
CA PHE A 865 12.11 -6.99 -39.57
C PHE A 865 12.63 -6.97 -41.00
N PHE A 866 11.78 -6.57 -41.94
CA PHE A 866 12.22 -6.49 -43.33
C PHE A 866 12.01 -5.12 -43.95
N THR A 867 10.87 -4.48 -43.69
CA THR A 867 10.49 -3.15 -44.17
C THR A 867 10.95 -2.87 -45.60
N ILE A 868 10.88 -3.88 -46.47
CA ILE A 868 11.28 -3.67 -47.85
C ILE A 868 10.23 -2.92 -48.65
N TRP A 869 8.99 -2.87 -48.16
CA TRP A 869 7.92 -2.22 -48.91
C TRP A 869 8.20 -0.73 -49.08
N SER A 870 8.79 -0.09 -48.06
CA SER A 870 9.04 1.34 -48.15
C SER A 870 9.97 1.68 -49.31
N GLU A 871 11.13 1.02 -49.36
CA GLU A 871 12.07 1.33 -50.43
C GLU A 871 11.62 0.78 -51.78
N ILE A 872 10.85 -0.31 -51.80
CA ILE A 872 10.28 -0.78 -53.06
C ILE A 872 9.33 0.27 -53.64
N ARG A 873 8.44 0.80 -52.80
CA ARG A 873 7.54 1.86 -53.25
C ARG A 873 8.32 3.10 -53.67
N ALA A 874 9.34 3.46 -52.91
CA ALA A 874 10.14 4.64 -53.24
C ALA A 874 10.81 4.48 -54.60
N THR A 875 11.40 3.31 -54.86
CA THR A 875 12.06 3.07 -56.13
C THR A 875 11.04 3.08 -57.28
N ASN A 876 9.89 2.45 -57.08
CA ASN A 876 8.89 2.40 -58.14
C ASN A 876 8.39 3.80 -58.48
N ALA A 877 8.05 4.59 -57.44
CA ALA A 877 7.58 5.94 -57.67
C ALA A 877 8.65 6.82 -58.31
N GLN A 878 9.90 6.66 -57.87
CA GLN A 878 11.00 7.44 -58.44
C GLN A 878 11.19 7.13 -59.92
N VAL A 879 11.14 5.85 -60.28
CA VAL A 879 11.31 5.49 -61.69
C VAL A 879 10.14 5.99 -62.51
N ALA A 880 8.91 5.89 -61.97
CA ALA A 880 7.74 6.38 -62.70
C ALA A 880 7.84 7.89 -62.94
N LEU A 881 8.22 8.64 -61.91
CA LEU A 881 8.36 10.08 -62.08
C LEU A 881 9.49 10.41 -63.04
N ARG A 882 10.57 9.66 -63.01
CA ARG A 882 11.66 9.88 -63.95
C ARG A 882 11.19 9.67 -65.39
N ILE A 883 10.45 8.59 -65.64
CA ILE A 883 10.03 8.32 -67.01
C ILE A 883 8.90 9.25 -67.45
N VAL A 884 8.19 9.88 -66.53
CA VAL A 884 7.18 10.86 -66.96
C VAL A 884 7.73 12.28 -67.08
N PHE A 885 8.84 12.59 -66.42
CA PHE A 885 9.47 13.91 -66.56
C PHE A 885 10.69 13.90 -67.48
N ILE A 886 11.04 12.75 -68.05
CA ILE A 886 12.22 12.67 -68.91
C ILE A 886 12.07 13.55 -70.15
N ALA A 887 10.86 13.66 -70.70
CA ALA A 887 10.68 14.49 -71.88
C ALA A 887 10.93 15.96 -71.56
N ASP A 888 10.36 16.45 -70.47
CA ASP A 888 10.56 17.84 -70.08
C ASP A 888 12.03 18.12 -69.78
N ALA A 889 12.67 17.23 -69.02
CA ALA A 889 14.07 17.42 -68.69
C ALA A 889 14.92 17.42 -69.95
N ALA A 890 14.67 16.48 -70.87
CA ALA A 890 15.44 16.39 -72.10
C ALA A 890 15.26 17.64 -72.94
N CYS A 891 14.03 18.15 -73.06
CA CYS A 891 13.82 19.35 -73.86
C CYS A 891 14.57 20.54 -73.27
N MET A 892 14.42 20.76 -71.96
CA MET A 892 15.09 21.89 -71.32
C MET A 892 16.61 21.80 -71.45
N MET A 893 17.19 20.63 -71.16
CA MET A 893 18.63 20.60 -71.18
C MET A 893 19.20 20.38 -72.58
N THR A 894 18.38 20.00 -73.57
CA THR A 894 18.82 20.11 -74.96
C THR A 894 18.87 21.57 -75.39
N ASP A 895 17.89 22.37 -74.95
CA ASP A 895 18.02 23.82 -75.16
C ASP A 895 19.31 24.33 -74.52
N ALA A 896 19.60 23.87 -73.31
CA ALA A 896 20.84 24.26 -72.65
C ALA A 896 22.08 23.80 -73.42
N ILE A 897 22.03 22.57 -73.95
CA ILE A 897 23.17 22.03 -74.71
C ILE A 897 23.41 22.84 -75.97
N VAL A 898 22.33 23.20 -76.67
CA VAL A 898 22.45 24.01 -77.87
C VAL A 898 23.03 25.38 -77.53
N ARG A 899 22.55 25.99 -76.45
CA ARG A 899 23.07 27.28 -76.03
C ARG A 899 24.55 27.19 -75.69
N SER A 900 24.96 26.12 -75.01
CA SER A 900 26.37 25.95 -74.66
C SER A 900 27.23 25.71 -75.89
N LEU A 901 26.76 24.86 -76.81
CA LEU A 901 27.52 24.56 -78.01
C LEU A 901 27.67 25.77 -78.90
N TYR A 902 26.69 26.69 -78.88
CA TYR A 902 26.83 27.94 -79.61
C TYR A 902 28.06 28.70 -79.13
N ARG A 903 28.27 28.78 -77.82
CA ARG A 903 29.44 29.46 -77.28
C ARG A 903 30.72 28.64 -77.47
N LEU A 904 30.62 27.31 -77.45
CA LEU A 904 31.79 26.49 -77.71
C LEU A 904 32.32 26.69 -79.13
N LEU A 905 31.42 26.76 -80.11
CA LEU A 905 31.83 26.82 -81.51
C LEU A 905 32.02 28.27 -81.99
N VAL A 906 30.96 29.08 -81.93
CA VAL A 906 31.03 30.44 -82.43
C VAL A 906 31.80 31.37 -81.49
N SER A 907 32.01 30.95 -80.24
CA SER A 907 32.65 31.77 -79.21
C SER A 907 31.86 33.05 -78.96
N HIS A 908 30.62 32.87 -78.49
CA HIS A 908 29.74 33.97 -78.16
C HIS A 908 30.25 34.71 -76.91
N LYS A 909 29.51 35.75 -76.54
CA LYS A 909 29.80 36.54 -75.34
C LYS A 909 28.75 36.33 -74.26
N LEU A 910 27.94 35.29 -74.38
CA LEU A 910 26.85 35.02 -73.43
C LEU A 910 27.15 33.84 -72.53
N MET A 911 28.41 33.46 -72.38
CA MET A 911 28.77 32.22 -71.71
C MET A 911 29.09 32.40 -70.24
N LEU A 912 28.82 33.58 -69.67
CA LEU A 912 28.98 33.81 -68.24
C LEU A 912 27.64 34.09 -67.56
N GLU A 913 26.53 33.67 -68.19
CA GLU A 913 25.21 33.91 -67.63
C GLU A 913 24.96 32.99 -66.45
N TRP A 914 24.50 33.54 -65.33
CA TRP A 914 24.25 32.72 -64.11
C TRP A 914 22.76 32.34 -64.02
N ARG A 915 21.86 33.31 -63.96
CA ARG A 915 20.45 32.99 -63.78
C ARG A 915 19.50 33.84 -64.62
N THR A 916 19.98 34.87 -65.31
CA THR A 916 19.10 35.81 -66.01
C THR A 916 18.55 35.25 -67.32
N ALA A 917 18.65 33.94 -67.55
CA ALA A 917 18.05 33.34 -68.74
C ALA A 917 16.54 33.56 -68.74
N ALA A 918 16.02 33.99 -69.88
CA ALA A 918 14.61 34.33 -70.02
C ALA A 918 13.74 33.16 -70.47
N SER A 919 14.33 31.96 -70.61
CA SER A 919 13.55 30.81 -71.06
C SER A 919 12.48 30.44 -70.04
N MET A 920 12.87 30.32 -68.76
CA MET A 920 11.90 29.96 -67.73
C MET A 920 11.41 31.19 -66.98
N GLN A 921 12.33 32.00 -66.44
CA GLN A 921 12.06 33.22 -65.69
C GLN A 921 10.81 33.09 -64.80
N SER A 922 10.85 32.08 -63.94
CA SER A 922 9.73 31.83 -63.04
C SER A 922 9.59 32.96 -62.03
N SER A 923 8.37 33.47 -61.87
CA SER A 923 8.14 34.59 -60.97
C SER A 923 6.82 34.45 -60.19
N ALA A 924 6.30 33.24 -60.03
CA ALA A 924 5.03 33.05 -59.34
C ALA A 924 5.00 31.65 -58.75
N GLN A 925 4.04 31.42 -57.85
CA GLN A 925 3.87 30.12 -57.24
C GLN A 925 3.30 29.13 -58.25
N GLY A 926 3.43 27.84 -57.92
CA GLY A 926 3.00 26.81 -58.84
C GLY A 926 1.50 26.75 -59.01
N SER A 927 1.08 26.38 -60.21
CA SER A 927 -0.34 26.23 -60.54
C SER A 927 -0.44 25.44 -61.83
N ILE A 928 -1.52 24.64 -61.95
CA ILE A 928 -1.73 23.87 -63.17
C ILE A 928 -1.92 24.80 -64.37
N VAL A 929 -2.56 25.95 -64.15
CA VAL A 929 -2.71 26.94 -65.22
C VAL A 929 -1.39 27.58 -65.59
N ASP A 930 -0.32 27.33 -64.84
CA ASP A 930 0.98 27.94 -65.07
C ASP A 930 1.96 26.98 -65.74
N TYR A 931 2.07 25.75 -65.25
CA TYR A 931 3.01 24.80 -65.84
C TYR A 931 2.66 24.48 -67.29
N TYR A 932 1.36 24.32 -67.58
CA TYR A 932 0.95 23.99 -68.95
C TYR A 932 1.34 25.10 -69.92
N ARG A 933 1.18 26.35 -69.52
CA ARG A 933 1.54 27.46 -70.40
C ARG A 933 3.04 27.64 -70.49
N GLN A 934 3.76 27.49 -69.37
CA GLN A 934 5.20 27.77 -69.37
C GLN A 934 5.99 26.67 -70.07
N MET A 935 5.56 25.41 -69.99
CA MET A 935 6.32 24.34 -70.63
C MET A 935 6.00 24.25 -72.11
N TRP A 936 4.76 23.87 -72.44
CA TRP A 936 4.16 24.02 -73.77
C TRP A 936 5.00 23.41 -74.90
N HIS A 937 6.07 22.71 -74.56
CA HIS A 937 7.01 22.22 -75.57
C HIS A 937 7.10 20.70 -75.62
N ALA A 938 7.40 20.05 -74.49
CA ALA A 938 7.58 18.60 -74.50
C ALA A 938 6.30 17.83 -74.84
N PRO A 939 5.14 18.12 -74.25
CA PRO A 939 3.92 17.40 -74.68
C PRO A 939 3.59 17.64 -76.14
N VAL A 940 3.82 18.85 -76.65
CA VAL A 940 3.55 19.14 -78.06
C VAL A 940 4.47 18.32 -78.96
N VAL A 941 5.76 18.27 -78.61
CA VAL A 941 6.70 17.47 -79.39
C VAL A 941 6.32 16.00 -79.36
N ALA A 942 5.95 15.50 -78.18
CA ALA A 942 5.59 14.09 -78.05
C ALA A 942 4.36 13.75 -78.89
N MET A 943 3.32 14.60 -78.82
CA MET A 943 2.11 14.32 -79.59
C MET A 943 2.35 14.46 -81.09
N LEU A 944 3.17 15.43 -81.50
CA LEU A 944 3.50 15.57 -82.91
C LEU A 944 4.27 14.35 -83.41
N GLY A 945 5.23 13.86 -82.62
CA GLY A 945 5.95 12.66 -83.00
C GLY A 945 5.05 11.44 -83.09
N LEU A 946 4.13 11.30 -82.12
CA LEU A 946 3.20 10.18 -82.17
C LEU A 946 2.30 10.24 -83.40
N LEU A 947 1.80 11.44 -83.73
CA LEU A 947 0.97 11.58 -84.92
C LEU A 947 1.76 11.29 -86.19
N PHE A 948 3.02 11.73 -86.24
CA PHE A 948 3.84 11.51 -87.43
C PHE A 948 4.18 10.05 -87.61
N ALA A 949 4.47 9.33 -86.52
CA ALA A 949 4.91 7.95 -86.58
C ALA A 949 3.79 6.95 -86.36
N ALA A 950 2.54 7.39 -86.24
CA ALA A 950 1.43 6.48 -85.97
C ALA A 950 0.82 5.93 -87.26
N LEU A 951 0.54 6.81 -88.22
CA LEU A 951 -0.09 6.35 -89.47
C LEU A 951 0.77 5.36 -90.24
N PRO A 952 2.07 5.59 -90.47
CA PRO A 952 2.88 4.56 -91.14
C PRO A 952 2.94 3.28 -90.31
N GLY A 953 2.90 2.15 -91.00
CA GLY A 953 2.96 0.86 -90.35
C GLY A 953 1.62 0.38 -89.81
N ASP A 954 0.82 1.32 -89.30
CA ASP A 954 -0.50 1.03 -88.74
C ASP A 954 -0.42 0.03 -87.60
N ASN A 955 0.68 0.04 -86.86
CA ASN A 955 0.83 -0.80 -85.68
C ASN A 955 1.51 -0.12 -84.51
N ALA A 956 1.86 1.16 -84.63
CA ALA A 956 2.53 1.88 -83.56
C ALA A 956 1.58 2.64 -82.65
N PHE A 957 0.28 2.66 -82.97
CA PHE A 957 -0.66 3.40 -82.13
C PHE A 957 -0.94 2.67 -80.83
N LEU A 958 -1.07 1.34 -80.89
CA LEU A 958 -1.38 0.57 -79.68
C LEU A 958 -0.28 0.70 -78.64
N ILE A 959 0.98 0.59 -79.07
CA ILE A 959 2.10 0.74 -78.15
C ILE A 959 2.26 2.20 -77.73
N GLY A 960 1.96 3.13 -78.64
CA GLY A 960 2.26 4.53 -78.37
C GLY A 960 1.26 5.25 -77.49
N ILE A 961 -0.02 4.88 -77.57
CA ILE A 961 -1.07 5.64 -76.87
C ILE A 961 -0.85 5.68 -75.37
N PRO A 962 -0.65 4.56 -74.66
CA PRO A 962 -0.48 4.66 -73.20
C PRO A 962 0.74 5.46 -72.80
N PHE A 963 1.88 5.20 -73.45
CA PHE A 963 3.11 5.92 -73.13
C PHE A 963 2.99 7.41 -73.43
N THR A 964 2.44 7.77 -74.60
CA THR A 964 2.30 9.18 -74.92
C THR A 964 1.33 9.86 -73.95
N LEU A 965 0.26 9.18 -73.56
CA LEU A 965 -0.61 9.73 -72.53
C LEU A 965 0.13 9.91 -71.22
N LEU A 966 1.10 9.04 -70.92
CA LEU A 966 1.92 9.22 -69.73
C LEU A 966 2.78 10.48 -69.84
N TRP A 967 3.42 10.68 -71.00
CA TRP A 967 4.29 11.86 -71.13
C TRP A 967 3.48 13.15 -71.13
N VAL A 968 2.34 13.19 -71.82
CA VAL A 968 1.63 14.46 -71.96
C VAL A 968 1.11 14.96 -70.61
N LEU A 969 0.78 14.06 -69.70
CA LEU A 969 0.33 14.46 -68.36
C LEU A 969 1.52 14.65 -67.41
N SER A 970 2.52 15.40 -67.88
CA SER A 970 3.69 15.72 -67.07
C SER A 970 3.44 16.89 -66.12
N PRO A 971 2.87 18.01 -66.57
CA PRO A 971 2.63 19.12 -65.63
C PRO A 971 1.67 18.77 -64.50
N ALA A 972 0.71 17.86 -64.74
CA ALA A 972 -0.27 17.53 -63.70
C ALA A 972 0.40 16.85 -62.51
N VAL A 973 1.21 15.82 -62.76
CA VAL A 973 1.87 15.12 -61.68
C VAL A 973 2.93 16.00 -61.02
N ALA A 974 3.58 16.87 -61.81
CA ALA A 974 4.54 17.81 -61.23
C ALA A 974 3.84 18.77 -60.27
N TRP A 975 2.68 19.29 -60.65
CA TRP A 975 1.91 20.15 -59.75
C TRP A 975 1.45 19.39 -58.52
N TYR A 976 1.04 18.13 -58.70
CA TYR A 976 0.61 17.34 -57.55
C TYR A 976 1.75 17.12 -56.56
N VAL A 977 2.95 16.84 -57.07
CA VAL A 977 4.09 16.60 -56.18
C VAL A 977 4.73 17.88 -55.67
N SER A 978 4.41 19.03 -56.27
CA SER A 978 4.92 20.29 -55.76
C SER A 978 4.11 20.83 -54.59
N GLN A 979 2.93 20.27 -54.33
CA GLN A 979 2.10 20.76 -53.25
C GLN A 979 2.74 20.43 -51.89
N SER A 980 2.42 21.26 -50.90
CA SER A 980 2.95 21.09 -49.56
C SER A 980 2.23 19.97 -48.83
N ALA A 981 2.93 19.37 -47.87
CA ALA A 981 2.38 18.30 -47.05
C ALA A 981 2.68 18.58 -45.58
N GLU A 982 1.90 17.95 -44.72
CA GLU A 982 1.96 18.20 -43.28
C GLU A 982 2.83 17.15 -42.60
N THR A 983 3.73 17.60 -41.73
CA THR A 983 4.55 16.67 -40.95
C THR A 983 4.29 16.79 -39.46
N GLU A 984 4.54 17.94 -38.83
CA GLU A 984 4.23 18.13 -37.42
C GLU A 984 3.70 19.51 -37.07
N ASP A 985 3.64 20.45 -38.01
CA ASP A 985 3.19 21.80 -37.69
C ASP A 985 2.24 22.40 -38.70
N ARG A 986 2.11 21.85 -39.90
CA ARG A 986 1.13 22.30 -40.88
C ARG A 986 0.00 21.29 -41.04
N LEU A 987 -0.31 20.57 -39.96
CA LEU A 987 -1.36 19.56 -40.00
C LEU A 987 -2.70 20.20 -40.33
N PHE A 988 -3.48 19.52 -41.16
CA PHE A 988 -4.79 20.03 -41.56
C PHE A 988 -5.80 19.70 -40.47
N VAL A 989 -6.30 20.74 -39.80
CA VAL A 989 -7.14 20.58 -38.63
C VAL A 989 -8.56 21.08 -38.85
N SER A 990 -8.82 21.86 -39.91
CA SER A 990 -10.13 22.44 -40.18
C SER A 990 -10.52 23.42 -39.09
N GLU A 991 -11.83 23.67 -38.93
CA GLU A 991 -12.33 24.68 -38.01
C GLU A 991 -12.95 24.10 -36.75
N HIS A 992 -13.83 23.11 -36.89
CA HIS A 992 -14.55 22.61 -35.72
C HIS A 992 -13.60 22.02 -34.69
N VAL A 993 -12.61 21.24 -35.13
CA VAL A 993 -11.64 20.69 -34.20
C VAL A 993 -10.83 21.80 -33.54
N SER A 994 -10.35 22.75 -34.35
CA SER A 994 -9.60 23.87 -33.81
C SER A 994 -10.46 24.73 -32.89
N PHE A 995 -11.72 24.94 -33.27
CA PHE A 995 -12.62 25.73 -32.44
C PHE A 995 -12.81 25.09 -31.08
N GLU A 996 -13.03 23.78 -31.05
CA GLU A 996 -13.21 23.10 -29.76
C GLU A 996 -11.92 23.10 -28.95
N LEU A 997 -10.77 22.95 -29.62
CA LEU A 997 -9.50 22.99 -28.91
C LEU A 997 -9.28 24.34 -28.25
N ARG A 998 -9.54 25.42 -29.00
CA ARG A 998 -9.40 26.76 -28.44
C ARG A 998 -10.39 26.99 -27.31
N LYS A 999 -11.62 26.47 -27.46
CA LYS A 999 -12.62 26.58 -26.41
C LYS A 999 -12.15 25.89 -25.14
N ILE A 1000 -11.60 24.68 -25.27
CA ILE A 1000 -11.10 23.94 -24.11
C ILE A 1000 -9.95 24.69 -23.46
N ALA A 1001 -9.04 25.24 -24.26
CA ALA A 1001 -7.92 25.98 -23.69
C ALA A 1001 -8.41 27.21 -22.93
N ARG A 1002 -9.35 27.96 -23.52
CA ARG A 1002 -9.86 29.15 -22.84
C ARG A 1002 -10.57 28.78 -21.54
N ARG A 1003 -11.34 27.69 -21.54
CA ARG A 1003 -11.98 27.24 -20.31
C ARG A 1003 -10.96 26.84 -19.27
N THR A 1004 -9.89 26.16 -19.69
CA THR A 1004 -8.85 25.76 -18.76
C THR A 1004 -8.11 26.96 -18.18
N TRP A 1005 -8.02 28.05 -18.95
CA TRP A 1005 -7.26 29.21 -18.51
C TRP A 1005 -7.86 29.92 -17.30
N ARG A 1006 -9.12 29.65 -16.96
CA ARG A 1006 -9.75 30.33 -15.83
C ARG A 1006 -9.00 30.07 -14.52
N TYR A 1007 -8.29 28.95 -14.44
CA TYR A 1007 -7.54 28.62 -13.23
C TYR A 1007 -6.52 29.69 -12.89
N TYR A 1008 -5.79 30.18 -13.90
CA TYR A 1008 -4.72 31.14 -13.65
C TYR A 1008 -5.28 32.50 -13.22
N GLU A 1009 -6.38 32.93 -13.81
CA GLU A 1009 -7.04 34.13 -13.32
C GLU A 1009 -7.53 33.96 -11.89
N ALA A 1010 -8.13 32.80 -11.60
CA ALA A 1010 -8.71 32.58 -10.28
C ALA A 1010 -7.65 32.56 -9.19
N PHE A 1011 -6.50 31.95 -9.45
CA PHE A 1011 -5.52 31.67 -8.41
C PHE A 1011 -4.22 32.46 -8.58
N VAL A 1012 -4.28 33.67 -9.12
CA VAL A 1012 -3.12 34.56 -9.20
C VAL A 1012 -3.57 35.96 -8.82
N THR A 1013 -3.13 36.44 -7.65
CA THR A 1013 -3.36 37.80 -7.20
C THR A 1013 -2.27 38.12 -6.18
N PRO A 1014 -1.69 39.31 -6.19
CA PRO A 1014 -0.42 39.51 -5.47
C PRO A 1014 -0.55 39.41 -3.96
N GLN A 1015 -0.05 38.29 -3.44
CA GLN A 1015 0.05 38.03 -2.01
C GLN A 1015 1.41 37.37 -1.73
N GLU A 1016 2.47 37.99 -2.26
CA GLU A 1016 3.74 37.30 -2.53
C GLU A 1016 3.53 36.21 -3.56
N ASN A 1017 2.54 36.42 -4.41
CA ASN A 1017 2.06 35.50 -5.42
C ASN A 1017 2.79 35.77 -6.74
N HIS A 1018 2.18 35.36 -7.85
CA HIS A 1018 2.77 35.23 -9.19
C HIS A 1018 3.62 33.97 -9.20
N LEU A 1019 3.21 33.01 -8.38
CA LEU A 1019 3.70 31.64 -8.41
C LEU A 1019 2.49 30.73 -8.46
N PRO A 1020 2.44 29.77 -9.37
CA PRO A 1020 1.30 28.85 -9.43
C PRO A 1020 1.09 28.14 -8.10
N PRO A 1021 -0.15 27.97 -7.67
CA PRO A 1021 -0.41 27.41 -6.34
C PRO A 1021 -0.47 25.89 -6.32
N ASP A 1022 0.02 25.24 -7.37
CA ASP A 1022 0.08 23.77 -7.45
C ASP A 1022 -1.36 23.23 -7.41
N ASN A 1023 -1.56 22.11 -6.71
CA ASN A 1023 -2.84 21.43 -6.72
C ASN A 1023 -3.88 22.22 -5.91
N PHE A 1024 -5.15 21.87 -6.12
CA PHE A 1024 -6.25 22.53 -5.43
C PHE A 1024 -7.45 21.58 -5.43
N GLN A 1025 -7.86 21.13 -4.26
CA GLN A 1025 -9.03 20.26 -4.16
C GLN A 1025 -10.30 21.07 -4.35
N GLU A 1026 -11.39 20.35 -4.66
CA GLU A 1026 -12.67 20.99 -4.92
C GLU A 1026 -13.78 20.55 -3.96
N THR A 1027 -13.97 19.24 -3.79
CA THR A 1027 -15.12 18.76 -3.02
C THR A 1027 -14.93 18.91 -1.52
N PRO A 1028 -13.90 18.32 -0.90
CA PRO A 1028 -13.87 18.33 0.58
C PRO A 1028 -13.25 19.60 1.17
N GLU A 1029 -14.06 20.66 1.25
CA GLU A 1029 -13.65 21.94 1.81
C GLU A 1029 -12.44 22.46 1.05
N PRO A 1030 -12.63 22.97 -0.16
CA PRO A 1030 -11.50 23.24 -1.06
C PRO A 1030 -10.44 24.14 -0.43
N ILE A 1031 -9.19 23.72 -0.55
CA ILE A 1031 -8.03 24.45 -0.02
C ILE A 1031 -6.95 24.49 -1.08
N VAL A 1032 -6.01 25.42 -0.91
CA VAL A 1032 -4.89 25.60 -1.82
C VAL A 1032 -3.61 25.25 -1.07
N ALA A 1033 -2.77 24.41 -1.69
CA ALA A 1033 -1.49 24.02 -1.12
C ALA A 1033 -0.43 24.96 -1.67
N SER A 1034 0.01 25.93 -0.86
CA SER A 1034 0.94 26.94 -1.31
C SER A 1034 2.35 26.39 -1.44
N ARG A 1035 2.57 25.54 -2.45
CA ARG A 1035 3.88 25.01 -2.77
C ARG A 1035 4.16 25.26 -4.24
N THR A 1036 5.38 25.67 -4.55
CA THR A 1036 5.75 26.11 -5.89
C THR A 1036 6.96 25.32 -6.39
N SER A 1037 6.94 24.98 -7.68
CA SER A 1037 8.02 24.28 -8.35
C SER A 1037 8.47 25.07 -9.57
N PRO A 1038 9.75 24.98 -9.94
CA PRO A 1038 10.20 25.69 -11.15
C PRO A 1038 9.47 25.27 -12.42
N THR A 1039 9.09 24.00 -12.52
CA THR A 1039 8.29 23.56 -13.67
C THR A 1039 6.97 24.32 -13.73
N ASN A 1040 6.37 24.59 -12.57
CA ASN A 1040 5.14 25.39 -12.53
C ASN A 1040 5.39 26.79 -13.09
N ILE A 1041 6.51 27.40 -12.71
CA ILE A 1041 6.84 28.74 -13.22
C ILE A 1041 7.00 28.69 -14.75
N GLY A 1042 7.71 27.69 -15.24
CA GLY A 1042 7.93 27.60 -16.68
C GLY A 1042 6.63 27.42 -17.45
N VAL A 1043 5.78 26.50 -16.99
CA VAL A 1043 4.52 26.26 -17.68
C VAL A 1043 3.60 27.47 -17.56
N TYR A 1044 3.66 28.20 -16.44
CA TYR A 1044 2.87 29.41 -16.31
C TYR A 1044 3.32 30.48 -17.29
N LEU A 1045 4.64 30.63 -17.47
CA LEU A 1045 5.14 31.59 -18.45
C LEU A 1045 4.74 31.21 -19.87
N LEU A 1046 4.85 29.93 -20.21
CA LEU A 1046 4.41 29.49 -21.52
C LEU A 1046 2.91 29.73 -21.70
N SER A 1047 2.13 29.50 -20.65
CA SER A 1047 0.69 29.74 -20.72
C SER A 1047 0.38 31.22 -20.92
N VAL A 1048 1.15 32.11 -20.27
CA VAL A 1048 0.94 33.53 -20.46
C VAL A 1048 1.25 33.93 -21.89
N ILE A 1049 2.34 33.40 -22.45
CA ILE A 1049 2.68 33.69 -23.84
C ILE A 1049 1.59 33.20 -24.77
N SER A 1050 1.10 31.97 -24.53
CA SER A 1050 0.03 31.43 -25.36
C SER A 1050 -1.25 32.26 -25.25
N ALA A 1051 -1.58 32.72 -24.04
CA ALA A 1051 -2.77 33.53 -23.85
C ALA A 1051 -2.65 34.85 -24.59
N ARG A 1052 -1.47 35.47 -24.57
CA ARG A 1052 -1.27 36.68 -25.35
C ARG A 1052 -1.41 36.40 -26.83
N GLN A 1053 -0.90 35.26 -27.30
CA GLN A 1053 -1.05 34.90 -28.71
C GLN A 1053 -2.52 34.73 -29.08
N PHE A 1054 -3.31 34.12 -28.20
CA PHE A 1054 -4.73 33.93 -28.46
C PHE A 1054 -5.51 35.22 -28.37
N GLY A 1055 -4.95 36.27 -27.76
CA GLY A 1055 -5.66 37.52 -27.60
C GLY A 1055 -6.56 37.59 -26.39
N TRP A 1056 -6.54 36.58 -25.52
CA TRP A 1056 -7.38 36.60 -24.32
C TRP A 1056 -7.03 37.75 -23.40
N ILE A 1057 -5.81 38.29 -23.48
CA ILE A 1057 -5.36 39.34 -22.60
C ILE A 1057 -4.80 40.48 -23.44
N SER A 1058 -4.73 41.65 -22.80
CA SER A 1058 -4.25 42.86 -23.47
C SER A 1058 -2.74 42.82 -23.57
N PHE A 1059 -2.14 43.91 -24.05
CA PHE A 1059 -0.70 43.99 -24.19
C PHE A 1059 -0.02 44.46 -22.92
N ALA A 1060 -0.69 45.28 -22.11
CA ALA A 1060 -0.11 45.74 -20.86
C ALA A 1060 -0.14 44.66 -19.78
N ASP A 1061 -1.19 43.85 -19.77
CA ASP A 1061 -1.30 42.80 -18.75
C ASP A 1061 -0.18 41.77 -18.88
N THR A 1062 0.18 41.42 -20.12
CA THR A 1062 1.28 40.50 -20.33
C THR A 1062 2.58 41.06 -19.76
N LEU A 1063 2.84 42.35 -20.02
CA LEU A 1063 4.04 42.98 -19.48
C LEU A 1063 4.02 42.98 -17.96
N GLU A 1064 2.86 43.30 -17.36
CA GLU A 1064 2.77 43.31 -15.90
C GLU A 1064 3.04 41.93 -15.32
N ARG A 1065 2.43 40.89 -15.91
CA ARG A 1065 2.62 39.53 -15.41
C ARG A 1065 4.07 39.09 -15.54
N ILE A 1066 4.68 39.37 -16.69
CA ILE A 1066 6.07 38.94 -16.91
C ILE A 1066 7.01 39.68 -15.96
N GLU A 1067 6.80 40.99 -15.79
CA GLU A 1067 7.65 41.75 -14.87
C GLU A 1067 7.51 41.22 -13.44
N ASN A 1068 6.27 40.94 -13.01
CA ASN A 1068 6.08 40.41 -11.66
C ASN A 1068 6.76 39.06 -11.49
N THR A 1069 6.62 38.18 -12.47
CA THR A 1069 7.25 36.86 -12.36
C THR A 1069 8.77 36.98 -12.33
N ILE A 1070 9.34 37.85 -13.16
CA ILE A 1070 10.78 38.02 -13.19
C ILE A 1070 11.28 38.59 -11.86
N GLN A 1071 10.57 39.58 -11.32
CA GLN A 1071 10.97 40.12 -10.02
C GLN A 1071 10.89 39.05 -8.93
N THR A 1072 9.84 38.24 -8.95
CA THR A 1072 9.69 37.21 -7.93
C THR A 1072 10.80 36.16 -8.04
N VAL A 1073 11.15 35.75 -9.26
CA VAL A 1073 12.19 34.74 -9.40
C VAL A 1073 13.58 35.32 -9.14
N GLU A 1074 13.75 36.64 -9.32
CA GLU A 1074 15.02 37.25 -8.94
C GLU A 1074 15.15 37.33 -7.42
N LYS A 1075 14.09 37.75 -6.73
CA LYS A 1075 14.09 37.75 -5.28
C LYS A 1075 14.05 36.33 -4.70
N MET A 1076 13.79 35.34 -5.54
CA MET A 1076 13.76 33.95 -5.10
C MET A 1076 15.18 33.45 -4.84
N GLU A 1077 15.41 32.88 -3.66
CA GLU A 1077 16.74 32.46 -3.27
C GLU A 1077 17.21 31.29 -4.14
N LYS A 1078 18.53 31.25 -4.36
CA LYS A 1078 19.11 30.29 -5.30
C LYS A 1078 20.37 29.67 -4.70
N HIS A 1079 20.71 28.49 -5.20
CA HIS A 1079 21.96 27.80 -4.87
C HIS A 1079 22.77 27.65 -6.15
N ARG A 1080 23.82 28.46 -6.28
CA ARG A 1080 24.67 28.47 -7.47
C ARG A 1080 23.85 28.64 -8.74
N GLY A 1081 22.85 29.52 -8.67
CA GLY A 1081 21.94 29.77 -9.76
C GLY A 1081 20.76 28.81 -9.82
N HIS A 1082 20.95 27.57 -9.38
CA HIS A 1082 19.87 26.59 -9.39
C HIS A 1082 18.82 26.93 -8.34
N LEU A 1083 17.63 26.38 -8.53
CA LEU A 1083 16.51 26.55 -7.62
C LEU A 1083 16.22 25.25 -6.89
N TYR A 1084 15.84 25.35 -5.62
CA TYR A 1084 15.59 24.17 -4.80
C TYR A 1084 14.32 23.46 -5.28
N ASN A 1085 14.14 22.23 -4.78
CA ASN A 1085 13.04 21.40 -5.24
C ASN A 1085 11.68 22.00 -4.89
N TRP A 1086 11.52 22.50 -3.67
CA TRP A 1086 10.24 22.97 -3.20
C TRP A 1086 10.38 24.35 -2.56
N TYR A 1087 9.34 25.17 -2.70
CA TYR A 1087 9.34 26.53 -2.21
C TYR A 1087 7.96 26.83 -1.61
N HIS A 1088 7.91 27.91 -0.84
CA HIS A 1088 6.68 28.39 -0.23
C HIS A 1088 6.19 29.62 -0.99
N THR A 1089 4.91 29.61 -1.37
CA THR A 1089 4.35 30.74 -2.10
C THR A 1089 4.29 31.99 -1.24
N ASP A 1090 3.92 31.84 0.03
CA ASP A 1090 3.70 32.99 0.91
C ASP A 1090 4.97 33.47 1.59
N THR A 1091 5.82 32.55 2.06
CA THR A 1091 6.99 32.92 2.82
C THR A 1091 8.28 32.86 2.01
N LEU A 1092 8.27 32.23 0.83
CA LEU A 1092 9.44 32.13 -0.03
C LEU A 1092 10.62 31.47 0.68
N GLN A 1093 10.32 30.44 1.46
CA GLN A 1093 11.33 29.65 2.15
C GLN A 1093 11.27 28.20 1.70
N THR A 1094 12.41 27.52 1.78
CA THR A 1094 12.47 26.12 1.40
C THR A 1094 11.60 25.28 2.33
N LEU A 1095 10.86 24.34 1.74
CA LEU A 1095 9.90 23.55 2.51
C LEU A 1095 10.62 22.54 3.40
N GLY A 1096 11.35 21.60 2.79
CA GLY A 1096 12.02 20.56 3.53
C GLY A 1096 13.52 20.60 3.33
N PRO A 1097 14.12 19.42 3.21
CA PRO A 1097 15.57 19.37 2.95
C PRO A 1097 15.91 20.00 1.62
N ARG A 1098 17.08 20.64 1.57
CA ARG A 1098 17.52 21.36 0.38
C ARG A 1098 17.92 20.36 -0.70
N TYR A 1099 17.10 20.25 -1.74
CA TYR A 1099 17.29 19.28 -2.81
C TYR A 1099 17.19 19.99 -4.15
N VAL A 1100 18.14 19.71 -5.04
CA VAL A 1100 18.18 20.31 -6.38
C VAL A 1100 18.03 19.19 -7.39
N SER A 1101 17.05 19.32 -8.28
CA SER A 1101 16.79 18.33 -9.32
C SER A 1101 17.12 18.91 -10.69
N ALA A 1102 17.66 18.07 -11.57
CA ALA A 1102 18.08 18.53 -12.89
C ALA A 1102 16.89 18.84 -13.78
N VAL A 1103 15.74 18.23 -13.51
CA VAL A 1103 14.57 18.42 -14.38
C VAL A 1103 14.06 19.86 -14.28
N ASP A 1104 13.93 20.37 -13.06
CA ASP A 1104 13.31 21.68 -12.87
C ASP A 1104 14.14 22.79 -13.49
N SER A 1105 15.46 22.78 -13.26
CA SER A 1105 16.32 23.81 -13.82
C SER A 1105 16.31 23.77 -15.34
N GLY A 1106 16.40 22.57 -15.92
CA GLY A 1106 16.36 22.45 -17.37
C GLY A 1106 15.05 22.95 -17.96
N ASN A 1107 13.93 22.59 -17.33
CA ASN A 1107 12.63 23.04 -17.84
C ASN A 1107 12.50 24.56 -17.76
N LEU A 1108 12.89 25.14 -16.62
CA LEU A 1108 12.78 26.59 -16.47
C LEU A 1108 13.68 27.31 -17.46
N ALA A 1109 14.89 26.81 -17.69
CA ALA A 1109 15.78 27.43 -18.65
C ALA A 1109 15.22 27.32 -20.07
N GLY A 1110 14.70 26.14 -20.44
CA GLY A 1110 14.14 25.98 -21.76
C GLY A 1110 12.96 26.90 -22.02
N HIS A 1111 12.12 27.09 -21.00
CA HIS A 1111 10.97 27.98 -21.19
C HIS A 1111 11.39 29.45 -21.18
N LEU A 1112 12.38 29.80 -20.34
CA LEU A 1112 12.88 31.18 -20.32
C LEU A 1112 13.53 31.55 -21.64
N ILE A 1113 14.17 30.59 -22.32
CA ILE A 1113 14.72 30.87 -23.64
C ILE A 1113 13.62 31.36 -24.58
N ALA A 1114 12.51 30.63 -24.62
CA ALA A 1114 11.40 31.03 -25.49
C ALA A 1114 10.82 32.37 -25.07
N VAL A 1115 10.71 32.59 -23.76
CA VAL A 1115 10.18 33.87 -23.28
C VAL A 1115 11.05 35.02 -23.76
N SER A 1116 12.37 34.89 -23.59
CA SER A 1116 13.29 35.95 -24.00
C SER A 1116 13.28 36.13 -25.51
N SER A 1117 13.22 35.04 -26.26
CA SER A 1117 13.19 35.15 -27.72
C SER A 1117 11.94 35.88 -28.20
N ALA A 1118 10.79 35.56 -27.60
CA ALA A 1118 9.56 36.27 -27.97
C ALA A 1118 9.63 37.74 -27.57
N CYS A 1119 10.23 38.03 -26.40
CA CYS A 1119 10.41 39.42 -26.00
C CYS A 1119 11.25 40.17 -27.03
N ARG A 1120 12.34 39.56 -27.50
CA ARG A 1120 13.12 40.18 -28.56
C ARG A 1120 12.30 40.35 -29.83
N ASP A 1121 11.51 39.34 -30.17
CA ASP A 1121 10.75 39.36 -31.42
C ASP A 1121 9.77 40.52 -31.48
N TRP A 1122 9.04 40.76 -30.39
CA TRP A 1122 8.13 41.90 -30.36
C TRP A 1122 8.77 43.14 -29.75
N ALA A 1123 10.07 43.11 -29.45
CA ALA A 1123 10.79 44.32 -29.07
C ALA A 1123 11.51 44.97 -30.24
N GLU A 1124 11.92 44.19 -31.24
CA GLU A 1124 12.57 44.77 -32.41
C GLU A 1124 11.62 45.69 -33.18
N ALA A 1125 10.38 45.25 -33.38
CA ALA A 1125 9.36 46.03 -34.07
C ALA A 1125 8.08 45.97 -33.25
N PRO A 1126 7.96 46.82 -32.22
CA PRO A 1126 6.80 46.78 -31.31
C PRO A 1126 5.58 47.55 -31.80
N SER A 1127 5.26 47.39 -33.07
CA SER A 1127 4.07 48.01 -33.64
C SER A 1127 3.17 47.03 -34.36
N ALA A 1128 3.73 46.04 -35.05
CA ALA A 1128 2.93 45.04 -35.74
C ALA A 1128 2.45 43.92 -34.83
N HIS A 1129 3.03 43.79 -33.64
CA HIS A 1129 2.61 42.78 -32.68
C HIS A 1129 1.56 43.31 -31.71
N LEU A 1130 1.12 44.56 -31.87
CA LEU A 1130 0.20 45.16 -30.92
C LEU A 1130 -1.22 44.61 -31.11
N GLN A 1131 -1.66 44.46 -32.36
CA GLN A 1131 -3.05 44.12 -32.62
C GLN A 1131 -3.42 42.75 -32.05
N GLY A 1132 -2.81 41.70 -32.58
CA GLY A 1132 -3.12 40.35 -32.13
C GLY A 1132 -3.85 39.52 -33.16
N ASN A 1133 -4.93 38.86 -32.75
CA ASN A 1133 -5.70 37.99 -33.64
C ASN A 1133 -7.20 38.18 -33.56
N LEU A 1134 -7.74 38.73 -32.47
CA LEU A 1134 -9.18 38.94 -32.31
C LEU A 1134 -9.96 37.63 -32.46
N ASP A 1135 -9.52 36.61 -31.73
CA ASP A 1135 -10.17 35.31 -31.75
C ASP A 1135 -10.64 34.83 -30.39
N GLY A 1136 -10.11 35.37 -29.29
CA GLY A 1136 -10.55 34.94 -27.97
C GLY A 1136 -12.00 35.31 -27.69
N ILE A 1137 -12.43 36.47 -28.19
CA ILE A 1137 -13.81 36.91 -27.99
C ILE A 1137 -14.80 36.05 -28.76
N GLY A 1138 -14.34 35.19 -29.65
CA GLY A 1138 -15.19 34.21 -30.28
C GLY A 1138 -15.22 32.91 -29.49
N ASP A 1139 -14.08 32.54 -28.91
CA ASP A 1139 -14.03 31.35 -28.06
C ASP A 1139 -14.90 31.53 -26.82
N VAL A 1140 -14.86 32.71 -26.21
CA VAL A 1140 -15.70 32.95 -25.03
C VAL A 1140 -17.17 32.96 -25.42
N ALA A 1141 -17.50 33.48 -26.60
CA ALA A 1141 -18.88 33.43 -27.08
C ALA A 1141 -19.33 32.00 -27.27
N GLY A 1142 -18.46 31.15 -27.83
CA GLY A 1142 -18.78 29.74 -27.96
C GLY A 1142 -18.98 29.06 -26.62
N ILE A 1143 -18.15 29.41 -25.63
CA ILE A 1143 -18.32 28.87 -24.29
C ILE A 1143 -19.68 29.26 -23.73
N LEU A 1144 -20.05 30.54 -23.90
CA LEU A 1144 -21.36 30.99 -23.41
C LEU A 1144 -22.49 30.26 -24.12
N ARG A 1145 -22.37 30.06 -25.43
CA ARG A 1145 -23.39 29.32 -26.17
C ARG A 1145 -23.52 27.90 -25.64
N GLU A 1146 -22.39 27.23 -25.40
CA GLU A 1146 -22.44 25.86 -24.91
C GLU A 1146 -23.05 25.80 -23.52
N THR A 1147 -22.69 26.74 -22.64
CA THR A 1147 -23.22 26.73 -21.29
C THR A 1147 -24.72 27.02 -21.28
N LEU A 1148 -25.17 27.93 -22.15
CA LEU A 1148 -26.58 28.29 -22.17
C LEU A 1148 -27.47 27.12 -22.57
N LYS A 1149 -26.93 26.18 -23.36
CA LYS A 1149 -27.74 25.04 -23.80
C LYS A 1149 -28.08 24.10 -22.65
N ALA A 1150 -27.21 24.01 -21.64
CA ALA A 1150 -27.43 23.09 -20.53
C ALA A 1150 -28.36 23.65 -19.47
N LEU A 1151 -28.84 24.87 -19.63
CA LEU A 1151 -29.74 25.47 -18.65
C LEU A 1151 -31.15 24.95 -18.85
N PRO A 1152 -31.73 24.25 -17.87
CA PRO A 1152 -33.12 23.80 -18.02
C PRO A 1152 -34.07 24.98 -18.11
N ASP A 1153 -35.09 24.83 -18.96
CA ASP A 1153 -36.00 25.93 -19.29
C ASP A 1153 -37.44 25.50 -19.14
N ASN A 1154 -37.76 24.84 -18.03
CA ASN A 1154 -39.12 24.43 -17.69
C ASN A 1154 -39.40 24.94 -16.28
N ARG A 1155 -39.91 26.17 -16.20
CA ARG A 1155 -40.14 26.83 -14.92
C ARG A 1155 -41.47 27.58 -14.99
N LYS A 1156 -41.68 28.46 -14.01
CA LYS A 1156 -42.95 29.19 -13.91
C LYS A 1156 -43.17 30.09 -15.13
N THR A 1157 -42.13 30.78 -15.58
CA THR A 1157 -42.24 31.73 -16.67
C THR A 1157 -41.86 31.13 -18.02
N LEU A 1158 -41.79 29.80 -18.12
CA LEU A 1158 -41.39 29.09 -19.33
C LEU A 1158 -39.95 29.43 -19.71
N ARG A 1159 -39.75 30.11 -20.84
CA ARG A 1159 -38.38 30.38 -21.28
C ARG A 1159 -38.27 31.59 -22.19
N PRO A 1160 -38.70 32.79 -21.77
CA PRO A 1160 -38.53 33.98 -22.62
C PRO A 1160 -37.10 34.50 -22.61
N LEU A 1161 -36.51 34.55 -21.41
CA LEU A 1161 -35.17 35.12 -21.25
C LEU A 1161 -34.13 34.27 -21.97
N HIS A 1162 -34.28 32.94 -21.91
CA HIS A 1162 -33.36 32.07 -22.64
C HIS A 1162 -33.41 32.37 -24.14
N ARG A 1163 -34.61 32.50 -24.69
CA ARG A 1163 -34.75 32.83 -26.11
C ARG A 1163 -34.08 34.16 -26.43
N ARG A 1164 -34.38 35.19 -25.63
CA ARG A 1164 -33.85 36.52 -25.90
C ARG A 1164 -32.33 36.53 -25.86
N LEU A 1165 -31.75 35.87 -24.86
CA LEU A 1165 -30.29 35.71 -24.83
C LEU A 1165 -29.80 34.97 -26.05
N GLU A 1166 -30.58 34.00 -26.55
CA GLU A 1166 -30.16 33.27 -27.73
C GLU A 1166 -30.05 34.18 -28.95
N GLU A 1167 -31.10 34.97 -29.22
CA GLU A 1167 -31.01 35.87 -30.38
C GLU A 1167 -29.92 36.92 -30.18
N ARG A 1168 -29.77 37.46 -28.97
CA ARG A 1168 -28.73 38.46 -28.75
C ARG A 1168 -27.34 37.87 -28.97
N ILE A 1169 -27.12 36.65 -28.51
CA ILE A 1169 -25.81 36.01 -28.65
C ILE A 1169 -25.54 35.71 -30.12
N ILE A 1170 -26.52 35.20 -30.86
CA ILE A 1170 -26.27 34.89 -32.27
C ILE A 1170 -26.05 36.18 -33.05
N GLY A 1171 -26.75 37.27 -32.70
CA GLY A 1171 -26.49 38.54 -33.35
C GLY A 1171 -25.09 39.07 -33.06
N PHE A 1172 -24.64 38.94 -31.81
CA PHE A 1172 -23.28 39.35 -31.48
C PHE A 1172 -22.25 38.52 -32.23
N SER A 1173 -22.49 37.21 -32.35
CA SER A 1173 -21.58 36.36 -33.11
C SER A 1173 -21.55 36.75 -34.58
N ASN A 1174 -22.70 37.07 -35.16
CA ASN A 1174 -22.75 37.51 -36.55
C ASN A 1174 -22.00 38.82 -36.73
N ALA A 1175 -22.16 39.76 -35.81
CA ALA A 1175 -21.42 41.02 -35.88
C ALA A 1175 -19.92 40.80 -35.77
N LEU A 1176 -19.51 39.90 -34.87
CA LEU A 1176 -18.08 39.59 -34.73
C LEU A 1176 -17.53 38.97 -36.01
N ALA A 1177 -18.28 38.06 -36.63
CA ALA A 1177 -17.84 37.47 -37.88
C ALA A 1177 -17.73 38.53 -38.98
N SER A 1178 -18.69 39.45 -39.02
CA SER A 1178 -18.63 40.53 -40.02
C SER A 1178 -17.40 41.40 -39.81
N VAL A 1179 -17.09 41.74 -38.55
CA VAL A 1179 -15.91 42.55 -38.27
C VAL A 1179 -14.64 41.79 -38.65
N LYS A 1180 -14.58 40.49 -38.34
CA LYS A 1180 -13.42 39.69 -38.70
C LYS A 1180 -13.26 39.59 -40.21
N ARG A 1181 -14.36 39.61 -40.95
CA ARG A 1181 -14.27 39.59 -42.41
C ARG A 1181 -13.59 40.84 -42.95
N GLU A 1182 -13.80 41.98 -42.29
CA GLU A 1182 -13.17 43.22 -42.74
C GLU A 1182 -11.65 43.11 -42.64
N HIS A 1183 -10.97 43.75 -43.58
CA HIS A 1183 -9.51 43.65 -43.69
C HIS A 1183 -8.78 44.76 -42.93
N GLU A 1184 -9.35 45.96 -42.89
CA GLU A 1184 -8.65 47.10 -42.29
C GLU A 1184 -8.77 47.12 -40.77
N PHE A 1185 -9.67 46.34 -40.18
CA PHE A 1185 -9.78 46.19 -38.72
C PHE A 1185 -10.01 47.54 -38.05
N ALA A 1186 -11.17 48.12 -38.34
CA ALA A 1186 -11.53 49.41 -37.79
C ALA A 1186 -11.60 49.35 -36.27
N SER A 1187 -11.01 50.35 -35.62
CA SER A 1187 -11.05 50.43 -34.16
C SER A 1187 -12.41 50.88 -33.64
N ILE A 1188 -13.13 51.69 -34.43
CA ILE A 1188 -14.45 52.16 -33.99
C ILE A 1188 -15.44 51.01 -33.95
N ARG A 1189 -15.30 50.03 -34.84
CA ARG A 1189 -16.25 48.92 -34.89
C ARG A 1189 -16.22 48.10 -33.61
N VAL A 1190 -15.02 47.81 -33.08
CA VAL A 1190 -14.91 47.00 -31.88
C VAL A 1190 -15.34 47.76 -30.64
N ILE A 1191 -15.41 49.09 -30.71
CA ILE A 1191 -15.88 49.87 -29.57
C ILE A 1191 -17.34 49.58 -29.28
N ASN A 1192 -18.17 49.50 -30.33
CA ASN A 1192 -19.60 49.30 -30.14
C ASN A 1192 -19.92 47.93 -29.57
N LEU A 1193 -19.04 46.94 -29.76
CA LEU A 1193 -19.30 45.62 -29.21
C LEU A 1193 -19.27 45.59 -27.69
N ALA A 1194 -18.60 46.56 -27.06
CA ALA A 1194 -18.60 46.64 -25.60
C ALA A 1194 -20.00 46.91 -25.07
N VAL A 1195 -20.78 47.72 -25.80
CA VAL A 1195 -22.16 47.96 -25.40
C VAL A 1195 -22.97 46.67 -25.46
N LEU A 1196 -22.76 45.86 -26.50
CA LEU A 1196 -23.45 44.58 -26.59
C LEU A 1196 -23.03 43.65 -25.46
N ALA A 1197 -21.74 43.63 -25.13
CA ALA A 1197 -21.27 42.80 -24.03
C ALA A 1197 -21.89 43.22 -22.71
N ARG A 1198 -21.98 44.53 -22.47
CA ARG A 1198 -22.61 45.02 -21.25
C ARG A 1198 -24.10 44.67 -21.22
N ASP A 1199 -24.77 44.74 -22.37
CA ASP A 1199 -26.18 44.35 -22.44
C ASP A 1199 -26.34 42.87 -22.11
N ILE A 1200 -25.46 42.02 -22.64
CA ILE A 1200 -25.48 40.60 -22.29
C ILE A 1200 -25.25 40.41 -20.80
N GLN A 1201 -24.37 41.22 -20.22
CA GLN A 1201 -24.14 41.14 -18.77
C GLN A 1201 -25.42 41.47 -18.00
N LYS A 1202 -26.12 42.53 -18.40
CA LYS A 1202 -27.36 42.90 -17.71
C LYS A 1202 -28.43 41.83 -17.87
N LEU A 1203 -28.56 41.25 -19.07
CA LEU A 1203 -29.53 40.18 -19.26
C LEU A 1203 -29.17 38.95 -18.44
N ALA A 1204 -27.88 38.62 -18.34
CA ALA A 1204 -27.46 37.52 -17.49
C ALA A 1204 -27.77 37.79 -16.02
N THR A 1205 -27.58 39.03 -15.59
CA THR A 1205 -27.94 39.41 -14.22
C THR A 1205 -29.45 39.24 -14.00
N ASN A 1206 -30.25 39.65 -14.99
CA ASN A 1206 -31.70 39.46 -14.89
C ASN A 1206 -32.07 37.99 -14.80
N VAL A 1207 -31.40 37.15 -15.58
CA VAL A 1207 -31.64 35.70 -15.48
C VAL A 1207 -31.28 35.20 -14.10
N ASP A 1208 -30.16 35.68 -13.55
CA ASP A 1208 -29.67 35.18 -12.27
C ASP A 1208 -30.56 35.62 -11.12
N HIS A 1209 -31.15 36.82 -11.21
CA HIS A 1209 -31.86 37.38 -10.06
C HIS A 1209 -33.09 36.56 -9.67
N GLU A 1210 -33.57 35.69 -10.56
CA GLU A 1210 -34.75 34.87 -10.26
C GLU A 1210 -34.41 33.42 -9.94
N VAL A 1211 -33.30 32.90 -10.46
CA VAL A 1211 -32.88 31.53 -10.21
C VAL A 1211 -31.49 31.55 -9.62
N LYS A 1212 -31.33 30.89 -8.47
CA LYS A 1212 -30.06 30.88 -7.73
C LYS A 1212 -29.24 29.63 -7.99
N SER A 1213 -29.37 29.03 -9.18
CA SER A 1213 -28.62 27.83 -9.49
C SER A 1213 -27.15 28.15 -9.73
N ALA A 1214 -26.31 27.13 -9.51
CA ALA A 1214 -24.87 27.30 -9.71
C ALA A 1214 -24.54 27.58 -11.17
N GLN A 1215 -25.21 26.88 -12.09
CA GLN A 1215 -24.95 27.12 -13.51
C GLN A 1215 -25.37 28.53 -13.93
N SER A 1216 -26.33 29.14 -13.25
CA SER A 1216 -26.61 30.55 -13.49
C SER A 1216 -25.41 31.42 -13.13
N ALA A 1217 -24.75 31.11 -12.01
CA ALA A 1217 -23.53 31.81 -11.66
C ALA A 1217 -22.43 31.57 -12.69
N GLU A 1218 -22.37 30.35 -13.24
CA GLU A 1218 -21.41 30.06 -14.30
C GLU A 1218 -21.69 30.91 -15.54
N VAL A 1219 -22.97 31.06 -15.89
CA VAL A 1219 -23.34 31.90 -17.03
C VAL A 1219 -22.94 33.35 -16.78
N THR A 1220 -23.19 33.83 -15.56
CA THR A 1220 -22.79 35.19 -15.23
C THR A 1220 -21.27 35.37 -15.33
N ARG A 1221 -20.52 34.40 -14.83
CA ARG A 1221 -19.06 34.48 -14.90
C ARG A 1221 -18.56 34.46 -16.34
N TRP A 1222 -19.14 33.61 -17.18
CA TRP A 1222 -18.70 33.53 -18.56
C TRP A 1222 -19.17 34.72 -19.40
N ALA A 1223 -20.21 35.43 -18.97
CA ALA A 1223 -20.51 36.72 -19.59
C ALA A 1223 -19.52 37.79 -19.15
N GLN A 1224 -19.14 37.77 -17.87
CA GLN A 1224 -18.13 38.70 -17.38
C GLN A 1224 -16.84 38.53 -18.17
N LEU A 1225 -16.30 37.31 -18.19
CA LEU A 1225 -15.05 37.05 -18.91
C LEU A 1225 -15.11 37.60 -20.33
N LEU A 1226 -16.26 37.48 -20.99
CA LEU A 1226 -16.41 38.06 -22.32
C LEU A 1226 -16.31 39.58 -22.28
N VAL A 1227 -16.90 40.21 -21.27
CA VAL A 1227 -16.92 41.68 -21.31
C VAL A 1227 -15.57 42.28 -20.91
N GLU A 1228 -14.78 41.66 -19.99
CA GLU A 1228 -13.37 42.15 -19.89
C GLU A 1228 -12.47 41.66 -21.03
N SER A 1229 -12.83 40.61 -21.75
CA SER A 1229 -12.09 40.30 -22.97
C SER A 1229 -12.26 41.42 -24.00
N CYS A 1230 -13.50 41.88 -24.17
CA CYS A 1230 -13.75 43.02 -25.06
C CYS A 1230 -13.04 44.27 -24.55
N GLU A 1231 -13.05 44.48 -23.23
CA GLU A 1231 -12.33 45.62 -22.67
C GLU A 1231 -10.83 45.52 -22.96
N ALA A 1232 -10.27 44.32 -22.85
CA ALA A 1232 -8.84 44.14 -23.13
C ALA A 1232 -8.53 44.42 -24.60
N HIS A 1233 -9.39 43.97 -25.51
CA HIS A 1233 -9.18 44.27 -26.93
C HIS A 1233 -9.24 45.77 -27.18
N ILE A 1234 -10.21 46.45 -26.57
CA ILE A 1234 -10.32 47.90 -26.74
C ILE A 1234 -9.09 48.60 -26.18
N SER A 1235 -8.62 48.16 -25.02
CA SER A 1235 -7.41 48.75 -24.43
C SER A 1235 -6.20 48.53 -25.32
N ASP A 1236 -6.08 47.35 -25.92
CA ASP A 1236 -5.03 47.12 -26.91
C ASP A 1236 -5.15 48.10 -28.07
N SER A 1237 -6.38 48.38 -28.50
CA SER A 1237 -6.58 49.38 -29.54
C SER A 1237 -6.41 50.81 -29.05
N ALA A 1238 -6.28 51.02 -27.74
CA ALA A 1238 -6.27 52.34 -27.15
C ALA A 1238 -4.86 52.83 -26.81
N ILE A 1239 -3.82 52.12 -27.22
CA ILE A 1239 -2.46 52.55 -26.91
C ILE A 1239 -2.13 53.83 -27.68
N ASP A 1240 -1.24 54.64 -27.11
CA ASP A 1240 -0.85 55.89 -27.75
C ASP A 1240 -0.17 55.67 -29.09
N LEU A 1241 0.58 54.57 -29.22
CA LEU A 1241 1.27 54.16 -30.45
C LEU A 1241 2.11 55.28 -31.06
N THR A 1242 2.54 56.25 -30.25
CA THR A 1242 3.36 57.34 -30.73
C THR A 1242 4.77 57.38 -30.14
N ASN A 1243 4.99 56.79 -28.97
CA ASN A 1243 6.30 56.77 -28.33
C ASN A 1243 6.57 55.34 -27.87
N MET A 1244 7.12 54.52 -28.77
CA MET A 1244 7.40 53.12 -28.46
C MET A 1244 8.79 52.91 -27.89
N GLU A 1245 9.62 53.97 -27.84
CA GLU A 1245 10.97 53.82 -27.31
C GLU A 1245 10.98 53.37 -25.85
N PRO A 1246 10.19 53.95 -24.94
CA PRO A 1246 10.14 53.38 -23.57
C PRO A 1246 9.71 51.92 -23.54
N LEU A 1247 8.74 51.55 -24.39
CA LEU A 1247 8.32 50.16 -24.46
C LEU A 1247 9.45 49.28 -24.94
N ARG A 1248 10.23 49.75 -25.92
CA ARG A 1248 11.40 49.01 -26.35
C ARG A 1248 12.38 48.83 -25.19
N GLN A 1249 12.55 49.87 -24.37
CA GLN A 1249 13.42 49.75 -23.21
C GLN A 1249 12.93 48.67 -22.26
N ARG A 1250 11.61 48.67 -21.97
CA ARG A 1250 11.06 47.67 -21.06
C ARG A 1250 11.30 46.27 -21.60
N LEU A 1251 11.01 46.05 -22.87
CA LEU A 1251 11.13 44.72 -23.44
C LEU A 1251 12.59 44.29 -23.52
N ALA A 1252 13.49 45.23 -23.82
CA ALA A 1252 14.91 44.89 -23.83
C ALA A 1252 15.41 44.50 -22.45
N SER A 1253 15.01 45.23 -21.41
CA SER A 1253 15.41 44.88 -20.06
C SER A 1253 14.86 43.51 -19.67
N LEU A 1254 13.60 43.25 -20.03
CA LEU A 1254 13.02 41.93 -19.74
C LEU A 1254 13.79 40.82 -20.45
N ARG A 1255 14.14 41.03 -21.72
CA ARG A 1255 14.89 40.03 -22.46
C ARG A 1255 16.26 39.79 -21.83
N ASP A 1256 16.95 40.85 -21.44
CA ASP A 1256 18.27 40.69 -20.84
C ASP A 1256 18.18 39.93 -19.53
N ARG A 1257 17.25 40.32 -18.64
CA ARG A 1257 17.13 39.65 -17.36
C ARG A 1257 16.56 38.25 -17.50
N SER A 1258 15.90 37.94 -18.62
CA SER A 1258 15.42 36.58 -18.85
C SER A 1258 16.54 35.68 -19.35
N ARG A 1259 17.31 36.15 -20.33
CA ARG A 1259 18.40 35.32 -20.87
C ARG A 1259 19.57 35.21 -19.91
N ASN A 1260 19.76 36.18 -19.01
CA ASN A 1260 20.79 36.03 -17.99
C ASN A 1260 20.49 34.86 -17.08
N LEU A 1261 19.24 34.71 -16.67
CA LEU A 1261 18.85 33.57 -15.85
C LEU A 1261 18.94 32.27 -16.63
N ALA A 1262 18.82 32.34 -17.96
CA ALA A 1262 18.88 31.15 -18.78
C ALA A 1262 20.25 30.48 -18.69
N PHE A 1263 21.31 31.28 -18.73
CA PHE A 1263 22.68 30.76 -18.68
C PHE A 1263 23.25 30.73 -17.27
N SER A 1264 22.46 31.06 -16.25
CA SER A 1264 23.01 31.20 -14.91
C SER A 1264 23.35 29.84 -14.30
N MET A 1265 22.50 28.83 -14.52
CA MET A 1265 22.72 27.54 -13.87
C MET A 1265 23.99 26.87 -14.39
N ASP A 1266 24.67 26.18 -13.48
CA ASP A 1266 25.86 25.40 -13.80
C ASP A 1266 25.54 23.93 -13.60
N PHE A 1267 25.68 23.13 -14.66
CA PHE A 1267 25.34 21.72 -14.62
C PHE A 1267 26.55 20.83 -14.48
N THR A 1268 27.72 21.40 -14.15
CA THR A 1268 28.94 20.59 -14.05
C THR A 1268 28.91 19.69 -12.83
N PHE A 1269 28.46 20.21 -11.68
CA PHE A 1269 28.51 19.45 -10.44
C PHE A 1269 27.56 18.26 -10.43
N LEU A 1270 26.62 18.19 -11.37
CA LEU A 1270 25.72 17.05 -11.47
C LEU A 1270 26.23 15.98 -12.42
N TYR A 1271 27.40 16.19 -13.03
CA TYR A 1271 27.95 15.25 -14.00
C TYR A 1271 28.82 14.23 -13.29
N ARG A 1272 28.48 12.95 -13.42
CA ARG A 1272 29.26 11.87 -12.83
C ARG A 1272 30.28 11.41 -13.86
N LYS A 1273 31.54 11.82 -13.68
CA LYS A 1273 32.59 11.54 -14.66
C LYS A 1273 33.18 10.17 -14.37
N ASP A 1274 32.30 9.17 -14.25
CA ASP A 1274 32.72 7.77 -14.22
C ASP A 1274 31.86 6.96 -15.18
N ARG A 1275 30.57 7.30 -15.25
CA ARG A 1275 29.62 6.67 -16.14
C ARG A 1275 28.76 7.67 -16.89
N ARG A 1276 29.12 8.96 -16.83
CA ARG A 1276 28.46 10.03 -17.57
C ARG A 1276 27.01 10.21 -17.13
N LEU A 1277 26.25 11.00 -17.90
CA LEU A 1277 24.82 11.22 -17.69
C LEU A 1277 24.55 12.05 -16.43
N LEU A 1278 23.38 12.67 -16.37
CA LEU A 1278 23.03 13.58 -15.28
C LEU A 1278 22.36 12.80 -14.14
N SER A 1279 22.81 13.06 -12.92
CA SER A 1279 22.25 12.38 -11.76
C SER A 1279 20.80 12.81 -11.54
N ILE A 1280 20.10 12.02 -10.72
CA ILE A 1280 18.69 12.30 -10.44
C ILE A 1280 18.53 13.65 -9.74
N GLY A 1281 19.40 13.92 -8.77
CA GLY A 1281 19.32 15.17 -8.05
C GLY A 1281 20.50 15.34 -7.12
N TYR A 1282 20.55 16.49 -6.46
CA TYR A 1282 21.63 16.84 -5.56
C TYR A 1282 21.06 17.26 -4.22
N ARG A 1283 21.68 16.82 -3.14
CA ARG A 1283 21.31 17.18 -1.78
C ARG A 1283 22.38 18.08 -1.21
N VAL A 1284 21.98 19.27 -0.75
CA VAL A 1284 22.95 20.22 -0.20
C VAL A 1284 23.58 19.66 1.07
N GLU A 1285 22.79 18.98 1.89
CA GLU A 1285 23.34 18.32 3.05
C GLU A 1285 24.30 17.21 2.64
N SER A 1286 25.46 17.16 3.29
CA SER A 1286 26.55 16.22 3.06
C SER A 1286 27.24 16.42 1.71
N LYS A 1287 26.77 17.34 0.87
CA LYS A 1287 27.40 17.68 -0.41
C LYS A 1287 27.65 16.43 -1.25
N GLU A 1288 26.59 15.65 -1.46
CA GLU A 1288 26.69 14.35 -2.11
C GLU A 1288 25.62 14.20 -3.19
N LEU A 1289 26.02 13.63 -4.33
CA LEU A 1289 25.08 13.29 -5.37
C LEU A 1289 24.21 12.11 -4.93
N ASP A 1290 22.96 12.11 -5.41
CA ASP A 1290 21.97 11.15 -4.93
C ASP A 1290 22.42 9.71 -5.13
N GLU A 1291 22.51 9.26 -6.38
CA GLU A 1291 22.95 7.92 -6.73
C GLU A 1291 22.81 7.66 -8.23
N ALA A 1292 21.59 7.42 -8.68
CA ALA A 1292 21.34 7.01 -10.05
C ALA A 1292 21.37 8.22 -10.99
N CYS A 1293 21.25 7.93 -12.28
CA CYS A 1293 21.21 8.94 -13.33
C CYS A 1293 20.10 8.58 -14.31
N TYR A 1294 19.63 9.60 -15.03
CA TYR A 1294 18.58 9.40 -16.04
C TYR A 1294 19.19 8.64 -17.20
N ASP A 1295 18.95 7.33 -17.23
CA ASP A 1295 19.67 6.40 -18.11
C ASP A 1295 18.86 6.02 -19.35
N LEU A 1296 18.06 6.94 -19.90
CA LEU A 1296 17.20 6.56 -21.01
C LEU A 1296 16.84 7.78 -21.84
N LEU A 1297 16.74 7.58 -23.15
CA LEU A 1297 16.30 8.64 -24.05
C LEU A 1297 14.84 9.00 -23.84
N ALA A 1298 14.04 8.08 -23.32
CA ALA A 1298 12.60 8.30 -23.13
C ALA A 1298 12.29 9.17 -21.92
N SER A 1299 13.30 9.74 -21.27
CA SER A 1299 13.10 10.60 -20.12
C SER A 1299 12.91 12.04 -20.57
N GLU A 1300 12.24 12.82 -19.70
CA GLU A 1300 11.99 14.23 -19.99
C GLU A 1300 13.24 15.08 -19.90
N CYS A 1301 14.36 14.52 -19.41
CA CYS A 1301 15.59 15.27 -19.22
C CYS A 1301 16.36 15.52 -20.52
N ARG A 1302 15.89 14.97 -21.65
CA ARG A 1302 16.61 15.17 -22.90
C ARG A 1302 16.67 16.63 -23.31
N LEU A 1303 15.70 17.43 -22.89
CA LEU A 1303 15.79 18.88 -23.08
C LEU A 1303 16.92 19.45 -22.21
N THR A 1304 16.98 19.02 -20.96
CA THR A 1304 18.04 19.50 -20.06
C THR A 1304 19.41 19.09 -20.58
N SER A 1305 19.54 17.86 -21.06
CA SER A 1305 20.81 17.41 -21.61
C SER A 1305 21.19 18.22 -22.84
N LEU A 1306 20.21 18.53 -23.70
CA LEU A 1306 20.49 19.32 -24.89
C LEU A 1306 20.98 20.72 -24.52
N PHE A 1307 20.31 21.37 -23.56
CA PHE A 1307 20.79 22.67 -23.11
C PHE A 1307 22.17 22.58 -22.48
N ALA A 1308 22.41 21.56 -21.66
CA ALA A 1308 23.70 21.46 -20.99
C ALA A 1308 24.83 21.25 -21.99
N ILE A 1309 24.61 20.45 -23.03
CA ILE A 1309 25.65 20.25 -24.02
C ILE A 1309 25.79 21.49 -24.92
N ALA A 1310 24.69 22.21 -25.18
CA ALA A 1310 24.79 23.41 -26.00
C ALA A 1310 25.49 24.55 -25.26
N LYS A 1311 25.33 24.62 -23.94
CA LYS A 1311 25.99 25.65 -23.14
C LYS A 1311 27.50 25.50 -23.14
N GLY A 1312 28.01 24.28 -23.37
CA GLY A 1312 29.42 24.03 -23.50
C GLY A 1312 30.03 23.19 -22.40
N ASP A 1313 29.35 23.06 -21.25
CA ASP A 1313 29.90 22.30 -20.13
C ASP A 1313 29.44 20.85 -20.14
N LEU A 1314 29.60 20.18 -21.29
CA LEU A 1314 29.30 18.76 -21.44
C LEU A 1314 29.84 18.27 -22.78
N PRO A 1315 30.40 17.06 -22.85
CA PRO A 1315 30.84 16.52 -24.14
C PRO A 1315 29.74 15.74 -24.84
N THR A 1316 30.02 15.25 -26.05
CA THR A 1316 29.03 14.51 -26.82
C THR A 1316 28.83 13.09 -26.32
N GLU A 1317 29.80 12.55 -25.57
CA GLU A 1317 29.63 11.22 -24.98
C GLU A 1317 28.44 11.19 -24.02
N HIS A 1318 28.08 12.34 -23.44
CA HIS A 1318 26.87 12.42 -22.64
C HIS A 1318 25.64 12.09 -23.49
N TRP A 1319 25.53 12.70 -24.66
CA TRP A 1319 24.35 12.48 -25.50
C TRP A 1319 24.37 11.10 -26.14
N TYR A 1320 25.56 10.59 -26.45
CA TYR A 1320 25.67 9.33 -27.20
C TYR A 1320 25.84 8.11 -26.31
N ARG A 1321 25.45 8.19 -25.04
CA ARG A 1321 25.58 7.06 -24.12
C ARG A 1321 24.33 6.93 -23.25
N LEU A 1322 23.15 7.06 -23.85
CA LEU A 1322 21.93 6.89 -23.08
C LEU A 1322 20.79 6.48 -24.01
N GLY A 1323 20.04 5.43 -23.61
CA GLY A 1323 18.85 4.95 -24.35
C GLY A 1323 19.11 4.16 -25.62
N ARG A 1324 18.26 4.27 -26.66
CA ARG A 1324 18.45 3.69 -28.03
C ARG A 1324 17.80 2.33 -28.21
N GLN A 1325 17.18 1.81 -27.17
CA GLN A 1325 16.61 0.43 -27.24
C GLN A 1325 15.28 0.43 -27.98
N VAL A 1326 14.93 -0.68 -28.64
CA VAL A 1326 13.69 -0.74 -29.48
C VAL A 1326 12.86 -1.95 -29.05
N VAL A 1327 11.52 -1.82 -29.07
CA VAL A 1327 10.62 -2.94 -28.64
C VAL A 1327 9.73 -3.29 -29.84
N PRO A 1328 9.58 -4.57 -30.31
CA PRO A 1328 8.73 -4.74 -31.50
C PRO A 1328 7.26 -4.54 -31.18
N ILE A 1329 6.68 -3.50 -31.77
CA ILE A 1329 5.24 -3.28 -31.74
C ILE A 1329 4.79 -2.99 -33.17
N GLY A 1330 3.90 -3.82 -33.70
CA GLY A 1330 3.53 -3.68 -35.09
C GLY A 1330 4.67 -4.09 -36.01
N ALA A 1331 4.71 -3.48 -37.20
CA ALA A 1331 5.75 -3.81 -38.16
C ALA A 1331 7.09 -3.21 -37.76
N GLN A 1332 7.10 -1.97 -37.29
CA GLN A 1332 8.30 -1.27 -36.91
C GLN A 1332 8.52 -1.37 -35.40
N GLY A 1333 9.49 -0.61 -34.88
CA GLY A 1333 9.74 -0.57 -33.46
C GLY A 1333 9.76 0.85 -32.95
N ALA A 1334 9.58 0.98 -31.64
CA ALA A 1334 9.53 2.26 -30.96
C ALA A 1334 10.67 2.34 -29.93
N LEU A 1335 10.65 3.39 -29.11
CA LEU A 1335 11.67 3.61 -28.10
C LEU A 1335 11.21 3.04 -26.77
N VAL A 1336 12.11 2.29 -26.11
CA VAL A 1336 11.79 1.67 -24.83
C VAL A 1336 11.72 2.75 -23.76
N SER A 1337 10.80 2.59 -22.81
CA SER A 1337 10.57 3.58 -21.77
C SER A 1337 10.51 2.91 -20.41
N TRP A 1338 10.79 3.71 -19.38
CA TRP A 1338 10.59 3.32 -17.99
C TRP A 1338 9.32 4.01 -17.50
N SER A 1339 8.33 3.21 -17.09
CA SER A 1339 7.00 3.73 -16.76
C SER A 1339 6.43 4.52 -17.94
N GLY A 1340 6.18 3.79 -19.02
CA GLY A 1340 5.96 4.41 -20.31
C GLY A 1340 4.65 5.15 -20.45
N SER A 1341 4.51 6.24 -19.70
CA SER A 1341 3.46 7.21 -19.93
C SER A 1341 4.00 8.36 -20.77
N MET A 1342 3.18 8.81 -21.72
CA MET A 1342 3.62 9.85 -22.64
C MET A 1342 3.82 11.20 -21.96
N PHE A 1343 3.65 11.28 -20.63
CA PHE A 1343 4.18 12.41 -19.89
C PHE A 1343 5.68 12.54 -20.09
N GLU A 1344 6.38 11.41 -20.22
CA GLU A 1344 7.82 11.41 -20.45
C GLU A 1344 8.19 11.67 -21.91
N TYR A 1345 7.21 11.77 -22.80
CA TYR A 1345 7.45 11.95 -24.23
C TYR A 1345 7.16 13.34 -24.74
N LEU A 1346 6.09 13.98 -24.26
CA LEU A 1346 5.50 15.09 -25.00
C LEU A 1346 6.22 16.42 -24.78
N MET A 1347 6.92 16.62 -23.67
CA MET A 1347 7.53 17.93 -23.43
C MET A 1347 8.48 18.35 -24.55
N PRO A 1348 9.43 17.54 -24.99
CA PRO A 1348 10.36 18.01 -26.04
C PRO A 1348 9.62 18.40 -27.32
N PRO A 1349 8.57 17.68 -27.74
CA PRO A 1349 7.74 18.22 -28.83
C PRO A 1349 7.11 19.58 -28.52
N LEU A 1350 6.69 19.84 -27.27
CA LEU A 1350 6.09 21.13 -26.95
C LEU A 1350 7.06 22.28 -27.21
N VAL A 1351 8.31 22.12 -26.78
CA VAL A 1351 9.28 23.21 -26.82
C VAL A 1351 10.15 23.16 -28.06
N MET A 1352 10.72 22.00 -28.38
CA MET A 1352 11.68 21.93 -29.48
C MET A 1352 10.94 21.75 -30.81
N GLN A 1353 11.70 21.41 -31.85
CA GLN A 1353 11.15 21.19 -33.19
C GLN A 1353 11.43 19.76 -33.60
N GLU A 1354 10.41 19.09 -34.13
CA GLU A 1354 10.53 17.71 -34.58
C GLU A 1354 10.21 17.62 -36.07
N ARG A 1355 10.99 16.82 -36.78
N ARG A 1355 10.99 16.82 -36.79
CA ARG A 1355 10.85 16.66 -38.22
CA ARG A 1355 10.85 16.66 -38.22
C ARG A 1355 10.22 15.30 -38.54
C ARG A 1355 10.23 15.31 -38.54
N GLN A 1356 9.80 15.16 -39.81
CA GLN A 1356 9.10 13.94 -40.21
C GLN A 1356 9.99 12.71 -40.12
N GLY A 1357 11.24 12.82 -40.56
CA GLY A 1357 12.11 11.66 -40.60
C GLY A 1357 12.80 11.31 -39.30
N GLY A 1358 12.60 12.10 -38.25
CA GLY A 1358 13.27 11.84 -36.99
C GLY A 1358 12.74 10.61 -36.29
N ILE A 1359 13.59 10.04 -35.44
CA ILE A 1359 13.19 8.88 -34.65
C ILE A 1359 12.10 9.24 -33.67
N LEU A 1360 12.20 10.43 -33.05
CA LEU A 1360 11.28 10.80 -31.99
C LEU A 1360 9.84 10.90 -32.50
N ASN A 1361 9.64 11.49 -33.68
CA ASN A 1361 8.28 11.62 -34.21
C ASN A 1361 7.67 10.26 -34.53
N GLN A 1362 8.47 9.37 -35.13
CA GLN A 1362 7.98 8.02 -35.43
C GLN A 1362 7.63 7.28 -34.15
N THR A 1363 8.47 7.41 -33.12
CA THR A 1363 8.18 6.79 -31.83
C THR A 1363 6.91 7.36 -31.22
N ASN A 1364 6.71 8.68 -31.34
CA ASN A 1364 5.51 9.31 -30.82
C ASN A 1364 4.26 8.77 -31.52
N ASN A 1365 4.34 8.63 -32.85
CA ASN A 1365 3.21 8.06 -33.57
C ASN A 1365 2.93 6.64 -33.12
N LEU A 1366 3.98 5.84 -32.96
CA LEU A 1366 3.78 4.46 -32.51
C LEU A 1366 3.16 4.41 -31.12
N ILE A 1367 3.62 5.25 -30.19
CA ILE A 1367 3.12 5.17 -28.83
C ILE A 1367 1.67 5.67 -28.77
N VAL A 1368 1.32 6.69 -29.54
CA VAL A 1368 -0.07 7.15 -29.51
C VAL A 1368 -0.98 6.11 -30.12
N LYS A 1369 -0.54 5.44 -31.20
CA LYS A 1369 -1.33 4.37 -31.77
C LYS A 1369 -1.49 3.22 -30.76
N GLU A 1370 -0.41 2.89 -30.06
CA GLU A 1370 -0.45 1.80 -29.09
C GLU A 1370 -1.39 2.13 -27.93
N GLN A 1371 -1.35 3.37 -27.44
CA GLN A 1371 -2.27 3.74 -26.36
C GLN A 1371 -3.71 3.75 -26.83
N MET A 1372 -3.98 4.19 -28.06
CA MET A 1372 -5.34 4.13 -28.57
C MET A 1372 -5.81 2.67 -28.68
N ASN A 1373 -4.94 1.78 -29.16
CA ASN A 1373 -5.30 0.37 -29.25
C ASN A 1373 -5.52 -0.23 -27.87
N HIS A 1374 -4.71 0.16 -26.89
CA HIS A 1374 -4.90 -0.32 -25.52
C HIS A 1374 -6.23 0.17 -24.95
N GLY A 1375 -6.60 1.42 -25.25
CA GLY A 1375 -7.90 1.90 -24.86
C GLY A 1375 -9.04 1.14 -25.49
N ARG A 1376 -8.88 0.77 -26.77
CA ARG A 1376 -9.89 -0.06 -27.42
C ARG A 1376 -10.00 -1.42 -26.74
N ARG A 1377 -8.87 -2.05 -26.43
CA ARG A 1377 -8.90 -3.40 -25.92
C ARG A 1377 -9.35 -3.45 -24.46
N LEU A 1378 -9.09 -2.40 -23.69
CA LEU A 1378 -9.53 -2.39 -22.30
C LEU A 1378 -11.02 -2.07 -22.19
N GLY A 1379 -11.53 -1.20 -23.07
CA GLY A 1379 -12.93 -0.86 -23.08
C GLY A 1379 -13.20 0.58 -22.72
N THR A 1380 -12.50 1.08 -21.70
CA THR A 1380 -12.64 2.46 -21.27
C THR A 1380 -11.86 3.39 -22.21
N PRO A 1381 -12.15 4.69 -22.17
CA PRO A 1381 -11.39 5.64 -22.99
C PRO A 1381 -9.89 5.60 -22.70
N TRP A 1382 -9.09 5.89 -23.72
CA TRP A 1382 -7.64 5.75 -23.66
C TRP A 1382 -6.99 6.98 -23.04
N GLY A 1383 -5.66 6.91 -22.89
CA GLY A 1383 -4.89 7.99 -22.33
C GLY A 1383 -4.48 7.72 -20.89
N ILE A 1384 -3.22 7.32 -20.70
CA ILE A 1384 -2.70 6.97 -19.37
C ILE A 1384 -1.48 7.83 -19.09
N SER A 1385 -1.49 8.49 -17.93
CA SER A 1385 -0.35 9.27 -17.46
C SER A 1385 -0.49 9.41 -15.95
N GLU A 1386 0.60 9.83 -15.31
CA GLU A 1386 0.60 9.93 -13.86
C GLU A 1386 -0.34 11.05 -13.42
N ALA A 1387 -0.98 10.84 -12.27
CA ALA A 1387 -1.93 11.79 -11.71
C ALA A 1387 -2.20 11.36 -10.27
N ALA A 1388 -3.21 11.99 -9.65
CA ALA A 1388 -3.62 11.67 -8.29
C ALA A 1388 -4.73 10.65 -8.37
N PHE A 1389 -4.39 9.38 -8.13
CA PHE A 1389 -5.39 8.33 -8.15
C PHE A 1389 -6.31 8.44 -6.93
N ASN A 1390 -7.45 7.75 -7.01
CA ASN A 1390 -8.49 7.89 -6.01
C ASN A 1390 -8.10 7.22 -4.70
N ALA A 1391 -7.35 7.93 -3.86
CA ALA A 1391 -6.98 7.44 -2.54
C ALA A 1391 -6.61 8.65 -1.68
N ARG A 1392 -7.26 8.78 -0.53
CA ARG A 1392 -7.10 9.93 0.34
C ARG A 1392 -6.47 9.51 1.65
N ASP A 1393 -5.49 10.28 2.11
CA ASP A 1393 -4.82 10.02 3.37
C ASP A 1393 -5.44 10.86 4.47
N HIS A 1394 -4.83 10.84 5.67
CA HIS A 1394 -5.23 11.75 6.72
C HIS A 1394 -5.00 13.18 6.25
N ASN A 1395 -6.01 14.04 6.44
CA ASN A 1395 -6.03 15.38 5.85
C ASN A 1395 -5.89 15.26 4.32
N MET A 1396 -6.92 14.67 3.72
CA MET A 1396 -6.90 14.15 2.36
C MET A 1396 -6.17 15.07 1.39
N ASN A 1397 -5.34 14.45 0.54
CA ASN A 1397 -4.58 15.16 -0.47
C ASN A 1397 -4.56 14.46 -1.83
N TYR A 1398 -5.24 13.32 -1.96
CA TYR A 1398 -5.40 12.54 -3.19
C TYR A 1398 -4.11 11.88 -3.66
N GLN A 1399 -2.99 12.05 -2.95
CA GLN A 1399 -1.73 11.40 -3.26
C GLN A 1399 -1.24 11.70 -4.67
N TYR A 1400 -0.20 10.98 -5.12
CA TYR A 1400 0.40 11.18 -6.43
C TYR A 1400 1.36 10.04 -6.70
N THR A 1401 1.30 9.49 -7.91
CA THR A 1401 2.20 8.40 -8.30
C THR A 1401 2.24 8.32 -9.82
N ASN A 1402 3.19 7.53 -10.32
CA ASN A 1402 3.40 7.38 -11.76
C ASN A 1402 2.59 6.21 -12.31
N PHE A 1403 2.30 6.29 -13.60
CA PHE A 1403 1.55 5.24 -14.30
C PHE A 1403 2.18 5.04 -15.68
N GLY A 1404 1.49 4.30 -16.53
CA GLY A 1404 1.99 4.03 -17.88
C GLY A 1404 1.25 2.85 -18.49
N VAL A 1405 1.92 2.20 -19.45
CA VAL A 1405 1.37 1.02 -20.12
C VAL A 1405 2.33 -0.15 -19.91
N PRO A 1406 1.82 -1.38 -19.82
CA PRO A 1406 2.72 -2.52 -19.55
C PRO A 1406 3.78 -2.75 -20.61
N THR A 1407 3.47 -2.49 -21.88
CA THR A 1407 4.40 -2.81 -22.96
C THR A 1407 5.68 -1.99 -22.86
N LEU A 1408 5.57 -0.69 -22.55
CA LEU A 1408 6.69 0.22 -22.52
C LEU A 1408 7.08 0.62 -21.09
N GLY A 1409 6.94 -0.30 -20.15
CA GLY A 1409 7.12 0.05 -18.75
C GLY A 1409 8.48 -0.27 -18.15
N LEU A 1410 8.98 -1.48 -18.39
CA LEU A 1410 10.20 -1.99 -17.77
C LEU A 1410 10.06 -2.09 -16.25
N LYS A 1411 8.88 -1.79 -15.73
CA LYS A 1411 8.62 -1.81 -14.29
C LYS A 1411 7.46 -2.75 -14.02
N ARG A 1412 7.68 -3.73 -13.14
CA ARG A 1412 6.65 -4.70 -12.81
C ARG A 1412 5.58 -4.05 -11.95
N GLY A 1413 4.31 -4.36 -12.26
CA GLY A 1413 3.19 -3.83 -11.52
C GLY A 1413 2.45 -2.68 -12.16
N LEU A 1414 2.76 -2.33 -13.41
CA LEU A 1414 2.07 -1.24 -14.08
C LEU A 1414 0.77 -1.68 -14.74
N GLY A 1415 0.45 -2.96 -14.73
CA GLY A 1415 -0.76 -3.47 -15.32
C GLY A 1415 -1.95 -3.55 -14.39
N GLN A 1416 -1.84 -3.00 -13.18
CA GLN A 1416 -2.90 -3.06 -12.18
C GLN A 1416 -3.29 -1.67 -11.71
N ASN A 1417 -3.33 -0.70 -12.63
CA ASN A 1417 -3.66 0.68 -12.30
C ASN A 1417 -4.97 1.12 -12.92
N ALA A 1418 -5.10 1.04 -14.24
CA ALA A 1418 -6.32 1.43 -14.96
C ALA A 1418 -6.74 2.86 -14.59
N VAL A 1419 -5.87 3.81 -14.89
CA VAL A 1419 -6.08 5.21 -14.56
C VAL A 1419 -6.02 6.02 -15.86
N ILE A 1420 -7.00 6.91 -16.04
CA ILE A 1420 -7.10 7.75 -17.23
C ILE A 1420 -6.95 9.21 -16.81
N ALA A 1421 -6.11 9.95 -17.52
CA ALA A 1421 -5.84 11.35 -17.23
C ALA A 1421 -6.42 12.23 -18.33
N PRO A 1422 -7.34 13.14 -18.00
CA PRO A 1422 -7.91 14.01 -19.05
C PRO A 1422 -6.88 14.86 -19.76
N TYR A 1423 -5.82 15.30 -19.08
CA TYR A 1423 -4.82 16.13 -19.73
C TYR A 1423 -3.96 15.35 -20.71
N ALA A 1424 -3.99 14.02 -20.66
CA ALA A 1424 -3.25 13.22 -21.63
C ALA A 1424 -3.81 13.40 -23.04
N SER A 1425 -5.14 13.41 -23.16
CA SER A 1425 -5.77 13.48 -24.49
C SER A 1425 -5.39 14.76 -25.21
N ILE A 1426 -5.40 15.89 -24.52
CA ILE A 1426 -5.04 17.15 -25.16
C ILE A 1426 -3.55 17.19 -25.49
N LEU A 1427 -2.72 16.50 -24.68
CA LEU A 1427 -1.30 16.44 -24.98
C LEU A 1427 -1.03 15.74 -26.31
N ALA A 1428 -1.73 14.64 -26.57
CA ALA A 1428 -1.57 13.91 -27.81
C ALA A 1428 -2.37 14.49 -28.96
N SER A 1429 -3.16 15.55 -28.71
CA SER A 1429 -3.94 16.17 -29.77
C SER A 1429 -3.07 16.76 -30.87
N GLN A 1430 -1.79 17.01 -30.59
CA GLN A 1430 -0.90 17.53 -31.62
C GLN A 1430 -0.70 16.51 -32.73
N TYR A 1431 -0.39 15.27 -32.39
CA TYR A 1431 -0.11 14.27 -33.40
C TYR A 1431 -1.37 13.79 -34.09
N ASP A 1432 -2.44 13.56 -33.33
CA ASP A 1432 -3.72 13.12 -33.87
C ASP A 1432 -4.84 13.95 -33.27
N PRO A 1433 -5.36 14.94 -33.99
CA PRO A 1433 -6.40 15.80 -33.41
C PRO A 1433 -7.75 15.12 -33.29
N ASP A 1434 -8.16 14.34 -34.29
CA ASP A 1434 -9.51 13.81 -34.31
C ASP A 1434 -9.74 12.79 -33.19
N GLY A 1435 -8.82 11.83 -33.05
CA GLY A 1435 -8.97 10.83 -32.01
C GLY A 1435 -8.93 11.43 -30.61
N ALA A 1436 -8.03 12.39 -30.39
CA ALA A 1436 -7.96 13.06 -29.11
C ALA A 1436 -9.24 13.84 -28.82
N LEU A 1437 -9.79 14.50 -29.84
CA LEU A 1437 -11.04 15.22 -29.65
C LEU A 1437 -12.18 14.28 -29.31
N GLU A 1438 -12.25 13.12 -29.99
CA GLU A 1438 -13.28 12.15 -29.68
C GLU A 1438 -13.14 11.62 -28.27
N ASN A 1439 -11.90 11.34 -27.84
CA ASN A 1439 -11.67 10.89 -26.47
C ASN A 1439 -12.07 11.95 -25.46
N LEU A 1440 -11.76 13.22 -25.75
CA LEU A 1440 -12.15 14.30 -24.86
C LEU A 1440 -13.67 14.43 -24.77
N ASP A 1441 -14.36 14.27 -25.89
CA ASP A 1441 -15.82 14.28 -25.85
C ASP A 1441 -16.37 13.11 -25.04
N LYS A 1442 -15.75 11.93 -25.19
CA LYS A 1442 -16.18 10.78 -24.39
C LYS A 1442 -16.01 11.05 -22.91
N LEU A 1443 -14.88 11.67 -22.53
CA LEU A 1443 -14.68 12.06 -21.13
C LEU A 1443 -15.73 13.09 -20.71
N ARG A 1444 -16.05 14.04 -21.59
CA ARG A 1444 -17.05 15.05 -21.27
C ARG A 1444 -18.42 14.43 -21.04
N LYS A 1445 -18.72 13.32 -21.71
CA LYS A 1445 -19.96 12.61 -21.42
C LYS A 1445 -19.99 12.11 -19.97
N LEU A 1446 -18.86 11.60 -19.49
CA LEU A 1446 -18.71 11.29 -18.08
C LEU A 1446 -18.52 12.58 -17.29
N GLY A 1447 -18.43 12.45 -15.96
CA GLY A 1447 -18.18 13.62 -15.14
C GLY A 1447 -16.70 13.89 -14.97
N ALA A 1448 -16.15 14.77 -15.80
CA ALA A 1448 -14.74 15.12 -15.73
C ALA A 1448 -14.44 16.60 -15.91
N LEU A 1449 -15.45 17.42 -16.17
CA LEU A 1449 -15.26 18.85 -16.36
C LEU A 1449 -15.66 19.59 -15.09
N GLY A 1450 -14.72 20.33 -14.52
CA GLY A 1450 -14.95 21.04 -13.28
C GLY A 1450 -15.17 22.52 -13.47
N GLN A 1451 -15.07 23.27 -12.37
CA GLN A 1451 -15.27 24.71 -12.43
C GLN A 1451 -14.22 25.39 -13.30
N TYR A 1452 -12.97 24.98 -13.16
CA TYR A 1452 -11.86 25.60 -13.88
C TYR A 1452 -11.24 24.67 -14.91
N GLY A 1453 -12.04 23.79 -15.49
CA GLY A 1453 -11.56 22.90 -16.53
C GLY A 1453 -11.64 21.43 -16.19
N PHE A 1454 -10.82 20.62 -16.85
CA PHE A 1454 -10.86 19.17 -16.65
C PHE A 1454 -10.22 18.80 -15.32
N HIS A 1455 -10.72 17.73 -14.72
CA HIS A 1455 -10.20 17.25 -13.45
C HIS A 1455 -8.86 16.55 -13.66
N ASP A 1456 -8.26 16.12 -12.55
CA ASP A 1456 -6.92 15.54 -12.60
C ASP A 1456 -6.93 14.17 -13.28
N ALA A 1457 -7.83 13.29 -12.87
CA ALA A 1457 -7.86 11.92 -13.40
C ALA A 1457 -9.18 11.26 -13.01
N VAL A 1458 -9.40 10.08 -13.58
CA VAL A 1458 -10.53 9.22 -13.24
C VAL A 1458 -10.00 7.82 -12.98
N ASP A 1459 -10.58 7.14 -12.00
CA ASP A 1459 -10.10 5.84 -11.56
C ASP A 1459 -11.02 4.73 -12.07
N PHE A 1460 -10.43 3.58 -12.37
CA PHE A 1460 -11.18 2.44 -12.89
C PHE A 1460 -10.84 1.11 -12.24
N THR A 1461 -9.84 1.03 -11.37
CA THR A 1461 -9.48 -0.25 -10.77
C THR A 1461 -10.60 -0.72 -9.84
N PRO A 1462 -11.09 -1.96 -10.02
CA PRO A 1462 -12.23 -2.42 -9.20
C PRO A 1462 -11.97 -2.41 -7.71
N THR A 1463 -10.72 -2.49 -7.27
CA THR A 1463 -10.43 -2.43 -5.84
C THR A 1463 -10.87 -1.11 -5.25
N ARG A 1464 -10.57 0.01 -5.93
CA ARG A 1464 -10.94 1.33 -5.46
C ARG A 1464 -12.26 1.82 -6.03
N VAL A 1465 -12.93 1.04 -6.87
CA VAL A 1465 -14.23 1.41 -7.42
C VAL A 1465 -15.27 1.26 -6.30
N PRO A 1466 -15.99 2.32 -5.95
CA PRO A 1466 -16.97 2.24 -4.87
C PRO A 1466 -18.37 1.92 -5.37
N ASP A 1467 -19.07 1.11 -4.59
CA ASP A 1467 -20.49 0.77 -4.81
C ASP A 1467 -20.64 0.19 -6.21
N GLY A 1468 -21.69 0.54 -6.95
CA GLY A 1468 -21.92 0.05 -8.28
C GLY A 1468 -21.56 0.99 -9.41
N LYS A 1469 -20.93 2.12 -9.11
CA LYS A 1469 -20.53 3.05 -10.15
C LYS A 1469 -19.47 2.41 -11.05
N VAL A 1470 -19.58 2.69 -12.35
CA VAL A 1470 -18.65 2.10 -13.31
C VAL A 1470 -17.25 2.66 -13.13
N CYS A 1471 -17.14 3.96 -12.82
CA CYS A 1471 -15.86 4.63 -12.69
C CYS A 1471 -15.83 5.47 -11.42
N ALA A 1472 -14.71 6.16 -11.23
CA ALA A 1472 -14.54 7.07 -10.10
C ALA A 1472 -13.98 8.39 -10.59
N VAL A 1473 -14.32 9.46 -9.91
CA VAL A 1473 -13.94 10.81 -10.29
C VAL A 1473 -13.04 11.39 -9.22
N VAL A 1474 -11.92 11.97 -9.64
CA VAL A 1474 -10.98 12.65 -8.74
C VAL A 1474 -11.19 14.15 -8.90
N TYR A 1475 -11.63 14.81 -7.84
CA TYR A 1475 -11.93 16.24 -7.87
C TYR A 1475 -10.68 17.03 -7.49
N ASN A 1476 -9.79 17.19 -8.46
CA ASN A 1476 -8.51 17.86 -8.22
C ASN A 1476 -8.09 18.60 -9.47
N TYR A 1477 -7.53 19.80 -9.27
CA TYR A 1477 -6.95 20.60 -10.35
C TYR A 1477 -5.48 20.83 -10.05
N TYR A 1478 -4.62 20.56 -11.04
CA TYR A 1478 -3.18 20.70 -10.89
C TYR A 1478 -2.69 21.84 -11.77
N ALA A 1479 -1.97 22.80 -11.17
CA ALA A 1479 -1.34 23.85 -11.94
C ALA A 1479 -0.23 23.32 -12.83
N HIS A 1480 0.30 22.13 -12.52
CA HIS A 1480 1.36 21.54 -13.32
C HIS A 1480 0.84 20.96 -14.63
N HIS A 1481 -0.40 20.45 -14.65
CA HIS A 1481 -0.96 19.76 -15.80
C HIS A 1481 -1.97 20.61 -16.57
N HIS A 1482 -1.92 21.93 -16.41
CA HIS A 1482 -2.85 22.82 -17.09
C HIS A 1482 -2.19 23.70 -18.14
N GLY A 1483 -0.99 24.21 -17.86
CA GLY A 1483 -0.28 24.99 -18.86
C GLY A 1483 0.11 24.19 -20.07
N MET A 1484 0.38 22.89 -19.89
CA MET A 1484 0.74 22.03 -21.01
C MET A 1484 -0.40 21.94 -22.01
N SER A 1485 -1.65 21.87 -21.53
CA SER A 1485 -2.79 21.83 -22.44
C SER A 1485 -2.89 23.09 -23.28
N ILE A 1486 -2.71 24.26 -22.65
CA ILE A 1486 -2.77 25.52 -23.39
C ILE A 1486 -1.63 25.60 -24.39
N ALA A 1487 -0.44 25.14 -24.02
CA ALA A 1487 0.68 25.13 -24.95
C ALA A 1487 0.39 24.24 -26.15
N ALA A 1488 -0.18 23.06 -25.90
CA ALA A 1488 -0.51 22.16 -27.00
C ALA A 1488 -1.56 22.77 -27.92
N VAL A 1489 -2.57 23.41 -27.34
CA VAL A 1489 -3.61 24.06 -28.15
C VAL A 1489 -3.01 25.16 -29.00
N ALA A 1490 -2.11 25.96 -28.41
CA ALA A 1490 -1.47 27.02 -29.17
C ALA A 1490 -0.62 26.45 -30.31
N ASN A 1491 0.07 25.34 -30.04
CA ASN A 1491 0.87 24.71 -31.08
C ASN A 1491 0.00 24.21 -32.23
N VAL A 1492 -1.13 23.58 -31.91
CA VAL A 1492 -1.98 23.01 -32.95
C VAL A 1492 -2.66 24.11 -33.75
N ALA A 1493 -3.21 25.11 -33.06
CA ALA A 1493 -4.06 26.09 -33.73
C ALA A 1493 -3.26 27.02 -34.63
N PHE A 1494 -2.15 27.54 -34.13
CA PHE A 1494 -1.39 28.56 -34.85
C PHE A 1494 -0.12 27.99 -35.50
N ASP A 1495 -0.19 26.74 -35.95
CA ASP A 1495 0.91 26.09 -36.69
C ASP A 1495 2.21 26.09 -35.88
N GLY A 1496 2.10 25.87 -34.58
CA GLY A 1496 3.26 25.76 -33.72
C GLY A 1496 4.14 26.99 -33.68
N VAL A 1497 3.63 28.08 -33.12
CA VAL A 1497 4.45 29.29 -32.97
C VAL A 1497 5.60 29.02 -32.01
N LEU A 1498 5.35 28.27 -30.93
CA LEU A 1498 6.38 27.99 -29.95
C LEU A 1498 7.52 27.16 -30.54
N ARG A 1499 7.30 26.52 -31.69
CA ARG A 1499 8.37 25.74 -32.31
C ARG A 1499 9.54 26.63 -32.68
N GLU A 1500 9.27 27.80 -33.28
CA GLU A 1500 10.34 28.69 -33.69
C GLU A 1500 10.84 29.56 -32.55
N LEU A 1501 10.00 29.84 -31.56
CA LEU A 1501 10.41 30.71 -30.46
C LEU A 1501 11.59 30.12 -29.71
N PHE A 1502 11.56 28.82 -29.43
CA PHE A 1502 12.70 28.17 -28.79
C PHE A 1502 13.90 28.13 -29.74
N HIS A 1503 13.66 27.81 -31.01
CA HIS A 1503 14.73 27.62 -31.98
C HIS A 1503 15.16 28.91 -32.68
N SER A 1504 14.83 30.07 -32.14
CA SER A 1504 15.27 31.34 -32.71
C SER A 1504 16.49 31.90 -31.99
N ASP A 1505 17.11 31.13 -31.11
CA ASP A 1505 18.29 31.57 -30.38
C ASP A 1505 19.53 30.92 -30.95
N PRO A 1506 20.58 31.69 -31.22
CA PRO A 1506 21.80 31.10 -31.83
C PRO A 1506 22.42 29.99 -31.00
N VAL A 1507 22.39 30.10 -29.67
CA VAL A 1507 23.03 29.10 -28.84
C VAL A 1507 22.35 27.74 -28.99
N ILE A 1508 21.01 27.74 -28.99
CA ILE A 1508 20.29 26.48 -29.15
C ILE A 1508 20.26 26.05 -30.61
N GLU A 1509 20.35 27.01 -31.55
CA GLU A 1509 20.37 26.66 -32.96
C GLU A 1509 21.69 26.05 -33.38
N ALA A 1510 22.77 26.32 -32.65
CA ALA A 1510 24.06 25.74 -33.00
C ALA A 1510 24.09 24.23 -32.76
N ALA A 1511 23.40 23.76 -31.71
CA ALA A 1511 23.41 22.35 -31.34
C ALA A 1511 22.17 21.61 -31.79
N GLU A 1512 21.33 22.23 -32.64
CA GLU A 1512 20.12 21.57 -33.09
C GLU A 1512 20.40 20.36 -33.98
N LEU A 1513 21.62 20.27 -34.54
CA LEU A 1513 21.94 19.20 -35.48
C LEU A 1513 22.15 17.86 -34.80
N LEU A 1514 22.26 17.83 -33.47
CA LEU A 1514 22.25 16.55 -32.74
C LEU A 1514 20.90 15.86 -32.82
N LEU A 1515 19.86 16.57 -33.25
CA LEU A 1515 18.54 16.01 -33.48
C LEU A 1515 18.55 15.26 -34.80
N GLN A 1516 17.36 15.02 -35.36
CA GLN A 1516 17.19 14.32 -36.64
C GLN A 1516 17.45 12.83 -36.51
N GLU A 1517 18.42 12.33 -37.28
CA GLU A 1517 18.86 10.92 -37.38
C GLU A 1517 17.73 10.02 -37.86
N LYS A 1518 18.09 8.89 -38.45
CA LYS A 1518 17.14 7.95 -39.03
C LYS A 1518 16.94 6.75 -38.11
N ALA A 1519 15.79 6.10 -38.26
CA ALA A 1519 15.54 4.87 -37.54
C ALA A 1519 16.45 3.77 -38.07
N PRO A 1520 17.85 3.74 -37.62
CA PRO A 1520 18.65 2.49 -37.98
C PRO A 1520 18.08 1.38 -38.98
N ARG A 1521 16.78 0.79 -39.08
CA ARG A 1521 16.48 -0.15 -40.16
C ARG A 1521 16.70 -1.60 -39.76
N GLU A 1522 17.11 -1.87 -38.52
CA GLU A 1522 17.25 -3.24 -38.03
C GLU A 1522 16.95 -3.20 -36.52
N VAL A 1523 15.67 -3.44 -36.17
CA VAL A 1523 15.25 -3.43 -34.76
C VAL A 1523 15.72 -4.72 -34.09
N PRO A 1524 16.34 -4.64 -32.92
CA PRO A 1524 16.91 -5.83 -32.24
C PRO A 1524 15.88 -6.87 -31.82
N VAL A 1525 14.79 -6.44 -31.20
CA VAL A 1525 13.76 -7.37 -30.66
C VAL A 1525 14.31 -8.23 -29.52
N MET A 1526 13.95 -7.88 -28.29
CA MET A 1526 14.35 -8.67 -27.14
C MET A 1526 13.27 -9.68 -26.80
N SER A 1527 13.50 -10.45 -25.73
CA SER A 1527 12.52 -11.42 -25.29
C SER A 1527 11.31 -10.74 -24.67
N ALA A 1528 10.14 -11.32 -24.89
CA ALA A 1528 8.90 -10.76 -24.35
C ALA A 1528 8.80 -11.01 -22.85
N GLY A 1536 -8.28 -11.77 -23.07
CA GLY A 1536 -8.79 -10.75 -22.17
C GLY A 1536 -7.87 -10.58 -20.96
N LYS A 1537 -6.57 -10.81 -21.16
CA LYS A 1537 -5.62 -10.69 -20.07
C LYS A 1537 -5.51 -9.26 -19.58
N GLU A 1538 -5.75 -8.28 -20.45
CA GLU A 1538 -5.69 -6.88 -20.03
C GLU A 1538 -6.76 -6.58 -18.98
N GLN A 1539 -7.96 -7.10 -19.18
CA GLN A 1539 -9.04 -6.90 -18.21
C GLN A 1539 -8.99 -7.91 -17.06
N ALA A 1540 -8.18 -8.95 -17.16
CA ALA A 1540 -8.05 -9.96 -16.12
C ALA A 1540 -6.87 -9.70 -15.20
N ASP A 1541 -6.12 -8.62 -15.40
CA ASP A 1541 -4.97 -8.30 -14.58
C ASP A 1541 -5.21 -7.12 -13.65
N LEU A 1542 -6.36 -6.46 -13.74
CA LEU A 1542 -6.66 -5.34 -12.86
C LEU A 1542 -6.78 -5.83 -11.42
N LEU A 1543 -6.31 -5.01 -10.48
CA LEU A 1543 -6.34 -5.37 -9.07
C LEU A 1543 -7.79 -5.55 -8.60
N ARG A 1544 -8.03 -6.64 -7.88
CA ARG A 1544 -9.35 -6.97 -7.37
C ARG A 1544 -9.25 -7.28 -5.88
N ALA A 1545 -10.23 -6.81 -5.12
CA ALA A 1545 -10.25 -7.04 -3.68
C ALA A 1545 -10.79 -8.44 -3.39
N GLU A 1546 -11.06 -8.72 -2.12
CA GLU A 1546 -11.57 -10.02 -1.69
C GLU A 1546 -12.97 -9.86 -1.12
N VAL A 1547 -13.90 -10.68 -1.61
CA VAL A 1547 -15.27 -10.70 -1.11
C VAL A 1547 -15.52 -12.08 -0.51
N ARG A 1548 -15.73 -12.12 0.81
CA ARG A 1548 -15.90 -13.37 1.52
C ARG A 1548 -17.35 -13.81 1.39
N SER A 1549 -17.60 -14.73 0.46
CA SER A 1549 -18.94 -15.20 0.16
C SER A 1549 -19.17 -16.55 0.84
N ILE A 1550 -20.18 -16.63 1.70
CA ILE A 1550 -20.48 -17.83 2.47
C ILE A 1550 -21.96 -18.14 2.33
N ALA A 1551 -22.28 -19.38 1.97
CA ALA A 1551 -23.67 -19.74 1.71
C ALA A 1551 -24.42 -20.08 2.99
N ASP A 1552 -23.99 -21.12 3.70
CA ASP A 1552 -24.74 -21.65 4.84
C ASP A 1552 -23.80 -21.73 6.05
N PRO A 1553 -23.62 -20.61 6.75
CA PRO A 1553 -22.70 -20.62 7.90
C PRO A 1553 -23.13 -21.55 9.03
N ALA A 1554 -24.40 -21.96 9.07
CA ALA A 1554 -24.86 -22.81 10.15
C ALA A 1554 -24.15 -24.16 10.14
N VAL A 1555 -23.97 -24.75 8.96
CA VAL A 1555 -23.37 -26.08 8.86
C VAL A 1555 -21.87 -25.95 8.65
N ARG A 1556 -21.34 -24.74 8.82
CA ARG A 1556 -19.91 -24.48 8.70
C ARG A 1556 -19.39 -23.84 9.98
N ASP A 1557 -18.07 -23.73 10.07
CA ASP A 1557 -17.45 -23.08 11.21
C ASP A 1557 -17.73 -21.58 11.19
N ARG A 1558 -17.68 -20.97 12.37
CA ARG A 1558 -18.00 -19.56 12.51
C ARG A 1558 -16.90 -18.69 11.88
N GLU A 1559 -17.28 -17.46 11.56
CA GLU A 1559 -16.36 -16.47 11.03
C GLU A 1559 -16.69 -15.12 11.64
N VAL A 1560 -15.67 -14.26 11.71
CA VAL A 1560 -15.76 -13.01 12.47
C VAL A 1560 -15.35 -11.84 11.58
N VAL A 1561 -16.13 -10.76 11.65
CA VAL A 1561 -15.81 -9.50 10.99
C VAL A 1561 -15.79 -8.41 12.07
N PHE A 1562 -14.79 -7.53 12.00
CA PHE A 1562 -14.61 -6.48 12.99
C PHE A 1562 -14.94 -5.12 12.36
N LEU A 1563 -15.71 -4.32 13.09
CA LEU A 1563 -16.05 -2.96 12.68
C LEU A 1563 -15.64 -2.01 13.79
N SER A 1564 -14.87 -0.97 13.43
CA SER A 1564 -14.36 -0.05 14.42
C SER A 1564 -14.11 1.31 13.80
N ASN A 1565 -14.36 2.36 14.59
CA ASN A 1565 -14.06 3.73 14.21
C ASN A 1565 -12.77 4.25 14.86
N GLY A 1566 -11.99 3.36 15.48
CA GLY A 1566 -10.81 3.73 16.22
C GLY A 1566 -11.00 3.69 17.72
N HIS A 1567 -12.19 4.08 18.21
CA HIS A 1567 -12.50 4.00 19.63
C HIS A 1567 -13.89 3.45 19.89
N TYR A 1568 -14.53 2.87 18.88
CA TYR A 1568 -15.83 2.21 19.05
C TYR A 1568 -15.77 0.93 18.20
N SER A 1569 -15.47 -0.19 18.84
CA SER A 1569 -15.27 -1.45 18.13
C SER A 1569 -16.40 -2.41 18.45
N THR A 1570 -16.87 -3.11 17.42
CA THR A 1570 -17.89 -4.14 17.56
C THR A 1570 -17.47 -5.39 16.81
N MET A 1571 -17.88 -6.54 17.31
CA MET A 1571 -17.53 -7.84 16.73
C MET A 1571 -18.80 -8.55 16.29
N LEU A 1572 -18.79 -9.11 15.08
CA LEU A 1572 -19.93 -9.82 14.54
C LEU A 1572 -19.49 -11.20 14.08
N THR A 1573 -20.23 -12.22 14.50
CA THR A 1573 -19.92 -13.60 14.15
C THR A 1573 -20.63 -13.97 12.86
N SER A 1574 -20.61 -15.26 12.50
CA SER A 1574 -21.19 -15.72 11.25
C SER A 1574 -22.72 -15.73 11.27
N THR A 1575 -23.34 -15.58 12.43
CA THR A 1575 -24.80 -15.67 12.52
C THR A 1575 -25.35 -14.57 13.41
N GLY A 1576 -24.75 -13.38 13.37
CA GLY A 1576 -25.29 -12.21 14.02
C GLY A 1576 -24.92 -12.02 15.47
N ALA A 1577 -24.20 -12.95 16.08
CA ALA A 1577 -23.79 -12.81 17.47
C ALA A 1577 -22.63 -11.82 17.58
N GLY A 1578 -22.32 -11.42 18.80
CA GLY A 1578 -21.20 -10.53 19.04
C GLY A 1578 -21.47 -9.62 20.22
N TYR A 1579 -20.77 -8.50 20.24
CA TYR A 1579 -20.83 -7.53 21.33
C TYR A 1579 -20.57 -6.14 20.76
N SER A 1580 -20.27 -5.19 21.64
CA SER A 1580 -19.91 -3.83 21.23
C SER A 1580 -19.01 -3.24 22.32
N LYS A 1581 -17.76 -2.96 21.98
CA LYS A 1581 -16.79 -2.43 22.92
C LYS A 1581 -16.56 -0.95 22.65
N TRP A 1582 -16.75 -0.13 23.67
CA TRP A 1582 -16.56 1.32 23.57
C TRP A 1582 -15.43 1.73 24.50
N ASN A 1583 -14.33 2.20 23.93
CA ASN A 1583 -13.18 2.73 24.66
C ASN A 1583 -12.58 1.73 25.64
N GLY A 1584 -12.90 0.44 25.50
CA GLY A 1584 -12.40 -0.58 26.41
C GLY A 1584 -13.46 -1.19 27.31
N GLN A 1585 -14.63 -0.58 27.44
CA GLN A 1585 -15.71 -1.13 28.23
C GLN A 1585 -16.67 -1.89 27.32
N ALA A 1586 -17.74 -2.43 27.92
CA ALA A 1586 -18.71 -3.23 27.20
C ALA A 1586 -20.02 -2.48 27.04
N ILE A 1587 -20.80 -2.90 26.04
CA ILE A 1587 -22.15 -2.38 25.82
C ILE A 1587 -23.19 -3.48 25.92
N SER A 1588 -22.93 -4.64 25.32
CA SER A 1588 -23.79 -5.81 25.42
C SER A 1588 -23.00 -6.96 26.01
N ARG A 1589 -23.63 -7.71 26.92
CA ARG A 1589 -22.94 -8.80 27.59
C ARG A 1589 -22.52 -9.88 26.59
N TRP A 1590 -21.33 -10.43 26.81
CA TRP A 1590 -20.79 -11.46 25.93
C TRP A 1590 -19.88 -12.37 26.73
N LYS A 1591 -19.96 -13.68 26.43
CA LYS A 1591 -19.08 -14.67 27.03
C LYS A 1591 -18.58 -15.60 25.95
N ALA A 1592 -17.42 -16.21 26.20
CA ALA A 1592 -16.76 -17.07 25.22
C ALA A 1592 -17.16 -18.52 25.48
N ASP A 1593 -18.32 -18.90 24.94
CA ASP A 1593 -18.80 -20.27 25.00
C ASP A 1593 -18.68 -20.91 23.62
N PRO A 1594 -17.68 -21.76 23.39
CA PRO A 1594 -17.55 -22.38 22.07
C PRO A 1594 -18.75 -23.24 21.66
N THR A 1595 -19.40 -23.89 22.61
CA THR A 1595 -20.50 -24.81 22.30
C THR A 1595 -21.87 -24.13 22.33
N ASP A 1596 -21.93 -22.84 22.66
CA ASP A 1596 -23.21 -22.14 22.68
C ASP A 1596 -23.29 -21.06 21.60
N ASP A 1597 -22.37 -20.10 21.61
CA ASP A 1597 -22.30 -19.03 20.59
C ASP A 1597 -23.64 -18.30 20.41
N ARG A 1598 -24.49 -18.31 21.45
CA ARG A 1598 -25.81 -17.70 21.38
C ARG A 1598 -25.90 -16.46 22.27
N TRP A 1599 -24.83 -15.67 22.33
CA TRP A 1599 -24.76 -14.48 23.15
C TRP A 1599 -24.60 -13.25 22.26
N GLY A 1600 -25.39 -12.22 22.53
CA GLY A 1600 -25.30 -10.97 21.82
C GLY A 1600 -26.67 -10.44 21.46
N THR A 1601 -26.67 -9.38 20.66
CA THR A 1601 -27.92 -8.77 20.22
C THR A 1601 -28.52 -9.56 19.06
N PHE A 1602 -29.83 -9.75 19.10
CA PHE A 1602 -30.54 -10.50 18.08
C PHE A 1602 -31.78 -9.75 17.63
N ILE A 1603 -32.15 -9.95 16.37
CA ILE A 1603 -33.36 -9.37 15.79
C ILE A 1603 -34.30 -10.52 15.43
N PHE A 1604 -35.52 -10.47 15.94
CA PHE A 1604 -36.48 -11.55 15.80
C PHE A 1604 -37.61 -11.14 14.86
N LEU A 1605 -38.06 -12.08 14.03
CA LEU A 1605 -39.18 -11.87 13.14
C LEU A 1605 -40.26 -12.90 13.45
N ARG A 1606 -41.50 -12.43 13.65
CA ARG A 1606 -42.62 -13.28 13.98
C ARG A 1606 -43.70 -13.17 12.91
N ASP A 1607 -44.32 -14.31 12.61
CA ASP A 1607 -45.47 -14.36 11.71
C ASP A 1607 -46.74 -14.23 12.52
N THR A 1608 -47.52 -13.18 12.25
CA THR A 1608 -48.71 -12.91 13.05
C THR A 1608 -49.78 -13.97 12.83
N THR A 1609 -50.09 -14.28 11.57
CA THR A 1609 -51.16 -15.23 11.28
C THR A 1609 -50.79 -16.64 11.73
N ASN A 1610 -49.60 -17.12 11.35
CA ASN A 1610 -49.20 -18.48 11.69
C ASN A 1610 -48.79 -18.61 13.15
N GLY A 1611 -48.28 -17.54 13.75
CA GLY A 1611 -47.79 -17.59 15.11
C GLY A 1611 -46.33 -18.00 15.24
N GLN A 1612 -45.69 -18.41 14.15
CA GLN A 1612 -44.29 -18.81 14.20
C GLN A 1612 -43.40 -17.58 14.29
N TRP A 1613 -42.31 -17.70 15.05
CA TRP A 1613 -41.35 -16.64 15.22
C TRP A 1613 -39.95 -17.17 14.92
N TRP A 1614 -39.11 -16.31 14.34
CA TRP A 1614 -37.73 -16.66 14.05
C TRP A 1614 -36.89 -15.39 14.10
N SER A 1615 -35.66 -15.49 13.63
CA SER A 1615 -34.72 -14.37 13.65
C SER A 1615 -34.22 -14.08 12.24
N ALA A 1616 -33.78 -12.84 12.03
CA ALA A 1616 -33.22 -12.47 10.73
C ALA A 1616 -31.96 -13.28 10.43
N THR A 1617 -31.08 -13.43 11.43
CA THR A 1617 -29.96 -14.35 11.29
C THR A 1617 -30.38 -15.80 11.48
N ALA A 1618 -31.54 -16.03 12.10
CA ALA A 1618 -32.17 -17.34 12.30
C ALA A 1618 -31.38 -18.26 13.23
N GLU A 1619 -30.24 -17.81 13.76
CA GLU A 1619 -29.45 -18.67 14.64
C GLU A 1619 -30.19 -19.06 15.91
N PRO A 1620 -30.80 -18.15 16.68
CA PRO A 1620 -31.47 -18.59 17.92
C PRO A 1620 -32.75 -19.39 17.68
N ARG A 1621 -33.28 -19.41 16.46
CA ARG A 1621 -34.50 -20.16 16.17
C ARG A 1621 -34.27 -21.30 15.21
N VAL A 1622 -33.74 -21.02 14.02
CA VAL A 1622 -33.52 -22.01 12.96
C VAL A 1622 -34.84 -22.63 12.51
N ILE A 1623 -35.33 -22.23 11.35
CA ILE A 1623 -36.55 -22.77 10.76
C ILE A 1623 -36.15 -23.79 9.70
N GLU A 1624 -37.00 -24.81 9.52
CA GLU A 1624 -36.73 -25.84 8.53
C GLU A 1624 -36.61 -25.22 7.14
N GLY A 1625 -35.69 -25.76 6.34
CA GLY A 1625 -35.33 -25.14 5.08
C GLY A 1625 -34.05 -24.35 5.22
N GLU A 1626 -34.18 -23.02 5.38
CA GLU A 1626 -33.05 -22.13 5.68
C GLU A 1626 -31.99 -22.19 4.58
N LYS A 1627 -32.40 -21.73 3.40
CA LYS A 1627 -31.49 -21.52 2.28
C LYS A 1627 -30.94 -20.11 2.42
N THR A 1628 -29.85 -19.97 3.17
CA THR A 1628 -29.31 -18.68 3.55
C THR A 1628 -28.09 -18.34 2.70
N LYS A 1629 -27.54 -17.14 2.95
CA LYS A 1629 -26.34 -16.68 2.28
C LYS A 1629 -25.74 -15.58 3.15
N THR A 1630 -24.42 -15.39 3.05
CA THR A 1630 -23.76 -14.44 3.93
C THR A 1630 -22.59 -13.77 3.22
N ILE A 1631 -22.49 -12.45 3.38
CA ILE A 1631 -21.38 -11.65 2.87
C ILE A 1631 -20.79 -10.85 4.03
N PHE A 1632 -19.48 -10.99 4.23
CA PHE A 1632 -18.75 -10.31 5.30
C PHE A 1632 -17.60 -9.50 4.73
N THR A 1633 -17.87 -8.72 3.70
CA THR A 1633 -16.88 -7.78 3.20
C THR A 1633 -16.68 -6.65 4.22
N ASP A 1634 -15.80 -5.73 3.88
CA ASP A 1634 -15.55 -4.59 4.77
C ASP A 1634 -16.78 -3.68 4.82
N ASP A 1635 -16.71 -2.67 5.69
CA ASP A 1635 -17.77 -1.69 5.87
C ASP A 1635 -19.05 -2.35 6.41
N LYS A 1636 -19.71 -3.14 5.58
CA LYS A 1636 -21.00 -3.72 5.93
C LYS A 1636 -20.90 -5.24 5.95
N ALA A 1637 -21.65 -5.85 6.87
CA ALA A 1637 -21.79 -7.31 6.96
C ALA A 1637 -23.20 -7.66 6.51
N GLU A 1638 -23.31 -8.44 5.45
CA GLU A 1638 -24.58 -8.71 4.80
C GLU A 1638 -25.09 -10.10 5.19
N PHE A 1639 -26.36 -10.17 5.58
CA PHE A 1639 -27.02 -11.41 5.94
C PHE A 1639 -28.17 -11.67 4.96
N HIS A 1640 -28.24 -12.90 4.45
CA HIS A 1640 -29.32 -13.32 3.57
C HIS A 1640 -30.06 -14.50 4.19
N LYS A 1641 -31.37 -14.54 4.00
CA LYS A 1641 -32.17 -15.66 4.49
C LYS A 1641 -33.53 -15.61 3.80
N THR A 1642 -33.91 -16.72 3.16
CA THR A 1642 -35.21 -16.83 2.51
C THR A 1642 -35.91 -18.09 2.98
N ILE A 1643 -37.22 -17.97 3.23
CA ILE A 1643 -38.03 -19.12 3.65
C ILE A 1643 -39.47 -18.86 3.26
N GLY A 1644 -40.09 -19.86 2.61
CA GLY A 1644 -41.50 -19.80 2.28
C GLY A 1644 -41.91 -18.60 1.46
N ASP A 1645 -41.21 -18.35 0.34
CA ASP A 1645 -41.45 -17.21 -0.52
C ASP A 1645 -41.27 -15.88 0.20
N LEU A 1646 -40.55 -15.88 1.31
CA LEU A 1646 -40.26 -14.69 2.09
C LEU A 1646 -38.77 -14.66 2.39
N GLN A 1647 -38.12 -13.55 2.08
CA GLN A 1647 -36.68 -13.41 2.29
C GLN A 1647 -36.40 -12.14 3.09
N SER A 1648 -35.42 -12.21 3.97
CA SER A 1648 -35.00 -11.08 4.79
C SER A 1648 -33.50 -10.89 4.63
N VAL A 1649 -33.10 -9.67 4.27
CA VAL A 1649 -31.70 -9.30 4.14
C VAL A 1649 -31.41 -8.15 5.09
N VAL A 1650 -30.37 -8.31 5.90
CA VAL A 1650 -29.99 -7.30 6.90
C VAL A 1650 -28.50 -7.02 6.75
N GLU A 1651 -28.15 -5.75 6.70
CA GLU A 1651 -26.75 -5.32 6.71
C GLU A 1651 -26.52 -4.44 7.93
N CYS A 1652 -25.43 -4.72 8.65
CA CYS A 1652 -25.09 -4.01 9.87
C CYS A 1652 -23.80 -3.22 9.64
N ILE A 1653 -23.85 -1.92 9.92
CA ILE A 1653 -22.70 -1.05 9.73
C ILE A 1653 -22.63 -0.06 10.89
N VAL A 1654 -21.42 0.29 11.28
CA VAL A 1654 -21.18 1.30 12.31
C VAL A 1654 -20.98 2.65 11.64
N ALA A 1655 -21.66 3.66 12.16
CA ALA A 1655 -21.63 4.99 11.56
C ALA A 1655 -20.33 5.70 11.96
N THR A 1656 -20.23 6.98 11.63
CA THR A 1656 -19.05 7.78 11.91
C THR A 1656 -19.48 9.07 12.59
N GLU A 1657 -18.59 9.60 13.43
CA GLU A 1657 -18.70 10.88 14.14
C GLU A 1657 -19.68 10.84 15.31
N HIS A 1658 -20.37 9.72 15.54
CA HIS A 1658 -21.32 9.64 16.65
C HIS A 1658 -21.31 8.31 17.39
N ASP A 1659 -20.41 7.38 17.05
CA ASP A 1659 -20.34 6.06 17.67
C ASP A 1659 -21.69 5.36 17.60
N ALA A 1660 -22.25 5.34 16.39
CA ALA A 1660 -23.56 4.76 16.14
C ALA A 1660 -23.41 3.52 15.27
N GLU A 1661 -24.08 2.44 15.67
CA GLU A 1661 -24.09 1.20 14.91
C GLU A 1661 -25.50 0.96 14.37
N GLY A 1662 -25.60 0.78 13.05
CA GLY A 1662 -26.88 0.68 12.38
C GLY A 1662 -27.15 -0.76 11.95
N ARG A 1663 -28.39 -1.20 12.19
CA ARG A 1663 -28.87 -2.50 11.76
C ARG A 1663 -30.09 -2.26 10.85
N ARG A 1664 -29.83 -2.10 9.57
CA ARG A 1664 -30.89 -1.90 8.59
C ARG A 1664 -31.44 -3.24 8.14
N ILE A 1665 -32.68 -3.56 8.54
CA ILE A 1665 -33.37 -4.76 8.09
C ILE A 1665 -34.11 -4.43 6.81
N THR A 1666 -33.91 -5.25 5.78
CA THR A 1666 -34.49 -5.03 4.47
C THR A 1666 -35.27 -6.27 4.07
N LEU A 1667 -36.54 -6.09 3.72
CA LEU A 1667 -37.43 -7.20 3.43
C LEU A 1667 -38.15 -6.95 2.11
N LEU A 1668 -38.18 -7.97 1.26
CA LEU A 1668 -38.83 -7.89 -0.05
C LEU A 1668 -39.70 -9.12 -0.24
N ASN A 1669 -40.81 -8.95 -0.97
CA ASN A 1669 -41.76 -10.03 -1.21
C ASN A 1669 -42.09 -10.09 -2.69
N VAL A 1670 -42.13 -11.30 -3.24
CA VAL A 1670 -42.46 -11.54 -4.64
C VAL A 1670 -43.63 -12.51 -4.78
N GLY A 1671 -44.47 -12.60 -3.76
CA GLY A 1671 -45.62 -13.49 -3.78
C GLY A 1671 -46.82 -12.87 -4.46
N SER A 1672 -47.99 -13.46 -4.18
CA SER A 1672 -49.26 -12.95 -4.69
C SER A 1672 -50.24 -12.64 -3.58
N GLU A 1673 -49.80 -12.69 -2.32
CA GLU A 1673 -50.68 -12.44 -1.19
C GLU A 1673 -49.98 -11.52 -0.20
N ASP A 1674 -50.77 -10.81 0.59
CA ASP A 1674 -50.24 -9.92 1.62
C ASP A 1674 -49.81 -10.74 2.82
N ARG A 1675 -48.59 -10.51 3.29
CA ARG A 1675 -48.03 -11.24 4.41
C ARG A 1675 -48.05 -10.36 5.66
N TYR A 1676 -48.58 -10.91 6.75
CA TYR A 1676 -48.70 -10.20 8.03
C TYR A 1676 -47.67 -10.78 9.00
N ILE A 1677 -46.55 -10.09 9.16
CA ILE A 1677 -45.46 -10.54 10.00
C ILE A 1677 -45.00 -9.39 10.89
N GLU A 1678 -44.30 -9.74 11.96
CA GLU A 1678 -43.83 -8.78 12.95
C GLU A 1678 -42.33 -8.89 13.11
N VAL A 1679 -41.72 -7.80 13.59
CA VAL A 1679 -40.28 -7.73 13.82
C VAL A 1679 -40.03 -7.41 15.29
N THR A 1680 -39.10 -8.13 15.91
CA THR A 1680 -38.76 -7.95 17.31
C THR A 1680 -37.25 -7.76 17.44
N SER A 1681 -36.86 -6.89 18.36
CA SER A 1681 -35.46 -6.66 18.68
C SER A 1681 -35.13 -7.20 20.06
N TYR A 1682 -33.85 -7.39 20.32
CA TYR A 1682 -33.40 -7.94 21.60
C TYR A 1682 -31.95 -7.53 21.82
N MET A 1683 -31.70 -6.72 22.84
CA MET A 1683 -30.35 -6.32 23.22
C MET A 1683 -30.29 -6.15 24.73
N GLU A 1684 -29.13 -6.48 25.30
CA GLU A 1684 -28.94 -6.41 26.75
C GLU A 1684 -27.93 -5.33 27.09
N PRO A 1685 -28.34 -4.21 27.69
CA PRO A 1685 -27.39 -3.15 28.04
C PRO A 1685 -26.58 -3.50 29.27
N VAL A 1686 -25.26 -3.60 29.10
CA VAL A 1686 -24.33 -3.84 30.20
C VAL A 1686 -23.17 -2.88 30.06
N ILE A 1687 -22.86 -2.16 31.14
CA ILE A 1687 -21.77 -1.19 31.16
C ILE A 1687 -20.87 -1.56 32.33
N ALA A 1688 -19.70 -2.12 32.03
CA ALA A 1688 -18.74 -2.52 33.06
C ALA A 1688 -17.35 -2.53 32.44
N SER A 1689 -16.39 -3.09 33.19
CA SER A 1689 -14.99 -3.09 32.78
C SER A 1689 -14.56 -4.41 32.16
N GLU A 1690 -15.51 -5.20 31.65
CA GLU A 1690 -15.29 -6.50 31.02
C GLU A 1690 -14.77 -7.55 31.99
N ASP A 1691 -14.54 -7.19 33.25
CA ASP A 1691 -14.12 -8.13 34.28
C ASP A 1691 -15.01 -8.06 35.52
N ASP A 1692 -15.48 -6.87 35.88
CA ASP A 1692 -16.41 -6.74 36.99
C ASP A 1692 -17.74 -7.41 36.67
N ASP A 1693 -18.22 -7.24 35.43
CA ASP A 1693 -19.48 -7.89 35.04
C ASP A 1693 -19.35 -9.41 35.06
N ASN A 1694 -18.21 -9.93 34.62
CA ASN A 1694 -17.99 -11.37 34.58
C ASN A 1694 -17.65 -11.95 35.95
N ALA A 1695 -17.46 -11.11 36.96
CA ALA A 1695 -17.16 -11.57 38.31
C ALA A 1695 -18.44 -11.73 39.14
N HIS A 1696 -19.19 -10.64 39.31
CA HIS A 1696 -20.46 -10.64 40.04
C HIS A 1696 -21.51 -9.96 39.18
N PRO A 1697 -22.13 -10.69 38.27
CA PRO A 1697 -23.09 -10.06 37.34
C PRO A 1697 -24.30 -9.44 38.03
N LEU A 1698 -24.62 -9.86 39.26
CA LEU A 1698 -25.82 -9.35 39.92
C LEU A 1698 -25.75 -7.84 40.12
N PHE A 1699 -24.61 -7.34 40.57
CA PHE A 1699 -24.47 -5.90 40.78
C PHE A 1699 -24.64 -5.14 39.47
N SER A 1700 -23.75 -5.40 38.50
CA SER A 1700 -23.79 -4.68 37.24
C SER A 1700 -25.15 -4.78 36.57
N ARG A 1701 -25.87 -5.88 36.79
CA ARG A 1701 -27.25 -5.96 36.35
C ARG A 1701 -28.14 -5.01 37.14
N MET A 1702 -27.87 -4.86 38.44
CA MET A 1702 -28.77 -4.10 39.31
C MET A 1702 -28.64 -2.60 39.08
N PHE A 1703 -27.42 -2.09 38.92
CA PHE A 1703 -27.26 -0.64 38.75
C PHE A 1703 -27.82 -0.11 37.42
N VAL A 1704 -28.18 -0.98 36.48
CA VAL A 1704 -28.74 -0.50 35.22
C VAL A 1704 -30.08 0.17 35.48
N GLN A 1705 -30.32 1.28 34.79
CA GLN A 1705 -31.47 2.16 35.02
C GLN A 1705 -32.22 2.40 33.72
N THR A 1706 -32.58 1.32 33.03
CA THR A 1706 -33.32 1.44 31.77
C THR A 1706 -34.59 2.25 31.95
N GLU A 1707 -34.82 3.19 31.04
CA GLU A 1707 -35.96 4.08 31.11
C GLU A 1707 -36.28 4.59 29.71
N ILE A 1708 -37.58 4.81 29.47
CA ILE A 1708 -38.06 5.31 28.18
C ILE A 1708 -38.89 6.57 28.44
N GLY A 1709 -38.64 7.61 27.67
CA GLY A 1709 -39.30 8.88 27.81
C GLY A 1709 -40.32 9.14 26.72
N ARG A 1710 -40.50 10.42 26.39
CA ARG A 1710 -41.45 10.81 25.36
C ARG A 1710 -40.98 10.31 23.99
N ARG A 1711 -41.92 10.21 23.06
CA ARG A 1711 -41.65 9.69 21.72
C ARG A 1711 -41.02 8.30 21.82
N GLY A 1712 -41.84 7.35 22.28
CA GLY A 1712 -41.33 6.08 22.75
C GLY A 1712 -40.77 5.19 21.67
N ASP A 1713 -39.72 5.67 21.01
CA ASP A 1713 -38.91 4.87 20.12
C ASP A 1713 -37.45 4.80 20.57
N VAL A 1714 -37.07 5.53 21.61
CA VAL A 1714 -35.71 5.56 22.13
C VAL A 1714 -35.74 5.14 23.59
N ILE A 1715 -34.90 4.18 23.94
CA ILE A 1715 -34.75 3.72 25.32
C ILE A 1715 -33.32 4.04 25.76
N ARG A 1716 -33.18 4.88 26.76
CA ARG A 1716 -31.89 5.32 27.26
C ARG A 1716 -31.62 4.68 28.61
N ALA A 1717 -30.47 4.03 28.74
CA ALA A 1717 -30.07 3.35 29.97
C ALA A 1717 -28.70 3.84 30.40
N TRP A 1718 -28.60 4.33 31.62
CA TRP A 1718 -27.34 4.80 32.17
C TRP A 1718 -27.18 4.28 33.59
N ARG A 1719 -25.94 3.96 33.95
CA ARG A 1719 -25.64 3.48 35.29
C ARG A 1719 -25.79 4.61 36.29
N ASN A 1720 -26.48 4.34 37.40
CA ASN A 1720 -26.61 5.33 38.45
C ASN A 1720 -25.27 5.60 39.11
N ARG A 1721 -25.06 6.84 39.53
CA ARG A 1721 -23.75 7.28 39.99
C ARG A 1721 -23.56 6.93 41.46
N ARG A 1722 -22.40 6.33 41.78
CA ARG A 1722 -22.03 5.99 43.14
C ARG A 1722 -21.07 7.00 43.74
N SER A 1723 -19.94 7.23 43.06
CA SER A 1723 -18.89 8.14 43.50
C SER A 1723 -18.58 9.12 42.38
N GLN A 1724 -17.48 9.85 42.53
CA GLN A 1724 -17.04 10.80 41.52
C GLN A 1724 -16.02 10.20 40.55
N ASN A 1725 -15.82 8.88 40.58
CA ASN A 1725 -14.82 8.23 39.74
C ASN A 1725 -15.41 7.35 38.64
N GLU A 1726 -16.71 7.03 38.69
CA GLU A 1726 -17.30 6.23 37.63
C GLU A 1726 -17.36 7.03 36.32
N PRO A 1727 -17.16 6.36 35.18
CA PRO A 1727 -17.13 7.09 33.90
C PRO A 1727 -18.47 7.71 33.51
N GLY A 1728 -19.55 6.93 33.59
CA GLY A 1728 -20.83 7.38 33.07
C GLY A 1728 -21.20 6.69 31.78
N THR A 1729 -20.99 7.38 30.65
CA THR A 1729 -21.17 6.82 29.31
C THR A 1729 -22.60 6.33 29.09
N VAL A 1730 -23.52 7.30 29.08
CA VAL A 1730 -24.92 7.01 28.83
C VAL A 1730 -25.08 6.44 27.43
N ILE A 1731 -25.81 5.32 27.33
CA ILE A 1731 -26.08 4.67 26.06
C ILE A 1731 -27.59 4.71 25.80
N ALA A 1732 -27.96 4.43 24.55
CA ALA A 1732 -29.36 4.48 24.16
C ALA A 1732 -29.57 3.60 22.93
N HIS A 1733 -30.83 3.28 22.68
CA HIS A 1733 -31.25 2.49 21.54
C HIS A 1733 -32.33 3.25 20.77
N LEU A 1734 -32.36 3.06 19.45
CA LEU A 1734 -33.25 3.81 18.59
C LEU A 1734 -34.08 2.86 17.74
N ALA A 1735 -35.37 3.17 17.58
CA ALA A 1735 -36.27 2.39 16.74
C ALA A 1735 -36.33 2.94 15.32
N ALA A 1736 -36.64 4.23 15.17
CA ALA A 1736 -36.59 4.94 13.88
C ALA A 1736 -37.35 4.19 12.79
N ASP A 1737 -38.67 4.11 13.00
CA ASP A 1737 -39.52 3.40 12.06
C ASP A 1737 -39.51 4.07 10.69
N ASN A 1738 -39.66 3.25 9.66
CA ASN A 1738 -39.66 3.74 8.28
C ASN A 1738 -40.54 2.83 7.44
N ALA A 1739 -40.95 3.35 6.27
CA ALA A 1739 -41.81 2.63 5.33
C ALA A 1739 -43.10 2.17 6.01
N GLY A 1740 -43.65 3.03 6.85
CA GLY A 1740 -44.90 2.75 7.54
C GLY A 1740 -45.67 4.02 7.82
N PRO A 1741 -46.97 4.01 7.52
CA PRO A 1741 -47.78 5.23 7.70
C PRO A 1741 -47.88 5.68 9.15
N SER A 1742 -48.39 4.81 10.02
CA SER A 1742 -48.48 5.13 11.45
C SER A 1742 -48.73 3.85 12.22
N ARG A 1743 -47.83 3.51 13.14
CA ARG A 1743 -47.98 2.38 14.04
C ARG A 1743 -47.21 2.68 15.32
N PRO A 1744 -47.70 2.22 16.47
CA PRO A 1744 -46.96 2.43 17.73
C PRO A 1744 -46.04 1.27 18.06
N THR A 1745 -44.93 1.62 18.72
CA THR A 1745 -43.97 0.62 19.17
C THR A 1745 -44.27 0.23 20.62
N GLU A 1746 -43.72 -0.91 21.03
CA GLU A 1746 -43.91 -1.43 22.37
C GLU A 1746 -42.58 -1.96 22.88
N PHE A 1747 -42.40 -1.89 24.20
CA PHE A 1747 -41.16 -2.30 24.83
C PHE A 1747 -41.44 -3.30 25.96
N GLU A 1748 -40.45 -4.13 26.24
CA GLU A 1748 -40.50 -5.15 27.28
C GLU A 1748 -39.21 -5.13 28.10
N THR A 1749 -38.85 -3.95 28.61
CA THR A 1749 -37.53 -3.78 29.22
C THR A 1749 -37.44 -4.52 30.56
N ASP A 1750 -37.51 -5.84 30.49
CA ASP A 1750 -37.28 -6.72 31.65
C ASP A 1750 -37.02 -8.11 31.12
N ARG A 1751 -35.85 -8.67 31.41
CA ARG A 1751 -35.51 -9.99 30.92
C ARG A 1751 -36.11 -11.10 31.76
N ALA A 1752 -36.55 -10.79 32.99
CA ALA A 1752 -37.21 -11.79 33.82
C ALA A 1752 -38.48 -12.31 33.17
N LYS A 1753 -39.28 -11.41 32.61
CA LYS A 1753 -40.47 -11.83 31.87
C LYS A 1753 -40.15 -12.28 30.45
N PHE A 1754 -38.97 -11.92 29.93
CA PHE A 1754 -38.58 -12.35 28.60
C PHE A 1754 -38.17 -13.82 28.58
N ILE A 1755 -37.46 -14.27 29.62
CA ILE A 1755 -37.04 -15.66 29.69
C ILE A 1755 -38.18 -16.54 30.17
N GLY A 1756 -38.64 -16.32 31.39
CA GLY A 1756 -39.76 -17.05 31.95
C GLY A 1756 -39.46 -18.03 33.06
N ARG A 1757 -38.32 -17.92 33.74
CA ARG A 1757 -37.96 -18.76 34.88
C ARG A 1757 -37.95 -20.24 34.49
N GLY A 1758 -36.99 -20.57 33.64
CA GLY A 1758 -36.77 -21.96 33.27
C GLY A 1758 -36.58 -22.18 31.78
N ARG A 1759 -36.91 -21.16 30.99
CA ARG A 1759 -36.81 -21.25 29.55
C ARG A 1759 -35.44 -20.75 29.09
N SER A 1760 -35.26 -20.60 27.77
CA SER A 1760 -34.00 -20.15 27.21
C SER A 1760 -34.30 -19.29 25.98
N LEU A 1761 -33.24 -18.88 25.28
CA LEU A 1761 -33.41 -18.08 24.09
C LEU A 1761 -34.07 -18.86 22.97
N ARG A 1762 -33.70 -20.14 22.81
CA ARG A 1762 -34.28 -20.95 21.73
C ARG A 1762 -35.75 -21.25 21.98
N GLU A 1763 -36.18 -21.24 23.25
CA GLU A 1763 -37.58 -21.44 23.62
C GLU A 1763 -37.96 -20.32 24.56
N ALA A 1764 -38.38 -19.19 24.01
CA ALA A 1764 -38.67 -18.00 24.78
C ALA A 1764 -40.12 -18.01 25.26
N ALA A 1765 -40.47 -17.04 26.10
CA ALA A 1765 -41.81 -16.89 26.64
C ALA A 1765 -42.56 -15.70 26.07
N ALA A 1766 -41.86 -14.61 25.74
CA ALA A 1766 -42.52 -13.45 25.15
C ALA A 1766 -43.09 -13.76 23.78
N PHE A 1767 -42.45 -14.67 23.04
CA PHE A 1767 -42.91 -15.05 21.71
C PHE A 1767 -43.97 -16.15 21.81
N ASP A 1768 -45.04 -15.83 22.52
CA ASP A 1768 -46.15 -16.76 22.74
C ASP A 1768 -47.46 -15.99 22.68
N ALA A 1769 -48.53 -16.71 22.39
CA ALA A 1769 -49.85 -16.11 22.33
C ALA A 1769 -50.22 -15.52 23.69
N GLY A 1770 -50.41 -14.21 23.73
CA GLY A 1770 -50.68 -13.52 24.97
C GLY A 1770 -49.42 -13.07 25.68
N ALA A 1771 -49.63 -12.22 26.68
CA ALA A 1771 -48.53 -11.62 27.46
C ALA A 1771 -47.51 -10.95 26.54
N THR A 1772 -47.99 -9.94 25.81
CA THR A 1772 -47.22 -9.29 24.75
C THR A 1772 -46.72 -7.94 25.25
N LEU A 1773 -45.48 -7.92 25.77
CA LEU A 1773 -44.74 -6.69 26.04
C LEU A 1773 -45.50 -5.80 27.03
N SER A 1774 -45.58 -6.29 28.27
CA SER A 1774 -46.33 -5.63 29.33
C SER A 1774 -45.80 -4.25 29.67
N SER A 1775 -44.70 -3.84 29.04
CA SER A 1775 -44.14 -2.49 29.15
C SER A 1775 -43.80 -2.15 30.60
N SER A 1776 -42.83 -2.89 31.13
CA SER A 1776 -42.29 -2.65 32.46
C SER A 1776 -41.03 -1.80 32.35
N ASP A 1777 -40.98 -0.73 33.13
CA ASP A 1777 -39.84 0.19 33.11
C ASP A 1777 -39.55 0.67 34.52
N GLY A 1778 -38.31 1.13 34.71
CA GLY A 1778 -37.86 1.62 36.00
C GLY A 1778 -36.60 0.89 36.46
N PHE A 1779 -36.49 0.71 37.78
CA PHE A 1779 -35.36 0.00 38.38
C PHE A 1779 -35.62 -1.50 38.38
N THR A 1780 -35.73 -2.05 37.17
CA THR A 1780 -35.99 -3.47 37.02
C THR A 1780 -34.78 -4.30 37.45
N LEU A 1781 -35.08 -5.46 38.04
CA LEU A 1781 -34.01 -6.31 38.56
C LEU A 1781 -33.11 -6.84 37.45
N ASP A 1782 -33.69 -7.28 36.34
CA ASP A 1782 -32.96 -7.89 35.23
C ASP A 1782 -33.35 -7.19 33.94
N PRO A 1783 -32.77 -6.02 33.67
CA PRO A 1783 -33.21 -5.21 32.54
C PRO A 1783 -32.57 -5.61 31.21
N ILE A 1784 -33.35 -5.45 30.15
CA ILE A 1784 -32.89 -5.55 28.77
C ILE A 1784 -33.61 -4.47 27.95
N LEU A 1785 -33.29 -4.41 26.66
CA LEU A 1785 -33.96 -3.52 25.73
C LEU A 1785 -34.52 -4.34 24.58
N SER A 1786 -35.81 -4.16 24.30
CA SER A 1786 -36.47 -4.88 23.23
C SER A 1786 -37.63 -4.05 22.70
N LEU A 1787 -37.85 -4.13 21.39
CA LEU A 1787 -38.92 -3.39 20.74
C LEU A 1787 -39.59 -4.27 19.70
N ARG A 1788 -40.88 -4.00 19.47
CA ARG A 1788 -41.67 -4.73 18.48
C ARG A 1788 -42.37 -3.75 17.57
N ARG A 1789 -42.41 -4.07 16.28
CA ARG A 1789 -43.03 -3.20 15.29
C ARG A 1789 -43.61 -4.07 14.18
N THR A 1790 -44.93 -4.21 14.17
CA THR A 1790 -45.59 -4.96 13.11
C THR A 1790 -45.50 -4.21 11.79
N VAL A 1791 -45.24 -4.94 10.71
CA VAL A 1791 -45.08 -4.36 9.40
C VAL A 1791 -46.16 -4.89 8.47
N ARG A 1792 -46.50 -4.07 7.48
CA ARG A 1792 -47.49 -4.43 6.45
C ARG A 1792 -46.76 -4.49 5.12
N VAL A 1793 -46.40 -5.70 4.69
CA VAL A 1793 -45.67 -5.88 3.44
C VAL A 1793 -46.54 -6.60 2.41
N PRO A 1794 -47.13 -5.87 1.47
CA PRO A 1794 -47.86 -6.52 0.39
C PRO A 1794 -46.92 -7.11 -0.66
N ALA A 1795 -47.48 -7.64 -1.74
CA ALA A 1795 -46.67 -8.28 -2.78
C ALA A 1795 -46.06 -7.24 -3.70
N GLY A 1796 -44.75 -7.37 -3.96
CA GLY A 1796 -44.08 -6.56 -4.95
C GLY A 1796 -43.56 -5.22 -4.49
N LYS A 1797 -43.75 -4.86 -3.22
CA LYS A 1797 -43.24 -3.58 -2.73
C LYS A 1797 -42.33 -3.82 -1.53
N LYS A 1798 -41.86 -2.72 -0.95
CA LYS A 1798 -40.71 -2.73 -0.07
C LYS A 1798 -41.07 -2.18 1.31
N VAL A 1799 -40.41 -2.75 2.33
CA VAL A 1799 -40.49 -2.26 3.70
C VAL A 1799 -39.07 -2.23 4.28
N SER A 1800 -38.79 -1.18 5.05
CA SER A 1800 -37.46 -0.97 5.61
C SER A 1800 -37.54 -0.40 7.02
N VAL A 1801 -36.76 -0.97 7.92
CA VAL A 1801 -36.63 -0.48 9.29
C VAL A 1801 -35.14 -0.46 9.65
N ILE A 1802 -34.72 0.59 10.36
CA ILE A 1802 -33.32 0.76 10.75
C ILE A 1802 -33.23 0.67 12.27
N PHE A 1803 -32.24 -0.08 12.76
CA PHE A 1803 -31.97 -0.20 14.19
C PHE A 1803 -30.62 0.45 14.48
N TRP A 1804 -30.61 1.40 15.41
CA TRP A 1804 -29.42 2.17 15.72
C TRP A 1804 -28.94 1.87 17.13
N THR A 1805 -27.67 1.52 17.26
CA THR A 1805 -27.01 1.32 18.54
C THR A 1805 -26.06 2.50 18.76
N ILE A 1806 -26.41 3.38 19.71
CA ILE A 1806 -25.67 4.61 19.94
C ILE A 1806 -25.20 4.65 21.38
N ALA A 1807 -24.14 5.42 21.61
CA ALA A 1807 -23.59 5.62 22.94
C ALA A 1807 -22.89 6.97 22.98
N ALA A 1808 -22.73 7.50 24.19
CA ALA A 1808 -22.08 8.81 24.35
C ALA A 1808 -21.57 8.94 25.76
N PRO A 1809 -20.42 9.60 25.98
CA PRO A 1809 -19.95 9.81 27.36
C PRO A 1809 -20.89 10.67 28.19
N SER A 1810 -21.74 11.48 27.58
CA SER A 1810 -22.65 12.36 28.30
C SER A 1810 -24.05 12.24 27.71
N ARG A 1811 -25.05 12.49 28.56
CA ARG A 1811 -26.44 12.45 28.11
C ARG A 1811 -26.74 13.55 27.12
N GLU A 1812 -26.16 14.74 27.31
CA GLU A 1812 -26.39 15.85 26.39
C GLU A 1812 -25.83 15.61 25.00
N GLU A 1813 -24.92 14.64 24.83
CA GLU A 1813 -24.41 14.29 23.52
C GLU A 1813 -25.28 13.30 22.78
N VAL A 1814 -26.11 12.54 23.50
CA VAL A 1814 -27.06 11.63 22.84
C VAL A 1814 -28.08 12.41 22.03
N ASP A 1815 -28.58 13.51 22.60
CA ASP A 1815 -29.54 14.34 21.88
C ASP A 1815 -28.94 14.96 20.63
N LYS A 1816 -27.64 15.23 20.64
CA LYS A 1816 -26.99 15.80 19.47
C LYS A 1816 -26.87 14.79 18.33
N ALA A 1817 -27.02 13.49 18.62
CA ALA A 1817 -26.93 12.46 17.60
C ALA A 1817 -28.29 11.89 17.21
N ILE A 1818 -29.28 11.94 18.11
CA ILE A 1818 -30.60 11.42 17.78
C ILE A 1818 -31.27 12.24 16.70
N ASP A 1819 -30.93 13.53 16.59
CA ASP A 1819 -31.49 14.40 15.57
C ASP A 1819 -30.81 14.26 14.22
N ARG A 1820 -30.04 13.20 14.01
CA ARG A 1820 -29.40 12.93 12.74
C ARG A 1820 -29.80 11.59 12.13
N TYR A 1821 -30.30 10.65 12.93
CA TYR A 1821 -30.72 9.35 12.43
C TYR A 1821 -32.21 9.11 12.53
N ARG A 1822 -32.94 9.90 13.34
CA ARG A 1822 -34.39 9.75 13.42
C ARG A 1822 -35.07 10.18 12.13
N HIS A 1823 -34.48 11.11 11.40
CA HIS A 1823 -35.05 11.58 10.15
C HIS A 1823 -35.05 10.45 9.12
N PRO A 1824 -35.94 10.54 8.12
CA PRO A 1824 -35.97 9.49 7.09
C PRO A 1824 -34.66 9.41 6.33
N ASP A 1825 -34.50 8.33 5.58
CA ASP A 1825 -33.23 7.97 4.95
C ASP A 1825 -32.17 7.84 6.05
N ALA A 1826 -31.24 8.80 6.11
CA ALA A 1826 -30.25 8.87 7.17
C ALA A 1826 -29.32 7.66 7.20
N PHE A 1827 -29.48 6.75 6.23
CA PHE A 1827 -28.60 5.61 6.07
C PHE A 1827 -27.67 5.76 4.88
N ALA A 1828 -28.20 6.22 3.74
CA ALA A 1828 -27.33 6.65 2.66
C ALA A 1828 -26.59 7.92 3.07
N HIS A 1829 -25.40 8.09 2.49
CA HIS A 1829 -24.40 9.11 2.78
C HIS A 1829 -23.60 8.78 4.04
N GLU A 1830 -23.96 7.72 4.78
CA GLU A 1830 -23.09 7.19 5.82
C GLU A 1830 -22.37 5.92 5.38
N LEU A 1831 -22.94 5.16 4.45
CA LEU A 1831 -22.23 4.04 3.86
C LEU A 1831 -20.99 4.53 3.11
N VAL A 1832 -21.12 5.61 2.34
CA VAL A 1832 -19.98 6.20 1.68
C VAL A 1832 -18.96 6.73 2.69
N HIS A 1833 -19.45 7.30 3.80
CA HIS A 1833 -18.54 7.77 4.84
C HIS A 1833 -17.74 6.61 5.43
N ALA A 1834 -18.40 5.49 5.70
CA ALA A 1834 -17.70 4.32 6.20
C ALA A 1834 -16.70 3.79 5.19
N TRP A 1835 -17.07 3.78 3.91
CA TRP A 1835 -16.13 3.32 2.88
C TRP A 1835 -14.90 4.22 2.83
N THR A 1836 -15.10 5.54 2.88
CA THR A 1836 -13.97 6.46 2.86
C THR A 1836 -13.10 6.28 4.10
N ARG A 1837 -13.71 6.14 5.27
CA ARG A 1837 -12.91 6.01 6.49
C ARG A 1837 -12.13 4.71 6.51
N THR A 1838 -12.72 3.61 6.01
CA THR A 1838 -11.97 2.36 5.99
C THR A 1838 -10.88 2.40 4.93
N GLN A 1839 -11.10 3.11 3.81
CA GLN A 1839 -10.03 3.29 2.84
C GLN A 1839 -8.87 4.08 3.45
N VAL A 1840 -9.18 5.14 4.20
CA VAL A 1840 -8.14 5.93 4.85
C VAL A 1840 -7.38 5.07 5.86
N GLN A 1841 -8.11 4.28 6.65
CA GLN A 1841 -7.45 3.44 7.65
C GLN A 1841 -6.56 2.40 7.00
N MET A 1842 -7.03 1.75 5.92
CA MET A 1842 -6.21 0.75 5.25
C MET A 1842 -5.07 1.38 4.45
N ARG A 1843 -5.14 2.68 4.16
CA ARG A 1843 -4.00 3.34 3.55
C ARG A 1843 -2.99 3.80 4.59
N HIS A 1844 -3.44 4.09 5.81
CA HIS A 1844 -2.53 4.55 6.84
C HIS A 1844 -1.48 3.49 7.17
N VAL A 1845 -1.90 2.23 7.26
CA VAL A 1845 -1.01 1.11 7.53
C VAL A 1845 -0.97 0.23 6.29
N GLY A 1846 0.22 -0.24 5.94
CA GLY A 1846 0.40 -0.97 4.70
C GLY A 1846 -0.22 -2.36 4.70
N VAL A 1847 -1.54 -2.42 4.71
CA VAL A 1847 -2.27 -3.68 4.74
C VAL A 1847 -2.88 -3.94 3.37
N THR A 1848 -3.32 -5.19 3.18
CA THR A 1848 -3.92 -5.63 1.93
C THR A 1848 -5.19 -6.40 2.25
N SER A 1849 -6.12 -6.42 1.30
CA SER A 1849 -7.42 -7.06 1.53
C SER A 1849 -7.26 -8.53 1.90
N GLN A 1850 -6.40 -9.26 1.18
CA GLN A 1850 -6.09 -10.63 1.57
C GLN A 1850 -5.42 -10.67 2.92
N GLN A 1851 -4.47 -9.75 3.15
CA GLN A 1851 -3.84 -9.66 4.46
C GLN A 1851 -4.86 -9.29 5.53
N ALA A 1852 -5.81 -8.42 5.19
CA ALA A 1852 -6.86 -8.07 6.14
C ALA A 1852 -7.70 -9.29 6.51
N ALA A 1853 -8.06 -10.11 5.52
CA ALA A 1853 -8.82 -11.32 5.81
C ALA A 1853 -8.04 -12.28 6.68
N ALA A 1854 -6.75 -12.45 6.38
CA ALA A 1854 -5.92 -13.33 7.20
C ALA A 1854 -5.82 -12.81 8.63
N PHE A 1855 -5.66 -11.49 8.80
CA PHE A 1855 -5.57 -10.93 10.14
C PHE A 1855 -6.89 -11.06 10.89
N GLN A 1856 -8.01 -10.94 10.18
CA GLN A 1856 -9.31 -11.14 10.82
C GLN A 1856 -9.49 -12.59 11.26
N HIS A 1857 -9.02 -13.54 10.45
CA HIS A 1857 -9.07 -14.94 10.86
C HIS A 1857 -8.20 -15.18 12.09
N LEU A 1858 -7.01 -14.57 12.12
CA LEU A 1858 -6.16 -14.68 13.30
C LEU A 1858 -6.84 -14.08 14.53
N GLY A 1859 -7.51 -12.95 14.36
CA GLY A 1859 -8.27 -12.38 15.46
C GLY A 1859 -9.42 -13.25 15.92
N ARG A 1860 -10.07 -13.93 14.98
CA ARG A 1860 -11.11 -14.90 15.34
C ARG A 1860 -10.53 -16.01 16.20
N TYR A 1861 -9.38 -16.54 15.81
CA TYR A 1861 -8.74 -17.57 16.62
C TYR A 1861 -8.34 -17.04 17.98
N LEU A 1862 -7.88 -15.79 18.05
CA LEU A 1862 -7.45 -15.22 19.32
C LEU A 1862 -8.60 -14.90 20.26
N THR A 1863 -9.75 -14.48 19.73
CA THR A 1863 -10.85 -13.99 20.57
C THR A 1863 -11.78 -15.10 21.05
N TYR A 1864 -11.61 -16.33 20.58
CA TYR A 1864 -12.46 -17.42 21.01
C TYR A 1864 -11.60 -18.60 21.48
N PRO A 1865 -12.10 -19.38 22.44
CA PRO A 1865 -11.30 -20.49 22.96
C PRO A 1865 -11.18 -21.66 21.99
N ASP A 1866 -11.68 -21.51 20.74
CA ASP A 1866 -11.26 -22.40 19.64
C ASP A 1866 -9.76 -22.37 19.46
N MET A 1867 -9.16 -23.55 19.34
CA MET A 1867 -7.73 -23.71 19.14
C MET A 1867 -7.50 -24.73 18.04
N HIS A 1868 -6.85 -24.31 16.95
CA HIS A 1868 -6.57 -25.19 15.82
C HIS A 1868 -5.15 -25.08 15.30
N LEU A 1869 -4.39 -24.06 15.70
CA LEU A 1869 -3.02 -23.88 15.22
C LEU A 1869 -2.03 -23.73 16.37
N ARG A 1870 -2.38 -24.20 17.56
CA ARG A 1870 -1.54 -24.04 18.74
C ARG A 1870 -0.40 -25.07 18.71
N ALA A 1871 0.30 -25.21 19.82
CA ALA A 1871 1.40 -26.15 19.93
C ALA A 1871 0.86 -27.58 19.99
N ASP A 1872 1.77 -28.53 20.14
CA ASP A 1872 1.41 -29.94 20.13
C ASP A 1872 0.70 -30.32 21.44
N SER A 1873 0.18 -31.54 21.47
CA SER A 1873 -0.49 -32.07 22.64
C SER A 1873 0.46 -32.81 23.58
N GLU A 1874 1.75 -32.83 23.28
CA GLU A 1874 2.75 -33.51 24.11
C GLU A 1874 3.73 -32.54 24.75
N THR A 1875 4.27 -31.59 23.98
CA THR A 1875 5.23 -30.65 24.53
C THR A 1875 4.58 -29.72 25.55
N LEU A 1876 3.34 -29.29 25.30
CA LEU A 1876 2.66 -28.36 26.19
C LEU A 1876 2.24 -29.00 27.50
N LYS A 1877 2.33 -30.32 27.63
CA LYS A 1877 1.86 -30.97 28.85
C LYS A 1877 2.73 -30.63 30.04
N THR A 1878 4.05 -30.75 29.89
CA THR A 1878 4.98 -30.52 31.00
C THR A 1878 5.48 -29.09 31.03
N GLY A 1879 4.57 -28.13 31.00
CA GLY A 1879 4.91 -26.71 31.03
C GLY A 1879 3.67 -25.91 31.41
N LEU A 1880 3.72 -24.60 31.21
CA LEU A 1880 2.59 -23.69 31.43
C LEU A 1880 2.18 -23.66 32.90
N ALA A 1881 3.12 -23.22 33.74
CA ALA A 1881 2.81 -22.94 35.14
C ALA A 1881 2.18 -21.57 35.34
N SER A 1882 2.28 -20.69 34.35
CA SER A 1882 1.65 -19.37 34.28
C SER A 1882 2.18 -18.39 35.32
N GLN A 1883 3.13 -18.78 36.16
CA GLN A 1883 3.70 -17.87 37.14
C GLN A 1883 5.00 -17.23 36.69
N ARG A 1884 5.79 -17.94 35.88
CA ARG A 1884 7.07 -17.43 35.40
C ARG A 1884 6.89 -16.57 34.15
N ALA A 1885 6.02 -15.59 34.22
CA ALA A 1885 5.79 -14.66 33.12
C ALA A 1885 6.05 -13.21 33.49
N LEU A 1886 5.67 -12.79 34.70
CA LEU A 1886 5.94 -11.42 35.12
C LEU A 1886 7.43 -11.15 35.24
N TRP A 1887 8.23 -12.18 35.53
CA TRP A 1887 9.68 -12.00 35.64
C TRP A 1887 10.29 -11.55 34.32
N PRO A 1888 9.67 -11.92 33.20
CA PRO A 1888 10.14 -11.52 31.88
C PRO A 1888 9.43 -10.26 31.37
N LEU A 1889 8.83 -9.48 32.27
CA LEU A 1889 8.12 -8.23 32.00
C LEU A 1889 6.84 -8.43 31.21
N ALA A 1890 6.52 -9.65 30.79
CA ALA A 1890 5.28 -9.94 30.07
C ALA A 1890 4.33 -10.60 31.06
N ILE A 1891 3.49 -9.78 31.68
CA ILE A 1891 2.54 -10.30 32.68
C ILE A 1891 1.59 -11.30 32.05
N SER A 1892 1.12 -11.02 30.85
CA SER A 1892 0.23 -11.93 30.10
C SER A 1892 -1.04 -12.23 30.88
N GLY A 1893 -1.53 -11.25 31.63
CA GLY A 1893 -2.80 -11.39 32.34
C GLY A 1893 -3.98 -11.16 31.40
N ASP A 1894 -4.10 -9.95 30.87
CA ASP A 1894 -5.09 -9.65 29.85
C ASP A 1894 -4.44 -9.69 28.46
N PHE A 1895 -3.98 -10.87 28.10
CA PHE A 1895 -3.26 -11.03 26.84
C PHE A 1895 -3.33 -12.46 26.32
N PRO A 1896 -3.97 -12.67 25.16
CA PRO A 1896 -3.94 -14.01 24.55
C PRO A 1896 -2.55 -14.44 24.09
N ILE A 1897 -1.60 -13.51 24.01
CA ILE A 1897 -0.18 -13.65 23.66
C ILE A 1897 0.06 -14.37 22.34
N PHE A 1898 0.99 -13.85 21.55
CA PHE A 1898 1.44 -14.45 20.31
C PHE A 1898 2.95 -14.67 20.40
N SER A 1899 3.42 -15.77 19.82
CA SER A 1899 4.77 -16.27 20.09
C SER A 1899 5.53 -16.53 18.80
N LEU A 1900 5.59 -15.54 17.92
CA LEU A 1900 6.41 -15.66 16.72
C LEU A 1900 7.86 -15.94 17.10
N ARG A 1901 8.45 -16.94 16.46
CA ARG A 1901 9.82 -17.34 16.70
C ARG A 1901 10.64 -17.16 15.43
N ILE A 1902 11.80 -16.53 15.56
CA ILE A 1902 12.67 -16.23 14.42
C ILE A 1902 14.07 -16.70 14.71
N ASN A 1903 14.67 -17.43 13.76
CA ASN A 1903 16.12 -17.57 13.72
C ASN A 1903 16.52 -17.73 12.25
N ASP A 1904 16.66 -16.61 11.55
CA ASP A 1904 17.41 -16.58 10.30
C ASP A 1904 18.29 -15.34 10.20
N ASP A 1905 17.74 -14.20 10.62
CA ASP A 1905 18.31 -12.86 10.45
C ASP A 1905 18.36 -12.48 8.98
N MET A 1906 17.95 -13.39 8.10
CA MET A 1906 18.00 -13.13 6.66
C MET A 1906 16.73 -12.45 6.18
N ASP A 1907 15.57 -12.96 6.60
CA ASP A 1907 14.31 -12.41 6.12
C ASP A 1907 14.01 -11.06 6.75
N MET A 1908 13.84 -11.04 8.08
CA MET A 1908 13.50 -9.82 8.82
C MET A 1908 12.30 -9.10 8.21
N ASP A 1909 11.34 -9.88 7.70
CA ASP A 1909 10.16 -9.31 7.07
C ASP A 1909 8.89 -9.85 7.71
N ILE A 1910 8.95 -11.10 8.20
CA ILE A 1910 7.81 -11.71 8.86
C ILE A 1910 7.46 -10.95 10.14
N ALA A 1911 8.48 -10.55 10.90
CA ALA A 1911 8.23 -9.78 12.11
C ALA A 1911 7.59 -8.43 11.79
N ARG A 1912 8.03 -7.80 10.70
CA ARG A 1912 7.45 -6.53 10.31
C ARG A 1912 5.97 -6.69 9.96
N GLU A 1913 5.63 -7.74 9.21
CA GLU A 1913 4.23 -7.98 8.87
C GLU A 1913 3.42 -8.32 10.12
N ALA A 1914 4.02 -9.07 11.06
CA ALA A 1914 3.31 -9.38 12.30
C ALA A 1914 3.00 -8.14 13.11
N LEU A 1915 3.99 -7.23 13.23
CA LEU A 1915 3.74 -6.01 13.99
C LEU A 1915 2.76 -5.09 13.27
N SER A 1916 2.80 -5.07 11.93
CA SER A 1916 1.80 -4.31 11.18
C SER A 1916 0.41 -4.86 11.41
N ALA A 1917 0.27 -6.19 11.44
CA ALA A 1917 -1.02 -6.81 11.75
C ALA A 1917 -1.47 -6.47 13.16
N HIS A 1918 -0.55 -6.50 14.12
CA HIS A 1918 -0.91 -6.17 15.50
C HIS A 1918 -1.39 -4.73 15.61
N GLU A 1919 -0.72 -3.80 14.92
CA GLU A 1919 -1.19 -2.43 14.90
C GLU A 1919 -2.56 -2.32 14.24
N TYR A 1920 -2.76 -3.06 13.14
CA TYR A 1920 -4.07 -3.13 12.52
C TYR A 1920 -5.10 -3.72 13.47
N LEU A 1921 -4.75 -4.81 14.16
CA LEU A 1921 -5.65 -5.40 15.14
C LEU A 1921 -5.87 -4.50 16.35
N ARG A 1922 -4.92 -3.61 16.63
CA ARG A 1922 -5.10 -2.64 17.71
C ARG A 1922 -6.16 -1.60 17.36
N SER A 1923 -6.43 -1.39 16.08
CA SER A 1923 -7.41 -0.42 15.63
C SER A 1923 -8.83 -0.98 15.55
N ARG A 1924 -8.99 -2.28 15.76
CA ARG A 1924 -10.30 -2.93 15.67
C ARG A 1924 -10.74 -3.51 17.01
N GLY A 1925 -10.28 -2.90 18.11
CA GLY A 1925 -10.69 -3.35 19.43
C GLY A 1925 -10.23 -4.74 19.79
N VAL A 1926 -9.04 -5.13 19.36
CA VAL A 1926 -8.43 -6.40 19.73
C VAL A 1926 -7.13 -6.08 20.46
N ILE A 1927 -7.01 -6.58 21.69
CA ILE A 1927 -5.87 -6.30 22.54
C ILE A 1927 -5.11 -7.59 22.78
N PHE A 1928 -3.87 -7.65 22.29
CA PHE A 1928 -2.98 -8.75 22.58
C PHE A 1928 -1.55 -8.26 22.37
N ASP A 1929 -0.60 -8.94 23.02
CA ASP A 1929 0.80 -8.53 22.98
C ASP A 1929 1.59 -9.43 22.05
N LEU A 1930 2.54 -8.83 21.33
CA LEU A 1930 3.37 -9.54 20.36
C LEU A 1930 4.71 -9.86 21.00
N VAL A 1931 5.08 -11.14 21.00
CA VAL A 1931 6.35 -11.61 21.55
C VAL A 1931 7.16 -12.21 20.43
N ILE A 1932 8.35 -11.66 20.20
CA ILE A 1932 9.27 -12.16 19.19
C ILE A 1932 10.44 -12.81 19.92
N VAL A 1933 10.48 -14.13 19.90
CA VAL A 1933 11.47 -14.89 20.65
C VAL A 1933 12.73 -14.99 19.80
N ASN A 1934 13.73 -14.17 20.11
CA ASN A 1934 15.04 -14.32 19.48
C ASN A 1934 15.64 -15.66 19.90
N GLU A 1935 16.10 -16.42 18.92
CA GLU A 1935 16.58 -17.78 19.15
C GLU A 1935 17.86 -18.05 18.38
N ARG A 1936 18.83 -17.14 18.49
CA ARG A 1936 20.14 -17.31 17.89
C ARG A 1936 21.19 -17.43 18.98
N ALA A 1937 22.28 -18.12 18.67
CA ALA A 1937 23.37 -18.30 19.61
C ALA A 1937 23.97 -16.95 20.01
N ALA A 1938 24.69 -16.96 21.12
CA ALA A 1938 25.16 -15.71 21.72
C ALA A 1938 26.16 -14.98 20.83
N SER A 1939 26.72 -15.64 19.81
CA SER A 1939 27.68 -14.97 18.93
C SER A 1939 27.04 -13.80 18.21
N TYR A 1940 25.90 -14.04 17.57
CA TYR A 1940 25.19 -13.01 16.83
C TYR A 1940 23.88 -12.59 17.50
N ALA A 1941 23.63 -13.07 18.72
CA ALA A 1941 22.39 -12.75 19.40
C ALA A 1941 22.26 -11.26 19.68
N GLN A 1942 23.35 -10.62 20.11
CA GLN A 1942 23.30 -9.19 20.40
C GLN A 1942 23.04 -8.38 19.14
N ASP A 1943 23.71 -8.73 18.04
CA ASP A 1943 23.48 -8.03 16.78
C ASP A 1943 22.05 -8.21 16.29
N MET A 1944 21.52 -9.43 16.39
CA MET A 1944 20.15 -9.69 15.99
C MET A 1944 19.17 -8.91 16.85
N GLN A 1945 19.43 -8.85 18.17
CA GLN A 1945 18.56 -8.10 19.07
C GLN A 1945 18.58 -6.62 18.74
N HIS A 1946 19.76 -6.06 18.45
CA HIS A 1946 19.83 -4.66 18.06
C HIS A 1946 19.08 -4.41 16.75
N ALA A 1947 19.23 -5.34 15.79
CA ALA A 1947 18.54 -5.19 14.52
C ALA A 1947 17.03 -5.20 14.70
N LEU A 1948 16.51 -6.11 15.54
CA LEU A 1948 15.07 -6.16 15.75
C LEU A 1948 14.58 -4.99 16.59
N ASP A 1949 15.40 -4.48 17.51
CA ASP A 1949 15.03 -3.28 18.26
C ASP A 1949 14.99 -2.06 17.37
N HIS A 1950 15.79 -2.04 16.30
CA HIS A 1950 15.80 -0.89 15.40
C HIS A 1950 14.41 -0.64 14.80
N ILE A 1951 13.60 -1.68 14.65
CA ILE A 1951 12.27 -1.53 14.07
C ILE A 1951 11.20 -1.59 15.15
N SER A 1952 11.48 -2.34 16.23
CA SER A 1952 10.48 -2.49 17.28
C SER A 1952 10.39 -1.24 18.16
N GLU A 1953 11.46 -0.47 18.26
CA GLU A 1953 11.46 0.71 19.11
C GLU A 1953 10.40 1.73 18.70
N THR A 1954 9.95 1.68 17.43
CA THR A 1954 8.81 2.48 17.02
C THR A 1954 7.52 2.04 17.72
N GLN A 1955 7.50 0.85 18.33
CA GLN A 1955 6.35 0.36 19.05
C GLN A 1955 6.62 0.06 20.52
N ARG A 1956 7.89 -0.18 20.90
CA ARG A 1956 8.21 -0.41 22.30
C ARG A 1956 7.93 0.81 23.18
N ARG A 1957 7.81 1.98 22.58
CA ARG A 1957 7.38 3.15 23.33
C ARG A 1957 5.95 2.97 23.81
N ILE A 1958 5.64 3.57 24.96
CA ILE A 1958 4.33 3.41 25.55
C ILE A 1958 3.26 4.01 24.64
N ASN A 1959 2.11 3.34 24.59
CA ASN A 1959 0.93 3.82 23.88
C ASN A 1959 0.43 5.09 24.57
N PRO A 1960 -0.58 5.79 24.02
CA PRO A 1960 -1.01 7.06 24.64
C PRO A 1960 -1.67 6.86 25.99
N ALA A 1961 -0.84 6.74 27.03
CA ALA A 1961 -1.27 6.60 28.42
C ALA A 1961 -2.08 5.32 28.63
N ASP A 1962 -1.42 4.20 28.36
CA ASP A 1962 -1.98 2.87 28.62
C ASP A 1962 -3.32 2.66 27.91
N GLY A 1964 0.03 -0.90 31.44
CA GLY A 1964 1.05 0.13 31.48
C GLY A 1964 1.95 0.11 30.26
N ARG A 1965 2.87 -0.85 30.22
CA ARG A 1965 3.78 -0.97 29.10
C ARG A 1965 3.00 -1.38 27.85
N PRO A 1966 3.50 -1.02 26.66
CA PRO A 1966 2.78 -1.38 25.43
C PRO A 1966 2.83 -2.88 25.18
N HIS A 1967 2.02 -3.30 24.20
CA HIS A 1967 1.84 -4.72 23.90
C HIS A 1967 2.83 -5.13 22.81
N VAL A 1968 4.09 -5.26 23.21
CA VAL A 1968 5.15 -5.76 22.35
C VAL A 1968 6.30 -6.23 23.23
N PHE A 1969 6.92 -7.34 22.85
CA PHE A 1969 7.98 -7.93 23.66
C PHE A 1969 9.01 -8.60 22.77
N SER A 1970 10.23 -8.71 23.30
CA SER A 1970 11.32 -9.41 22.61
C SER A 1970 12.23 -10.00 23.68
N VAL A 1971 12.57 -11.27 23.51
CA VAL A 1971 13.41 -11.98 24.47
C VAL A 1971 14.60 -12.60 23.74
N ARG A 1972 15.75 -12.59 24.39
CA ARG A 1972 16.97 -13.19 23.86
C ARG A 1972 17.15 -14.55 24.51
N ARG A 1973 17.20 -15.60 23.68
CA ARG A 1973 17.07 -16.96 24.20
C ARG A 1973 18.21 -17.33 25.14
N ASP A 1974 19.43 -16.90 24.82
CA ASP A 1974 20.60 -17.37 25.56
C ASP A 1974 20.54 -16.98 27.03
N LEU A 1975 20.12 -15.74 27.33
CA LEU A 1975 20.18 -15.27 28.71
C LEU A 1975 19.07 -15.89 29.57
N MET A 1976 17.86 -16.01 29.02
CA MET A 1976 16.75 -16.50 29.81
C MET A 1976 16.75 -18.03 29.88
N ASP A 1977 16.15 -18.55 30.95
CA ASP A 1977 16.24 -19.97 31.27
C ASP A 1977 15.29 -20.78 30.39
N GLU A 1978 15.56 -22.08 30.31
CA GLU A 1978 14.75 -22.99 29.50
C GLU A 1978 13.32 -23.09 30.02
N GLU A 1979 13.14 -23.06 31.34
CA GLU A 1979 11.80 -23.20 31.91
C GLU A 1979 10.89 -22.08 31.46
N THR A 1980 11.41 -20.85 31.41
CA THR A 1980 10.60 -19.72 30.95
C THR A 1980 10.18 -19.92 29.50
N TRP A 1981 11.08 -20.39 28.65
CA TRP A 1981 10.74 -20.64 27.25
C TRP A 1981 9.69 -21.73 27.12
N SER A 1982 9.83 -22.81 27.88
CA SER A 1982 8.84 -23.88 27.83
C SER A 1982 7.46 -23.38 28.27
N ALA A 1983 7.42 -22.60 29.36
CA ALA A 1983 6.16 -22.05 29.81
C ALA A 1983 5.55 -21.12 28.78
N LEU A 1984 6.38 -20.27 28.16
CA LEU A 1984 5.86 -19.34 27.15
C LEU A 1984 5.31 -20.08 25.94
N LEU A 1985 6.03 -21.11 25.47
CA LEU A 1985 5.55 -21.83 24.30
C LEU A 1985 4.31 -22.66 24.61
N ALA A 1986 4.19 -23.17 25.84
CA ALA A 1986 2.99 -23.93 26.20
C ALA A 1986 1.78 -23.02 26.35
N ALA A 1987 1.94 -21.87 27.02
CA ALA A 1987 0.82 -20.97 27.25
C ALA A 1987 0.51 -20.08 26.05
N SER A 1988 1.35 -20.11 25.01
CA SER A 1988 1.11 -19.30 23.84
C SER A 1988 -0.04 -19.86 23.02
N ARG A 1989 -0.94 -18.98 22.56
CA ARG A 1989 -2.09 -19.43 21.80
C ARG A 1989 -1.68 -19.92 20.41
N VAL A 1990 -0.77 -19.20 19.76
CA VAL A 1990 -0.30 -19.55 18.42
C VAL A 1990 1.22 -19.51 18.41
N VAL A 1991 1.83 -20.56 17.88
CA VAL A 1991 3.29 -20.66 17.75
C VAL A 1991 3.63 -20.77 16.27
N LEU A 1992 4.52 -19.90 15.80
CA LEU A 1992 4.89 -19.85 14.39
C LEU A 1992 6.40 -19.73 14.24
N HIS A 1993 6.90 -20.17 13.09
CA HIS A 1993 8.30 -20.09 12.74
C HIS A 1993 8.46 -19.32 11.44
N VAL A 1994 9.53 -18.52 11.35
CA VAL A 1994 9.71 -17.66 10.18
C VAL A 1994 10.02 -18.48 8.94
N ARG A 1995 10.83 -19.54 9.08
CA ARG A 1995 11.18 -20.36 7.92
C ARG A 1995 9.98 -21.14 7.41
N ASN A 1996 9.24 -21.84 8.31
CA ASN A 1996 8.36 -22.95 7.88
C ASN A 1996 7.11 -22.47 7.14
N GLY A 1997 6.82 -21.17 7.19
CA GLY A 1997 5.66 -20.60 6.52
C GLY A 1997 5.91 -19.10 6.37
N LYS A 1998 4.88 -18.37 5.94
CA LYS A 1998 4.95 -16.93 5.80
C LYS A 1998 3.70 -16.31 6.43
N ILE A 1999 3.87 -15.08 6.94
CA ILE A 1999 2.74 -14.36 7.51
C ILE A 1999 1.69 -14.09 6.43
N VAL A 2000 0.42 -14.15 6.83
CA VAL A 2000 -0.76 -14.03 5.98
C VAL A 2000 -0.89 -15.20 5.00
N ASP A 2001 0.02 -16.16 5.03
CA ASP A 2001 -0.06 -17.38 4.22
C ASP A 2001 -0.26 -18.63 5.06
N GLN A 2002 0.35 -18.68 6.25
CA GLN A 2002 0.11 -19.81 7.14
C GLN A 2002 -1.32 -19.82 7.66
N ILE A 2003 -1.93 -18.64 7.82
CA ILE A 2003 -3.32 -18.58 8.26
C ILE A 2003 -4.26 -19.24 7.25
N ASN A 2004 -4.03 -19.01 5.97
CA ASN A 2004 -4.84 -19.65 4.93
C ASN A 2004 -4.54 -21.14 4.79
N ARG A 2005 -3.34 -21.58 5.16
CA ARG A 2005 -3.02 -23.01 5.09
C ARG A 2005 -3.77 -23.79 6.17
N ALA A 2006 -4.00 -23.17 7.33
CA ALA A 2006 -4.73 -23.86 8.39
C ALA A 2006 -6.17 -24.17 7.98
N VAL A 2007 -6.82 -23.23 7.30
CA VAL A 2007 -8.18 -23.47 6.84
C VAL A 2007 -8.24 -24.63 5.84
N SER A 2008 -7.24 -24.74 4.98
CA SER A 2008 -7.18 -25.84 4.02
C SER A 2008 -6.69 -27.14 4.63
N LEU A 2009 -6.24 -27.12 5.89
CA LEU A 2009 -5.77 -28.31 6.58
C LEU A 2009 -6.65 -28.73 7.74
N PHE A 2010 -7.10 -27.77 8.55
CA PHE A 2010 -7.91 -28.10 9.72
C PHE A 2010 -9.32 -28.57 9.35
N ALA A 2011 -9.73 -28.43 8.10
CA ALA A 2011 -11.04 -28.89 7.69
C ALA A 2011 -11.15 -30.40 7.82
N ALA A 2012 -12.29 -30.86 8.32
CA ALA A 2012 -12.57 -32.28 8.52
C ALA A 2012 -11.49 -32.95 9.38
N SER A 2020 -20.50 -34.19 10.72
CA SER A 2020 -21.79 -34.83 10.95
C SER A 2020 -22.78 -33.86 11.61
N ASP A 2021 -22.33 -32.63 11.82
CA ASP A 2021 -23.17 -31.61 12.47
C ASP A 2021 -23.95 -30.81 11.42
N ALA A 2022 -24.70 -31.54 10.60
CA ALA A 2022 -25.51 -30.93 9.57
C ALA A 2022 -26.96 -31.39 9.59
N ALA A 2023 -27.22 -32.66 9.95
CA ALA A 2023 -28.58 -33.15 9.98
C ALA A 2023 -29.40 -32.45 11.06
N GLN A 2024 -28.81 -32.22 12.23
CA GLN A 2024 -29.53 -31.59 13.33
C GLN A 2024 -29.80 -30.11 13.09
N ALA A 2025 -29.21 -29.51 12.05
CA ALA A 2025 -29.45 -28.11 11.77
C ALA A 2025 -30.92 -27.84 11.45
N ARG A 2026 -31.42 -28.45 10.38
CA ARG A 2026 -32.79 -28.23 9.94
C ARG A 2026 -33.82 -28.91 10.82
N LEU A 2027 -33.44 -29.47 11.97
CA LEU A 2027 -34.44 -30.09 12.84
C LEU A 2027 -35.33 -29.07 13.54
N PRO A 2028 -34.79 -27.87 13.79
CA PRO A 2028 -35.51 -26.75 14.40
C PRO A 2028 -35.91 -27.04 15.84
N VAL A 2029 -36.10 -25.99 16.63
CA VAL A 2029 -36.53 -26.14 18.01
C VAL A 2029 -38.00 -26.55 18.06
N PRO A 2030 -38.30 -27.59 18.85
CA PRO A 2030 -39.65 -28.10 18.96
C PRO A 2030 -40.45 -27.41 20.07
N ALA A 2031 -40.42 -26.07 20.05
CA ALA A 2031 -41.18 -25.25 20.98
C ALA A 2031 -40.88 -25.58 22.43
N PHE A 2032 -41.73 -25.11 23.34
CA PHE A 2032 -41.62 -25.40 24.77
C PHE A 2032 -42.94 -25.98 25.25
N PRO A 2033 -42.86 -27.09 25.98
CA PRO A 2033 -44.05 -27.79 26.45
C PRO A 2033 -44.51 -27.22 27.79
N VAL A 2034 -45.80 -26.88 27.86
CA VAL A 2034 -46.37 -26.36 29.10
C VAL A 2034 -46.76 -27.50 30.03
N ALA A 2035 -46.77 -27.19 31.33
CA ALA A 2035 -47.08 -28.17 32.35
C ALA A 2035 -48.60 -28.31 32.50
N GLU A 2036 -49.03 -29.08 33.50
CA GLU A 2036 -50.45 -29.26 33.79
C GLU A 2036 -50.77 -29.00 35.26
N PRO A 2037 -49.92 -28.24 35.96
CA PRO A 2037 -50.11 -27.87 37.36
C PRO A 2037 -50.07 -29.08 38.29
N VAL A 2038 -49.93 -28.82 39.58
CA VAL A 2038 -49.86 -29.89 40.58
C VAL A 2038 -50.91 -29.64 41.66
N GLU A 2039 -51.60 -30.70 42.06
CA GLU A 2039 -52.62 -30.59 43.09
C GLU A 2039 -51.99 -30.43 44.46
N ASP A 2040 -52.73 -29.77 45.35
CA ASP A 2040 -52.26 -29.54 46.73
C ASP A 2040 -52.61 -30.77 47.56
N ALA A 2041 -51.60 -31.59 47.86
CA ALA A 2041 -51.80 -32.81 48.61
C ALA A 2041 -51.77 -32.51 50.11
N GLY A 2042 -51.85 -33.55 50.94
CA GLY A 2042 -51.84 -33.42 52.38
C GLY A 2042 -50.41 -33.51 52.90
N ASP A 2043 -50.26 -33.65 54.23
CA ASP A 2043 -48.98 -33.79 54.90
C ASP A 2043 -48.06 -32.59 54.66
N LEU A 2044 -48.63 -31.40 54.52
CA LEU A 2044 -47.87 -30.16 54.34
C LEU A 2044 -48.43 -29.11 55.27
N ASP A 2045 -47.63 -28.73 56.28
CA ASP A 2045 -48.07 -27.69 57.22
C ASP A 2045 -48.25 -26.36 56.52
N PHE A 2046 -47.17 -25.82 55.96
CA PHE A 2046 -47.22 -24.58 55.18
C PHE A 2046 -47.32 -24.94 53.69
N TRP A 2047 -48.52 -25.38 53.31
CA TRP A 2047 -48.76 -25.87 51.95
C TRP A 2047 -48.75 -24.73 50.95
N ASN A 2048 -47.60 -24.48 50.33
CA ASN A 2048 -47.49 -23.45 49.31
C ASN A 2048 -47.70 -24.07 47.94
N GLY A 2049 -47.47 -23.30 46.88
CA GLY A 2049 -47.66 -23.79 45.52
C GLY A 2049 -46.50 -24.66 45.03
N PHE A 2050 -45.41 -24.76 45.80
CA PHE A 2050 -44.25 -25.52 45.35
C PHE A 2050 -43.84 -26.56 46.39
N GLY A 2051 -44.09 -26.27 47.67
CA GLY A 2051 -43.74 -27.20 48.72
C GLY A 2051 -44.07 -26.62 50.08
N GLY A 2052 -43.68 -27.37 51.10
CA GLY A 2052 -43.94 -26.94 52.46
C GLY A 2052 -43.19 -27.78 53.46
N PHE A 2053 -43.44 -27.50 54.73
CA PHE A 2053 -42.79 -28.24 55.80
C PHE A 2053 -43.27 -29.69 55.85
N ALA A 2054 -42.36 -30.59 56.21
CA ALA A 2054 -42.66 -32.01 56.29
C ALA A 2054 -42.42 -32.52 57.71
N LYS A 2055 -42.94 -31.77 58.70
CA LYS A 2055 -42.97 -32.06 60.14
C LYS A 2055 -41.57 -32.18 60.73
N ASN A 2056 -41.45 -31.87 62.02
CA ASN A 2056 -40.24 -31.92 62.83
C ASN A 2056 -39.25 -30.83 62.40
N GLY A 2057 -39.54 -30.10 61.33
CA GLY A 2057 -38.66 -29.05 60.88
C GLY A 2057 -37.30 -29.51 60.41
N GLN A 2058 -37.16 -30.78 60.04
CA GLN A 2058 -35.88 -31.33 59.60
C GLN A 2058 -35.81 -31.57 58.10
N GLU A 2059 -36.90 -32.04 57.50
CA GLU A 2059 -36.97 -32.32 56.07
C GLU A 2059 -37.95 -31.38 55.41
N TYR A 2060 -37.54 -30.79 54.29
CA TYR A 2060 -38.39 -29.89 53.51
C TYR A 2060 -38.58 -30.50 52.13
N VAL A 2061 -39.84 -30.68 51.74
CA VAL A 2061 -40.20 -31.37 50.51
C VAL A 2061 -40.77 -30.36 49.52
N VAL A 2062 -40.30 -30.41 48.28
CA VAL A 2062 -40.78 -29.56 47.20
C VAL A 2062 -41.39 -30.47 46.15
N ARG A 2063 -42.66 -30.23 45.83
CA ARG A 2063 -43.39 -30.99 44.81
C ARG A 2063 -43.63 -30.08 43.61
N LEU A 2064 -43.15 -30.50 42.44
CA LEU A 2064 -43.31 -29.71 41.23
C LEU A 2064 -43.46 -30.64 40.04
N ASN A 2065 -44.03 -30.10 38.97
CA ASN A 2065 -44.23 -30.84 37.73
C ASN A 2065 -43.24 -30.37 36.67
N GLY A 2066 -43.08 -31.21 35.64
CA GLY A 2066 -42.18 -30.90 34.54
C GLY A 2066 -42.52 -29.62 33.83
N GLY A 2067 -41.52 -28.77 33.61
CA GLY A 2067 -41.73 -27.47 32.99
C GLY A 2067 -42.01 -26.35 33.96
N GLN A 2068 -42.13 -26.64 35.25
CA GLN A 2068 -42.35 -25.62 36.27
C GLN A 2068 -41.24 -25.68 37.31
N SER A 2069 -41.01 -24.54 37.96
CA SER A 2069 -39.95 -24.42 38.95
C SER A 2069 -40.30 -23.27 39.89
N THR A 2070 -39.56 -23.20 41.00
CA THR A 2070 -39.72 -22.10 41.93
C THR A 2070 -39.29 -20.80 41.28
N PRO A 2071 -39.84 -19.66 41.74
CA PRO A 2071 -39.46 -18.37 41.13
C PRO A 2071 -37.97 -18.10 41.16
N HIS A 2072 -37.28 -18.50 42.24
CA HIS A 2072 -35.83 -18.44 42.30
C HIS A 2072 -35.29 -19.78 42.80
N PRO A 2073 -34.09 -20.15 42.39
CA PRO A 2073 -33.46 -21.38 42.92
C PRO A 2073 -33.51 -21.42 44.44
N TRP A 2074 -34.21 -22.42 44.96
CA TRP A 2074 -34.25 -22.66 46.40
C TRP A 2074 -33.05 -23.53 46.77
N ILE A 2075 -32.18 -22.99 47.61
CA ILE A 2075 -30.84 -23.53 47.83
C ILE A 2075 -30.76 -24.15 49.22
N ASN A 2076 -30.04 -25.26 49.32
CA ASN A 2076 -29.68 -25.86 50.60
C ASN A 2076 -28.18 -26.14 50.58
N VAL A 2077 -27.48 -25.73 51.63
CA VAL A 2077 -26.02 -25.82 51.68
C VAL A 2077 -25.63 -26.99 52.58
N ILE A 2078 -24.69 -27.80 52.09
CA ILE A 2078 -24.08 -28.88 52.86
C ILE A 2078 -22.57 -28.72 52.72
N SER A 2079 -21.90 -28.47 53.85
CA SER A 2079 -20.50 -28.08 53.83
C SER A 2079 -19.70 -28.83 54.88
N ASN A 2080 -18.40 -28.87 54.67
CA ASN A 2080 -17.43 -29.49 55.58
C ASN A 2080 -16.44 -28.43 56.06
N GLU A 2081 -15.46 -28.87 56.85
CA GLU A 2081 -14.44 -27.95 57.34
C GLU A 2081 -13.61 -27.37 56.21
N ASN A 2082 -13.23 -28.20 55.25
CA ASN A 2082 -12.44 -27.80 54.10
C ASN A 2082 -13.11 -28.24 52.80
N PHE A 2083 -14.43 -28.14 52.75
CA PHE A 2083 -15.21 -28.52 51.58
C PHE A 2083 -16.61 -27.95 51.74
N GLY A 2084 -17.40 -28.02 50.67
CA GLY A 2084 -18.76 -27.56 50.74
C GLY A 2084 -19.41 -27.34 49.37
N PHE A 2085 -20.71 -27.63 49.29
CA PHE A 2085 -21.45 -27.42 48.06
C PHE A 2085 -22.90 -27.09 48.40
N HIS A 2086 -23.58 -26.47 47.45
CA HIS A 2086 -25.00 -26.17 47.58
C HIS A 2086 -25.72 -26.61 46.32
N ILE A 2087 -26.90 -27.18 46.49
CA ILE A 2087 -27.71 -27.68 45.39
C ILE A 2087 -29.10 -27.09 45.48
N SER A 2088 -29.65 -26.70 44.33
CA SER A 2088 -30.99 -26.15 44.27
C SER A 2088 -32.02 -27.27 44.29
N ALA A 2089 -33.30 -26.90 44.27
CA ALA A 2089 -34.38 -27.88 44.24
C ALA A 2089 -34.63 -28.43 42.84
N GLU A 2090 -34.00 -27.86 41.81
CA GLU A 2090 -34.20 -28.31 40.44
C GLU A 2090 -32.89 -28.64 39.75
N GLY A 2091 -31.80 -28.78 40.49
CA GLY A 2091 -30.51 -29.12 39.89
C GLY A 2091 -29.52 -27.98 39.86
N ALA A 2092 -28.43 -28.11 40.61
CA ALA A 2092 -27.38 -27.09 40.66
C ALA A 2092 -26.13 -27.75 41.20
N GLY A 2093 -25.09 -26.94 41.43
CA GLY A 2093 -23.84 -27.45 41.98
C GLY A 2093 -22.74 -26.41 42.04
N PHE A 2094 -22.02 -26.39 43.15
CA PHE A 2094 -20.90 -25.45 43.32
C PHE A 2094 -19.94 -26.08 44.34
N SER A 2095 -18.85 -26.65 43.84
CA SER A 2095 -17.89 -27.37 44.67
C SER A 2095 -16.59 -26.57 44.75
N TRP A 2096 -16.10 -26.39 45.98
CA TRP A 2096 -14.85 -25.68 46.23
C TRP A 2096 -14.09 -26.39 47.35
N SER A 2097 -12.77 -26.44 47.21
CA SER A 2097 -11.92 -27.15 48.17
C SER A 2097 -11.34 -26.21 49.23
N ARG A 2098 -10.59 -25.21 48.82
CA ARG A 2098 -9.87 -24.37 49.77
C ARG A 2098 -10.69 -23.13 50.18
N ASN A 2099 -11.05 -22.30 49.21
CA ASN A 2099 -11.77 -21.07 49.50
C ASN A 2099 -12.61 -20.67 48.30
N SER A 2100 -13.65 -19.88 48.57
CA SER A 2100 -14.47 -19.33 47.49
C SER A 2100 -13.71 -18.20 46.79
N ARG A 2101 -14.05 -18.00 45.51
CA ARG A 2101 -13.47 -17.00 44.62
C ARG A 2101 -11.99 -17.26 44.32
N ASP A 2102 -11.41 -18.31 44.87
CA ASP A 2102 -10.03 -18.70 44.59
C ASP A 2102 -9.91 -20.09 44.00
N TYR A 2103 -10.66 -21.06 44.53
CA TYR A 2103 -10.72 -22.40 43.98
C TYR A 2103 -12.18 -22.80 43.81
N GLN A 2104 -12.47 -23.45 42.69
CA GLN A 2104 -13.84 -23.84 42.38
C GLN A 2104 -13.80 -25.01 41.40
N LEU A 2105 -14.78 -25.90 41.52
CA LEU A 2105 -14.87 -27.06 40.63
C LEU A 2105 -15.91 -26.88 39.54
N THR A 2106 -17.16 -26.60 39.92
CA THR A 2106 -18.23 -26.42 38.95
C THR A 2106 -18.63 -24.96 38.85
N PRO A 2107 -19.06 -24.50 37.68
CA PRO A 2107 -19.38 -23.08 37.51
C PRO A 2107 -20.56 -22.65 38.37
N TRP A 2108 -20.53 -21.39 38.80
CA TRP A 2108 -21.61 -20.78 39.56
C TRP A 2108 -22.24 -19.69 38.70
N THR A 2109 -23.54 -19.78 38.48
CA THR A 2109 -24.27 -18.82 37.65
C THR A 2109 -25.39 -18.20 38.48
N ASN A 2110 -25.26 -16.92 38.79
CA ASN A 2110 -26.29 -16.20 39.53
C ASN A 2110 -27.34 -15.62 38.59
N ASP A 2111 -27.92 -16.49 37.76
CA ASP A 2111 -28.96 -16.09 36.81
C ASP A 2111 -30.28 -16.70 37.24
N PRO A 2112 -31.17 -15.94 37.88
CA PRO A 2112 -32.44 -16.52 38.36
C PRO A 2112 -33.31 -17.08 37.26
N VAL A 2113 -33.26 -16.51 36.05
CA VAL A 2113 -34.21 -16.90 35.02
C VAL A 2113 -33.82 -18.21 34.34
N ILE A 2114 -32.53 -18.39 34.04
CA ILE A 2114 -32.09 -19.58 33.32
C ILE A 2114 -31.42 -20.56 34.27
N ASN A 2115 -30.30 -20.16 34.85
CA ASN A 2115 -29.54 -20.97 35.79
C ASN A 2115 -29.30 -22.39 35.24
N ARG A 2116 -28.57 -22.45 34.14
CA ARG A 2116 -28.26 -23.75 33.56
C ARG A 2116 -27.27 -24.48 34.46
N PRO A 2117 -27.57 -25.70 34.90
CA PRO A 2117 -26.67 -26.38 35.85
C PRO A 2117 -25.35 -26.76 35.22
N GLY A 2118 -24.31 -26.78 36.05
CA GLY A 2118 -23.02 -27.28 35.63
C GLY A 2118 -22.84 -28.77 35.76
N GLU A 2119 -23.77 -29.44 36.43
CA GLU A 2119 -23.75 -30.89 36.60
C GLU A 2119 -25.11 -31.45 36.20
N ALA A 2120 -25.10 -32.58 35.51
CA ALA A 2120 -26.34 -33.20 35.06
C ALA A 2120 -26.20 -34.72 35.12
N PHE A 2121 -27.33 -35.39 35.32
CA PHE A 2121 -27.38 -36.84 35.35
C PHE A 2121 -28.53 -37.30 34.44
N TYR A 2122 -28.24 -38.25 33.56
CA TYR A 2122 -29.21 -38.77 32.62
C TYR A 2122 -29.34 -40.27 32.80
N VAL A 2123 -30.58 -40.77 32.77
CA VAL A 2123 -30.87 -42.19 32.92
C VAL A 2123 -31.73 -42.64 31.75
N ALA A 2124 -31.54 -42.01 30.59
CA ALA A 2124 -32.39 -42.27 29.43
C ALA A 2124 -32.29 -43.74 29.00
N ASP A 2125 -33.43 -44.26 28.53
CA ASP A 2125 -33.50 -45.64 28.09
C ASP A 2125 -32.73 -45.84 26.78
N VAL A 2126 -32.07 -46.99 26.67
CA VAL A 2126 -31.26 -47.27 25.49
C VAL A 2126 -32.15 -47.50 24.27
N GLU A 2127 -33.23 -48.28 24.43
CA GLU A 2127 -34.01 -48.70 23.27
C GLU A 2127 -34.85 -47.56 22.71
N THR A 2128 -35.77 -47.03 23.52
CA THR A 2128 -36.67 -45.99 23.02
C THR A 2128 -35.98 -44.64 22.89
N GLY A 2129 -34.90 -44.40 23.63
CA GLY A 2129 -34.19 -43.15 23.57
C GLY A 2129 -34.81 -42.01 24.35
N LYS A 2130 -35.92 -42.25 25.04
CA LYS A 2130 -36.56 -41.20 25.81
C LYS A 2130 -35.68 -40.80 26.99
N LEU A 2131 -35.58 -39.49 27.22
CA LEU A 2131 -34.66 -38.93 28.21
C LEU A 2131 -35.40 -38.65 29.51
N TYR A 2132 -34.86 -39.19 30.60
CA TYR A 2132 -35.38 -38.97 31.95
C TYR A 2132 -34.28 -38.40 32.83
N THR A 2133 -34.63 -37.42 33.65
CA THR A 2133 -33.70 -36.81 34.58
C THR A 2133 -34.36 -36.62 35.93
N PRO A 2134 -33.61 -36.73 37.02
CA PRO A 2134 -34.19 -36.49 38.35
C PRO A 2134 -34.35 -35.03 38.71
N CYS A 2135 -33.89 -34.11 37.87
CA CYS A 2135 -33.99 -32.68 38.13
C CYS A 2135 -35.05 -32.06 37.23
N ALA A 2136 -35.82 -31.13 37.80
CA ALA A 2136 -36.90 -30.51 37.04
C ALA A 2136 -36.36 -29.68 35.88
N ALA A 2137 -35.27 -28.96 36.10
CA ALA A 2137 -34.72 -28.10 35.05
C ALA A 2137 -34.13 -28.88 33.89
N LEU A 2138 -33.78 -30.14 34.10
CA LEU A 2138 -33.14 -30.96 33.07
C LEU A 2138 -34.16 -31.71 32.21
N SER A 2139 -35.45 -31.58 32.49
CA SER A 2139 -36.48 -32.27 31.71
C SER A 2139 -37.61 -31.30 31.38
N ARG A 2140 -38.14 -31.42 30.18
CA ARG A 2140 -39.28 -30.62 29.74
C ARG A 2140 -40.55 -31.45 29.61
N ASP A 2141 -40.55 -32.68 30.11
CA ASP A 2141 -41.72 -33.55 30.00
C ASP A 2141 -42.81 -33.09 30.95
N PRO A 2142 -44.01 -32.77 30.46
CA PRO A 2142 -45.08 -32.32 31.38
C PRO A 2142 -45.72 -33.44 32.18
N GLU A 2143 -45.57 -34.70 31.76
CA GLU A 2143 -46.22 -35.82 32.43
C GLU A 2143 -45.33 -36.49 33.47
N ALA A 2144 -44.10 -36.02 33.65
CA ALA A 2144 -43.20 -36.64 34.61
C ALA A 2144 -43.40 -36.06 36.00
N MET A 2145 -43.05 -36.86 37.01
CA MET A 2145 -43.23 -36.50 38.41
C MET A 2145 -41.84 -36.24 39.01
N PHE A 2146 -41.62 -35.04 39.51
CA PHE A 2146 -40.37 -34.66 40.16
C PHE A 2146 -40.64 -34.26 41.61
N GLU A 2147 -39.77 -34.70 42.51
CA GLU A 2147 -39.85 -34.34 43.92
C GLU A 2147 -38.43 -34.21 44.46
N THR A 2148 -38.23 -33.25 45.37
CA THR A 2148 -36.90 -32.96 45.90
C THR A 2148 -37.00 -32.66 47.39
N ARG A 2149 -36.11 -33.25 48.17
CA ARG A 2149 -36.04 -33.02 49.60
C ARG A 2149 -34.68 -32.42 49.96
N HIS A 2150 -34.70 -31.44 50.87
CA HIS A 2150 -33.49 -30.78 51.35
C HIS A 2150 -33.48 -30.89 52.88
N GLY A 2151 -32.90 -31.98 53.39
CA GLY A 2151 -32.79 -32.18 54.81
C GLY A 2151 -31.56 -31.50 55.40
N LEU A 2152 -31.35 -31.74 56.69
CA LEU A 2152 -30.22 -31.17 57.40
C LEU A 2152 -28.99 -32.03 57.13
N GLY A 2153 -28.03 -31.47 56.39
CA GLY A 2153 -26.81 -32.17 56.06
C GLY A 2153 -26.87 -33.04 54.82
N TYR A 2154 -28.04 -33.14 54.18
CA TYR A 2154 -28.16 -33.94 52.97
C TYR A 2154 -29.37 -33.47 52.20
N SER A 2155 -29.37 -33.80 50.90
CA SER A 2155 -30.49 -33.47 50.02
C SER A 2155 -30.75 -34.67 49.11
N ILE A 2156 -32.03 -34.99 48.93
CA ILE A 2156 -32.45 -36.14 48.13
C ILE A 2156 -33.36 -35.67 47.02
N LEU A 2157 -33.02 -36.03 45.78
CA LEU A 2157 -33.82 -35.70 44.61
C LEU A 2157 -34.34 -36.99 43.99
N THR A 2158 -35.66 -37.08 43.83
CA THR A 2158 -36.29 -38.27 43.27
C THR A 2158 -37.16 -37.88 42.08
N GLY A 2159 -37.08 -38.66 41.01
CA GLY A 2159 -37.85 -38.40 39.82
C GLY A 2159 -38.58 -39.62 39.30
N VAL A 2160 -39.90 -39.49 39.11
CA VAL A 2160 -40.74 -40.56 38.59
C VAL A 2160 -41.24 -40.13 37.21
N ALA A 2161 -40.93 -40.93 36.20
CA ALA A 2161 -41.30 -40.58 34.83
C ALA A 2161 -41.66 -41.88 34.09
N ASP A 2162 -42.96 -42.09 33.87
CA ASP A 2162 -43.47 -43.22 33.09
C ASP A 2162 -43.00 -44.55 33.68
N THR A 2163 -43.44 -44.79 34.91
CA THR A 2163 -43.27 -46.06 35.62
C THR A 2163 -41.81 -46.26 36.01
N LEU A 2164 -40.94 -45.32 35.65
CA LEU A 2164 -39.53 -45.37 36.02
C LEU A 2164 -39.25 -44.33 37.10
N GLU A 2165 -38.62 -44.77 38.18
CA GLU A 2165 -38.31 -43.91 39.32
C GLU A 2165 -36.81 -43.86 39.53
N VAL A 2166 -36.26 -42.66 39.63
CA VAL A 2166 -34.84 -42.45 39.89
C VAL A 2166 -34.69 -41.53 41.09
N GLU A 2167 -33.79 -41.89 42.00
CA GLU A 2167 -33.57 -41.14 43.23
C GLU A 2167 -32.10 -40.75 43.32
N LEU A 2168 -31.84 -39.47 43.61
CA LEU A 2168 -30.49 -38.94 43.73
C LEU A 2168 -30.31 -38.36 45.13
N THR A 2169 -29.24 -38.76 45.80
CA THR A 2169 -28.93 -38.32 47.15
C THR A 2169 -27.64 -37.53 47.14
N GLN A 2170 -27.64 -36.39 47.84
CA GLN A 2170 -26.49 -35.50 47.89
C GLN A 2170 -25.96 -35.44 49.31
N THR A 2171 -24.65 -35.65 49.46
CA THR A 2171 -24.00 -35.59 50.77
C THR A 2171 -22.50 -35.45 50.57
N VAL A 2172 -21.82 -35.04 51.65
CA VAL A 2172 -20.37 -34.91 51.66
C VAL A 2172 -19.83 -35.58 52.93
N ASP A 2173 -18.53 -35.85 52.91
CA ASP A 2173 -17.88 -36.56 53.99
C ASP A 2173 -17.33 -35.59 55.04
N ARG A 2174 -16.99 -36.14 56.20
CA ARG A 2174 -16.38 -35.39 57.29
C ARG A 2174 -14.87 -35.61 57.27
N GLU A 2175 -14.11 -34.53 57.40
CA GLU A 2175 -12.65 -34.54 57.47
C GLU A 2175 -12.03 -34.88 56.11
N LYS A 2176 -12.88 -35.22 55.14
CA LYS A 2176 -12.43 -35.53 53.78
C LYS A 2176 -13.08 -34.56 52.80
N PRO A 2177 -12.32 -33.72 52.11
CA PRO A 2177 -12.93 -32.81 51.13
C PRO A 2177 -13.42 -33.55 49.90
N VAL A 2178 -14.55 -34.25 50.02
CA VAL A 2178 -15.07 -35.07 48.94
C VAL A 2178 -16.60 -34.99 48.97
N LYS A 2179 -17.21 -35.06 47.80
CA LYS A 2179 -18.66 -34.99 47.63
C LYS A 2179 -19.17 -36.32 47.11
N PHE A 2180 -20.33 -36.75 47.61
CA PHE A 2180 -20.92 -38.02 47.25
C PHE A 2180 -22.26 -37.80 46.54
N SER A 2181 -22.57 -38.71 45.62
CA SER A 2181 -23.82 -38.67 44.88
C SER A 2181 -24.26 -40.09 44.59
N GLN A 2182 -25.44 -40.46 45.08
CA GLN A 2182 -25.99 -41.80 44.90
C GLN A 2182 -27.20 -41.73 43.98
N VAL A 2183 -27.18 -42.53 42.91
CA VAL A 2183 -28.28 -42.62 41.96
C VAL A 2183 -28.87 -44.01 42.07
N ILE A 2184 -30.15 -44.08 42.45
CA ILE A 2184 -30.88 -45.34 42.56
C ILE A 2184 -32.02 -45.31 41.57
N VAL A 2185 -32.06 -46.30 40.68
CA VAL A 2185 -33.09 -46.41 39.66
C VAL A 2185 -33.99 -47.59 40.00
N ARG A 2186 -35.29 -47.33 40.05
CA ARG A 2186 -36.29 -48.35 40.38
C ARG A 2186 -37.05 -48.70 39.11
N ASN A 2187 -36.86 -49.93 38.63
CA ASN A 2187 -37.53 -50.41 37.42
C ASN A 2187 -38.75 -51.23 37.86
N LYS A 2188 -39.80 -50.52 38.24
CA LYS A 2188 -41.05 -51.15 38.65
C LYS A 2188 -42.00 -51.34 37.48
N GLY A 2189 -41.49 -51.94 36.39
CA GLY A 2189 -42.27 -52.19 35.20
C GLY A 2189 -42.61 -53.64 35.03
N SER A 2190 -42.92 -54.01 33.78
CA SER A 2190 -43.26 -55.38 33.43
C SER A 2190 -42.30 -56.01 32.43
N LYS A 2191 -41.37 -55.25 31.86
CA LYS A 2191 -40.42 -55.76 30.88
C LYS A 2191 -39.02 -55.32 31.26
N SER A 2192 -38.03 -56.16 30.95
CA SER A 2192 -36.64 -55.82 31.21
C SER A 2192 -36.21 -54.67 30.32
N ARG A 2193 -35.51 -53.71 30.90
CA ARG A 2193 -35.10 -52.50 30.21
C ARG A 2193 -33.60 -52.31 30.34
N ARG A 2194 -32.98 -51.89 29.24
CA ARG A 2194 -31.55 -51.55 29.23
C ARG A 2194 -31.42 -50.04 29.39
N LEU A 2195 -30.70 -49.62 30.42
CA LEU A 2195 -30.59 -48.21 30.76
C LEU A 2195 -29.13 -47.76 30.65
N LYS A 2196 -28.94 -46.53 30.18
CA LYS A 2196 -27.63 -45.91 30.08
C LYS A 2196 -27.60 -44.69 30.99
N VAL A 2197 -26.53 -44.57 31.78
CA VAL A 2197 -26.42 -43.53 32.79
C VAL A 2197 -25.29 -42.59 32.40
N TYR A 2198 -25.59 -41.29 32.40
CA TYR A 2198 -24.59 -40.25 32.13
C TYR A 2198 -24.36 -39.42 33.37
N ALA A 2199 -23.10 -39.04 33.59
CA ALA A 2199 -22.72 -38.12 34.66
C ALA A 2199 -21.97 -36.96 34.05
N TYR A 2200 -22.52 -35.75 34.17
CA TYR A 2200 -21.95 -34.57 33.54
C TYR A 2200 -21.39 -33.63 34.60
N VAL A 2201 -20.25 -33.02 34.28
CA VAL A 2201 -19.60 -32.07 35.17
C VAL A 2201 -18.78 -31.10 34.31
N GLU A 2202 -18.63 -29.88 34.81
CA GLU A 2202 -17.81 -28.86 34.17
C GLU A 2202 -16.69 -28.46 35.13
N TRP A 2203 -15.51 -28.22 34.57
CA TRP A 2203 -14.32 -27.89 35.36
C TRP A 2203 -13.87 -26.47 35.02
N VAL A 2204 -14.11 -25.54 35.95
CA VAL A 2204 -13.57 -24.18 35.88
C VAL A 2204 -12.89 -23.89 37.21
N LEU A 2205 -11.56 -23.94 37.23
CA LEU A 2205 -10.78 -23.79 38.45
C LEU A 2205 -10.26 -22.36 38.54
N GLY A 2206 -11.15 -21.45 38.88
CA GLY A 2206 -10.78 -20.05 39.01
C GLY A 2206 -11.98 -19.23 39.42
N ASN A 2207 -11.71 -17.94 39.67
CA ASN A 2207 -12.78 -17.03 40.05
C ASN A 2207 -13.75 -16.79 38.91
N ASN A 2208 -13.24 -16.72 37.68
CA ASN A 2208 -14.04 -16.33 36.53
C ASN A 2208 -13.93 -17.36 35.43
N GLY A 2209 -15.03 -17.53 34.69
CA GLY A 2209 -15.02 -18.37 33.52
C GLY A 2209 -14.43 -17.65 32.31
N GLN A 2210 -14.19 -18.44 31.26
CA GLN A 2210 -13.58 -17.97 30.02
C GLN A 2210 -12.21 -17.33 30.22
N LYS A 2211 -11.61 -17.52 31.39
CA LYS A 2211 -10.26 -17.04 31.65
C LYS A 2211 -9.29 -18.15 32.02
N SER A 2212 -9.79 -19.37 32.30
CA SER A 2212 -8.95 -20.52 32.56
C SER A 2212 -9.22 -21.68 31.61
N ALA A 2213 -10.35 -21.69 30.92
CA ALA A 2213 -10.68 -22.78 30.01
C ALA A 2213 -9.62 -23.05 28.96
N PRO A 2214 -9.01 -22.06 28.30
CA PRO A 2214 -7.95 -22.37 27.33
C PRO A 2214 -6.73 -23.04 27.95
N PHE A 2215 -6.56 -22.94 29.27
CA PHE A 2215 -5.40 -23.49 29.96
C PHE A 2215 -5.83 -24.43 31.08
N ILE A 2216 -6.74 -25.34 30.77
CA ILE A 2216 -7.19 -26.37 31.71
C ILE A 2216 -6.83 -27.73 31.13
N LEU A 2217 -6.21 -28.57 31.93
CA LEU A 2217 -5.75 -29.89 31.51
C LEU A 2217 -6.55 -30.97 32.20
N SER A 2218 -6.83 -32.05 31.48
CA SER A 2218 -7.57 -33.19 32.00
C SER A 2218 -6.85 -34.48 31.66
N ARG A 2219 -6.87 -35.43 32.59
CA ARG A 2219 -6.20 -36.71 32.42
C ARG A 2219 -7.14 -37.83 32.84
N HIS A 2220 -6.87 -39.02 32.31
CA HIS A 2220 -7.64 -40.23 32.64
C HIS A 2220 -6.68 -41.37 32.94
N ASP A 2221 -7.12 -42.28 33.80
CA ASP A 2221 -6.34 -43.44 34.20
C ASP A 2221 -7.13 -44.70 33.88
N ALA A 2222 -6.45 -45.68 33.28
CA ALA A 2222 -7.09 -46.95 32.97
C ALA A 2222 -7.22 -47.83 34.21
N GLY A 2223 -6.20 -47.83 35.07
CA GLY A 2223 -6.25 -48.67 36.26
C GLY A 2223 -7.35 -48.28 37.21
N SER A 2224 -7.48 -46.98 37.49
CA SER A 2224 -8.50 -46.45 38.37
C SER A 2224 -9.51 -45.67 37.55
N ASN A 2225 -10.78 -46.03 37.66
CA ASN A 2225 -11.84 -45.43 36.85
C ASN A 2225 -12.13 -44.03 37.36
N ALA A 2226 -11.26 -43.09 36.98
CA ALA A 2226 -11.39 -41.70 37.39
C ALA A 2226 -10.77 -40.81 36.33
N ILE A 2227 -11.22 -39.55 36.31
CA ILE A 2227 -10.72 -38.54 35.39
C ILE A 2227 -10.09 -37.45 36.22
N PHE A 2228 -8.78 -37.27 36.08
CA PHE A 2228 -8.04 -36.28 36.85
C PHE A 2228 -8.07 -34.93 36.13
N ALA A 2229 -8.49 -33.89 36.84
CA ALA A 2229 -8.57 -32.54 36.29
C ALA A 2229 -7.67 -31.63 37.10
N SER A 2230 -6.80 -30.88 36.41
CA SER A 2230 -5.88 -29.96 37.04
C SER A 2230 -5.82 -28.67 36.24
N ASN A 2231 -5.51 -27.57 36.94
CA ASN A 2231 -5.40 -26.26 36.33
C ASN A 2231 -4.08 -25.62 36.76
N PRO A 2232 -2.97 -25.98 36.11
CA PRO A 2232 -1.68 -25.37 36.45
C PRO A 2232 -1.60 -23.88 36.13
N TYR A 2233 -2.56 -23.33 35.39
CA TYR A 2233 -2.53 -21.91 35.05
C TYR A 2233 -2.83 -21.03 36.25
N SER A 2234 -3.56 -21.54 37.24
CA SER A 2234 -3.90 -20.74 38.41
C SER A 2234 -2.63 -20.31 39.14
N ILE A 2235 -2.55 -19.01 39.45
CA ILE A 2235 -1.37 -18.47 40.08
C ILE A 2235 -1.20 -19.03 41.49
N ASP A 2236 -2.30 -19.09 42.24
CA ASP A 2236 -2.25 -19.55 43.63
C ASP A 2236 -2.39 -21.06 43.79
N TYR A 2237 -2.97 -21.74 42.80
CA TYR A 2237 -3.19 -23.19 42.86
C TYR A 2237 -2.60 -23.81 41.59
N SER A 2238 -1.30 -24.12 41.64
CA SER A 2238 -0.61 -24.71 40.51
C SER A 2238 -0.46 -26.23 40.62
N ALA A 2239 -1.00 -26.83 41.69
CA ALA A 2239 -0.87 -28.28 41.86
C ALA A 2239 -2.15 -28.94 42.34
N ARG A 2240 -3.28 -28.22 42.39
CA ARG A 2240 -4.53 -28.80 42.83
C ARG A 2240 -5.10 -29.70 41.73
N THR A 2241 -5.50 -30.92 42.11
CA THR A 2241 -6.06 -31.89 41.18
C THR A 2241 -7.45 -32.28 41.63
N SER A 2242 -8.34 -32.45 40.66
CA SER A 2242 -9.73 -32.83 40.91
C SER A 2242 -10.06 -34.09 40.13
N PHE A 2243 -10.96 -34.90 40.68
CA PHE A 2243 -11.28 -36.19 40.08
C PHE A 2243 -12.77 -36.46 40.18
N LEU A 2244 -13.27 -37.29 39.26
CA LEU A 2244 -14.61 -37.84 39.30
C LEU A 2244 -14.50 -39.34 39.06
N THR A 2245 -15.00 -40.13 40.01
CA THR A 2245 -14.87 -41.58 39.92
C THR A 2245 -16.17 -42.24 40.35
N LEU A 2246 -16.34 -43.49 39.90
CA LEU A 2246 -17.53 -44.28 40.20
C LEU A 2246 -17.08 -45.62 40.78
N ASP A 2247 -17.93 -46.18 41.65
CA ASP A 2247 -17.62 -47.45 42.30
C ASP A 2247 -17.97 -48.62 41.40
N SER A 2248 -17.48 -48.61 40.17
CA SER A 2248 -17.73 -49.66 39.19
C SER A 2248 -16.74 -49.48 38.05
N GLU A 2249 -16.93 -50.23 36.97
CA GLU A 2249 -16.09 -50.12 35.79
C GLU A 2249 -16.75 -49.22 34.76
N ALA A 2250 -15.93 -48.42 34.08
CA ALA A 2250 -16.41 -47.45 33.11
C ALA A 2250 -16.17 -47.98 31.69
N SER A 2251 -17.24 -48.01 30.89
CA SER A 2251 -17.10 -48.46 29.51
C SER A 2251 -16.42 -47.40 28.65
N GLY A 2252 -16.75 -46.13 28.87
CA GLY A 2252 -16.16 -45.05 28.10
C GLY A 2252 -16.15 -43.76 28.89
N PHE A 2253 -15.61 -42.72 28.27
CA PHE A 2253 -15.51 -41.41 28.90
C PHE A 2253 -15.31 -40.36 27.82
N THR A 2254 -15.57 -39.11 28.18
CA THR A 2254 -15.38 -37.98 27.29
C THR A 2254 -14.71 -36.84 28.05
N THR A 2255 -13.98 -36.00 27.31
CA THR A 2255 -13.25 -34.88 27.91
C THR A 2255 -13.42 -33.61 27.07
N SER A 2256 -14.49 -33.52 26.29
CA SER A 2256 -14.71 -32.36 25.44
C SER A 2256 -16.22 -32.13 25.34
N ARG A 2257 -16.67 -30.94 25.74
CA ARG A 2257 -18.08 -30.60 25.61
C ARG A 2257 -18.50 -30.50 24.15
N ARG A 2258 -17.56 -30.38 23.23
CA ARG A 2258 -17.87 -30.45 21.80
C ARG A 2258 -18.33 -31.84 21.38
N GLU A 2259 -18.16 -32.85 22.22
CA GLU A 2259 -18.70 -34.19 21.98
C GLU A 2259 -19.94 -34.48 22.80
N PHE A 2260 -19.93 -34.13 24.08
CA PHE A 2260 -21.10 -34.35 24.92
C PHE A 2260 -22.29 -33.52 24.43
N ILE A 2261 -22.14 -32.19 24.44
CA ILE A 2261 -23.18 -31.31 23.95
C ILE A 2261 -23.00 -31.00 22.46
N GLY A 2262 -21.76 -30.70 22.04
CA GLY A 2262 -21.53 -30.41 20.64
C GLY A 2262 -22.22 -29.14 20.20
N ARG A 2263 -22.61 -29.13 18.93
CA ARG A 2263 -23.30 -28.00 18.31
C ARG A 2263 -24.75 -28.38 18.04
N PHE A 2264 -25.63 -27.36 18.07
CA PHE A 2264 -27.06 -27.53 17.84
C PHE A 2264 -27.70 -28.41 18.92
N GLY A 2265 -27.54 -27.98 20.16
CA GLY A 2265 -28.10 -28.71 21.28
C GLY A 2265 -28.12 -27.85 22.53
N SER A 2266 -28.58 -28.45 23.62
CA SER A 2266 -28.65 -27.78 24.90
C SER A 2266 -28.52 -28.84 26.00
N ALA A 2267 -28.76 -28.43 27.24
CA ALA A 2267 -28.69 -29.37 28.36
C ALA A 2267 -29.77 -30.44 28.25
N GLN A 2268 -30.98 -30.06 27.83
CA GLN A 2268 -32.06 -31.02 27.70
C GLN A 2268 -31.82 -32.00 26.55
N ALA A 2269 -31.17 -31.54 25.49
CA ALA A 2269 -30.88 -32.36 24.30
C ALA A 2269 -29.38 -32.33 24.07
N PRO A 2270 -28.61 -33.15 24.79
CA PRO A 2270 -27.14 -33.12 24.62
C PRO A 2270 -26.67 -33.47 23.23
N GLN A 2271 -27.41 -34.32 22.51
CA GLN A 2271 -27.06 -34.82 21.19
C GLN A 2271 -25.90 -35.81 21.28
N GLY A 2272 -25.33 -35.95 22.47
CA GLY A 2272 -24.40 -37.03 22.76
C GLY A 2272 -25.09 -38.31 23.16
N ILE A 2273 -26.42 -38.30 23.21
CA ILE A 2273 -27.21 -39.48 23.57
C ILE A 2273 -28.07 -39.97 22.44
N VAL A 2274 -28.26 -39.17 21.38
CA VAL A 2274 -29.10 -39.54 20.25
C VAL A 2274 -28.26 -40.00 19.06
N ALA A 2275 -27.39 -39.13 18.56
CA ALA A 2275 -26.52 -39.47 17.42
C ALA A 2275 -25.30 -40.22 17.96
N GLY A 2276 -25.50 -41.52 18.17
CA GLY A 2276 -24.45 -42.37 18.69
C GLY A 2276 -24.59 -42.61 20.18
N ALA A 2277 -23.97 -43.70 20.64
CA ALA A 2277 -24.01 -44.09 22.04
C ALA A 2277 -22.63 -44.49 22.54
N ALA A 2278 -21.59 -43.99 21.90
CA ALA A 2278 -20.20 -44.27 22.30
C ALA A 2278 -19.44 -42.98 22.43
N LEU A 2279 -18.61 -42.90 23.47
CA LEU A 2279 -17.77 -41.72 23.73
C LEU A 2279 -16.32 -42.11 23.55
N SER A 2280 -15.62 -41.40 22.66
CA SER A 2280 -14.21 -41.69 22.39
C SER A 2280 -13.33 -41.09 23.46
N GLY A 2281 -12.30 -41.84 23.86
CA GLY A 2281 -11.34 -41.35 24.83
C GLY A 2281 -10.44 -40.28 24.24
N THR A 2282 -10.63 -39.04 24.68
CA THR A 2282 -9.89 -37.91 24.17
C THR A 2282 -9.08 -37.26 25.30
N THR A 2283 -7.83 -36.90 25.00
CA THR A 2283 -6.98 -36.20 25.94
C THR A 2283 -6.54 -34.82 25.46
N GLU A 2284 -6.81 -34.47 24.20
CA GLU A 2284 -6.45 -33.16 23.69
C GLU A 2284 -7.32 -32.08 24.32
N VAL A 2285 -6.74 -30.89 24.48
CA VAL A 2285 -7.42 -29.78 25.12
C VAL A 2285 -8.27 -29.04 24.09
N ASP A 2286 -9.51 -28.76 24.44
CA ASP A 2286 -10.44 -27.98 23.62
C ASP A 2286 -10.84 -26.72 24.39
N GLY A 2287 -11.81 -26.00 23.84
CA GLY A 2287 -12.30 -24.80 24.48
C GLY A 2287 -13.26 -25.00 25.62
N ASP A 2288 -13.61 -26.26 25.93
CA ASP A 2288 -14.54 -26.54 27.02
C ASP A 2288 -14.17 -27.84 27.72
N PRO A 2289 -13.80 -27.79 29.00
CA PRO A 2289 -13.44 -29.02 29.72
C PRO A 2289 -14.63 -29.65 30.42
N CYS A 2290 -14.65 -30.98 30.41
CA CYS A 2290 -15.70 -31.74 31.07
C CYS A 2290 -15.20 -33.15 31.35
N ALA A 2291 -15.92 -33.85 32.21
CA ALA A 2291 -15.61 -35.23 32.56
C ALA A 2291 -16.90 -36.03 32.69
N ALA A 2292 -16.88 -37.26 32.22
CA ALA A 2292 -18.04 -38.14 32.28
C ALA A 2292 -17.61 -39.58 32.46
N LEU A 2293 -18.49 -40.40 33.03
CA LEU A 2293 -18.24 -41.80 33.24
C LEU A 2293 -19.42 -42.60 32.71
N MET A 2294 -19.13 -43.67 31.98
CA MET A 2294 -20.14 -44.46 31.30
C MET A 2294 -20.35 -45.78 32.03
N GLN A 2295 -21.60 -46.22 32.12
CA GLN A 2295 -21.92 -47.50 32.73
C GLN A 2295 -23.28 -47.96 32.22
N GLU A 2296 -23.29 -49.06 31.47
CA GLU A 2296 -24.53 -49.62 30.96
C GLU A 2296 -25.17 -50.51 32.03
N ILE A 2297 -26.46 -50.32 32.27
CA ILE A 2297 -27.22 -51.05 33.27
C ILE A 2297 -28.35 -51.81 32.58
N HIS A 2298 -28.44 -53.10 32.86
CA HIS A 2298 -29.51 -53.95 32.35
C HIS A 2298 -30.41 -54.32 33.52
N LEU A 2299 -31.42 -53.48 33.76
CA LEU A 2299 -32.29 -53.64 34.91
C LEU A 2299 -33.34 -54.73 34.65
N LYS A 2300 -33.99 -55.16 35.74
CA LYS A 2300 -35.03 -56.16 35.72
C LYS A 2300 -36.24 -55.63 36.46
N PRO A 2301 -37.47 -55.97 36.02
CA PRO A 2301 -38.67 -55.51 36.73
C PRO A 2301 -38.66 -55.86 38.21
N GLY A 2302 -38.62 -54.84 39.06
CA GLY A 2302 -38.57 -55.03 40.49
C GLY A 2302 -37.17 -55.10 41.08
N GLU A 2303 -36.14 -54.85 40.29
CA GLU A 2303 -34.76 -54.91 40.74
C GLU A 2303 -34.12 -53.53 40.61
N GLU A 2304 -33.37 -53.13 41.64
CA GLU A 2304 -32.77 -51.80 41.71
C GLU A 2304 -31.26 -51.93 41.88
N ARG A 2305 -30.53 -51.00 41.27
CA ARG A 2305 -29.09 -50.90 41.38
C ARG A 2305 -28.72 -49.61 42.08
N HIS A 2306 -27.75 -49.67 42.99
CA HIS A 2306 -27.30 -48.52 43.75
C HIS A 2306 -25.95 -48.07 43.27
N MET A 2307 -25.88 -46.83 42.78
CA MET A 2307 -24.64 -46.21 42.31
C MET A 2307 -24.08 -45.29 43.38
N THR A 2308 -22.86 -44.82 43.14
CA THR A 2308 -22.20 -43.89 44.07
C THR A 2308 -21.20 -43.06 43.26
N PHE A 2309 -21.55 -41.81 42.99
CA PHE A 2309 -20.69 -40.90 42.25
C PHE A 2309 -19.88 -40.05 43.23
N ILE A 2310 -18.58 -39.97 42.99
CA ILE A 2310 -17.63 -39.32 43.88
C ILE A 2310 -17.15 -38.03 43.22
N LEU A 2311 -17.24 -36.92 43.95
CA LEU A 2311 -16.79 -35.60 43.48
C LEU A 2311 -15.81 -35.05 44.52
N GLY A 2312 -14.53 -35.41 44.39
CA GLY A 2312 -13.51 -34.97 45.31
C GLY A 2312 -12.32 -34.38 44.59
N ASP A 2313 -11.45 -33.75 45.36
CA ASP A 2313 -10.26 -33.11 44.80
C ASP A 2313 -9.18 -33.03 45.87
N ALA A 2314 -7.93 -33.15 45.43
CA ALA A 2314 -6.79 -33.08 46.34
C ALA A 2314 -5.54 -32.75 45.53
N ASP A 2315 -4.64 -32.00 46.16
CA ASP A 2315 -3.38 -31.63 45.51
C ASP A 2315 -2.50 -32.85 45.32
N ASN A 2316 -1.70 -32.82 44.25
CA ASN A 2316 -0.70 -33.83 43.93
C ASN A 2316 -1.34 -35.14 43.47
N ALA A 2317 -0.70 -35.80 42.49
CA ALA A 2317 -1.26 -37.03 41.94
C ALA A 2317 -1.24 -38.16 42.97
N GLU A 2318 -0.19 -38.24 43.79
CA GLU A 2318 -0.10 -39.29 44.80
C GLU A 2318 -1.23 -39.16 45.81
N GLU A 2319 -1.43 -37.95 46.34
CA GLU A 2319 -2.52 -37.74 47.29
C GLU A 2319 -3.87 -37.96 46.63
N ALA A 2320 -4.01 -37.56 45.36
CA ALA A 2320 -5.27 -37.76 44.66
C ALA A 2320 -5.61 -39.24 44.52
N GLU A 2321 -4.62 -40.06 44.12
CA GLU A 2321 -4.87 -41.48 43.95
C GLU A 2321 -5.11 -42.16 45.29
N ALA A 2322 -4.40 -41.73 46.33
CA ALA A 2322 -4.67 -42.27 47.66
C ALA A 2322 -6.10 -41.94 48.09
N LEU A 2323 -6.53 -40.70 47.85
CA LEU A 2323 -7.89 -40.30 48.22
C LEU A 2323 -8.94 -41.10 47.46
N VAL A 2324 -8.73 -41.30 46.16
CA VAL A 2324 -9.74 -42.03 45.39
C VAL A 2324 -9.76 -43.50 45.80
N LYS A 2325 -8.59 -44.10 46.07
CA LYS A 2325 -8.57 -45.49 46.47
C LYS A 2325 -9.17 -45.69 47.85
N ASP A 2326 -9.06 -44.70 48.74
CA ASP A 2326 -9.72 -44.79 50.02
C ASP A 2326 -11.23 -44.59 49.90
N VAL A 2327 -11.65 -43.60 49.11
CA VAL A 2327 -13.06 -43.24 49.04
C VAL A 2327 -13.87 -44.32 48.32
N ARG A 2328 -13.34 -44.85 47.22
CA ARG A 2328 -14.07 -45.87 46.47
C ARG A 2328 -14.27 -47.12 47.30
N GLN A 2329 -13.28 -47.47 48.11
CA GLN A 2329 -13.32 -48.74 48.83
C GLN A 2329 -14.04 -48.65 50.17
N ALA A 2330 -13.95 -47.51 50.86
CA ALA A 2330 -14.42 -47.46 52.24
C ALA A 2330 -15.93 -47.71 52.37
N ASP A 2331 -16.75 -46.78 51.90
CA ASP A 2331 -18.20 -46.89 51.94
C ASP A 2331 -18.80 -45.62 51.36
N PHE A 2332 -20.13 -45.63 51.21
CA PHE A 2332 -20.90 -44.42 50.95
C PHE A 2332 -21.92 -44.13 52.04
N LEU A 2333 -22.75 -45.11 52.38
CA LEU A 2333 -23.87 -44.88 53.30
C LEU A 2333 -23.38 -44.46 54.67
N SER A 2334 -22.33 -45.12 55.17
CA SER A 2334 -21.81 -44.83 56.50
C SER A 2334 -21.55 -43.33 56.66
N VAL A 2335 -20.99 -42.70 55.62
CA VAL A 2335 -20.83 -41.26 55.62
C VAL A 2335 -22.19 -40.57 55.76
N LEU A 2336 -23.22 -41.12 55.10
CA LEU A 2336 -24.54 -40.49 55.14
C LEU A 2336 -25.09 -40.47 56.57
N GLU A 2337 -25.10 -41.63 57.25
CA GLU A 2337 -25.66 -41.59 58.61
C GLU A 2337 -24.72 -40.88 59.59
N GLU A 2338 -23.40 -40.87 59.32
CA GLU A 2338 -22.50 -40.09 60.15
C GLU A 2338 -22.85 -38.61 60.07
N SER A 2339 -23.05 -38.10 58.85
CA SER A 2339 -23.43 -36.70 58.70
C SER A 2339 -24.81 -36.44 59.30
N LYS A 2340 -25.74 -37.38 59.14
CA LYS A 2340 -27.07 -37.23 59.71
C LYS A 2340 -27.01 -37.09 61.22
N LYS A 2341 -26.27 -37.99 61.88
CA LYS A 2341 -26.17 -37.91 63.34
C LYS A 2341 -25.39 -36.68 63.79
N PHE A 2342 -24.38 -36.27 63.03
CA PHE A 2342 -23.64 -35.06 63.34
C PHE A 2342 -24.55 -33.84 63.34
N TRP A 2343 -25.30 -33.65 62.24
CA TRP A 2343 -26.17 -32.50 62.10
C TRP A 2343 -27.41 -32.58 62.99
N THR A 2344 -27.78 -33.78 63.44
CA THR A 2344 -28.86 -33.88 64.40
C THR A 2344 -28.39 -33.56 65.81
N GLY A 2345 -27.22 -34.07 66.20
CA GLY A 2345 -26.70 -33.80 67.53
C GLY A 2345 -26.34 -32.33 67.74
N PHE A 2346 -25.66 -31.73 66.75
CA PHE A 2346 -25.25 -30.34 66.95
C PHE A 2346 -26.41 -29.36 66.83
N THR A 2347 -27.44 -29.68 66.06
CA THR A 2347 -28.63 -28.84 66.00
C THR A 2347 -29.67 -29.21 67.05
N GLY A 2348 -29.54 -30.37 67.68
CA GLY A 2348 -30.45 -30.81 68.71
C GLY A 2348 -30.03 -30.49 70.13
N GLN A 2349 -29.00 -29.66 70.30
CA GLN A 2349 -28.55 -29.31 71.65
C GLN A 2349 -29.63 -28.55 72.42
N LEU A 2350 -30.31 -27.62 71.75
CA LEU A 2350 -31.39 -26.85 72.36
C LEU A 2350 -32.63 -26.96 71.49
N GLN A 2351 -33.74 -27.37 72.09
CA GLN A 2351 -35.01 -27.53 71.39
C GLN A 2351 -36.13 -26.92 72.22
N VAL A 2352 -37.18 -26.49 71.53
CA VAL A 2352 -38.35 -25.89 72.18
C VAL A 2352 -39.60 -26.58 71.67
N SER A 2353 -40.69 -26.41 72.41
CA SER A 2353 -41.99 -27.00 72.09
C SER A 2353 -43.07 -25.93 72.05
N THR A 2354 -42.77 -24.82 71.37
CA THR A 2354 -43.73 -23.74 71.27
C THR A 2354 -44.91 -24.15 70.39
N PRO A 2355 -46.12 -23.66 70.69
CA PRO A 2355 -47.29 -24.03 69.88
C PRO A 2355 -47.20 -23.61 68.43
N ASP A 2356 -46.41 -22.57 68.12
CA ASP A 2356 -46.31 -22.09 66.75
C ASP A 2356 -45.72 -23.17 65.85
N ALA A 2357 -46.34 -23.35 64.68
CA ALA A 2357 -45.87 -24.34 63.72
C ALA A 2357 -44.67 -23.88 62.92
N GLY A 2358 -44.35 -22.60 62.94
CA GLY A 2358 -43.20 -22.09 62.21
C GLY A 2358 -41.98 -21.88 63.09
N PHE A 2359 -42.22 -21.58 64.37
CA PHE A 2359 -41.11 -21.37 65.29
C PHE A 2359 -40.37 -22.66 65.56
N ASN A 2360 -41.10 -23.73 65.87
CA ASN A 2360 -40.46 -25.02 66.15
C ASN A 2360 -39.75 -25.57 64.92
N HIS A 2361 -40.36 -25.43 63.75
CA HIS A 2361 -39.82 -26.03 62.54
C HIS A 2361 -38.61 -25.28 61.99
N MET A 2362 -38.39 -24.04 62.42
CA MET A 2362 -37.33 -23.21 61.84
C MET A 2362 -36.29 -22.75 62.85
N VAL A 2363 -36.70 -22.34 64.05
CA VAL A 2363 -35.74 -21.81 65.02
C VAL A 2363 -34.85 -22.92 65.56
N ASN A 2364 -35.43 -24.08 65.87
CA ASN A 2364 -34.67 -25.15 66.52
C ASN A 2364 -33.60 -25.72 65.60
N ASN A 2365 -33.94 -25.94 64.33
CA ASN A 2365 -33.06 -26.66 63.41
C ASN A 2365 -32.54 -25.79 62.28
N TRP A 2366 -33.44 -25.12 61.54
CA TRP A 2366 -33.02 -24.38 60.35
C TRP A 2366 -32.09 -23.23 60.71
N LEU A 2367 -32.38 -22.50 61.78
CA LEU A 2367 -31.50 -21.39 62.17
C LEU A 2367 -30.09 -21.85 62.53
N PRO A 2368 -29.90 -22.82 63.45
CA PRO A 2368 -28.52 -23.28 63.69
C PRO A 2368 -27.87 -23.91 62.47
N TYR A 2369 -28.63 -24.65 61.68
CA TYR A 2369 -28.08 -25.27 60.47
C TYR A 2369 -27.52 -24.21 59.52
N GLN A 2370 -28.34 -23.19 59.21
CA GLN A 2370 -27.90 -22.12 58.34
C GLN A 2370 -26.72 -21.37 58.94
N ALA A 2371 -26.81 -21.02 60.22
CA ALA A 2371 -25.75 -20.26 60.87
C ALA A 2371 -24.41 -20.99 60.79
N LEU A 2372 -24.38 -22.25 61.21
CA LEU A 2372 -23.16 -23.03 61.13
C LEU A 2372 -22.67 -23.13 59.69
N ALA A 2373 -23.47 -23.77 58.83
CA ALA A 2373 -23.02 -24.10 57.48
C ALA A 2373 -22.66 -22.86 56.66
N CYS A 2374 -23.15 -21.68 57.04
CA CYS A 2374 -22.80 -20.47 56.30
C CYS A 2374 -21.60 -19.76 56.93
N ARG A 2375 -21.69 -19.41 58.20
CA ARG A 2375 -20.71 -18.52 58.82
C ARG A 2375 -19.51 -19.23 59.40
N ILE A 2376 -19.43 -20.56 59.34
CA ILE A 2376 -18.27 -21.29 59.83
C ILE A 2376 -17.63 -22.15 58.73
N LEU A 2377 -18.44 -22.86 57.96
CA LEU A 2377 -17.93 -23.81 56.98
C LEU A 2377 -17.83 -23.21 55.57
N ALA A 2378 -18.94 -22.70 55.03
CA ALA A 2378 -18.99 -22.21 53.65
C ALA A 2378 -19.67 -20.85 53.63
N ARG A 2379 -18.87 -19.78 53.49
CA ARG A 2379 -19.39 -18.42 53.40
C ARG A 2379 -19.73 -18.08 51.95
N THR A 2380 -20.59 -18.92 51.35
CA THR A 2380 -20.97 -18.77 49.95
C THR A 2380 -22.41 -19.19 49.76
N ALA A 2381 -23.17 -18.39 49.02
CA ALA A 2381 -24.55 -18.73 48.70
C ALA A 2381 -24.78 -18.62 47.20
N PHE A 2382 -26.02 -18.80 46.76
CA PHE A 2382 -26.34 -18.67 45.34
C PHE A 2382 -26.24 -17.23 44.86
N TYR A 2383 -26.37 -16.25 45.75
CA TYR A 2383 -26.32 -14.85 45.39
C TYR A 2383 -25.07 -14.14 45.85
N GLN A 2384 -24.34 -14.68 46.83
CA GLN A 2384 -23.14 -14.05 47.35
C GLN A 2384 -21.98 -15.03 47.34
N SER A 2385 -20.77 -14.49 47.20
CA SER A 2385 -19.54 -15.26 47.26
C SER A 2385 -18.47 -14.39 47.91
N SER A 2386 -18.02 -14.78 49.10
CA SER A 2386 -17.04 -14.00 49.86
C SER A 2386 -16.06 -14.97 50.50
N GLY A 2387 -14.86 -15.04 49.94
CA GLY A 2387 -13.80 -15.89 50.45
C GLY A 2387 -12.87 -15.25 51.44
N ALA A 2388 -13.15 -14.03 51.89
CA ALA A 2388 -12.30 -13.30 52.81
C ALA A 2388 -12.97 -13.20 54.17
N PHE A 2389 -12.21 -13.49 55.22
CA PHE A 2389 -12.74 -13.38 56.59
C PHE A 2389 -12.99 -11.92 56.94
N GLY A 2390 -13.94 -11.71 57.85
CA GLY A 2390 -14.26 -10.38 58.32
C GLY A 2390 -14.06 -10.23 59.82
N PHE A 2391 -13.33 -9.20 60.23
CA PHE A 2391 -13.08 -8.99 61.65
C PHE A 2391 -14.37 -8.71 62.41
N ARG A 2392 -15.25 -7.89 61.84
CA ARG A 2392 -16.53 -7.62 62.46
C ARG A 2392 -17.50 -8.79 62.30
N ASP A 2393 -17.37 -9.56 61.22
CA ASP A 2393 -18.33 -10.62 60.93
C ASP A 2393 -18.22 -11.76 61.93
N GLN A 2394 -17.06 -12.40 62.00
CA GLN A 2394 -16.93 -13.59 62.84
C GLN A 2394 -17.04 -13.25 64.33
N LEU A 2395 -16.65 -12.04 64.72
CA LEU A 2395 -16.80 -11.64 66.12
C LEU A 2395 -18.26 -11.57 66.51
N GLN A 2396 -19.11 -11.07 65.61
CA GLN A 2396 -20.53 -10.92 65.85
C GLN A 2396 -21.34 -12.15 65.47
N ASP A 2397 -20.68 -13.22 65.02
CA ASP A 2397 -21.36 -14.40 64.51
C ASP A 2397 -21.50 -15.51 65.55
N THR A 2398 -20.44 -15.76 66.31
CA THR A 2398 -20.41 -16.92 67.21
C THR A 2398 -21.07 -16.66 68.55
N LEU A 2399 -21.61 -15.46 68.78
CA LEU A 2399 -22.26 -15.16 70.06
C LEU A 2399 -23.53 -15.97 70.28
N ALA A 2400 -24.08 -16.59 69.23
CA ALA A 2400 -25.29 -17.39 69.39
C ALA A 2400 -25.02 -18.61 70.27
N PHE A 2401 -23.89 -19.26 70.09
CA PHE A 2401 -23.56 -20.45 70.88
C PHE A 2401 -22.16 -20.34 71.47
N PRO A 2406 -19.38 -23.48 73.30
CA PRO A 2406 -18.78 -22.18 73.58
C PRO A 2406 -17.30 -22.14 73.20
N ASP A 2407 -16.70 -23.31 72.99
CA ASP A 2407 -15.29 -23.36 72.60
C ASP A 2407 -15.06 -22.76 71.22
N LEU A 2408 -16.06 -22.83 70.34
CA LEU A 2408 -15.92 -22.24 69.02
C LEU A 2408 -15.79 -20.72 69.11
N ALA A 2409 -16.51 -20.10 70.05
CA ALA A 2409 -16.36 -18.67 70.25
C ALA A 2409 -14.96 -18.31 70.71
N ARG A 2410 -14.39 -19.11 71.62
CA ARG A 2410 -13.03 -18.88 72.07
C ARG A 2410 -12.04 -19.03 70.93
N THR A 2411 -12.20 -20.07 70.10
CA THR A 2411 -11.32 -20.25 68.96
C THR A 2411 -11.41 -19.09 68.00
N GLN A 2412 -12.64 -18.63 67.72
CA GLN A 2412 -12.82 -17.51 66.81
C GLN A 2412 -12.18 -16.23 67.35
N ILE A 2413 -12.36 -15.96 68.65
CA ILE A 2413 -11.83 -14.73 69.22
C ILE A 2413 -10.31 -14.79 69.31
N LEU A 2414 -9.74 -15.98 69.50
CA LEU A 2414 -8.28 -16.09 69.44
C LEU A 2414 -7.75 -15.93 68.03
N ARG A 2415 -8.47 -16.45 67.03
CA ARG A 2415 -8.06 -16.26 65.64
C ARG A 2415 -8.12 -14.79 65.25
N ALA A 2416 -9.18 -14.09 65.66
CA ALA A 2416 -9.33 -12.68 65.30
C ALA A 2416 -8.31 -11.80 66.01
N ALA A 2417 -7.93 -12.16 67.24
CA ALA A 2417 -6.98 -11.35 67.99
C ALA A 2417 -5.60 -11.32 67.35
N GLY A 2418 -5.29 -12.28 66.47
CA GLY A 2418 -4.01 -12.31 65.81
C GLY A 2418 -3.85 -11.41 64.61
N ARG A 2419 -4.89 -10.65 64.26
CA ARG A 2419 -4.86 -9.76 63.11
C ARG A 2419 -4.78 -8.28 63.52
N GLN A 2420 -4.37 -8.01 64.76
CA GLN A 2420 -4.29 -6.66 65.28
C GLN A 2420 -2.85 -6.15 65.20
N PHE A 2421 -2.68 -4.97 64.60
CA PHE A 2421 -1.37 -4.36 64.49
C PHE A 2421 -1.01 -3.62 65.78
N PRO A 2422 0.28 -3.46 66.07
CA PRO A 2422 0.67 -2.76 67.31
C PRO A 2422 0.18 -1.32 67.39
N GLU A 2423 -0.02 -0.67 66.24
CA GLU A 2423 -0.50 0.72 66.28
C GLU A 2423 -1.89 0.80 66.89
N GLY A 2424 -2.77 -0.15 66.56
CA GLY A 2424 -4.10 -0.18 67.12
C GLY A 2424 -5.16 -0.59 66.13
N ASP A 2425 -4.86 -0.45 64.84
CA ASP A 2425 -5.81 -0.83 63.81
C ASP A 2425 -5.90 -2.35 63.68
N VAL A 2426 -7.04 -2.81 63.19
CA VAL A 2426 -7.30 -4.23 62.98
C VAL A 2426 -7.39 -4.51 61.49
N GLN A 2427 -7.27 -5.80 61.15
CA GLN A 2427 -7.32 -6.24 59.77
C GLN A 2427 -8.77 -6.59 59.41
N HIS A 2428 -9.38 -5.78 58.54
CA HIS A 2428 -10.78 -5.99 58.19
C HIS A 2428 -10.97 -7.26 57.37
N TRP A 2429 -10.13 -7.46 56.36
CA TRP A 2429 -10.17 -8.65 55.52
C TRP A 2429 -8.80 -9.32 55.50
N TRP A 2430 -8.81 -10.65 55.41
CA TRP A 2430 -7.57 -11.41 55.27
C TRP A 2430 -7.90 -12.78 54.70
N LEU A 2431 -6.95 -13.32 53.94
CA LEU A 2431 -7.12 -14.65 53.37
C LEU A 2431 -7.08 -15.71 54.47
N PRO A 2432 -7.90 -16.76 54.35
CA PRO A 2432 -7.93 -17.80 55.38
C PRO A 2432 -6.60 -18.52 55.59
N LEU A 2433 -5.86 -18.74 54.50
CA LEU A 2433 -4.65 -19.54 54.57
C LEU A 2433 -3.40 -18.69 54.77
N THR A 2434 -3.10 -17.80 53.83
CA THR A 2434 -1.87 -17.03 53.91
C THR A 2434 -1.98 -15.91 54.94
N GLY A 2435 -3.20 -15.47 55.25
CA GLY A 2435 -3.42 -14.42 56.22
C GLY A 2435 -3.25 -13.02 55.69
N ALA A 2436 -2.83 -12.85 54.44
CA ALA A 2436 -2.68 -11.52 53.87
C ALA A 2436 -4.04 -10.88 53.63
N GLY A 2437 -4.10 -9.56 53.78
CA GLY A 2437 -5.35 -8.85 53.57
C GLY A 2437 -5.14 -7.36 53.70
N VAL A 2438 -6.21 -6.62 53.39
CA VAL A 2438 -6.15 -5.17 53.40
C VAL A 2438 -6.34 -4.63 54.82
N ARG A 2439 -5.85 -3.42 55.04
CA ARG A 2439 -6.04 -2.70 56.30
C ARG A 2439 -6.91 -1.48 56.00
N THR A 2440 -8.10 -1.44 56.59
CA THR A 2440 -9.04 -0.36 56.34
C THR A 2440 -9.02 0.65 57.48
N THR A 2441 -9.45 1.87 57.17
CA THR A 2441 -9.53 2.96 58.12
C THR A 2441 -10.86 2.99 58.85
N ILE A 2442 -11.63 1.90 58.82
CA ILE A 2442 -12.91 1.87 59.50
C ILE A 2442 -12.69 1.93 61.01
N SER A 2443 -13.65 2.53 61.72
CA SER A 2443 -13.50 2.81 63.13
C SER A 2443 -14.22 1.83 64.05
N ASP A 2444 -15.33 1.24 63.60
CA ASP A 2444 -16.11 0.37 64.48
C ASP A 2444 -15.46 -0.98 64.70
N ASP A 2445 -14.65 -1.46 63.74
CA ASP A 2445 -14.14 -2.82 63.81
C ASP A 2445 -13.24 -3.03 65.01
N VAL A 2446 -12.41 -2.03 65.35
CA VAL A 2446 -11.48 -2.18 66.45
C VAL A 2446 -12.19 -2.33 67.79
N VAL A 2447 -13.48 -2.02 67.86
CA VAL A 2447 -14.20 -2.04 69.12
C VAL A 2447 -14.99 -3.33 69.32
N TRP A 2448 -15.34 -4.06 68.25
CA TRP A 2448 -16.09 -5.30 68.39
C TRP A 2448 -15.33 -6.35 69.20
N LEU A 2449 -14.00 -6.27 69.27
CA LEU A 2449 -13.25 -7.21 70.09
C LEU A 2449 -13.60 -7.06 71.56
N ALA A 2450 -13.75 -5.82 72.04
CA ALA A 2450 -14.07 -5.61 73.44
C ALA A 2450 -15.45 -6.15 73.79
N TYR A 2451 -16.42 -5.95 72.90
CA TYR A 2451 -17.77 -6.46 73.16
C TYR A 2451 -17.79 -7.98 73.23
N ALA A 2452 -17.07 -8.64 72.31
CA ALA A 2452 -16.99 -10.10 72.35
C ALA A 2452 -16.27 -10.59 73.59
N ILE A 2453 -15.21 -9.88 74.01
CA ILE A 2453 -14.50 -10.25 75.23
C ILE A 2453 -15.43 -10.14 76.43
N ASN A 2454 -16.20 -9.06 76.50
CA ASN A 2454 -17.14 -8.88 77.61
C ASN A 2454 -18.20 -9.97 77.61
N GLN A 2455 -18.73 -10.30 76.44
CA GLN A 2455 -19.75 -11.35 76.35
C GLN A 2455 -19.19 -12.69 76.78
N TYR A 2456 -17.97 -13.02 76.35
CA TYR A 2456 -17.36 -14.29 76.75
C TYR A 2456 -17.12 -14.34 78.25
N VAL A 2457 -16.60 -13.25 78.82
CA VAL A 2457 -16.32 -13.21 80.25
C VAL A 2457 -17.62 -13.34 81.04
N SER A 2458 -18.69 -12.69 80.58
CA SER A 2458 -19.97 -12.80 81.26
C SER A 2458 -20.52 -14.23 81.19
N ALA A 2459 -20.62 -14.78 79.97
CA ALA A 2459 -21.28 -16.07 79.80
C ALA A 2459 -20.44 -17.20 80.37
N THR A 2460 -19.25 -17.42 79.81
CA THR A 2460 -18.45 -18.57 80.21
C THR A 2460 -17.78 -18.35 81.56
N GLY A 2461 -17.33 -17.12 81.83
CA GLY A 2461 -16.68 -16.83 83.09
C GLY A 2461 -15.22 -17.22 83.17
N ASP A 2462 -14.62 -17.66 82.06
CA ASP A 2462 -13.23 -18.08 82.04
C ASP A 2462 -12.36 -16.85 81.79
N ALA A 2463 -11.72 -16.35 82.84
CA ALA A 2463 -10.85 -15.19 82.72
C ALA A 2463 -9.47 -15.53 82.19
N ALA A 2464 -9.14 -16.81 82.03
CA ALA A 2464 -7.84 -17.22 81.52
C ALA A 2464 -7.68 -16.93 80.03
N ILE A 2465 -8.75 -16.54 79.34
CA ILE A 2465 -8.64 -16.22 77.92
C ILE A 2465 -7.89 -14.91 77.71
N LEU A 2466 -7.97 -13.98 78.67
CA LEU A 2466 -7.46 -12.63 78.46
C LEU A 2466 -5.95 -12.51 78.65
N ASP A 2467 -5.29 -13.54 79.15
CA ASP A 2467 -3.83 -13.53 79.33
C ASP A 2467 -3.24 -14.67 78.50
N GLU A 2468 -2.99 -14.39 77.22
CA GLU A 2468 -2.39 -15.34 76.30
C GLU A 2468 -1.40 -14.61 75.41
N SER A 2469 -0.47 -15.37 74.84
CA SER A 2469 0.57 -14.82 73.98
C SER A 2469 0.07 -14.78 72.54
N ILE A 2470 -0.11 -13.57 72.01
CA ILE A 2470 -0.56 -13.38 70.64
C ILE A 2470 0.45 -12.48 69.92
N PRO A 2471 1.05 -12.93 68.82
CA PRO A 2471 2.06 -12.12 68.14
C PRO A 2471 1.43 -10.93 67.42
N PHE A 2472 2.28 -9.96 67.09
CA PHE A 2472 1.90 -8.80 66.32
C PHE A 2472 2.32 -8.96 64.87
N LEU A 2473 1.64 -8.23 63.99
CA LEU A 2473 1.95 -8.21 62.57
C LEU A 2473 2.43 -6.81 62.17
N LYS A 2474 3.40 -6.76 61.27
CA LYS A 2474 3.97 -5.51 60.80
C LYS A 2474 3.62 -5.28 59.33
N GLY A 2475 3.31 -4.04 58.99
CA GLY A 2475 2.94 -3.70 57.63
C GLY A 2475 3.50 -2.35 57.21
N PRO A 2476 3.39 -2.04 55.92
CA PRO A 2476 3.91 -0.76 55.42
C PRO A 2476 3.03 0.42 55.79
N ALA A 2477 2.03 0.19 56.65
CA ALA A 2477 1.11 1.23 57.13
C ALA A 2477 0.27 1.80 55.99
N LEU A 2478 -0.63 2.72 56.33
CA LEU A 2478 -1.57 3.31 55.38
C LEU A 2478 -1.18 4.76 55.14
N MET A 2479 -1.17 5.16 53.87
CA MET A 2479 -1.03 6.58 53.55
C MET A 2479 -2.33 7.30 53.87
N PRO A 2480 -2.29 8.55 54.33
CA PRO A 2480 -3.53 9.25 54.69
C PRO A 2480 -4.45 9.50 53.50
N GLY A 2481 -3.90 9.44 52.29
CA GLY A 2481 -4.64 9.72 51.08
C GLY A 2481 -5.32 8.54 50.44
N GLN A 2482 -5.32 7.37 51.06
CA GLN A 2482 -5.94 6.19 50.49
C GLN A 2482 -6.80 5.49 51.53
N HIS A 2483 -7.83 4.79 51.07
CA HIS A 2483 -8.73 4.10 51.98
C HIS A 2483 -8.07 2.87 52.59
N ASP A 2484 -7.39 2.06 51.78
CA ASP A 2484 -6.80 0.83 52.27
C ASP A 2484 -5.68 0.40 51.34
N ALA A 2485 -4.82 -0.49 51.85
CA ALA A 2485 -3.72 -1.06 51.09
C ALA A 2485 -3.66 -2.56 51.38
N PHE A 2486 -3.34 -3.33 50.34
CA PHE A 2486 -3.31 -4.79 50.48
C PHE A 2486 -2.05 -5.26 51.21
N PHE A 2487 -0.88 -4.98 50.61
CA PHE A 2487 0.45 -5.36 51.11
C PHE A 2487 0.51 -6.82 51.57
N GLN A 2488 1.55 -7.16 52.33
CA GLN A 2488 1.73 -8.50 52.87
C GLN A 2488 2.10 -8.40 54.34
N PRO A 2489 1.15 -8.64 55.25
CA PRO A 2489 1.49 -8.60 56.67
C PRO A 2489 2.51 -9.68 57.05
N GLU A 2490 3.40 -9.33 57.97
CA GLU A 2490 4.43 -10.23 58.45
C GLU A 2490 4.43 -10.22 59.97
N THR A 2491 4.52 -11.41 60.57
CA THR A 2491 4.51 -11.50 62.03
C THR A 2491 5.78 -10.91 62.61
N SER A 2492 5.68 -10.46 63.87
CA SER A 2492 6.79 -9.83 64.56
C SER A 2492 6.96 -10.51 65.93
N GLU A 2493 8.18 -10.44 66.45
CA GLU A 2493 8.52 -11.04 67.73
C GLU A 2493 8.21 -10.09 68.89
N ARG A 2494 6.99 -9.58 68.94
CA ARG A 2494 6.52 -8.70 70.02
C ARG A 2494 5.11 -9.14 70.39
N SER A 2495 5.00 -10.04 71.35
CA SER A 2495 3.73 -10.59 71.76
C SER A 2495 3.10 -9.75 72.88
N ALA A 2496 1.78 -9.83 72.99
CA ALA A 2496 1.05 -9.12 74.03
C ALA A 2496 -0.21 -9.90 74.38
N THR A 2497 -0.74 -9.60 75.55
CA THR A 2497 -1.93 -10.29 76.04
C THR A 2497 -3.18 -9.81 75.30
N LEU A 2498 -4.24 -10.61 75.40
CA LEU A 2498 -5.52 -10.22 74.81
C LEU A 2498 -6.07 -8.96 75.44
N TYR A 2499 -5.85 -8.77 76.74
CA TYR A 2499 -6.28 -7.54 77.41
C TYR A 2499 -5.63 -6.32 76.77
N GLU A 2500 -4.31 -6.39 76.55
CA GLU A 2500 -3.63 -5.30 75.86
C GLU A 2500 -4.06 -5.21 74.40
N HIS A 2501 -4.38 -6.35 73.78
CA HIS A 2501 -4.87 -6.32 72.40
C HIS A 2501 -6.14 -5.50 72.29
N ALA A 2502 -7.07 -5.65 73.23
CA ALA A 2502 -8.29 -4.85 73.21
C ALA A 2502 -8.04 -3.43 73.69
N ALA A 2503 -7.14 -3.26 74.66
CA ALA A 2503 -6.89 -1.94 75.21
C ALA A 2503 -6.25 -1.01 74.19
N LEU A 2504 -5.34 -1.53 73.36
CA LEU A 2504 -4.72 -0.69 72.34
C LEU A 2504 -5.75 -0.19 71.33
N ALA A 2505 -6.64 -1.08 70.88
CA ALA A 2505 -7.69 -0.66 69.96
C ALA A 2505 -8.63 0.35 70.60
N LEU A 2506 -9.01 0.12 71.85
CA LEU A 2506 -9.89 1.06 72.53
C LEU A 2506 -9.22 2.42 72.71
N ASP A 2507 -7.93 2.43 73.05
CA ASP A 2507 -7.22 3.69 73.20
C ASP A 2507 -7.08 4.42 71.87
N LEU A 2508 -6.86 3.68 70.79
CA LEU A 2508 -6.83 4.31 69.47
C LEU A 2508 -8.19 4.91 69.13
N ALA A 2509 -9.27 4.21 69.49
CA ALA A 2509 -10.61 4.76 69.29
C ALA A 2509 -10.82 6.04 70.09
N ILE A 2510 -10.31 6.08 71.33
CA ILE A 2510 -10.40 7.29 72.13
C ILE A 2510 -9.63 8.43 71.49
N HIS A 2511 -8.44 8.13 70.95
CA HIS A 2511 -7.68 9.15 70.24
C HIS A 2511 -8.43 9.66 69.02
N ARG A 2512 -9.10 8.78 68.30
CA ARG A 2512 -9.78 9.14 67.07
C ARG A 2512 -11.11 9.86 67.31
N THR A 2513 -11.39 10.29 68.54
CA THR A 2513 -12.62 11.05 68.80
C THR A 2513 -12.53 12.43 68.17
N GLY A 2514 -13.68 12.92 67.70
CA GLY A 2514 -13.74 14.18 67.00
C GLY A 2514 -13.86 15.37 67.95
N GLU A 2515 -14.05 16.55 67.34
CA GLU A 2515 -14.17 17.77 68.12
C GLU A 2515 -15.40 17.74 69.01
N ASN A 2516 -16.53 17.24 68.49
CA ASN A 2516 -17.76 17.17 69.26
C ASN A 2516 -17.70 16.16 70.40
N GLY A 2517 -16.67 15.31 70.42
CA GLY A 2517 -16.53 14.29 71.44
C GLY A 2517 -16.99 12.91 70.99
N LEU A 2518 -17.84 12.85 69.97
CA LEU A 2518 -18.26 11.57 69.42
C LEU A 2518 -17.13 10.96 68.58
N PRO A 2519 -17.00 9.63 68.58
CA PRO A 2519 -15.96 9.00 67.77
C PRO A 2519 -16.12 9.31 66.29
N LEU A 2520 -15.00 9.54 65.62
CA LEU A 2520 -15.03 9.86 64.20
C LEU A 2520 -15.36 8.62 63.38
N ILE A 2521 -16.22 8.80 62.38
CA ILE A 2521 -16.58 7.68 61.51
C ILE A 2521 -15.38 7.25 60.66
N LEU A 2522 -14.54 8.21 60.25
CA LEU A 2522 -13.34 7.94 59.45
C LEU A 2522 -13.66 7.07 58.24
N GLY A 2523 -13.35 5.77 58.33
CA GLY A 2523 -13.57 4.85 57.23
C GLY A 2523 -14.95 4.28 57.13
N GLY A 2524 -15.78 4.46 58.16
CA GLY A 2524 -17.14 3.96 58.12
C GLY A 2524 -17.59 3.54 59.50
N ASP A 2525 -18.64 2.71 59.53
CA ASP A 2525 -19.25 2.25 60.76
C ASP A 2525 -19.80 0.84 60.52
N TRP A 2526 -20.72 0.40 61.37
CA TRP A 2526 -21.28 -0.95 61.26
C TRP A 2526 -21.81 -1.21 59.86
N ASN A 2527 -22.48 -0.23 59.26
CA ASN A 2527 -22.98 -0.34 57.90
C ASN A 2527 -21.97 0.36 56.99
N ASP A 2528 -21.22 -0.43 56.23
CA ASP A 2528 -20.15 0.10 55.38
C ASP A 2528 -20.69 0.89 54.18
N GLY A 2529 -22.00 0.86 53.94
CA GLY A 2529 -22.54 1.60 52.80
C GLY A 2529 -22.28 3.09 52.88
N MET A 2530 -22.36 3.65 54.09
CA MET A 2530 -22.12 5.08 54.29
C MET A 2530 -20.62 5.33 54.39
N ASN A 2531 -19.96 5.31 53.23
CA ASN A 2531 -18.53 5.57 53.16
C ASN A 2531 -18.28 7.07 52.97
N ARG A 2532 -16.99 7.43 53.04
CA ARG A 2532 -16.49 8.80 52.81
C ARG A 2532 -17.31 9.85 53.56
N VAL A 2533 -17.93 9.45 54.67
CA VAL A 2533 -18.62 10.41 55.51
C VAL A 2533 -17.61 11.30 56.23
N GLY A 2534 -16.50 10.71 56.68
CA GLY A 2534 -15.42 11.47 57.29
C GLY A 2534 -14.26 11.65 56.35
N VAL A 2535 -13.20 10.86 56.53
CA VAL A 2535 -12.01 10.89 55.68
C VAL A 2535 -11.41 12.29 55.69
N GLY A 2536 -10.60 12.58 56.71
CA GLY A 2536 -10.03 13.91 56.85
C GLY A 2536 -11.08 14.97 57.14
N GLY A 2537 -12.09 14.63 57.94
CA GLY A 2537 -13.15 15.55 58.28
C GLY A 2537 -13.65 15.29 59.68
N LYS A 2538 -14.67 16.04 60.07
CA LYS A 2538 -15.26 15.95 61.40
C LYS A 2538 -16.60 15.21 61.40
N GLY A 2539 -16.82 14.34 60.41
CA GLY A 2539 -18.03 13.54 60.37
C GLY A 2539 -17.96 12.42 61.39
N THR A 2540 -19.05 12.22 62.12
CA THR A 2540 -19.11 11.22 63.19
C THR A 2540 -20.45 10.51 63.16
N SER A 2541 -20.56 9.46 63.96
CA SER A 2541 -21.78 8.66 64.06
C SER A 2541 -22.12 8.42 65.52
N VAL A 2542 -23.42 8.57 65.83
CA VAL A 2542 -23.88 8.40 67.22
C VAL A 2542 -23.82 6.94 67.64
N TRP A 2543 -24.15 6.02 66.73
CA TRP A 2543 -24.14 4.60 67.06
C TRP A 2543 -22.75 4.15 67.49
N LEU A 2544 -21.71 4.70 66.86
CA LEU A 2544 -20.35 4.39 67.28
C LEU A 2544 -20.10 4.81 68.71
N GLY A 2545 -20.54 6.01 69.09
CA GLY A 2545 -20.40 6.44 70.46
C GLY A 2545 -21.13 5.55 71.44
N TRP A 2546 -22.35 5.15 71.09
CA TRP A 2546 -23.11 4.24 71.96
C TRP A 2546 -22.39 2.90 72.11
N PHE A 2547 -21.86 2.36 71.02
CA PHE A 2547 -21.16 1.08 71.08
C PHE A 2547 -19.89 1.18 71.93
N LEU A 2548 -19.12 2.25 71.76
CA LEU A 2548 -17.93 2.44 72.59
C LEU A 2548 -18.29 2.58 74.06
N ALA A 2549 -19.35 3.33 74.37
CA ALA A 2549 -19.78 3.46 75.75
C ALA A 2549 -20.19 2.11 76.34
N GLY A 2550 -20.95 1.33 75.58
CA GLY A 2550 -21.37 0.02 76.06
C GLY A 2550 -20.20 -0.92 76.30
N ALA A 2551 -19.24 -0.94 75.38
CA ALA A 2551 -18.06 -1.79 75.57
C ALA A 2551 -17.23 -1.32 76.76
N LEU A 2552 -17.05 0.00 76.90
CA LEU A 2552 -16.21 0.53 77.96
C LEU A 2552 -16.82 0.33 79.33
N ARG A 2553 -18.16 0.33 79.42
CA ARG A 2553 -18.82 0.14 80.72
C ARG A 2553 -18.41 -1.17 81.37
N ASP A 2554 -18.04 -2.18 80.59
CA ASP A 2554 -17.56 -3.45 81.11
C ASP A 2554 -16.05 -3.59 81.03
N PHE A 2555 -15.40 -2.95 80.04
CA PHE A 2555 -13.94 -3.02 79.98
C PHE A 2555 -13.31 -2.30 81.16
N ILE A 2556 -13.96 -1.24 81.66
CA ILE A 2556 -13.47 -0.57 82.87
C ILE A 2556 -13.48 -1.53 84.05
N GLU A 2557 -14.56 -2.31 84.19
CA GLU A 2557 -14.62 -3.29 85.27
C GLU A 2557 -13.57 -4.37 85.11
N ILE A 2558 -13.34 -4.81 83.87
CA ILE A 2558 -12.31 -5.83 83.62
C ILE A 2558 -10.94 -5.30 84.01
N ALA A 2559 -10.62 -4.07 83.59
CA ALA A 2559 -9.32 -3.51 83.93
C ALA A 2559 -9.20 -3.24 85.43
N GLU A 2560 -10.29 -2.87 86.09
CA GLU A 2560 -10.27 -2.71 87.54
C GLU A 2560 -9.98 -4.02 88.25
N LYS A 2561 -10.62 -5.10 87.80
CA LYS A 2561 -10.34 -6.41 88.38
C LYS A 2561 -8.94 -6.88 88.02
N ARG A 2562 -8.34 -6.36 86.96
CA ARG A 2562 -6.94 -6.63 86.65
C ARG A 2562 -6.01 -5.51 87.11
N GLY A 2563 -6.53 -4.48 87.77
CA GLY A 2563 -5.69 -3.48 88.40
C GLY A 2563 -4.96 -2.53 87.47
N ASP A 2564 -5.70 -1.67 86.77
CA ASP A 2564 -5.13 -0.62 85.93
C ASP A 2564 -5.90 0.68 86.21
N THR A 2565 -5.44 1.44 87.21
CA THR A 2565 -6.14 2.66 87.58
C THR A 2565 -5.99 3.75 86.53
N ASP A 2566 -4.80 3.87 85.95
CA ASP A 2566 -4.55 4.95 85.00
C ASP A 2566 -5.46 4.85 83.78
N ARG A 2567 -5.65 3.63 83.27
CA ARG A 2567 -6.53 3.45 82.12
C ARG A 2567 -7.98 3.72 82.48
N VAL A 2568 -8.46 3.15 83.59
CA VAL A 2568 -9.88 3.26 83.94
C VAL A 2568 -10.25 4.68 84.30
N GLY A 2569 -9.32 5.47 84.83
CA GLY A 2569 -9.64 6.85 85.13
C GLY A 2569 -10.05 7.64 83.91
N LYS A 2570 -9.18 7.64 82.90
CA LYS A 2570 -9.48 8.33 81.65
C LYS A 2570 -10.65 7.66 80.91
N TRP A 2571 -10.80 6.34 81.03
CA TRP A 2571 -11.93 5.67 80.39
C TRP A 2571 -13.24 6.14 80.98
N ALA A 2572 -13.32 6.23 82.31
CA ALA A 2572 -14.53 6.70 82.96
C ALA A 2572 -14.79 8.17 82.64
N SER A 2573 -13.74 8.99 82.62
CA SER A 2573 -13.91 10.40 82.27
C SER A 2573 -14.47 10.55 80.85
N HIS A 2574 -13.89 9.81 79.91
CA HIS A 2574 -14.36 9.89 78.53
C HIS A 2574 -15.77 9.34 78.40
N ARG A 2575 -16.10 8.28 79.15
CA ARG A 2575 -17.46 7.74 79.12
C ARG A 2575 -18.46 8.77 79.63
N GLU A 2576 -18.12 9.46 80.72
CA GLU A 2576 -19.01 10.50 81.24
C GLU A 2576 -19.20 11.62 80.24
N LYS A 2577 -18.11 12.08 79.63
CA LYS A 2577 -18.22 13.16 78.65
C LYS A 2577 -19.01 12.71 77.43
N LEU A 2578 -18.79 11.48 76.97
CA LEU A 2578 -19.52 10.96 75.82
C LEU A 2578 -21.01 10.83 76.13
N ARG A 2579 -21.35 10.36 77.33
CA ARG A 2579 -22.75 10.27 77.71
C ARG A 2579 -23.39 11.66 77.79
N HIS A 2580 -22.66 12.64 78.31
CA HIS A 2580 -23.17 14.01 78.34
C HIS A 2580 -23.43 14.53 76.93
N VAL A 2581 -22.50 14.29 76.01
CA VAL A 2581 -22.68 14.72 74.63
C VAL A 2581 -23.87 14.01 73.99
N LEU A 2582 -24.00 12.71 74.25
CA LEU A 2582 -25.10 11.94 73.68
C LEU A 2582 -26.45 12.43 74.18
N GLU A 2583 -26.54 12.75 75.47
CA GLU A 2583 -27.78 13.19 76.07
C GLU A 2583 -28.03 14.69 75.90
N THR A 2584 -27.05 15.44 75.38
CA THR A 2584 -27.23 16.87 75.13
C THR A 2584 -27.21 17.20 73.64
N ALA A 2585 -26.16 16.82 72.94
CA ALA A 2585 -26.02 17.13 71.52
C ALA A 2585 -26.52 16.02 70.61
N GLY A 2586 -26.95 14.89 71.17
CA GLY A 2586 -27.42 13.75 70.40
C GLY A 2586 -28.92 13.59 70.34
N TRP A 2587 -29.69 14.57 70.78
CA TRP A 2587 -31.15 14.49 70.81
C TRP A 2587 -31.73 15.48 69.82
N ASP A 2588 -32.58 14.99 68.92
CA ASP A 2588 -33.20 15.81 67.89
C ASP A 2588 -34.48 16.49 68.35
N GLY A 2589 -34.96 16.18 69.55
CA GLY A 2589 -36.21 16.75 70.02
C GLY A 2589 -37.26 15.68 70.26
N SER A 2590 -37.28 14.67 69.40
CA SER A 2590 -38.18 13.54 69.55
C SER A 2590 -37.49 12.19 69.41
N TYR A 2591 -36.25 12.14 68.93
CA TYR A 2591 -35.51 10.89 68.82
C TYR A 2591 -34.02 11.22 68.81
N TYR A 2592 -33.19 10.23 68.47
CA TYR A 2592 -31.75 10.37 68.48
C TYR A 2592 -31.21 10.62 67.07
N ARG A 2593 -30.27 11.56 66.97
CA ARG A 2593 -29.63 11.83 65.70
C ARG A 2593 -28.68 10.70 65.31
N ARG A 2594 -28.29 10.67 64.03
CA ARG A 2594 -27.34 9.67 63.57
C ARG A 2594 -25.92 10.17 63.67
N GLY A 2595 -25.67 11.43 63.33
CA GLY A 2595 -24.34 11.97 63.37
C GLY A 2595 -24.26 13.30 62.64
N TYR A 2596 -23.05 13.65 62.22
CA TYR A 2596 -22.80 14.88 61.50
C TYR A 2596 -21.91 14.61 60.30
N PHE A 2597 -21.97 15.51 59.33
CA PHE A 2597 -21.17 15.42 58.11
C PHE A 2597 -19.89 16.24 58.28
N ASP A 2598 -19.04 16.19 57.25
CA ASP A 2598 -17.80 16.95 57.29
C ASP A 2598 -18.05 18.45 57.35
N ASP A 2599 -19.15 18.91 56.76
CA ASP A 2599 -19.50 20.33 56.77
C ASP A 2599 -20.36 20.73 57.97
N GLY A 2600 -20.58 19.80 58.90
CA GLY A 2600 -21.39 20.08 60.06
C GLY A 2600 -22.88 19.87 59.87
N THR A 2601 -23.31 19.41 58.71
CA THR A 2601 -24.72 19.15 58.48
C THR A 2601 -25.15 17.95 59.32
N PRO A 2602 -26.18 18.08 60.16
CA PRO A 2602 -26.61 16.95 60.99
C PRO A 2602 -27.11 15.79 60.14
N LEU A 2603 -26.84 14.57 60.61
CA LEU A 2603 -27.29 13.35 59.94
C LEU A 2603 -28.26 12.62 60.84
N GLY A 2604 -29.33 12.08 60.24
CA GLY A 2604 -30.38 11.43 60.99
C GLY A 2604 -31.39 12.36 61.60
N SER A 2605 -31.30 13.66 61.35
CA SER A 2605 -32.22 14.64 61.90
C SER A 2605 -33.42 14.83 60.96
N ALA A 2606 -34.49 15.38 61.52
CA ALA A 2606 -35.69 15.65 60.73
C ALA A 2606 -35.51 16.85 59.80
N SER A 2607 -34.53 17.70 60.06
CA SER A 2607 -34.31 18.86 59.19
C SER A 2607 -33.91 18.44 57.78
N SER A 2608 -33.05 17.44 57.66
CA SER A 2608 -32.60 16.98 56.36
C SER A 2608 -33.75 16.33 55.60
N GLU A 2609 -33.78 16.55 54.27
CA GLU A 2609 -34.83 15.98 53.46
C GLU A 2609 -34.73 14.45 53.39
N GLU A 2610 -33.52 13.91 53.48
CA GLU A 2610 -33.31 12.46 53.54
C GLU A 2610 -32.68 12.10 54.87
N CYS A 2611 -32.60 10.79 55.12
CA CYS A 2611 -32.11 10.24 56.39
C CYS A 2611 -32.89 10.83 57.57
N GLN A 2612 -34.20 10.68 57.50
CA GLN A 2612 -35.07 11.26 58.52
C GLN A 2612 -34.91 10.56 59.86
N ILE A 2613 -34.97 9.22 59.87
CA ILE A 2613 -34.87 8.44 61.09
C ILE A 2613 -33.97 7.24 60.82
N ASP A 2614 -33.05 6.98 61.75
CA ASP A 2614 -32.16 5.84 61.66
C ASP A 2614 -32.38 4.94 62.86
N SER A 2615 -32.67 3.66 62.61
CA SER A 2615 -33.02 2.74 63.68
C SER A 2615 -31.82 2.24 64.47
N LEU A 2616 -30.60 2.41 63.95
CA LEU A 2616 -29.42 1.92 64.64
C LEU A 2616 -29.25 2.59 66.00
N GLY A 2617 -29.26 3.93 66.01
CA GLY A 2617 -29.12 4.64 67.27
C GLY A 2617 -30.29 4.42 68.20
N GLN A 2618 -31.51 4.41 67.66
CA GLN A 2618 -32.70 4.19 68.46
C GLN A 2618 -32.65 2.84 69.18
N SER A 2619 -32.23 1.80 68.46
CA SER A 2619 -32.15 0.47 69.07
C SER A 2619 -31.00 0.38 70.05
N TRP A 2620 -29.81 0.89 69.68
CA TRP A 2620 -28.65 0.71 70.53
C TRP A 2620 -28.66 1.62 71.75
N SER A 2621 -29.48 2.67 71.76
CA SER A 2621 -29.64 3.46 72.98
C SER A 2621 -30.23 2.61 74.10
N VAL A 2622 -31.25 1.83 73.78
CA VAL A 2622 -31.80 0.89 74.76
C VAL A 2622 -30.84 -0.29 74.96
N LEU A 2623 -30.28 -0.81 73.88
CA LEU A 2623 -29.46 -2.01 73.98
C LEU A 2623 -28.19 -1.78 74.79
N SER A 2624 -27.54 -0.63 74.62
CA SER A 2624 -26.29 -0.37 75.32
C SER A 2624 -26.48 -0.24 76.82
N GLY A 2625 -27.69 0.07 77.28
CA GLY A 2625 -27.97 0.19 78.69
C GLY A 2625 -27.80 1.57 79.28
N GLU A 2626 -27.23 2.51 78.52
CA GLU A 2626 -27.07 3.89 78.99
C GLU A 2626 -28.30 4.70 78.60
N GLY A 2627 -28.22 6.02 78.78
CA GLY A 2627 -29.32 6.89 78.44
C GLY A 2627 -30.40 6.90 79.50
N GLU A 2628 -31.54 7.48 79.13
CA GLU A 2628 -32.68 7.61 80.02
C GLU A 2628 -33.82 6.74 79.53
N GLU A 2629 -34.56 6.15 80.49
CA GLU A 2629 -35.68 5.28 80.13
C GLU A 2629 -36.77 6.05 79.39
N GLY A 2630 -37.05 7.29 79.83
CA GLY A 2630 -38.03 8.10 79.14
C GLY A 2630 -37.62 8.45 77.72
N ARG A 2631 -36.36 8.85 77.55
CA ARG A 2631 -35.85 9.14 76.20
C ARG A 2631 -35.83 7.89 75.34
N SER A 2632 -35.50 6.74 75.95
CA SER A 2632 -35.53 5.48 75.21
C SER A 2632 -36.94 5.16 74.74
N ARG A 2633 -37.94 5.36 75.61
CA ARG A 2633 -39.32 5.11 75.23
C ARG A 2633 -39.77 6.07 74.13
N GLN A 2634 -39.39 7.35 74.23
CA GLN A 2634 -39.74 8.31 73.19
C GLN A 2634 -39.11 7.93 71.86
N ALA A 2635 -37.85 7.48 71.88
CA ALA A 2635 -37.21 7.00 70.65
C ALA A 2635 -37.93 5.77 70.11
N MET A 2636 -38.36 4.87 71.00
CA MET A 2636 -39.12 3.70 70.58
C MET A 2636 -40.44 4.10 69.93
N ASP A 2637 -41.04 5.21 70.37
CA ASP A 2637 -42.28 5.68 69.77
C ASP A 2637 -42.08 6.04 68.31
N ALA A 2638 -40.96 6.68 67.97
CA ALA A 2638 -40.67 7.03 66.59
C ALA A 2638 -40.29 5.82 65.74
N VAL A 2639 -40.05 4.67 66.35
CA VAL A 2639 -39.71 3.47 65.59
C VAL A 2639 -40.92 2.99 64.79
N MET A 2640 -42.12 3.08 65.38
CA MET A 2640 -43.33 2.67 64.67
C MET A 2640 -43.66 3.58 63.50
N GLU A 2641 -43.00 4.74 63.38
CA GLU A 2641 -43.21 5.58 62.20
C GLU A 2641 -42.80 4.85 60.92
N HIS A 2642 -41.81 3.97 61.00
CA HIS A 2642 -41.41 3.16 59.87
C HIS A 2642 -41.92 1.72 59.95
N LEU A 2643 -42.59 1.35 61.04
CA LEU A 2643 -43.18 0.03 61.18
C LEU A 2643 -44.61 -0.03 60.64
N VAL A 2644 -45.15 1.10 60.17
CA VAL A 2644 -46.52 1.11 59.64
C VAL A 2644 -46.62 0.33 58.34
N ASP A 2645 -45.50 0.06 57.67
CA ASP A 2645 -45.52 -0.65 56.40
C ASP A 2645 -45.78 -2.14 56.61
N GLU A 2646 -46.99 -2.48 57.08
CA GLU A 2646 -47.33 -3.87 57.32
C GLU A 2646 -47.60 -4.61 56.02
N LYS A 2647 -48.07 -3.90 54.99
CA LYS A 2647 -48.35 -4.55 53.71
C LYS A 2647 -47.08 -5.12 53.09
N THR A 2648 -45.98 -4.35 53.15
CA THR A 2648 -44.69 -4.88 52.72
C THR A 2648 -44.11 -5.85 53.73
N GLY A 2649 -44.39 -5.63 55.02
CA GLY A 2649 -43.90 -6.51 56.06
C GLY A 2649 -42.40 -6.49 56.29
N ILE A 2650 -41.79 -5.31 56.27
CA ILE A 2650 -40.36 -5.17 56.55
C ILE A 2650 -40.17 -4.06 57.57
N ILE A 2651 -39.04 -4.12 58.27
CA ILE A 2651 -38.64 -3.08 59.20
C ILE A 2651 -37.62 -2.22 58.47
N ARG A 2652 -38.10 -1.20 57.76
CA ARG A 2652 -37.20 -0.34 57.00
C ARG A 2652 -36.35 0.51 57.93
N LEU A 2653 -35.12 0.77 57.50
CA LEU A 2653 -34.18 1.54 58.33
C LEU A 2653 -34.42 3.04 58.18
N PHE A 2654 -34.36 3.53 56.95
CA PHE A 2654 -34.53 4.96 56.66
C PHE A 2654 -35.82 5.13 55.88
N THR A 2655 -36.73 5.95 56.39
CA THR A 2655 -38.01 6.14 55.71
C THR A 2655 -37.94 6.99 54.44
N PRO A 2656 -37.05 7.98 54.32
CA PRO A 2656 -36.98 8.72 53.04
C PRO A 2656 -36.02 8.05 52.08
N PRO A 2657 -36.47 7.72 50.87
CA PRO A 2657 -35.58 7.10 49.89
C PRO A 2657 -34.48 8.06 49.47
N PHE A 2658 -33.30 7.49 49.18
CA PHE A 2658 -32.14 8.27 48.72
C PHE A 2658 -32.08 8.21 47.20
N SER A 2659 -32.38 9.33 46.56
CA SER A 2659 -32.33 9.45 45.11
C SER A 2659 -31.39 10.54 44.63
N ARG A 2660 -31.36 11.69 45.30
CA ARG A 2660 -30.49 12.79 44.95
C ARG A 2660 -29.48 13.03 46.06
N ALA A 2661 -28.22 13.25 45.67
CA ALA A 2661 -27.12 13.45 46.62
C ALA A 2661 -27.04 14.92 46.96
N SER A 2662 -27.81 15.34 47.97
CA SER A 2662 -27.77 16.72 48.41
C SER A 2662 -26.41 17.07 49.01
N HIS A 2663 -25.84 16.17 49.80
CA HIS A 2663 -24.55 16.41 50.44
C HIS A 2663 -23.58 15.24 50.25
N ASP A 2664 -23.90 14.29 49.36
CA ASP A 2664 -23.06 13.13 49.06
C ASP A 2664 -22.78 12.33 50.33
N PRO A 2665 -23.79 11.65 50.89
CA PRO A 2665 -23.52 10.80 52.07
C PRO A 2665 -22.53 9.68 51.80
N GLY A 2666 -22.52 9.13 50.58
CA GLY A 2666 -21.61 8.03 50.28
C GLY A 2666 -22.00 7.37 48.96
N TYR A 2667 -21.61 6.09 48.84
CA TYR A 2667 -21.92 5.31 47.66
C TYR A 2667 -23.27 4.59 47.77
N ILE A 2668 -24.01 4.80 48.85
CA ILE A 2668 -25.34 4.22 48.97
C ILE A 2668 -26.28 4.72 47.89
N LYS A 2669 -26.00 5.92 47.36
CA LYS A 2669 -26.86 6.48 46.32
C LYS A 2669 -26.92 5.60 45.09
N GLY A 2670 -25.87 4.82 44.84
CA GLY A 2670 -25.91 3.88 43.73
C GLY A 2670 -26.95 2.80 43.91
N TYR A 2671 -27.19 2.39 45.14
CA TYR A 2671 -28.26 1.43 45.41
C TYR A 2671 -29.61 2.08 45.12
N PRO A 2672 -30.49 1.44 44.36
CA PRO A 2672 -31.77 2.07 44.02
C PRO A 2672 -32.60 2.29 45.27
N PRO A 2673 -33.44 3.32 45.27
CA PRO A 2673 -34.32 3.55 46.41
C PRO A 2673 -35.23 2.36 46.66
N GLY A 2674 -35.46 2.06 47.93
CA GLY A 2674 -36.25 0.90 48.30
C GLY A 2674 -35.52 -0.42 48.19
N VAL A 2675 -34.21 -0.40 47.93
CA VAL A 2675 -33.42 -1.62 47.73
C VAL A 2675 -32.28 -1.61 48.75
N ARG A 2676 -32.16 -2.71 49.49
CA ARG A 2676 -31.05 -2.94 50.43
C ARG A 2676 -31.09 -1.86 51.50
N GLU A 2677 -30.08 -1.01 51.63
CA GLU A 2677 -30.00 -0.05 52.73
C GLU A 2677 -30.68 1.27 52.44
N ASN A 2678 -31.15 1.50 51.21
CA ASN A 2678 -31.81 2.76 50.85
C ASN A 2678 -33.32 2.57 50.99
N GLY A 2679 -33.79 2.58 52.24
CA GLY A 2679 -35.20 2.43 52.51
C GLY A 2679 -35.71 1.01 52.45
N GLY A 2680 -34.84 0.02 52.31
CA GLY A 2680 -35.23 -1.37 52.20
C GLY A 2680 -35.20 -2.09 53.53
N GLN A 2681 -34.97 -3.40 53.47
CA GLN A 2681 -35.00 -4.27 54.63
C GLN A 2681 -33.58 -4.73 54.94
N TYR A 2682 -33.20 -4.64 56.23
CA TYR A 2682 -31.93 -5.17 56.70
C TYR A 2682 -32.22 -5.91 58.00
N THR A 2683 -32.29 -7.24 57.92
CA THR A 2683 -32.71 -8.04 59.07
C THR A 2683 -31.71 -7.97 60.20
N HIS A 2684 -30.43 -7.73 59.90
CA HIS A 2684 -29.43 -7.63 60.95
C HIS A 2684 -29.72 -6.44 61.86
N ALA A 2685 -30.08 -5.30 61.29
CA ALA A 2685 -30.48 -4.15 62.10
C ALA A 2685 -31.92 -4.20 62.54
N ALA A 2686 -32.73 -5.07 61.93
CA ALA A 2686 -34.14 -5.16 62.30
C ALA A 2686 -34.34 -5.90 63.61
N THR A 2687 -33.54 -6.93 63.87
CA THR A 2687 -33.68 -7.70 65.10
C THR A 2687 -33.28 -6.89 66.34
N TRP A 2688 -32.52 -5.82 66.15
CA TRP A 2688 -32.19 -4.95 67.29
C TRP A 2688 -33.45 -4.30 67.85
N VAL A 2689 -34.39 -3.92 66.98
CA VAL A 2689 -35.65 -3.37 67.43
C VAL A 2689 -36.42 -4.39 68.26
N VAL A 2690 -36.45 -5.64 67.80
CA VAL A 2690 -37.15 -6.69 68.53
C VAL A 2690 -36.50 -6.91 69.89
N LEU A 2691 -35.17 -6.94 69.94
CA LEU A 2691 -34.48 -7.12 71.21
C LEU A 2691 -34.75 -5.97 72.16
N ALA A 2692 -34.73 -4.73 71.66
CA ALA A 2692 -35.00 -3.58 72.51
C ALA A 2692 -36.43 -3.60 73.02
N LEU A 2693 -37.38 -3.97 72.17
CA LEU A 2693 -38.78 -4.06 72.60
C LEU A 2693 -38.96 -5.15 73.66
N ALA A 2694 -38.30 -6.29 73.48
CA ALA A 2694 -38.42 -7.37 74.44
C ALA A 2694 -37.80 -7.00 75.79
N LYS A 2695 -36.66 -6.29 75.76
CA LYS A 2695 -36.00 -5.91 77.01
C LYS A 2695 -36.86 -4.94 77.82
N GLN A 2696 -37.51 -3.99 77.15
CA GLN A 2696 -38.35 -3.02 77.84
C GLN A 2696 -39.66 -3.62 78.34
N GLY A 2697 -39.99 -4.85 77.94
CA GLY A 2697 -41.21 -5.49 78.36
C GLY A 2697 -42.33 -5.45 77.34
N ARG A 2698 -42.09 -4.96 76.13
CA ARG A 2698 -43.11 -4.92 75.08
C ARG A 2698 -43.11 -6.24 74.32
N ALA A 2699 -43.49 -7.29 75.05
CA ALA A 2699 -43.46 -8.64 74.48
C ALA A 2699 -44.43 -8.79 73.31
N GLN A 2700 -45.62 -8.20 73.43
CA GLN A 2700 -46.60 -8.31 72.36
C GLN A 2700 -46.09 -7.65 71.08
N GLU A 2701 -45.52 -6.44 71.20
CA GLU A 2701 -44.92 -5.80 70.04
C GLU A 2701 -43.67 -6.54 69.59
N ALA A 2702 -42.89 -7.06 70.53
CA ALA A 2702 -41.72 -7.85 70.16
C ALA A 2702 -42.12 -9.10 69.39
N TRP A 2703 -43.17 -9.80 69.85
CA TRP A 2703 -43.65 -10.97 69.13
C TRP A 2703 -44.22 -10.59 67.78
N ASN A 2704 -44.92 -9.46 67.69
CA ASN A 2704 -45.45 -9.01 66.41
C ASN A 2704 -44.33 -8.74 65.41
N CYS A 2705 -43.24 -8.09 65.86
CA CYS A 2705 -42.11 -7.86 64.99
C CYS A 2705 -41.40 -9.16 64.63
N PHE A 2706 -41.30 -10.08 65.59
CA PHE A 2706 -40.66 -11.37 65.32
C PHE A 2706 -41.42 -12.15 64.25
N LYS A 2707 -42.75 -12.20 64.36
CA LYS A 2707 -43.54 -12.82 63.30
C LYS A 2707 -43.42 -12.04 62.01
N LEU A 2708 -43.39 -10.70 62.10
CA LEU A 2708 -43.21 -9.88 60.91
C LEU A 2708 -41.85 -10.13 60.26
N LEU A 2709 -40.81 -10.30 61.08
CA LEU A 2709 -39.47 -10.57 60.57
C LEU A 2709 -39.27 -12.03 60.16
N ASN A 2710 -40.20 -12.91 60.50
CA ASN A 2710 -40.06 -14.32 60.17
C ASN A 2710 -40.39 -14.54 58.69
N PRO A 2711 -39.47 -15.06 57.89
CA PRO A 2711 -39.81 -15.39 56.50
C PRO A 2711 -40.91 -16.44 56.39
N VAL A 2712 -41.05 -17.30 57.40
CA VAL A 2712 -42.14 -18.27 57.41
C VAL A 2712 -43.45 -17.54 57.58
N ASN A 2713 -44.43 -17.87 56.72
CA ASN A 2713 -45.75 -17.24 56.71
C ASN A 2713 -45.68 -15.74 56.46
N HIS A 2714 -44.65 -15.28 55.74
CA HIS A 2714 -44.49 -13.87 55.40
C HIS A 2714 -45.23 -13.58 54.10
N ALA A 2715 -46.58 -13.60 54.21
CA ALA A 2715 -47.53 -13.35 53.14
C ALA A 2715 -47.52 -14.43 52.07
N LEU A 2716 -46.68 -15.46 52.20
CA LEU A 2716 -46.61 -16.56 51.25
C LEU A 2716 -47.17 -17.80 51.95
N ASP A 2717 -48.44 -18.10 51.70
CA ASP A 2717 -49.10 -19.23 52.34
C ASP A 2717 -49.38 -20.35 51.35
N ALA A 2718 -50.15 -20.11 50.30
CA ALA A 2718 -50.36 -21.11 49.26
C ALA A 2718 -49.86 -20.66 47.89
N ALA A 2719 -50.41 -19.56 47.36
CA ALA A 2719 -49.97 -19.05 46.06
C ALA A 2719 -49.93 -17.54 45.98
N SER A 2720 -50.32 -16.81 47.03
CA SER A 2720 -50.52 -15.38 46.92
C SER A 2720 -49.22 -14.64 46.61
N SER A 2721 -48.13 -15.00 47.28
CA SER A 2721 -46.88 -14.26 47.15
C SER A 2721 -45.95 -14.91 46.12
N GLU A 2722 -46.40 -14.90 44.87
CA GLU A 2722 -45.51 -15.28 43.77
C GLU A 2722 -44.40 -14.25 43.57
N THR A 2723 -44.62 -13.00 44.01
CA THR A 2723 -43.59 -11.98 43.91
C THR A 2723 -42.50 -12.15 44.96
N TYR A 2724 -42.78 -12.90 46.03
CA TYR A 2724 -41.79 -13.10 47.09
C TYR A 2724 -40.53 -13.77 46.55
N ARG A 2725 -40.69 -14.89 45.87
CA ARG A 2725 -39.65 -15.51 45.03
C ARG A 2725 -38.45 -16.04 45.82
N VAL A 2726 -38.42 -15.85 47.13
CA VAL A 2726 -37.26 -16.23 47.92
C VAL A 2726 -37.65 -17.31 48.92
N GLU A 2727 -36.63 -17.95 49.51
CA GLU A 2727 -36.86 -19.09 50.37
C GLU A 2727 -37.54 -18.66 51.66
N PRO A 2728 -38.62 -19.34 52.08
CA PRO A 2728 -39.32 -18.93 53.31
C PRO A 2728 -38.73 -19.58 54.56
N TYR A 2729 -38.00 -20.67 54.41
CA TYR A 2729 -37.47 -21.42 55.54
C TYR A 2729 -36.14 -20.89 56.04
N VAL A 2730 -35.57 -19.88 55.38
CA VAL A 2730 -34.34 -19.24 55.84
C VAL A 2730 -34.53 -17.73 55.81
N VAL A 2731 -33.70 -17.05 56.60
CA VAL A 2731 -33.80 -15.59 56.72
C VAL A 2731 -33.07 -14.94 55.56
N THR A 2732 -33.64 -13.86 55.04
CA THR A 2732 -33.05 -13.08 53.96
C THR A 2732 -32.67 -11.70 54.46
N ALA A 2733 -31.52 -11.20 54.00
CA ALA A 2733 -31.01 -9.93 54.50
C ALA A 2733 -31.77 -8.75 53.93
N ASP A 2734 -32.07 -8.76 52.64
CA ASP A 2734 -32.65 -7.61 51.95
C ASP A 2734 -34.01 -7.97 51.37
N VAL A 2735 -35.02 -7.17 51.68
CA VAL A 2735 -36.34 -7.28 51.08
C VAL A 2735 -36.73 -5.89 50.58
N TYR A 2736 -37.06 -5.79 49.29
CA TYR A 2736 -37.40 -4.50 48.71
C TYR A 2736 -38.73 -4.00 49.26
N GLY A 2737 -38.79 -2.72 49.60
CA GLY A 2737 -39.95 -2.17 50.27
C GLY A 2737 -40.63 -1.02 49.57
N GLU A 2738 -40.12 -0.62 48.40
CA GLU A 2738 -40.69 0.49 47.65
C GLU A 2738 -40.82 0.11 46.18
N GLY A 2739 -41.74 0.80 45.50
CA GLY A 2739 -41.97 0.58 44.09
C GLY A 2739 -42.97 -0.54 43.83
N ALA A 2740 -43.32 -0.67 42.55
CA ALA A 2740 -44.23 -1.74 42.13
C ALA A 2740 -43.61 -3.12 42.30
N TYR A 2741 -42.28 -3.21 42.40
CA TYR A 2741 -41.58 -4.47 42.59
C TYR A 2741 -41.35 -4.80 44.06
N ALA A 2742 -41.89 -3.99 44.97
CA ALA A 2742 -41.67 -4.22 46.40
C ALA A 2742 -42.38 -5.48 46.86
N GLY A 2743 -41.91 -6.01 47.99
CA GLY A 2743 -42.46 -7.22 48.57
C GLY A 2743 -41.65 -8.48 48.31
N ARG A 2744 -40.49 -8.37 47.69
CA ARG A 2744 -39.64 -9.52 47.40
C ARG A 2744 -38.34 -9.43 48.16
N GLY A 2745 -37.85 -10.58 48.63
CA GLY A 2745 -36.60 -10.65 49.35
C GLY A 2745 -35.41 -10.76 48.42
N GLY A 2746 -34.24 -10.77 49.04
CA GLY A 2746 -33.00 -10.90 48.29
C GLY A 2746 -31.82 -11.15 49.21
N TRP A 2747 -30.74 -11.62 48.61
CA TRP A 2747 -29.50 -11.92 49.34
C TRP A 2747 -29.75 -12.94 50.45
N SER A 2748 -30.20 -14.12 50.05
CA SER A 2748 -30.56 -15.18 50.97
C SER A 2748 -29.39 -16.14 51.18
N TRP A 2749 -29.45 -16.87 52.30
CA TRP A 2749 -28.50 -17.91 52.66
C TRP A 2749 -27.14 -17.36 53.06
N TYR A 2750 -26.94 -16.05 52.90
CA TYR A 2750 -25.74 -15.37 53.38
C TYR A 2750 -26.20 -14.09 54.07
N THR A 2751 -26.52 -14.19 55.35
CA THR A 2751 -27.03 -13.08 56.12
C THR A 2751 -26.28 -12.98 57.44
N GLY A 2752 -26.11 -11.75 57.91
CA GLY A 2752 -25.55 -11.51 59.23
C GLY A 2752 -26.55 -11.55 60.35
N SER A 2753 -27.80 -11.89 60.05
CA SER A 2753 -28.88 -11.87 61.03
C SER A 2753 -29.33 -13.25 61.48
N ALA A 2754 -28.71 -14.32 61.01
CA ALA A 2754 -29.12 -15.66 61.44
C ALA A 2754 -28.81 -15.88 62.92
N GLY A 2755 -27.58 -15.60 63.34
CA GLY A 2755 -27.22 -15.75 64.74
C GLY A 2755 -27.98 -14.78 65.64
N TRP A 2756 -28.17 -13.55 65.17
CA TRP A 2756 -28.91 -12.57 65.96
C TRP A 2756 -30.38 -12.98 66.11
N LEU A 2757 -30.98 -13.53 65.04
CA LEU A 2757 -32.34 -14.02 65.14
C LEU A 2757 -32.44 -15.19 66.10
N TYR A 2758 -31.45 -16.10 66.06
CA TYR A 2758 -31.44 -17.21 67.01
C TYR A 2758 -31.34 -16.71 68.44
N ARG A 2759 -30.44 -15.74 68.68
CA ARG A 2759 -30.29 -15.18 70.01
C ARG A 2759 -31.58 -14.50 70.48
N ALA A 2760 -32.23 -13.75 69.58
CA ALA A 2760 -33.47 -13.08 69.93
C ALA A 2760 -34.55 -14.10 70.29
N ALA A 2761 -34.71 -15.13 69.47
CA ALA A 2761 -35.70 -16.16 69.76
C ALA A 2761 -35.40 -16.88 71.06
N VAL A 2762 -34.13 -17.07 71.37
CA VAL A 2762 -33.76 -17.76 72.61
C VAL A 2762 -34.07 -16.88 73.82
N GLU A 2763 -33.73 -15.60 73.77
CA GLU A 2763 -33.75 -14.74 74.96
C GLU A 2763 -34.99 -13.86 75.04
N GLY A 2764 -35.23 -13.02 74.04
CA GLY A 2764 -36.25 -11.99 74.17
C GLY A 2764 -37.66 -12.55 74.24
N ILE A 2765 -37.96 -13.55 73.41
CA ILE A 2765 -39.33 -14.07 73.33
C ILE A 2765 -39.56 -15.27 74.24
N LEU A 2766 -38.49 -15.91 74.74
CA LEU A 2766 -38.63 -17.07 75.60
C LEU A 2766 -38.10 -16.84 77.01
N GLY A 2767 -37.37 -15.76 77.25
CA GLY A 2767 -36.84 -15.49 78.58
C GLY A 2767 -35.82 -16.49 79.05
N ILE A 2768 -34.99 -17.01 78.14
CA ILE A 2768 -33.98 -18.00 78.47
C ILE A 2768 -32.61 -17.40 78.19
N THR A 2769 -31.74 -17.39 79.19
CA THR A 2769 -30.41 -16.84 79.04
C THR A 2769 -29.47 -17.50 80.05
N ARG A 2770 -28.17 -17.46 79.73
CA ARG A 2770 -27.12 -18.01 80.58
C ARG A 2770 -26.10 -16.88 80.79
N THR A 2771 -26.33 -16.07 81.83
CA THR A 2771 -25.52 -14.88 82.05
C THR A 2771 -24.32 -15.11 82.95
N ASP A 2772 -24.34 -16.17 83.77
CA ASP A 2772 -23.22 -16.45 84.66
C ASP A 2772 -22.94 -17.95 84.76
N GLY A 2773 -23.26 -18.70 83.72
CA GLY A 2773 -23.07 -20.13 83.71
C GLY A 2773 -24.22 -20.92 84.30
N LYS A 2774 -25.21 -20.26 84.89
CA LYS A 2774 -26.40 -20.91 85.43
C LYS A 2774 -27.62 -20.43 84.67
N LEU A 2775 -28.49 -21.36 84.29
CA LEU A 2775 -29.67 -21.01 83.52
C LEU A 2775 -30.63 -20.16 84.35
N HIS A 2776 -31.18 -19.12 83.71
CA HIS A 2776 -32.16 -18.25 84.34
C HIS A 2776 -33.41 -18.18 83.47
N VAL A 2777 -34.57 -18.13 84.11
CA VAL A 2777 -35.85 -18.13 83.43
C VAL A 2777 -36.59 -16.86 83.83
N SER A 2778 -36.66 -15.91 82.89
CA SER A 2778 -37.41 -14.66 83.06
C SER A 2778 -38.25 -14.43 81.81
N PRO A 2779 -39.31 -15.21 81.62
CA PRO A 2779 -40.06 -15.15 80.36
C PRO A 2779 -41.21 -14.17 80.38
N SER A 2780 -41.58 -13.72 79.19
CA SER A 2780 -42.76 -12.89 78.95
C SER A 2780 -43.53 -13.58 77.82
N LEU A 2781 -44.41 -14.50 78.18
CA LEU A 2781 -45.06 -15.36 77.21
C LEU A 2781 -46.02 -14.57 76.33
N PRO A 2782 -46.15 -14.94 75.07
CA PRO A 2782 -47.13 -14.29 74.19
C PRO A 2782 -48.55 -14.57 74.63
N GLU A 2783 -49.44 -13.65 74.27
CA GLU A 2783 -50.85 -13.80 74.63
C GLU A 2783 -51.47 -15.04 73.99
N ASP A 2784 -51.14 -15.30 72.72
CA ASP A 2784 -51.73 -16.43 72.02
C ASP A 2784 -51.01 -17.74 72.32
N TRP A 2785 -49.71 -17.68 72.61
CA TRP A 2785 -48.95 -18.90 72.86
C TRP A 2785 -49.42 -19.59 74.14
N SER A 2786 -49.49 -18.83 75.24
CA SER A 2786 -50.02 -19.25 76.53
C SER A 2786 -49.24 -20.39 77.18
N GLY A 2787 -48.13 -20.84 76.60
CA GLY A 2787 -47.36 -21.92 77.18
C GLY A 2787 -46.32 -22.51 76.25
N PHE A 2788 -45.17 -22.88 76.80
CA PHE A 2788 -44.09 -23.47 76.01
C PHE A 2788 -43.18 -24.25 76.93
N SER A 2789 -42.46 -25.21 76.34
CA SER A 2789 -41.51 -26.04 77.06
C SER A 2789 -40.23 -26.17 76.24
N ILE A 2790 -39.08 -26.13 76.90
CA ILE A 2790 -37.79 -26.23 76.24
C ILE A 2790 -36.97 -27.35 76.88
N ARG A 2791 -35.99 -27.83 76.14
CA ARG A 2791 -35.04 -28.83 76.62
C ARG A 2791 -33.64 -28.38 76.24
N ILE A 2792 -32.78 -28.19 77.24
CA ILE A 2792 -31.42 -27.72 77.05
C ILE A 2792 -30.46 -28.79 77.57
N THR A 2793 -29.43 -29.09 76.79
CA THR A 2793 -28.42 -30.09 77.16
C THR A 2793 -27.10 -29.34 77.36
N LEU A 2794 -26.87 -28.87 78.58
CA LEU A 2794 -25.67 -28.13 78.94
C LEU A 2794 -24.83 -28.98 79.87
N ASP A 2795 -23.52 -29.01 79.62
CA ASP A 2795 -22.56 -29.79 80.40
C ASP A 2795 -22.95 -31.27 80.46
N GLY A 2796 -23.59 -31.77 79.40
CA GLY A 2796 -24.03 -33.14 79.36
C GLY A 2796 -25.31 -33.43 80.11
N LYS A 2797 -25.96 -32.41 80.68
CA LYS A 2797 -27.19 -32.58 81.44
C LYS A 2797 -28.35 -32.03 80.62
N ALA A 2798 -29.24 -32.91 80.20
CA ALA A 2798 -30.44 -32.53 79.44
C ALA A 2798 -31.60 -32.41 80.41
N ARG A 2799 -32.14 -31.20 80.53
CA ARG A 2799 -33.24 -30.91 81.45
C ARG A 2799 -34.44 -30.41 80.65
N ASP A 2800 -35.62 -30.95 80.98
CA ASP A 2800 -36.87 -30.56 80.32
C ASP A 2800 -37.48 -29.40 81.10
N ILE A 2801 -37.24 -28.18 80.62
CA ILE A 2801 -37.74 -26.98 81.28
C ILE A 2801 -39.07 -26.61 80.63
N ALA A 2802 -40.15 -26.74 81.39
CA ALA A 2802 -41.49 -26.39 80.94
C ALA A 2802 -41.97 -25.14 81.69
N VAL A 2803 -42.43 -24.15 80.95
CA VAL A 2803 -42.86 -22.87 81.51
C VAL A 2803 -44.37 -22.81 81.47
N SER A 2804 -44.99 -22.56 82.63
CA SER A 2804 -46.43 -22.46 82.73
C SER A 2804 -46.86 -21.02 82.42
N ARG A 2805 -48.11 -20.69 82.74
CA ARG A 2805 -48.62 -19.34 82.47
C ARG A 2805 -47.84 -18.29 83.26
N LYS A 2806 -47.54 -18.57 84.52
CA LYS A 2806 -46.83 -17.62 85.38
C LYS A 2806 -45.43 -18.10 85.75
N ALA A 2807 -45.32 -19.29 86.35
CA ALA A 2807 -44.02 -19.80 86.77
C ALA A 2807 -44.12 -21.32 86.95
N GLY A 2808 -42.96 -21.96 86.98
CA GLY A 2808 -42.89 -23.39 87.19
C GLY A 2808 -41.92 -24.09 86.27
N THR A 2809 -41.57 -25.33 86.60
CA THR A 2809 -40.66 -26.13 85.78
C THR A 2809 -41.10 -27.59 85.87
N ALA A 2810 -40.89 -28.33 84.78
CA ALA A 2810 -41.38 -29.70 84.70
C ALA A 2810 -40.71 -30.60 85.74
N ASP A 2811 -39.40 -30.47 85.92
CA ASP A 2811 -38.69 -31.35 86.85
C ASP A 2811 -39.11 -31.08 88.29
N VAL A 2812 -39.27 -29.81 88.67
CA VAL A 2812 -39.67 -29.43 90.01
C VAL A 2812 -40.12 -27.98 89.98
N SER A 2813 -41.04 -27.63 90.87
CA SER A 2813 -41.52 -26.26 90.97
C SER A 2813 -40.42 -25.39 91.58
N VAL A 2814 -39.86 -24.48 90.78
CA VAL A 2814 -38.76 -23.63 91.22
C VAL A 2814 -39.08 -22.18 90.87
N SER A 2815 -38.47 -21.26 91.61
CA SER A 2815 -38.67 -19.85 91.37
C SER A 2815 -37.99 -19.42 90.07
N VAL A 2816 -38.47 -18.30 89.53
CA VAL A 2816 -37.93 -17.77 88.28
C VAL A 2816 -36.50 -17.28 88.50
N ASP A 2817 -35.71 -17.32 87.43
CA ASP A 2817 -34.31 -16.89 87.46
C ASP A 2817 -33.52 -17.64 88.54
N GLY A 2818 -33.77 -18.94 88.63
CA GLY A 2818 -33.09 -19.77 89.61
C GLY A 2818 -32.24 -20.87 88.99
C2 BGC B . 22.68 -0.03 -29.86
C3 BGC B . 22.43 -1.38 -30.54
C4 BGC B . 21.01 -1.55 -31.08
C5 BGC B . 20.48 -0.28 -31.70
C6 BGC B . 19.09 -0.40 -32.32
C1 BGC B . 21.76 1.12 -30.36
O2 BGC B . 24.10 0.25 -29.99
O3 BGC B . 22.66 -2.40 -29.58
O4 BGC B . 21.06 -2.57 -32.08
O5 BGC B . 20.45 0.68 -30.66
O6 BGC B . 18.78 0.83 -32.98
C2 BGC B . 26.17 0.57 -28.50
C3 BGC B . 26.39 0.87 -27.04
C4 BGC B . 25.76 2.19 -26.60
C5 BGC B . 24.43 2.53 -27.26
C6 BGC B . 24.19 4.03 -27.18
C1 BGC B . 24.69 0.76 -28.75
O2 BGC B . 26.60 -0.78 -28.74
O3 BGC B . 27.79 0.97 -26.83
O4 BGC B . 25.53 2.10 -25.21
O5 BGC B . 24.45 2.15 -28.62
O6 BGC B . 24.35 4.59 -28.49
C2 BGC B . 28.47 -2.06 -29.68
C3 BGC B . 28.68 -3.11 -30.77
C4 BGC B . 27.74 -2.99 -31.96
C5 BGC B . 27.40 -1.55 -32.21
C6 BGC B . 26.49 -1.44 -33.41
C1 BGC B . 27.43 -0.95 -29.93
O2 BGC B . 29.73 -1.42 -29.43
O3 BGC B . 28.54 -4.41 -30.20
O4 BGC B . 28.37 -3.53 -33.12
O5 BGC B . 26.64 -1.13 -31.10
O6 BGC B . 25.16 -1.41 -32.88
C2 BGC B . 31.76 -1.71 -28.12
C3 BGC B . 32.20 -2.39 -26.85
C4 BGC B . 31.63 -1.67 -25.66
C5 BGC B . 30.14 -1.43 -25.81
C6 BGC B . 29.57 -0.58 -24.69
C1 BGC B . 30.25 -1.76 -28.13
O2 BGC B . 32.31 -2.40 -29.26
O3 BGC B . 33.62 -2.34 -26.79
O4 BGC B . 31.80 -2.53 -24.54
O5 BGC B . 29.81 -0.90 -27.09
O6 BGC B . 28.21 -0.96 -24.54
C2 BGC B . 34.04 -2.43 -30.96
C3 BGC B . 34.37 -1.72 -32.26
C4 BGC B . 34.53 -0.21 -32.11
C5 BGC B . 33.50 0.39 -31.18
C6 BGC B . 32.71 1.48 -31.87
C1 BGC B . 33.23 -1.57 -30.01
O2 BGC B . 35.27 -2.77 -30.32
O3 BGC B . 33.33 -1.98 -33.21
O4 BGC B . 35.84 0.06 -31.61
O5 BGC B . 32.57 -0.60 -30.79
O6 BGC B . 31.36 1.02 -32.00
C2 BGC B . 36.20 -4.98 -30.32
C3 BGC B . 36.06 -6.37 -29.74
C4 BGC B . 35.94 -6.28 -28.25
C5 BGC B . 34.90 -5.30 -27.76
C6 BGC B . 35.02 -5.18 -26.26
C1 BGC B . 35.11 -4.08 -29.76
O2 BGC B . 36.03 -5.06 -31.72
O3 BGC B . 37.22 -7.13 -30.03
O4 BGC B . 35.64 -7.58 -27.75
O5 BGC B . 35.15 -4.04 -28.34
O6 BGC B . 33.73 -4.99 -25.71
C2 BGC B . 36.92 -4.35 -33.79
C3 BGC B . 37.65 -3.15 -34.39
C4 BGC B . 38.20 -2.23 -33.33
C5 BGC B . 38.95 -3.09 -32.37
C6 BGC B . 39.80 -2.24 -31.46
C1 BGC B . 37.26 -4.72 -32.36
O2 BGC B . 37.22 -5.49 -34.60
O3 BGC B . 36.74 -2.42 -35.21
O4 BGC B . 39.11 -1.30 -33.91
O5 BGC B . 37.95 -3.72 -31.60
O6 BGC B . 38.93 -1.41 -30.68
C2 BGC B . 36.13 -7.59 -35.21
C3 BGC B . 34.86 -8.15 -35.81
C4 BGC B . 33.69 -7.73 -34.94
C5 BGC B . 33.64 -6.22 -34.88
C6 BGC B . 32.47 -5.74 -34.04
C1 BGC B . 36.00 -6.07 -35.09
O2 BGC B . 37.20 -7.94 -36.09
O3 BGC B . 34.95 -9.57 -35.88
O4 BGC B . 32.47 -8.22 -35.53
O5 BGC B . 34.85 -5.75 -34.30
O6 BGC B . 31.93 -4.55 -34.63
C2 BGC B . 38.90 -9.62 -36.04
C3 BGC B . 40.39 -9.84 -35.83
C4 BGC B . 41.14 -8.52 -35.73
C5 BGC B . 40.47 -7.72 -34.65
C6 BGC B . 41.21 -6.46 -34.29
C1 BGC B . 38.31 -8.41 -35.32
O2 BGC B . 38.22 -10.77 -35.56
O3 BGC B . 40.93 -10.63 -36.88
O4 BGC B . 42.51 -8.78 -35.40
O5 BGC B . 39.22 -7.33 -35.18
O6 BGC B . 40.24 -5.42 -34.20
C2 BGC C . 5.20 16.52 2.84
C3 BGC C . 3.68 16.31 2.79
C4 BGC C . 3.11 16.18 4.19
C5 BGC C . 3.98 15.26 5.05
C6 BGC C . 3.18 14.21 5.79
C1 BGC C . 5.88 15.39 3.59
O2 BGC C . 5.49 17.76 3.47
O3 BGC C . 3.37 15.15 2.02
O4 BGC C . 3.04 17.46 4.82
O5 BGC C . 4.90 14.55 4.20
O6 BGC C . 3.87 13.78 6.97
C2 BGC C . 3.75 14.24 -0.18
C3 BGC C . 2.57 13.28 -0.17
C4 BGC C . 1.31 13.97 -0.70
C5 BGC C . 1.02 15.28 0.03
C6 BGC C . 0.48 15.11 1.43
C1 BGC C . 3.43 15.51 0.61
O2 BGC C . 4.12 14.57 -1.51
O3 BGC C . 2.36 12.75 1.13
O4 BGC C . 1.45 14.23 -2.10
O5 BGC C . 2.19 16.12 0.11
O6 BGC C . -0.26 13.90 1.56
C2 BGC C . 6.13 15.26 -2.66
C3 BGC C . 7.67 15.13 -2.73
C4 BGC C . 8.28 15.06 -1.35
C5 BGC C . 7.59 13.98 -0.53
C6 BGC C . 8.11 13.89 0.88
C1 BGC C . 5.51 14.25 -1.70
O2 BGC C . 5.57 15.13 -3.97
O3 BGC C . 8.20 16.24 -3.45
O4 BGC C . 9.67 14.76 -1.45
O5 BGC C . 6.20 14.28 -0.43
O6 BGC C . 7.30 13.03 1.68
C2 BGC C . 5.40 13.96 -6.06
C3 BGC C . 5.23 12.61 -6.76
C4 BGC C . 6.19 11.57 -6.21
C5 BGC C . 6.11 11.52 -4.69
C6 BGC C . 7.13 10.58 -4.07
C1 BGC C . 5.39 13.80 -4.53
O2 BGC C . 4.37 14.85 -6.45
O3 BGC C . 5.40 12.76 -8.17
O4 BGC C . 5.88 10.28 -6.74
O5 BGC C . 6.38 12.82 -4.15
O6 BGC C . 6.55 9.32 -3.75
C2 BGC C . 7.49 12.37 -9.37
C3 BGC C . 6.82 12.15 -10.74
C4 BGC C . 6.00 13.36 -11.15
C5 BGC C . 6.63 14.63 -10.59
C6 BGC C . 5.94 15.89 -11.07
C1 BGC C . 6.69 13.34 -8.49
O2 BGC C . 8.83 12.82 -9.54
O3 BGC C . 5.99 11.00 -10.68
O4 BGC C . 5.96 13.45 -12.57
O5 BGC C . 6.53 14.63 -9.15
O6 BGC C . 6.46 16.31 -12.32
C2 BGC C . 11.07 12.06 -9.17
C3 BGC C . 12.02 13.09 -8.53
C4 BGC C . 12.13 12.86 -7.03
C5 BGC C . 10.76 12.51 -6.44
C6 BGC C . 10.50 13.20 -5.12
C1 BGC C . 9.68 12.19 -8.57
O2 BGC C . 11.58 10.75 -8.93
O3 BGC C . 11.54 14.40 -8.79
O4 BGC C . 13.04 11.80 -6.76
O5 BGC C . 9.74 12.94 -7.35
O6 BGC C . 10.53 12.27 -4.04
C2 BGC C . 12.31 8.78 -10.14
C3 BGC C . 12.33 7.88 -8.89
C4 BGC C . 10.96 7.85 -8.22
C5 BGC C . 9.85 7.98 -9.25
C6 BGC C . 8.47 7.85 -8.66
C1 BGC C . 11.24 9.87 -10.03
O2 BGC C . 12.10 7.99 -11.31
O3 BGC C . 13.31 8.36 -7.97
O4 BGC C . 10.80 6.62 -7.51
O5 BGC C . 9.91 9.28 -9.88
O6 BGC C . 7.68 9.01 -8.91
C2 BGC C . 13.67 6.25 -11.85
C3 BGC C . 14.12 5.69 -13.19
C4 BGC C . 15.16 6.60 -13.84
C5 BGC C . 14.59 8.01 -14.01
C6 BGC C . 14.35 8.37 -15.46
C1 BGC C . 13.37 7.73 -11.96
O2 BGC C . 14.70 6.04 -10.88
O3 BGC C . 12.99 5.56 -14.06
O4 BGC C . 16.32 6.66 -13.02
O5 BGC C . 13.32 8.12 -13.34
O6 BGC C . 13.49 7.43 -16.09
C2 BGC C . 16.22 4.25 -10.34
C3 BGC C . 16.34 2.78 -9.93
C4 BGC C . 15.43 2.47 -8.76
C5 BGC C . 14.00 2.92 -9.06
C6 BGC C . 13.06 2.75 -7.89
C1 BGC C . 14.76 4.63 -10.57
O2 BGC C . 16.96 4.48 -11.53
O3 BGC C . 17.69 2.49 -9.60
O4 BGC C . 15.43 1.08 -8.50
O5 BGC C . 13.99 4.32 -9.40
O6 BGC C . 11.85 2.13 -8.28
N1 UPG D . 26.97 33.50 -55.42
C2 UPG D . 27.96 34.20 -56.07
N3 UPG D . 27.54 35.37 -56.66
C4 UPG D . 26.26 35.89 -56.66
C5 UPG D . 25.29 35.09 -55.97
C6 UPG D . 25.67 33.95 -55.39
O2 UPG D . 29.12 33.82 -56.11
O4 UPG D . 26.05 36.95 -57.24
C1C UPG D . 27.36 32.23 -54.77
C2C UPG D . 27.20 32.24 -53.26
O2C UPG D . 28.26 31.48 -52.71
C3C UPG D . 25.87 31.51 -53.07
C4C UPG D . 25.96 30.45 -54.18
O4C UPG D . 26.55 31.19 -55.28
O3C UPG D . 25.82 30.88 -51.79
C5C UPG D . 24.66 29.84 -54.61
O5C UPG D . 24.92 28.84 -55.61
PA UPG D . 23.68 27.95 -56.08
O1A UPG D . 23.56 28.01 -57.57
O2A UPG D . 22.48 28.30 -55.26
O3A UPG D . 24.18 26.49 -55.67
PB UPG D . 25.12 25.45 -56.45
O1B UPG D . 26.43 26.34 -56.68
O2B UPG D . 25.46 24.32 -55.54
O3B UPG D . 24.50 25.14 -57.77
#